data_3PHA
#
_entry.id   3PHA
#
_cell.length_a   88.032
_cell.length_b   125.955
_cell.length_c   133.580
_cell.angle_alpha   90.00
_cell.angle_beta   107.72
_cell.angle_gamma   90.00
#
_symmetry.space_group_name_H-M   'P 1 21 1'
#
loop_
_entity.id
_entity.type
_entity.pdbx_description
1 polymer alpha-glucosidase
2 branched 4,6-dideoxy-4-{[(1S,4R,5S,6S)-4,5,6-trihydroxy-3-(hydroxymethyl)cyclohex-2-en-1-yl]amino}-alpha-D-glucopyranose-(1-4)-alpha-D-glucopyranose-(1-4)-alpha-D-glucopyranose
3 water water
#
_entity_poly.entity_id   1
_entity_poly.type   'polypeptide(L)'
_entity_poly.pdbx_seq_one_letter_code
;SNAMIRKYRYGAPFDTEALTEKIETAEEAFPYGEISQKEGFAFTYIMDEDDIVYGLGESNRGINKRGYCYISNCTDDPIH
TEDKRSLYGAHNFIIVSGKTTFGLFFDYPSKLTFDIGYTRMDTLKVSCENADLDIYVIEGENAYDIVKQFRRVIGRSYIP
PKFAFGFGQSRYGYTTKEDFRAVAKGYRENHIPIDMIYMDIDYMQDFKDFTVNEKNFPDFPEFVKEMKDQELRLIPIIDA
GVKVEKGYEVYEEGVKNNYFCKREDGSDFVAAVWPGDTHFPDMLNPEARKWFGDKYRFLIDQGIEGFWNDMNEPAIFYSS
EGLAEAKEFAGEFAKDTEGKIHPWAMQAKMKDIVNSPEDYKRFYHNVNGKKIRHDKVHNLFGYNMTRAAGEAFERIDPEK
RFLMFSRSSYIGMHRYGGIWMGDNKSWWSHILLNLKMLPSLNMCGFMYTGADLGGFGDDTTRDLLLRFLALGVFTPLMRD
HAAEGTREQECYQFENIEDFRSVINARYRLVPYLYSEYMKAALNDDMYFKPLGFVYPDDKMAIRVEDQLMLGNEIMIAPV
YEQNARGRYVYLPEEMKFIKFMPDGSISEEVLEKGVHYVDVALNEVPLFIRSGKCIPVAEAAECVKDIDTENMQLIGYEG
SSYTLYEDDGIHKDYDKKENYRVLTK
;
_entity_poly.pdbx_strand_id   A,B,C,D
#
# COMPACT_ATOMS: atom_id res chain seq x y z
N ALA A 3 29.07 12.64 32.43
CA ALA A 3 28.99 14.09 32.51
C ALA A 3 28.89 14.70 31.11
N MET A 4 29.94 14.49 30.32
CA MET A 4 29.91 14.88 28.92
C MET A 4 29.28 13.74 28.10
N ILE A 5 28.66 12.80 28.82
CA ILE A 5 27.85 11.74 28.21
C ILE A 5 26.53 11.56 28.95
N ARG A 6 25.43 11.53 28.19
CA ARG A 6 24.10 11.35 28.75
C ARG A 6 23.31 10.27 28.01
N LYS A 7 22.47 9.53 28.73
CA LYS A 7 21.68 8.47 28.11
C LYS A 7 20.18 8.75 28.13
N TYR A 8 19.60 8.95 26.94
CA TYR A 8 18.18 9.19 26.84
C TYR A 8 17.45 7.90 26.48
N ARG A 9 16.39 7.59 27.20
CA ARG A 9 15.75 6.28 27.07
C ARG A 9 14.32 6.36 26.59
N TYR A 10 14.01 5.51 25.61
CA TYR A 10 12.67 5.45 25.03
C TYR A 10 12.14 4.04 25.16
N GLY A 11 10.86 3.92 25.48
CA GLY A 11 10.21 2.64 25.68
C GLY A 11 10.94 1.79 26.69
N ALA A 12 11.02 0.50 26.41
CA ALA A 12 11.81 -0.40 27.25
C ALA A 12 12.84 -1.08 26.37
N PRO A 13 14.04 -0.49 26.29
CA PRO A 13 15.07 -1.02 25.39
C PRO A 13 15.48 -2.42 25.79
N PHE A 14 15.85 -3.22 24.81
CA PHE A 14 16.49 -4.50 25.05
C PHE A 14 17.92 -4.22 25.51
N ASP A 15 18.40 -4.95 26.50
CA ASP A 15 19.78 -4.72 26.95
C ASP A 15 20.75 -5.45 26.05
N THR A 16 21.51 -4.69 25.29
CA THR A 16 22.45 -5.23 24.33
C THR A 16 23.78 -5.54 25.00
N GLU A 17 23.99 -4.94 26.16
CA GLU A 17 25.23 -5.12 26.88
C GLU A 17 26.36 -4.53 26.03
N ALA A 18 25.98 -3.59 25.16
CA ALA A 18 26.91 -2.88 24.31
C ALA A 18 27.93 -2.13 25.14
N LEU A 19 27.43 -1.34 26.10
CA LEU A 19 28.29 -0.55 26.98
C LEU A 19 28.76 -1.37 28.16
N THR A 20 29.97 -1.11 28.64
CA THR A 20 30.37 -1.68 29.92
C THR A 20 30.27 -0.66 31.06
N GLU A 21 30.11 0.61 30.71
CA GLU A 21 30.02 1.62 31.77
C GLU A 21 28.59 2.08 32.02
N LYS A 22 28.23 2.12 33.30
CA LYS A 22 26.91 2.59 33.70
C LYS A 22 26.77 4.09 33.45
N ILE A 23 25.66 4.47 32.84
CA ILE A 23 25.33 5.86 32.57
C ILE A 23 23.86 6.07 32.93
N GLU A 24 23.60 6.96 33.88
CA GLU A 24 22.25 7.24 34.35
C GLU A 24 21.38 7.85 33.24
N THR A 25 20.08 7.60 33.32
CA THR A 25 19.10 8.16 32.40
C THR A 25 18.90 9.67 32.57
N ALA A 26 19.47 10.48 31.68
CA ALA A 26 19.32 11.94 31.74
C ALA A 26 17.83 12.33 31.77
N GLU A 27 17.52 13.50 32.29
CA GLU A 27 16.11 13.86 32.45
C GLU A 27 15.66 15.13 31.70
N GLU A 28 16.60 15.91 31.20
CA GLU A 28 16.25 17.14 30.48
C GLU A 28 15.74 16.86 29.06
N ALA A 29 15.58 17.94 28.28
CA ALA A 29 15.20 17.84 26.88
C ALA A 29 16.34 17.28 26.04
N PHE A 30 16.01 16.44 25.06
CA PHE A 30 17.04 15.98 24.12
C PHE A 30 17.76 17.20 23.58
N PRO A 31 19.09 17.13 23.47
CA PRO A 31 19.85 18.36 23.25
C PRO A 31 19.87 18.85 21.79
N TYR A 32 19.80 17.93 20.82
CA TYR A 32 19.96 18.31 19.40
C TYR A 32 18.84 17.77 18.51
N GLY A 33 18.45 18.52 17.50
CA GLY A 33 17.41 18.06 16.58
C GLY A 33 16.10 17.77 17.29
N GLU A 34 15.31 16.87 16.71
CA GLU A 34 13.99 16.56 17.24
C GLU A 34 13.71 15.07 17.19
N ILE A 35 12.90 14.59 18.14
CA ILE A 35 12.50 13.19 18.16
C ILE A 35 10.99 13.08 17.98
N SER A 36 10.55 12.09 17.20
CA SER A 36 9.12 11.93 16.92
C SER A 36 8.64 10.48 17.09
N GLN A 37 7.35 10.31 17.33
CA GLN A 37 6.75 8.99 17.49
C GLN A 37 5.42 8.81 16.75
N LYS A 38 5.24 9.53 15.65
CA LYS A 38 4.05 9.41 14.79
C LYS A 38 4.10 8.09 14.01
N GLU A 39 5.29 7.72 13.59
CA GLU A 39 5.52 6.44 12.94
C GLU A 39 6.76 5.82 13.55
N GLY A 40 6.57 4.83 14.42
CA GLY A 40 7.68 4.24 15.13
C GLY A 40 8.47 5.35 15.77
N PHE A 41 9.79 5.35 15.61
CA PHE A 41 10.62 6.36 16.25
C PHE A 41 11.54 6.99 15.25
N ALA A 42 11.66 8.31 15.34
CA ALA A 42 12.53 9.06 14.45
C ALA A 42 13.31 10.15 15.18
N PHE A 43 14.58 10.29 14.81
CA PHE A 43 15.39 11.43 15.18
C PHE A 43 15.68 12.17 13.88
N THR A 44 15.43 13.49 13.85
CA THR A 44 15.72 14.27 12.65
C THR A 44 16.59 15.49 13.00
N TYR A 45 17.67 15.70 12.25
CA TYR A 45 18.58 16.81 12.53
C TYR A 45 18.95 17.58 11.25
N ILE A 46 18.98 18.91 11.32
CA ILE A 46 19.42 19.71 10.17
C ILE A 46 20.90 20.04 10.29
N MET A 47 21.66 19.76 9.23
CA MET A 47 23.10 19.86 9.30
C MET A 47 23.65 21.17 8.73
N ASP A 48 24.69 21.69 9.37
CA ASP A 48 25.45 22.80 8.79
C ASP A 48 26.01 22.34 7.45
N GLU A 49 25.95 23.25 6.48
CA GLU A 49 26.46 22.97 5.15
C GLU A 49 27.88 22.38 5.17
N ASP A 50 28.71 22.82 6.13
CA ASP A 50 30.05 22.26 6.20
C ASP A 50 30.18 21.06 7.16
N ASP A 51 29.05 20.60 7.72
CA ASP A 51 29.08 19.49 8.68
C ASP A 51 29.56 18.18 8.06
N ILE A 52 30.51 17.53 8.74
CA ILE A 52 30.97 16.19 8.39
C ILE A 52 30.35 15.17 9.33
N VAL A 53 29.89 14.03 8.80
CA VAL A 53 29.43 12.93 9.64
C VAL A 53 30.36 11.72 9.59
N TYR A 54 30.82 11.28 10.76
CA TYR A 54 31.66 10.07 10.91
C TYR A 54 30.92 8.92 11.57
N GLY A 55 31.51 7.74 11.47
CA GLY A 55 31.02 6.57 12.19
C GLY A 55 30.39 5.49 11.32
N LEU A 56 29.47 4.76 11.91
CA LEU A 56 28.84 3.61 11.28
C LEU A 56 29.80 2.43 11.02
N GLY A 57 31.04 2.54 11.50
CA GLY A 57 31.95 1.40 11.54
C GLY A 57 32.08 0.67 10.23
N GLU A 58 31.55 -0.54 10.15
CA GLU A 58 31.62 -1.29 8.89
C GLU A 58 30.36 -1.06 8.08
N SER A 59 30.30 0.09 7.43
CA SER A 59 29.20 0.39 6.53
C SER A 59 29.76 0.77 5.19
N ASN A 60 28.85 0.95 4.24
CA ASN A 60 29.22 1.23 2.87
C ASN A 60 29.81 2.61 2.68
N ARG A 61 30.46 2.81 1.53
CA ARG A 61 30.95 4.12 1.10
C ARG A 61 32.12 4.67 1.93
N GLY A 62 32.15 5.98 2.15
CA GLY A 62 33.36 6.65 2.55
C GLY A 62 33.49 7.05 4.01
N ILE A 63 34.50 7.86 4.31
CA ILE A 63 34.78 8.23 5.70
C ILE A 63 33.73 9.23 6.20
N ASN A 64 33.42 10.22 5.37
CA ASN A 64 32.29 11.09 5.63
C ASN A 64 31.04 10.40 5.11
N LYS A 65 30.14 10.05 6.01
CA LYS A 65 28.94 9.32 5.62
C LYS A 65 27.84 10.16 4.92
N ARG A 66 27.98 11.48 4.91
CA ARG A 66 26.95 12.32 4.28
C ARG A 66 26.65 11.88 2.87
N GLY A 67 25.36 11.86 2.51
CA GLY A 67 24.98 11.78 1.12
C GLY A 67 24.53 10.40 0.67
N TYR A 68 24.34 9.50 1.63
CA TYR A 68 23.69 8.23 1.32
C TYR A 68 22.88 7.65 2.50
N CYS A 69 22.33 6.45 2.32
CA CYS A 69 21.44 5.86 3.31
C CYS A 69 22.07 4.57 3.79
N TYR A 70 22.18 4.40 5.10
CA TYR A 70 22.75 3.19 5.69
C TYR A 70 21.77 2.54 6.64
N ILE A 71 21.55 1.24 6.49
CA ILE A 71 20.62 0.54 7.34
C ILE A 71 21.37 -0.54 8.12
N SER A 72 21.40 -0.43 9.45
CA SER A 72 22.01 -1.48 10.27
C SER A 72 21.08 -2.65 10.30
N ASN A 73 21.50 -3.72 9.64
CA ASN A 73 20.67 -4.87 9.42
C ASN A 73 21.55 -5.94 8.81
N CYS A 74 22.26 -6.64 9.70
CA CYS A 74 23.31 -7.58 9.33
C CYS A 74 22.86 -8.52 8.23
N THR A 75 23.54 -8.46 7.09
CA THR A 75 23.10 -9.12 5.86
C THR A 75 24.27 -9.83 5.21
N ASP A 76 24.10 -11.10 4.87
CA ASP A 76 25.10 -11.81 4.09
C ASP A 76 24.95 -11.46 2.61
N ASP A 77 25.74 -10.49 2.16
CA ASP A 77 25.67 -9.99 0.78
C ASP A 77 27.07 -9.89 0.18
N PRO A 78 27.37 -10.78 -0.77
CA PRO A 78 28.69 -10.97 -1.39
C PRO A 78 29.07 -9.93 -2.45
N ILE A 79 28.23 -8.94 -2.71
CA ILE A 79 28.56 -7.95 -3.74
C ILE A 79 28.54 -6.53 -3.17
N HIS A 80 29.71 -6.03 -2.81
CA HIS A 80 29.77 -4.75 -2.13
C HIS A 80 29.86 -3.60 -3.12
N THR A 81 28.71 -3.22 -3.68
CA THR A 81 28.65 -2.12 -4.65
C THR A 81 28.13 -0.87 -3.96
N GLU A 82 28.22 0.28 -4.63
CA GLU A 82 28.02 1.54 -3.92
C GLU A 82 26.60 1.71 -3.43
N ASP A 83 25.69 0.97 -4.04
CA ASP A 83 24.27 1.15 -3.80
C ASP A 83 23.78 0.44 -2.53
N LYS A 84 24.48 -0.61 -2.10
CA LYS A 84 24.06 -1.41 -0.93
C LYS A 84 23.89 -0.58 0.34
N ARG A 85 22.77 -0.79 1.04
CA ARG A 85 22.47 -0.05 2.24
C ARG A 85 22.87 -0.79 3.54
N SER A 86 23.08 -2.09 3.44
CA SER A 86 23.42 -2.86 4.64
C SER A 86 24.49 -3.88 4.33
N LEU A 87 25.63 -3.77 4.99
CA LEU A 87 26.61 -4.85 4.89
C LEU A 87 26.50 -5.81 6.10
N TYR A 88 27.63 -6.32 6.58
CA TYR A 88 27.63 -7.37 7.63
C TYR A 88 27.45 -6.83 9.06
N GLY A 89 27.94 -5.60 9.29
CA GLY A 89 28.00 -5.04 10.61
C GLY A 89 26.87 -4.10 10.97
N ALA A 90 26.60 -4.00 12.28
CA ALA A 90 25.59 -3.08 12.78
C ALA A 90 26.20 -2.17 13.86
N HIS A 91 26.74 -1.02 13.43
CA HIS A 91 27.50 -0.16 14.33
C HIS A 91 26.91 1.23 14.47
N ASN A 92 25.89 1.34 15.32
CA ASN A 92 25.02 2.50 15.40
C ASN A 92 25.61 3.75 16.07
N PHE A 93 26.88 4.02 15.80
CA PHE A 93 27.56 5.21 16.33
C PHE A 93 27.94 6.23 15.24
N ILE A 94 27.38 7.45 15.32
CA ILE A 94 27.71 8.53 14.38
C ILE A 94 28.15 9.79 15.12
N ILE A 95 28.99 10.59 14.48
CA ILE A 95 29.35 11.88 15.05
C ILE A 95 29.14 12.95 14.02
N VAL A 96 28.37 13.97 14.39
CA VAL A 96 28.27 15.14 13.57
C VAL A 96 29.42 16.03 14.00
N SER A 97 30.29 16.40 13.07
CA SER A 97 31.44 17.21 13.38
C SER A 97 31.47 18.51 12.56
N GLY A 98 31.58 19.64 13.25
CA GLY A 98 31.66 20.94 12.61
C GLY A 98 31.60 22.06 13.63
N LYS A 99 30.78 23.07 13.35
CA LYS A 99 30.57 24.16 14.29
C LYS A 99 29.86 23.61 15.52
N THR A 100 28.83 22.83 15.26
CA THR A 100 28.15 22.07 16.30
C THR A 100 28.54 20.61 16.16
N THR A 101 29.35 20.14 17.12
CA THR A 101 29.87 18.77 17.13
C THR A 101 29.21 17.97 18.25
N PHE A 102 28.77 16.75 17.94
CA PHE A 102 28.30 15.83 18.98
C PHE A 102 28.24 14.40 18.45
N GLY A 103 28.29 13.42 19.34
CA GLY A 103 28.25 12.02 18.99
C GLY A 103 26.96 11.38 19.43
N LEU A 104 26.52 10.37 18.72
CA LEU A 104 25.26 9.69 19.06
C LEU A 104 25.40 8.18 18.89
N PHE A 105 25.13 7.45 19.96
CA PHE A 105 25.09 6.01 19.82
C PHE A 105 23.66 5.53 19.98
N PHE A 106 23.12 4.89 18.96
CA PHE A 106 21.74 4.38 19.01
C PHE A 106 21.69 2.91 19.48
N ASP A 107 21.60 2.70 20.79
CA ASP A 107 21.60 1.34 21.34
C ASP A 107 20.29 0.64 21.02
N TYR A 108 20.29 -0.03 19.86
CA TYR A 108 19.09 -0.63 19.32
C TYR A 108 19.43 -1.88 18.53
N PRO A 109 18.70 -2.99 18.81
CA PRO A 109 18.91 -4.36 18.32
C PRO A 109 18.48 -4.57 16.87
N SER A 110 17.47 -3.82 16.43
CA SER A 110 16.77 -4.16 15.19
C SER A 110 17.20 -3.27 14.02
N LYS A 111 16.47 -3.36 12.92
CA LYS A 111 16.74 -2.54 11.74
C LYS A 111 16.68 -1.06 12.07
N LEU A 112 17.80 -0.36 11.90
CA LEU A 112 17.86 1.07 12.14
C LEU A 112 18.36 1.79 10.89
N THR A 113 17.51 2.65 10.34
CA THR A 113 17.82 3.39 9.11
C THR A 113 18.40 4.77 9.40
N PHE A 114 19.66 4.96 9.00
CA PHE A 114 20.31 6.26 9.02
C PHE A 114 20.23 6.90 7.62
N ASP A 115 19.24 7.79 7.42
CA ASP A 115 19.13 8.56 6.18
C ASP A 115 20.00 9.82 6.32
N ILE A 116 21.25 9.73 5.87
CA ILE A 116 22.18 10.83 6.13
C ILE A 116 22.34 11.80 4.95
N GLY A 117 21.23 12.43 4.55
CA GLY A 117 21.27 13.47 3.54
C GLY A 117 20.78 12.95 2.21
N TYR A 118 20.51 11.65 2.17
CA TYR A 118 20.09 11.02 0.93
C TYR A 118 18.77 11.60 0.48
N THR A 119 17.81 11.76 1.40
CA THR A 119 16.49 12.27 1.00
C THR A 119 16.50 13.79 0.77
N ARG A 120 16.90 14.52 1.81
CA ARG A 120 17.19 15.94 1.66
C ARG A 120 18.63 16.16 2.13
N MET A 121 19.40 16.93 1.36
CA MET A 121 20.83 17.03 1.59
C MET A 121 21.17 17.49 3.00
N ASP A 122 20.46 18.49 3.51
CA ASP A 122 20.82 19.09 4.78
C ASP A 122 20.20 18.34 5.96
N THR A 123 19.56 17.22 5.66
CA THR A 123 18.75 16.54 6.65
C THR A 123 19.25 15.14 7.00
N LEU A 124 19.54 14.95 8.28
CA LEU A 124 19.94 13.67 8.85
C LEU A 124 18.76 13.05 9.62
N LYS A 125 18.35 11.84 9.23
CA LYS A 125 17.17 11.21 9.80
C LYS A 125 17.41 9.74 10.14
N VAL A 126 17.52 9.46 11.43
CA VAL A 126 17.78 8.13 11.91
C VAL A 126 16.50 7.62 12.49
N SER A 127 15.99 6.52 11.96
CA SER A 127 14.70 6.03 12.42
C SER A 127 14.66 4.51 12.57
N CYS A 128 13.68 4.02 13.33
CA CYS A 128 13.45 2.59 13.46
C CYS A 128 11.99 2.35 13.79
N GLU A 129 11.55 1.09 13.68
CA GLU A 129 10.14 0.74 13.85
C GLU A 129 9.60 0.92 15.27
N ASN A 130 10.49 0.87 16.26
CA ASN A 130 10.07 0.88 17.66
C ASN A 130 10.73 1.97 18.47
N ALA A 131 9.92 2.78 19.15
CA ALA A 131 10.47 3.67 20.15
C ALA A 131 10.81 2.87 21.43
N ASP A 132 11.65 1.86 21.28
CA ASP A 132 12.19 1.10 22.40
C ASP A 132 13.69 1.00 22.23
N LEU A 133 14.42 2.00 22.73
CA LEU A 133 15.85 2.07 22.51
C LEU A 133 16.46 3.06 23.49
N ASP A 134 17.79 3.05 23.57
CA ASP A 134 18.55 4.05 24.30
C ASP A 134 19.40 4.85 23.34
N ILE A 135 19.35 6.16 23.44
CA ILE A 135 20.24 7.00 22.65
C ILE A 135 21.27 7.58 23.59
N TYR A 136 22.53 7.52 23.20
CA TYR A 136 23.60 8.10 23.99
C TYR A 136 24.12 9.31 23.31
N VAL A 137 24.04 10.44 24.01
CA VAL A 137 24.57 11.69 23.48
C VAL A 137 25.90 11.97 24.15
N ILE A 138 26.94 12.12 23.34
CA ILE A 138 28.28 12.40 23.84
C ILE A 138 28.72 13.74 23.34
N GLU A 139 29.44 14.48 24.17
CA GLU A 139 29.99 15.76 23.77
C GLU A 139 31.49 15.85 24.03
N GLY A 140 32.13 16.82 23.39
CA GLY A 140 33.57 17.04 23.52
C GLY A 140 33.94 18.23 22.65
N GLU A 141 35.21 18.64 22.73
CA GLU A 141 35.71 19.72 21.88
C GLU A 141 35.66 19.35 20.39
N ASN A 142 36.32 18.25 20.03
CA ASN A 142 36.33 17.75 18.64
C ASN A 142 35.85 16.31 18.52
N ALA A 143 35.76 15.81 17.29
CA ALA A 143 35.24 14.46 17.06
C ALA A 143 36.15 13.37 17.68
N TYR A 144 37.46 13.60 17.67
CA TYR A 144 38.41 12.66 18.26
C TYR A 144 38.09 12.45 19.74
N ASP A 145 37.83 13.55 20.43
CA ASP A 145 37.53 13.50 21.86
C ASP A 145 36.19 12.83 22.14
N ILE A 146 35.23 13.04 21.25
CA ILE A 146 33.94 12.38 21.42
C ILE A 146 34.13 10.87 21.29
N VAL A 147 35.01 10.45 20.39
CA VAL A 147 35.23 9.03 20.17
C VAL A 147 35.95 8.37 21.34
N LYS A 148 36.99 9.02 21.86
CA LYS A 148 37.77 8.45 22.95
C LYS A 148 36.91 8.25 24.18
N GLN A 149 35.92 9.12 24.34
CA GLN A 149 34.93 8.96 25.40
C GLN A 149 34.09 7.72 25.15
N PHE A 150 33.60 7.57 23.92
CA PHE A 150 32.84 6.38 23.56
C PHE A 150 33.65 5.11 23.81
N ARG A 151 34.90 5.12 23.35
CA ARG A 151 35.75 3.96 23.48
C ARG A 151 35.86 3.59 24.95
N ARG A 152 35.83 4.58 25.82
CA ARG A 152 35.88 4.29 27.25
C ARG A 152 34.68 3.49 27.67
N VAL A 153 33.48 4.05 27.50
CA VAL A 153 32.26 3.45 28.01
C VAL A 153 31.83 2.08 27.38
N ILE A 154 32.43 1.67 26.27
CA ILE A 154 32.08 0.38 25.66
C ILE A 154 33.08 -0.70 26.02
N GLY A 155 34.15 -0.29 26.70
CA GLY A 155 35.10 -1.25 27.23
C GLY A 155 36.26 -1.53 26.29
N ARG A 156 37.38 -1.96 26.86
CA ARG A 156 38.59 -2.23 26.11
C ARG A 156 38.37 -3.17 24.96
N SER A 157 38.91 -2.82 23.80
CA SER A 157 38.81 -3.66 22.64
C SER A 157 39.66 -4.93 22.79
N TYR A 158 39.18 -5.99 22.17
CA TYR A 158 39.90 -7.25 21.97
C TYR A 158 41.38 -7.05 21.64
N ILE A 159 42.24 -7.90 22.19
CA ILE A 159 43.66 -7.85 21.91
C ILE A 159 44.14 -9.21 21.40
N PRO A 160 44.58 -9.28 20.15
CA PRO A 160 44.93 -10.60 19.63
C PRO A 160 46.32 -11.01 20.10
N PRO A 161 46.64 -12.31 19.98
CA PRO A 161 48.01 -12.78 20.19
C PRO A 161 48.96 -12.16 19.19
N LYS A 162 50.20 -12.02 19.57
CA LYS A 162 51.21 -11.44 18.71
C LYS A 162 51.31 -12.09 17.33
N PHE A 163 51.24 -13.42 17.26
CA PHE A 163 51.43 -14.08 15.96
C PHE A 163 50.42 -13.61 14.90
N ALA A 164 49.24 -13.18 15.36
CA ALA A 164 48.21 -12.71 14.43
C ALA A 164 48.64 -11.44 13.70
N PHE A 165 49.69 -10.77 14.17
CA PHE A 165 50.24 -9.63 13.45
C PHE A 165 51.19 -10.10 12.37
N GLY A 166 51.09 -11.38 12.02
CA GLY A 166 51.85 -11.95 10.93
C GLY A 166 51.03 -11.90 9.67
N PHE A 167 51.44 -12.66 8.66
CA PHE A 167 50.67 -12.76 7.43
C PHE A 167 50.01 -14.13 7.35
N GLY A 168 48.82 -14.17 6.76
CA GLY A 168 48.07 -15.40 6.73
C GLY A 168 47.56 -15.74 5.35
N GLN A 169 47.67 -17.01 4.97
CA GLN A 169 47.19 -17.47 3.67
C GLN A 169 45.94 -18.31 3.85
N SER A 170 44.93 -18.04 3.02
CA SER A 170 43.65 -18.72 3.13
C SER A 170 43.01 -18.93 1.76
N ARG A 171 42.23 -20.00 1.65
CA ARG A 171 41.47 -20.22 0.42
C ARG A 171 40.29 -21.15 0.63
N TYR A 172 39.12 -20.71 0.17
CA TYR A 172 37.99 -21.59 0.13
C TYR A 172 38.36 -22.69 -0.87
N GLY A 173 38.67 -23.87 -0.35
CA GLY A 173 39.11 -24.96 -1.20
C GLY A 173 40.15 -25.88 -0.58
N TYR A 174 41.01 -25.36 0.28
CA TYR A 174 42.02 -26.18 0.95
C TYR A 174 41.37 -27.33 1.72
N THR A 175 41.70 -28.57 1.39
CA THR A 175 40.94 -29.71 1.90
C THR A 175 41.77 -30.82 2.55
N THR A 176 42.94 -31.09 2.00
CA THR A 176 43.75 -32.22 2.44
C THR A 176 45.09 -31.77 2.98
N LYS A 177 45.77 -32.70 3.64
CA LYS A 177 47.09 -32.45 4.20
C LYS A 177 48.04 -32.00 3.10
N GLU A 178 47.79 -32.47 1.89
CA GLU A 178 48.62 -32.08 0.75
C GLU A 178 48.36 -30.62 0.37
N ASP A 179 47.09 -30.28 0.16
CA ASP A 179 46.72 -28.90 -0.09
C ASP A 179 47.51 -27.99 0.86
N PHE A 180 47.44 -28.31 2.15
CA PHE A 180 48.06 -27.47 3.17
C PHE A 180 49.58 -27.47 3.10
N ARG A 181 50.18 -28.64 2.89
CA ARG A 181 51.64 -28.70 2.76
C ARG A 181 52.22 -27.92 1.56
N ALA A 182 51.57 -28.02 0.41
CA ALA A 182 52.05 -27.33 -0.78
C ALA A 182 51.96 -25.82 -0.59
N VAL A 183 51.17 -25.41 0.40
CA VAL A 183 51.04 -24.00 0.70
C VAL A 183 52.19 -23.63 1.63
N ALA A 184 52.45 -24.47 2.62
CA ALA A 184 53.60 -24.25 3.47
C ALA A 184 54.84 -24.35 2.59
N LYS A 185 54.86 -25.34 1.72
CA LYS A 185 55.96 -25.52 0.78
C LYS A 185 56.18 -24.23 0.02
N GLY A 186 55.15 -23.80 -0.70
CA GLY A 186 55.20 -22.62 -1.55
C GLY A 186 55.81 -21.41 -0.90
N TYR A 187 55.49 -21.17 0.36
CA TYR A 187 55.97 -19.97 1.06
C TYR A 187 57.36 -20.13 1.67
N ARG A 188 57.57 -21.19 2.45
CA ARG A 188 58.84 -21.35 3.16
C ARG A 188 60.01 -21.59 2.20
N GLU A 189 59.72 -22.25 1.08
CA GLU A 189 60.75 -22.58 0.10
C GLU A 189 61.19 -21.36 -0.73
N ASN A 190 60.31 -20.40 -0.90
CA ASN A 190 60.66 -19.15 -1.57
C ASN A 190 60.96 -18.03 -0.58
N HIS A 191 61.03 -18.40 0.69
CA HIS A 191 61.43 -17.49 1.77
C HIS A 191 60.47 -16.32 1.98
N ILE A 192 59.20 -16.55 1.76
CA ILE A 192 58.18 -15.54 2.00
C ILE A 192 57.57 -15.75 3.37
N PRO A 193 57.76 -14.77 4.26
CA PRO A 193 57.26 -14.86 5.64
C PRO A 193 55.79 -15.22 5.67
N ILE A 194 55.36 -15.85 6.76
CA ILE A 194 53.98 -16.22 6.97
C ILE A 194 53.89 -16.90 8.30
N ASP A 195 52.79 -16.69 9.00
CA ASP A 195 52.64 -17.27 10.33
C ASP A 195 51.36 -18.10 10.44
N MET A 196 50.46 -17.94 9.47
CA MET A 196 49.16 -18.59 9.55
C MET A 196 48.65 -19.14 8.23
N ILE A 197 47.97 -20.27 8.32
CA ILE A 197 47.20 -20.77 7.21
C ILE A 197 45.83 -21.06 7.75
N TYR A 198 44.81 -20.56 7.05
CA TYR A 198 43.44 -20.71 7.51
C TYR A 198 42.83 -21.96 6.90
N MET A 199 41.95 -22.60 7.65
CA MET A 199 41.21 -23.76 7.18
C MET A 199 39.76 -23.36 7.01
N ASP A 200 39.23 -23.59 5.82
CA ASP A 200 37.86 -23.23 5.53
C ASP A 200 37.03 -24.49 5.66
N ILE A 201 35.74 -24.41 5.34
CA ILE A 201 34.78 -25.44 5.75
C ILE A 201 35.10 -26.87 5.32
N ASP A 202 35.93 -27.04 4.31
CA ASP A 202 36.23 -28.39 3.81
C ASP A 202 37.01 -29.27 4.79
N TYR A 203 37.40 -28.72 5.94
CA TYR A 203 38.23 -29.46 6.90
C TYR A 203 37.36 -30.23 7.87
N MET A 204 36.09 -29.82 7.96
CA MET A 204 35.15 -30.51 8.82
C MET A 204 34.73 -31.82 8.18
N GLN A 205 34.13 -32.69 8.99
CA GLN A 205 33.43 -33.86 8.47
C GLN A 205 32.03 -33.43 8.05
N ASP A 206 31.75 -33.46 6.76
CA ASP A 206 30.43 -33.07 6.27
C ASP A 206 29.99 -31.69 6.80
N PHE A 207 30.94 -30.77 6.90
CA PHE A 207 30.67 -29.42 7.38
C PHE A 207 30.05 -29.42 8.76
N LYS A 208 30.33 -30.44 9.57
CA LYS A 208 29.82 -30.49 10.95
C LYS A 208 30.68 -29.65 11.89
N ASP A 209 30.08 -28.62 12.47
CA ASP A 209 30.79 -27.81 13.47
C ASP A 209 31.47 -28.72 14.49
N PHE A 210 32.77 -28.53 14.70
CA PHE A 210 33.49 -29.17 15.80
C PHE A 210 33.81 -30.64 15.53
N THR A 211 33.97 -30.97 14.26
CA THR A 211 34.58 -32.24 13.88
C THR A 211 35.78 -31.90 13.01
N VAL A 212 36.58 -32.92 12.69
CA VAL A 212 37.52 -32.83 11.58
C VAL A 212 37.30 -34.05 10.68
N ASN A 213 37.59 -33.91 9.39
CA ASN A 213 37.50 -35.04 8.49
C ASN A 213 38.50 -36.13 8.89
N GLU A 214 38.00 -37.16 9.57
CA GLU A 214 38.84 -38.23 10.08
C GLU A 214 39.63 -38.94 8.97
N LYS A 215 39.05 -39.00 7.77
CA LYS A 215 39.71 -39.64 6.63
C LYS A 215 40.92 -38.85 6.11
N ASN A 216 40.84 -37.52 6.20
CA ASN A 216 41.93 -36.67 5.71
C ASN A 216 42.93 -36.28 6.80
N PHE A 217 42.48 -36.34 8.05
CA PHE A 217 43.34 -36.09 9.21
C PHE A 217 43.17 -37.20 10.26
N PRO A 218 43.71 -38.38 9.97
CA PRO A 218 43.63 -39.53 10.88
C PRO A 218 44.21 -39.21 12.24
N ASP A 219 45.16 -38.29 12.28
CA ASP A 219 45.62 -37.74 13.55
C ASP A 219 45.82 -36.24 13.43
N PHE A 220 44.73 -35.52 13.44
CA PHE A 220 44.77 -34.08 13.25
C PHE A 220 45.83 -33.41 14.15
N PRO A 221 45.87 -33.78 15.45
CA PRO A 221 46.80 -33.18 16.40
C PRO A 221 48.27 -33.21 15.97
N GLU A 222 48.69 -34.29 15.32
CA GLU A 222 50.09 -34.39 14.89
C GLU A 222 50.36 -33.49 13.70
N PHE A 223 49.38 -33.37 12.83
CA PHE A 223 49.51 -32.50 11.68
C PHE A 223 49.62 -31.08 12.18
N VAL A 224 48.78 -30.75 13.16
CA VAL A 224 48.80 -29.40 13.71
C VAL A 224 50.18 -29.09 14.26
N LYS A 225 50.75 -30.08 14.95
CA LYS A 225 52.08 -29.93 15.54
C LYS A 225 53.15 -29.89 14.46
N GLU A 226 52.90 -30.55 13.34
CA GLU A 226 53.82 -30.51 12.21
C GLU A 226 53.82 -29.14 11.55
N MET A 227 52.62 -28.60 11.33
CA MET A 227 52.49 -27.25 10.83
C MET A 227 53.11 -26.25 11.78
N LYS A 228 52.74 -26.35 13.05
CA LYS A 228 53.22 -25.42 14.07
C LYS A 228 54.73 -25.46 14.22
N ASP A 229 55.34 -26.60 13.90
CA ASP A 229 56.78 -26.70 14.02
C ASP A 229 57.50 -25.73 13.09
N GLN A 230 56.87 -25.41 11.96
CA GLN A 230 57.43 -24.46 11.02
C GLN A 230 56.90 -23.06 11.29
N GLU A 231 56.42 -22.85 12.51
CA GLU A 231 55.71 -21.61 12.85
C GLU A 231 54.59 -21.32 11.84
N LEU A 232 53.79 -22.34 11.58
CA LEU A 232 52.54 -22.17 10.85
C LEU A 232 51.40 -22.64 11.73
N ARG A 233 50.54 -21.71 12.14
CA ARG A 233 49.41 -22.04 13.00
C ARG A 233 48.14 -22.13 12.19
N LEU A 234 47.45 -23.26 12.31
CA LEU A 234 46.25 -23.50 11.51
C LEU A 234 45.05 -22.82 12.14
N ILE A 235 44.44 -21.87 11.42
CA ILE A 235 43.28 -21.16 11.95
C ILE A 235 41.98 -21.67 11.33
N PRO A 236 41.28 -22.55 12.05
CA PRO A 236 40.04 -23.20 11.57
C PRO A 236 38.83 -22.29 11.58
N ILE A 237 37.86 -22.55 10.71
CA ILE A 237 36.63 -21.78 10.72
C ILE A 237 35.53 -22.49 11.51
N ILE A 238 34.55 -21.72 11.97
CA ILE A 238 33.38 -22.24 12.66
C ILE A 238 32.16 -21.49 12.14
N ASP A 239 31.17 -22.24 11.66
CA ASP A 239 29.97 -21.63 11.13
C ASP A 239 28.91 -21.58 12.21
N ALA A 240 27.89 -20.77 12.02
CA ALA A 240 26.80 -20.64 12.99
C ALA A 240 25.86 -21.85 13.07
N GLY A 241 25.70 -22.56 11.96
CA GLY A 241 24.72 -23.65 11.93
C GLY A 241 25.30 -24.99 12.33
N VAL A 242 24.60 -25.69 13.23
CA VAL A 242 24.90 -27.09 13.52
C VAL A 242 24.09 -28.00 12.63
N LYS A 243 24.76 -28.86 11.87
CA LYS A 243 24.08 -29.77 10.94
C LYS A 243 23.06 -30.64 11.65
N VAL A 244 21.85 -30.72 11.11
CA VAL A 244 20.90 -31.70 11.61
C VAL A 244 21.32 -33.10 11.18
N GLU A 245 21.53 -33.99 12.15
CA GLU A 245 22.02 -35.33 11.86
C GLU A 245 22.03 -36.20 13.12
N LYS A 246 21.16 -37.18 13.17
CA LYS A 246 21.11 -38.08 14.32
C LYS A 246 22.48 -38.70 14.55
N GLY A 247 22.84 -38.83 15.82
CA GLY A 247 24.13 -39.39 16.18
C GLY A 247 25.14 -38.29 16.42
N TYR A 248 25.01 -37.22 15.66
CA TYR A 248 25.90 -36.09 15.81
C TYR A 248 25.75 -35.48 17.21
N GLU A 249 26.82 -35.61 18.01
CA GLU A 249 26.82 -35.16 19.41
C GLU A 249 26.33 -33.72 19.63
N VAL A 250 26.90 -32.78 18.89
CA VAL A 250 26.55 -31.37 19.07
C VAL A 250 25.08 -31.11 18.74
N TYR A 251 24.55 -31.87 17.80
CA TYR A 251 23.15 -31.78 17.44
C TYR A 251 22.25 -32.36 18.50
N GLU A 252 22.57 -33.58 18.95
CA GLU A 252 21.75 -34.27 19.95
C GLU A 252 21.66 -33.46 21.22
N GLU A 253 22.79 -32.93 21.67
CA GLU A 253 22.82 -32.08 22.86
C GLU A 253 21.95 -30.82 22.69
N GLY A 254 22.16 -30.10 21.60
CA GLY A 254 21.37 -28.90 21.33
C GLY A 254 19.88 -29.17 21.41
N VAL A 255 19.46 -30.29 20.83
CA VAL A 255 18.05 -30.66 20.81
C VAL A 255 17.55 -31.02 22.21
N LYS A 256 18.29 -31.90 22.88
CA LYS A 256 17.91 -32.42 24.19
C LYS A 256 17.76 -31.31 25.25
N ASN A 257 18.61 -30.29 25.16
CA ASN A 257 18.63 -29.23 26.17
C ASN A 257 17.95 -27.94 25.72
N ASN A 258 17.20 -27.99 24.62
CA ASN A 258 16.58 -26.80 24.07
C ASN A 258 17.57 -25.63 23.95
N TYR A 259 18.76 -25.91 23.43
CA TYR A 259 19.75 -24.87 23.23
C TYR A 259 19.62 -24.18 21.87
N PHE A 260 18.64 -24.59 21.08
CA PHE A 260 18.45 -24.03 19.75
C PHE A 260 17.28 -23.06 19.68
N CYS A 261 17.35 -22.15 18.72
CA CYS A 261 16.24 -21.26 18.44
C CYS A 261 15.05 -22.11 17.99
N LYS A 262 13.87 -21.77 18.47
CA LYS A 262 12.67 -22.52 18.14
C LYS A 262 11.65 -21.71 17.33
N ARG A 263 10.70 -22.40 16.69
CA ARG A 263 9.59 -21.72 16.04
C ARG A 263 8.58 -21.32 17.10
N GLU A 264 7.57 -20.56 16.69
CA GLU A 264 6.52 -20.12 17.61
C GLU A 264 5.79 -21.30 18.25
N ASP A 265 6.18 -22.51 17.88
CA ASP A 265 5.49 -23.71 18.37
C ASP A 265 6.35 -24.62 19.24
N GLY A 266 7.56 -24.19 19.56
CA GLY A 266 8.47 -25.00 20.36
C GLY A 266 9.42 -25.90 19.58
N SER A 267 9.15 -26.12 18.29
CA SER A 267 10.01 -27.00 17.48
C SER A 267 11.29 -26.26 17.09
N ASP A 268 12.34 -27.01 16.79
CA ASP A 268 13.61 -26.38 16.43
C ASP A 268 13.65 -25.89 14.97
N PHE A 269 13.80 -24.57 14.80
CA PHE A 269 13.77 -23.97 13.48
C PHE A 269 14.90 -24.48 12.63
N VAL A 270 14.57 -24.89 11.41
CA VAL A 270 15.58 -25.35 10.47
C VAL A 270 15.88 -24.29 9.43
N ALA A 271 17.16 -23.96 9.31
CA ALA A 271 17.69 -23.11 8.25
C ALA A 271 18.76 -23.90 7.54
N ALA A 272 18.80 -23.82 6.21
CA ALA A 272 19.80 -24.56 5.43
C ALA A 272 21.08 -23.77 5.15
N VAL A 273 22.22 -24.38 5.39
CA VAL A 273 23.51 -23.76 5.07
C VAL A 273 24.43 -24.82 4.45
N TRP A 274 25.72 -24.68 4.64
CA TRP A 274 26.69 -25.57 4.03
C TRP A 274 26.38 -27.05 4.27
N PRO A 275 25.97 -27.42 5.49
CA PRO A 275 25.74 -28.85 5.70
C PRO A 275 24.33 -29.29 5.31
N GLY A 276 23.56 -28.40 4.70
CA GLY A 276 22.15 -28.68 4.44
C GLY A 276 21.33 -28.12 5.59
N ASP A 277 20.30 -28.86 6.01
CA ASP A 277 19.51 -28.44 7.16
C ASP A 277 20.40 -28.29 8.38
N THR A 278 20.24 -27.18 9.10
CA THR A 278 20.98 -26.94 10.35
C THR A 278 20.05 -26.37 11.41
N HIS A 279 20.58 -26.18 12.62
CA HIS A 279 19.89 -25.43 13.66
C HIS A 279 20.84 -24.33 14.12
N PHE A 280 20.27 -23.22 14.57
CA PHE A 280 21.09 -22.15 15.11
C PHE A 280 21.06 -22.19 16.62
N PRO A 281 22.23 -22.27 17.24
CA PRO A 281 22.30 -22.10 18.70
C PRO A 281 21.63 -20.78 19.09
N ASP A 282 20.93 -20.82 20.21
CA ASP A 282 20.22 -19.67 20.74
C ASP A 282 21.20 -18.73 21.43
N MET A 283 21.95 -17.98 20.62
CA MET A 283 23.05 -17.15 21.09
C MET A 283 22.67 -16.12 22.16
N LEU A 284 21.38 -15.84 22.32
CA LEU A 284 20.97 -14.82 23.28
C LEU A 284 20.67 -15.40 24.66
N ASN A 285 20.65 -16.73 24.72
CA ASN A 285 20.39 -17.50 25.95
C ASN A 285 21.70 -17.90 26.63
N PRO A 286 21.93 -17.37 27.85
CA PRO A 286 23.22 -17.45 28.54
C PRO A 286 23.77 -18.87 28.63
N GLU A 287 22.90 -19.82 28.94
CA GLU A 287 23.28 -21.23 29.05
C GLU A 287 23.72 -21.83 27.71
N ALA A 288 22.92 -21.60 26.67
CA ALA A 288 23.24 -22.14 25.36
C ALA A 288 24.60 -21.59 24.93
N ARG A 289 24.88 -20.37 25.33
CA ARG A 289 26.12 -19.69 24.95
C ARG A 289 27.35 -20.35 25.57
N LYS A 290 27.23 -20.78 26.82
CA LYS A 290 28.31 -21.48 27.52
C LYS A 290 28.51 -22.87 26.92
N TRP A 291 27.41 -23.53 26.57
CA TRP A 291 27.48 -24.80 25.87
C TRP A 291 28.18 -24.69 24.51
N PHE A 292 27.78 -23.70 23.72
CA PHE A 292 28.38 -23.53 22.39
C PHE A 292 29.85 -23.18 22.51
N GLY A 293 30.17 -22.19 23.33
CA GLY A 293 31.55 -21.78 23.51
C GLY A 293 32.44 -22.93 23.93
N ASP A 294 31.95 -23.74 24.85
CA ASP A 294 32.79 -24.78 25.42
C ASP A 294 33.28 -25.73 24.34
N LYS A 295 32.50 -25.83 23.27
CA LYS A 295 32.84 -26.77 22.20
C LYS A 295 34.12 -26.41 21.46
N TYR A 296 34.61 -25.18 21.62
CA TYR A 296 35.88 -24.80 21.00
C TYR A 296 37.04 -25.57 21.64
N ARG A 297 36.84 -26.10 22.83
CA ARG A 297 37.88 -26.88 23.48
C ARG A 297 38.30 -28.04 22.60
N PHE A 298 37.34 -28.59 21.87
CA PHE A 298 37.60 -29.71 20.98
C PHE A 298 38.81 -29.47 20.08
N LEU A 299 38.96 -28.23 19.62
CA LEU A 299 40.04 -27.90 18.72
C LEU A 299 41.23 -27.35 19.45
N ILE A 300 40.98 -26.61 20.52
CA ILE A 300 42.04 -26.07 21.34
C ILE A 300 42.87 -27.21 21.94
N ASP A 301 42.18 -28.20 22.49
CA ASP A 301 42.88 -29.34 23.05
C ASP A 301 43.79 -30.02 22.02
N GLN A 302 43.64 -29.66 20.75
CA GLN A 302 44.43 -30.29 19.69
C GLN A 302 45.61 -29.44 19.20
N GLY A 303 45.69 -28.21 19.70
CA GLY A 303 46.80 -27.34 19.38
C GLY A 303 46.40 -26.04 18.69
N ILE A 304 45.10 -25.84 18.49
CA ILE A 304 44.59 -24.69 17.74
C ILE A 304 44.62 -23.40 18.57
N GLU A 305 45.08 -22.31 17.98
CA GLU A 305 45.22 -21.08 18.75
C GLU A 305 44.48 -19.89 18.17
N GLY A 306 43.50 -20.16 17.31
CA GLY A 306 42.77 -19.10 16.65
C GLY A 306 41.56 -19.63 15.91
N PHE A 307 40.53 -18.80 15.79
CA PHE A 307 39.31 -19.24 15.11
C PHE A 307 38.71 -18.09 14.33
N TRP A 308 37.95 -18.40 13.27
CA TRP A 308 37.15 -17.36 12.64
C TRP A 308 35.68 -17.79 12.49
N ASN A 309 34.78 -16.90 12.86
CA ASN A 309 33.35 -17.18 12.89
C ASN A 309 32.65 -16.65 11.66
N ASP A 310 31.87 -17.49 11.00
CA ASP A 310 31.35 -17.09 9.69
C ASP A 310 29.85 -17.35 9.61
N MET A 311 29.23 -16.82 8.56
CA MET A 311 27.81 -17.09 8.29
C MET A 311 26.96 -16.78 9.50
N ASN A 312 27.39 -15.84 10.33
CA ASN A 312 26.71 -15.61 11.60
C ASN A 312 25.87 -14.33 11.65
N GLU A 313 25.17 -14.07 10.56
CA GLU A 313 24.24 -12.96 10.51
C GLU A 313 22.95 -13.26 11.29
N PRO A 314 22.51 -14.54 11.32
CA PRO A 314 23.04 -15.72 10.64
C PRO A 314 22.57 -15.79 9.19
N ALA A 315 23.39 -16.35 8.32
CA ALA A 315 23.01 -16.50 6.92
C ALA A 315 22.11 -17.72 6.73
N ILE A 316 21.05 -17.56 5.94
CA ILE A 316 20.13 -18.64 5.62
C ILE A 316 19.96 -18.80 4.12
N PHE A 317 20.36 -19.94 3.58
CA PHE A 317 20.17 -20.19 2.15
C PHE A 317 18.68 -20.36 1.89
N TYR A 318 18.01 -21.03 2.82
CA TYR A 318 16.57 -21.26 2.76
C TYR A 318 16.05 -22.01 3.99
N SER A 319 14.85 -21.67 4.41
CA SER A 319 14.20 -22.38 5.51
C SER A 319 13.33 -23.49 4.90
N SER A 320 12.85 -24.40 5.73
CA SER A 320 11.95 -25.46 5.24
C SER A 320 10.64 -24.87 4.74
N GLU A 321 10.27 -23.72 5.31
CA GLU A 321 9.09 -22.98 4.89
C GLU A 321 9.29 -22.40 3.48
N GLY A 322 10.35 -21.62 3.32
CA GLY A 322 10.67 -21.05 2.03
C GLY A 322 10.84 -22.11 0.97
N LEU A 323 11.47 -23.22 1.34
CA LEU A 323 11.81 -24.22 0.34
C LEU A 323 10.54 -24.81 -0.26
N ALA A 324 9.53 -25.02 0.57
CA ALA A 324 8.28 -25.58 0.06
C ALA A 324 7.56 -24.56 -0.79
N GLU A 325 7.64 -23.29 -0.42
CA GLU A 325 7.01 -22.23 -1.20
C GLU A 325 7.58 -22.21 -2.61
N ALA A 326 8.89 -22.42 -2.71
CA ALA A 326 9.59 -22.39 -3.98
C ALA A 326 9.33 -23.63 -4.80
N LYS A 327 9.55 -24.83 -4.23
CA LYS A 327 9.25 -26.04 -4.98
C LYS A 327 7.84 -25.91 -5.53
N GLU A 328 6.97 -25.29 -4.74
CA GLU A 328 5.55 -25.20 -5.05
C GLU A 328 5.31 -24.23 -6.22
N PHE A 329 5.94 -23.07 -6.15
CA PHE A 329 5.85 -22.08 -7.21
C PHE A 329 6.35 -22.67 -8.51
N ALA A 330 7.55 -23.26 -8.45
CA ALA A 330 8.16 -23.99 -9.55
C ALA A 330 7.14 -24.95 -10.14
N GLY A 331 6.18 -25.35 -9.32
CA GLY A 331 5.14 -26.25 -9.76
C GLY A 331 4.26 -25.58 -10.79
N GLU A 332 3.74 -24.41 -10.46
CA GLU A 332 2.86 -23.67 -11.34
C GLU A 332 3.61 -23.17 -12.58
N PHE A 333 4.87 -22.79 -12.38
CA PHE A 333 5.73 -22.44 -13.49
C PHE A 333 5.78 -23.57 -14.50
N ALA A 334 6.18 -24.74 -14.02
CA ALA A 334 6.33 -25.90 -14.90
C ALA A 334 5.08 -26.18 -15.74
N LYS A 335 3.91 -25.87 -15.20
CA LYS A 335 2.64 -26.28 -15.82
C LYS A 335 1.94 -25.13 -16.53
N ASP A 336 2.62 -23.99 -16.60
CA ASP A 336 2.06 -22.75 -17.14
C ASP A 336 1.93 -22.75 -18.67
N THR A 337 0.69 -22.77 -19.15
CA THR A 337 0.43 -22.76 -20.58
C THR A 337 0.23 -21.34 -21.11
N GLU A 338 -0.50 -20.51 -20.34
CA GLU A 338 -0.87 -19.16 -20.75
C GLU A 338 0.26 -18.14 -20.61
N GLY A 339 1.43 -18.58 -20.18
CA GLY A 339 2.52 -17.67 -19.90
C GLY A 339 2.14 -16.66 -18.83
N LYS A 340 1.24 -17.05 -17.93
CA LYS A 340 0.85 -16.19 -16.82
C LYS A 340 1.95 -16.08 -15.77
N ILE A 341 2.99 -16.89 -15.91
CA ILE A 341 4.09 -16.89 -14.96
C ILE A 341 5.42 -16.75 -15.67
N HIS A 342 5.96 -15.55 -15.64
CA HIS A 342 7.19 -15.24 -16.36
C HIS A 342 8.37 -15.87 -15.64
N PRO A 343 9.38 -16.29 -16.40
CA PRO A 343 10.60 -16.87 -15.83
C PRO A 343 11.31 -15.91 -14.91
N TRP A 344 11.06 -14.61 -15.07
CA TRP A 344 11.66 -13.58 -14.21
C TRP A 344 11.17 -13.72 -12.77
N ALA A 345 9.89 -14.04 -12.61
CA ALA A 345 9.26 -14.16 -11.31
C ALA A 345 9.71 -15.44 -10.59
N MET A 346 9.78 -16.53 -11.35
CA MET A 346 10.34 -17.79 -10.87
C MET A 346 11.75 -17.51 -10.37
N GLN A 347 12.52 -16.79 -11.18
CA GLN A 347 13.86 -16.41 -10.79
C GLN A 347 13.83 -15.54 -9.52
N ALA A 348 12.82 -14.70 -9.40
CA ALA A 348 12.75 -13.79 -8.25
C ALA A 348 12.49 -14.53 -6.94
N LYS A 349 11.68 -15.59 -7.00
CA LYS A 349 11.40 -16.40 -5.81
C LYS A 349 12.63 -17.15 -5.32
N MET A 350 13.37 -17.77 -6.25
CA MET A 350 14.63 -18.42 -5.89
C MET A 350 15.50 -17.47 -5.08
N LYS A 351 15.56 -16.22 -5.52
CA LYS A 351 16.37 -15.20 -4.87
C LYS A 351 15.78 -14.76 -3.54
N ASP A 352 14.46 -14.73 -3.43
CA ASP A 352 13.80 -14.23 -2.22
C ASP A 352 13.82 -15.20 -1.02
N ILE A 353 14.12 -16.48 -1.24
CA ILE A 353 14.15 -17.43 -0.14
C ILE A 353 15.50 -17.42 0.57
N VAL A 354 16.44 -16.64 0.04
CA VAL A 354 17.78 -16.45 0.61
C VAL A 354 17.81 -15.24 1.54
N ASN A 355 18.16 -15.44 2.81
CA ASN A 355 18.21 -14.35 3.78
C ASN A 355 16.88 -13.64 3.82
N SER A 356 15.82 -14.45 3.73
CA SER A 356 14.45 -13.96 3.75
C SER A 356 14.11 -13.24 5.05
N PRO A 357 13.53 -12.05 4.93
CA PRO A 357 13.08 -11.31 6.12
C PRO A 357 11.96 -12.08 6.77
N GLU A 358 11.24 -12.89 5.99
CA GLU A 358 10.14 -13.66 6.53
C GLU A 358 10.65 -14.79 7.42
N ASP A 359 11.85 -15.28 7.10
CA ASP A 359 12.50 -16.30 7.92
C ASP A 359 12.94 -15.70 9.25
N TYR A 360 13.40 -14.45 9.21
CA TYR A 360 13.87 -13.78 10.43
C TYR A 360 12.77 -13.46 11.45
N LYS A 361 11.52 -13.74 11.11
CA LYS A 361 10.46 -13.70 12.11
C LYS A 361 9.92 -15.09 12.43
N ARG A 362 10.51 -16.11 11.80
CA ARG A 362 10.07 -17.49 11.99
C ARG A 362 10.65 -18.20 13.22
N PHE A 363 11.72 -17.66 13.80
CA PHE A 363 12.29 -18.25 15.01
C PHE A 363 12.52 -17.24 16.11
N TYR A 364 12.60 -17.74 17.33
CA TYR A 364 12.64 -16.93 18.54
C TYR A 364 13.86 -17.22 19.42
N HIS A 365 14.28 -16.21 20.16
CA HIS A 365 15.32 -16.37 21.17
C HIS A 365 14.73 -16.52 22.57
N ASN A 366 15.40 -17.28 23.42
CA ASN A 366 14.93 -17.44 24.80
C ASN A 366 15.85 -16.71 25.77
N VAL A 367 15.45 -15.54 26.22
CA VAL A 367 16.32 -14.70 27.03
C VAL A 367 15.93 -14.70 28.50
N ASN A 368 16.69 -15.45 29.30
CA ASN A 368 16.40 -15.64 30.72
C ASN A 368 14.93 -15.95 30.92
N GLY A 369 14.37 -16.73 30.00
CA GLY A 369 12.99 -17.19 30.10
C GLY A 369 11.96 -16.41 29.30
N LYS A 370 12.39 -15.30 28.71
CA LYS A 370 11.50 -14.48 27.88
C LYS A 370 11.63 -14.83 26.39
N LYS A 371 10.51 -15.14 25.76
CA LYS A 371 10.54 -15.39 24.33
C LYS A 371 10.52 -14.06 23.55
N ILE A 372 11.59 -13.85 22.78
CA ILE A 372 11.68 -12.68 21.90
CA ILE A 372 11.70 -12.68 21.92
C ILE A 372 11.91 -13.12 20.47
N ARG A 373 11.23 -12.48 19.53
CA ARG A 373 11.36 -12.89 18.13
C ARG A 373 12.68 -12.42 17.53
N HIS A 374 13.30 -13.26 16.71
CA HIS A 374 14.64 -12.97 16.21
C HIS A 374 14.80 -11.65 15.44
N ASP A 375 13.81 -11.28 14.63
CA ASP A 375 13.93 -10.03 13.85
C ASP A 375 14.11 -8.87 14.80
N LYS A 376 13.44 -8.94 15.96
CA LYS A 376 13.53 -7.88 16.97
C LYS A 376 14.94 -7.70 17.55
N VAL A 377 15.75 -8.76 17.50
CA VAL A 377 17.10 -8.70 18.03
C VAL A 377 18.14 -9.18 17.03
N HIS A 378 17.72 -9.21 15.76
CA HIS A 378 18.54 -9.72 14.67
C HIS A 378 20.04 -9.34 14.69
N ASN A 379 20.35 -8.09 15.02
CA ASN A 379 21.72 -7.61 14.85
C ASN A 379 22.64 -8.03 16.01
N LEU A 380 22.11 -8.84 16.92
CA LEU A 380 22.88 -9.27 18.07
C LEU A 380 23.41 -10.67 17.90
N PHE A 381 23.00 -11.35 16.84
CA PHE A 381 23.35 -12.76 16.68
C PHE A 381 24.85 -13.00 16.56
N GLY A 382 25.48 -12.35 15.61
CA GLY A 382 26.91 -12.55 15.40
C GLY A 382 27.65 -12.13 16.63
N TYR A 383 27.21 -11.00 17.18
CA TYR A 383 27.79 -10.45 18.40
C TYR A 383 27.93 -11.51 19.46
N ASN A 384 26.81 -12.12 19.81
CA ASN A 384 26.79 -13.05 20.90
C ASN A 384 27.45 -14.39 20.58
N MET A 385 27.53 -14.76 19.31
CA MET A 385 28.24 -15.98 18.95
C MET A 385 29.71 -15.77 19.24
N THR A 386 30.18 -14.55 19.06
CA THR A 386 31.59 -14.26 19.27
C THR A 386 31.88 -14.08 20.75
N ARG A 387 30.85 -13.67 21.47
CA ARG A 387 30.92 -13.52 22.93
C ARG A 387 31.02 -14.91 23.53
N ALA A 388 30.28 -15.85 22.98
CA ALA A 388 30.28 -17.22 23.46
C ALA A 388 31.68 -17.78 23.39
N ALA A 389 32.36 -17.54 22.27
CA ALA A 389 33.72 -18.02 22.11
C ALA A 389 34.66 -17.34 23.10
N GLY A 390 34.62 -16.02 23.14
CA GLY A 390 35.47 -15.25 24.04
C GLY A 390 35.32 -15.67 25.49
N GLU A 391 34.09 -15.68 25.98
CA GLU A 391 33.85 -16.00 27.37
C GLU A 391 34.27 -17.45 27.64
N ALA A 392 34.03 -18.33 26.69
CA ALA A 392 34.45 -19.71 26.88
C ALA A 392 35.97 -19.74 26.97
N PHE A 393 36.62 -18.95 26.13
CA PHE A 393 38.07 -18.89 26.12
C PHE A 393 38.61 -18.55 27.51
N GLU A 394 38.01 -17.55 28.15
CA GLU A 394 38.50 -17.08 29.44
C GLU A 394 38.40 -18.13 30.54
N ARG A 395 37.49 -19.08 30.39
CA ARG A 395 37.38 -20.15 31.37
C ARG A 395 38.50 -21.16 31.12
N ILE A 396 38.53 -21.71 29.91
CA ILE A 396 39.55 -22.68 29.50
C ILE A 396 40.98 -22.26 29.86
N ASP A 397 41.26 -20.96 29.79
CA ASP A 397 42.60 -20.46 30.10
C ASP A 397 42.60 -18.93 30.18
N PRO A 398 42.26 -18.39 31.36
CA PRO A 398 42.07 -16.95 31.57
C PRO A 398 43.25 -16.09 31.14
N GLU A 399 44.43 -16.67 30.99
CA GLU A 399 45.64 -15.87 30.75
C GLU A 399 46.11 -15.82 29.30
N LYS A 400 45.57 -16.70 28.45
CA LYS A 400 46.09 -16.85 27.09
C LYS A 400 45.27 -16.10 26.05
N ARG A 401 45.95 -15.60 25.03
CA ARG A 401 45.26 -14.87 23.96
C ARG A 401 45.01 -15.78 22.76
N PHE A 402 43.75 -15.82 22.34
CA PHE A 402 43.41 -16.59 21.16
C PHE A 402 43.08 -15.64 20.03
N LEU A 403 43.51 -15.99 18.84
CA LEU A 403 43.17 -15.22 17.67
C LEU A 403 41.73 -15.53 17.32
N MET A 404 40.94 -14.48 17.11
CA MET A 404 39.50 -14.64 16.98
C MET A 404 38.89 -13.46 16.21
N PHE A 405 38.21 -13.77 15.11
CA PHE A 405 37.42 -12.75 14.45
C PHE A 405 36.11 -13.26 13.87
N SER A 406 35.18 -12.33 13.68
CA SER A 406 33.85 -12.65 13.20
C SER A 406 33.47 -11.83 11.97
N ARG A 407 32.44 -12.26 11.27
CA ARG A 407 31.97 -11.49 10.14
C ARG A 407 30.95 -10.46 10.61
N SER A 408 29.84 -10.94 11.15
CA SER A 408 28.75 -10.07 11.55
C SER A 408 29.01 -9.60 12.97
N SER A 409 28.67 -8.36 13.27
CA SER A 409 28.90 -7.88 14.63
C SER A 409 27.98 -6.75 14.99
N TYR A 410 28.04 -6.37 16.25
CA TYR A 410 27.28 -5.26 16.80
C TYR A 410 28.21 -4.71 17.84
N ILE A 411 28.03 -3.46 18.24
CA ILE A 411 28.97 -2.86 19.17
C ILE A 411 28.87 -3.55 20.52
N GLY A 412 30.03 -3.89 21.09
CA GLY A 412 30.07 -4.67 22.30
C GLY A 412 30.81 -5.96 21.97
N MET A 413 30.63 -6.45 20.74
CA MET A 413 31.35 -7.65 20.30
C MET A 413 32.83 -7.34 20.18
N HIS A 414 33.16 -6.07 20.12
CA HIS A 414 34.53 -5.65 19.93
C HIS A 414 35.44 -6.09 21.07
N ARG A 415 34.85 -6.45 22.22
CA ARG A 415 35.64 -6.89 23.37
C ARG A 415 36.14 -8.32 23.21
N TYR A 416 35.45 -9.11 22.39
CA TYR A 416 35.73 -10.54 22.36
C TYR A 416 36.44 -11.03 21.11
N GLY A 417 36.54 -10.18 20.08
CA GLY A 417 37.12 -10.60 18.82
C GLY A 417 37.17 -9.48 17.79
N GLY A 418 38.01 -9.65 16.77
CA GLY A 418 38.09 -8.71 15.68
C GLY A 418 37.08 -9.02 14.59
N ILE A 419 37.23 -8.34 13.45
CA ILE A 419 36.33 -8.48 12.33
C ILE A 419 37.14 -8.57 11.06
N TRP A 420 36.72 -9.42 10.13
CA TRP A 420 37.16 -9.25 8.76
C TRP A 420 36.00 -8.72 7.90
N MET A 421 36.35 -7.91 6.90
CA MET A 421 35.35 -7.19 6.10
C MET A 421 34.60 -8.03 5.05
N GLY A 422 34.48 -9.33 5.30
CA GLY A 422 33.61 -10.18 4.52
C GLY A 422 34.01 -10.50 3.09
N ASP A 423 32.99 -10.70 2.25
CA ASP A 423 33.20 -11.11 0.86
C ASP A 423 33.39 -9.90 -0.03
N ASN A 424 34.60 -9.32 -0.05
CA ASN A 424 34.92 -8.32 -1.06
C ASN A 424 35.18 -9.00 -2.43
N LYS A 425 35.58 -8.22 -3.43
CA LYS A 425 35.92 -8.76 -4.75
C LYS A 425 37.29 -8.25 -5.20
N SER A 426 37.83 -8.90 -6.22
CA SER A 426 39.12 -8.49 -6.81
C SER A 426 38.94 -7.27 -7.72
N TRP A 427 38.43 -6.19 -7.12
CA TRP A 427 38.28 -4.91 -7.79
C TRP A 427 39.24 -3.93 -7.15
N TRP A 428 39.75 -3.02 -7.96
CA TRP A 428 40.59 -1.96 -7.44
C TRP A 428 39.83 -1.03 -6.51
N SER A 429 38.56 -0.76 -6.80
CA SER A 429 37.77 0.08 -5.89
C SER A 429 37.72 -0.49 -4.47
N HIS A 430 37.89 -1.79 -4.35
CA HIS A 430 37.78 -2.42 -3.05
C HIS A 430 39.05 -2.24 -2.23
N ILE A 431 40.13 -1.80 -2.88
CA ILE A 431 41.30 -1.44 -2.10
C ILE A 431 40.93 -0.22 -1.26
N LEU A 432 40.30 0.75 -1.90
CA LEU A 432 39.89 1.98 -1.24
C LEU A 432 38.84 1.73 -0.17
N LEU A 433 37.83 0.92 -0.49
CA LEU A 433 36.81 0.52 0.48
C LEU A 433 37.47 -0.08 1.72
N ASN A 434 38.43 -0.97 1.52
CA ASN A 434 39.15 -1.54 2.65
C ASN A 434 39.67 -0.38 3.52
N LEU A 435 40.36 0.56 2.87
CA LEU A 435 40.97 1.71 3.55
C LEU A 435 39.98 2.58 4.33
N LYS A 436 38.92 3.03 3.67
CA LYS A 436 37.94 3.96 4.27
C LYS A 436 37.22 3.41 5.51
N MET A 437 37.07 2.09 5.55
CA MET A 437 36.37 1.45 6.63
C MET A 437 37.19 1.39 7.92
N LEU A 438 38.52 1.39 7.80
CA LEU A 438 39.40 1.19 8.96
C LEU A 438 39.11 2.15 10.14
N PRO A 439 39.19 3.45 9.87
CA PRO A 439 39.00 4.44 10.95
C PRO A 439 37.62 4.28 11.59
N SER A 440 36.56 4.22 10.79
CA SER A 440 35.20 4.03 11.30
C SER A 440 35.12 2.85 12.27
N LEU A 441 35.64 1.71 11.84
CA LEU A 441 35.72 0.55 12.73
C LEU A 441 36.47 0.84 14.03
N ASN A 442 37.56 1.60 13.95
CA ASN A 442 38.30 2.00 15.14
C ASN A 442 37.44 2.82 16.11
N MET A 443 36.59 3.66 15.57
CA MET A 443 35.76 4.52 16.42
C MET A 443 34.76 3.70 17.19
N CYS A 444 34.51 2.49 16.72
CA CYS A 444 33.46 1.66 17.28
C CYS A 444 34.03 0.53 18.09
N GLY A 445 35.36 0.52 18.24
CA GLY A 445 36.04 -0.43 19.10
C GLY A 445 36.72 -1.57 18.37
N PHE A 446 36.43 -1.70 17.08
CA PHE A 446 37.01 -2.79 16.33
C PHE A 446 38.36 -2.37 15.73
N MET A 447 39.44 -2.80 16.39
CA MET A 447 40.77 -2.40 15.99
C MET A 447 41.45 -3.49 15.20
N TYR A 448 41.22 -4.75 15.59
CA TYR A 448 41.76 -5.87 14.85
C TYR A 448 40.87 -6.18 13.65
N THR A 449 41.17 -5.54 12.53
CA THR A 449 40.43 -5.77 11.29
C THR A 449 41.33 -5.74 10.08
N GLY A 450 40.74 -6.12 8.95
CA GLY A 450 41.43 -6.18 7.68
C GLY A 450 40.48 -6.77 6.65
N ALA A 451 40.80 -6.62 5.37
CA ALA A 451 40.00 -7.24 4.30
C ALA A 451 40.70 -8.45 3.69
N ASP A 452 39.95 -9.25 2.92
CA ASP A 452 40.56 -10.34 2.16
C ASP A 452 41.45 -9.81 1.03
N LEU A 453 42.76 -9.88 1.24
CA LEU A 453 43.71 -9.25 0.34
C LEU A 453 43.70 -9.85 -1.06
N GLY A 454 43.58 -8.98 -2.07
CA GLY A 454 43.54 -9.40 -3.45
C GLY A 454 42.12 -9.67 -3.91
N GLY A 455 41.16 -9.48 -3.01
CA GLY A 455 39.76 -9.70 -3.33
C GLY A 455 39.31 -11.15 -3.21
N PHE A 456 38.35 -11.39 -2.33
CA PHE A 456 37.75 -12.70 -2.19
C PHE A 456 37.21 -13.21 -3.51
N GLY A 457 36.14 -12.58 -3.98
CA GLY A 457 35.50 -13.00 -5.21
C GLY A 457 36.21 -12.56 -6.47
N ASP A 458 35.96 -13.30 -7.55
CA ASP A 458 36.41 -12.93 -8.90
C ASP A 458 37.92 -13.12 -9.10
N ASP A 459 38.38 -12.87 -10.31
CA ASP A 459 39.77 -13.13 -10.67
C ASP A 459 40.66 -11.91 -10.45
N THR A 460 41.78 -12.12 -9.75
CA THR A 460 42.76 -11.10 -9.44
C THR A 460 43.86 -11.13 -10.49
N THR A 461 44.74 -10.13 -10.46
CA THR A 461 45.87 -10.08 -11.37
C THR A 461 47.11 -9.84 -10.53
N ARG A 462 48.29 -10.11 -11.07
CA ARG A 462 49.50 -9.92 -10.31
C ARG A 462 49.59 -8.55 -9.62
N ASP A 463 49.14 -7.51 -10.32
CA ASP A 463 49.24 -6.17 -9.75
C ASP A 463 48.18 -5.84 -8.71
N LEU A 464 46.94 -6.27 -8.94
CA LEU A 464 45.89 -6.04 -7.96
C LEU A 464 46.33 -6.62 -6.61
N LEU A 465 46.93 -7.80 -6.66
CA LEU A 465 47.33 -8.50 -5.45
C LEU A 465 48.42 -7.71 -4.73
N LEU A 466 49.41 -7.22 -5.48
CA LEU A 466 50.50 -6.51 -4.86
C LEU A 466 50.06 -5.20 -4.21
N ARG A 467 49.17 -4.46 -4.87
CA ARG A 467 48.65 -3.23 -4.27
C ARG A 467 47.79 -3.54 -3.04
N PHE A 468 47.06 -4.64 -3.09
CA PHE A 468 46.25 -5.02 -1.96
C PHE A 468 47.14 -5.36 -0.77
N LEU A 469 48.21 -6.10 -1.02
CA LEU A 469 49.12 -6.48 0.04
C LEU A 469 49.76 -5.27 0.65
N ALA A 470 50.09 -4.30 -0.19
CA ALA A 470 50.76 -3.11 0.29
C ALA A 470 49.89 -2.35 1.28
N LEU A 471 48.57 -2.46 1.14
CA LEU A 471 47.68 -1.85 2.11
C LEU A 471 47.58 -2.74 3.33
N GLY A 472 47.53 -4.05 3.09
CA GLY A 472 47.49 -5.03 4.15
C GLY A 472 48.62 -4.90 5.15
N VAL A 473 49.80 -4.50 4.67
CA VAL A 473 50.96 -4.31 5.54
C VAL A 473 50.60 -3.56 6.82
N PHE A 474 49.68 -2.62 6.73
CA PHE A 474 49.33 -1.79 7.89
C PHE A 474 48.09 -2.24 8.66
N THR A 475 47.27 -3.10 8.07
CA THR A 475 46.07 -3.58 8.79
C THR A 475 46.38 -4.75 9.73
N PRO A 476 45.98 -4.64 11.01
CA PRO A 476 46.30 -5.68 11.99
C PRO A 476 46.05 -7.08 11.43
N LEU A 477 44.87 -7.32 10.87
CA LEU A 477 44.63 -8.59 10.18
C LEU A 477 45.05 -8.49 8.72
N MET A 478 46.02 -9.33 8.36
CA MET A 478 46.59 -9.33 7.03
C MET A 478 46.57 -10.76 6.47
N ARG A 479 45.56 -11.07 5.67
CA ARG A 479 45.56 -12.36 5.04
C ARG A 479 45.04 -12.28 3.62
N ASP A 480 45.65 -13.08 2.76
CA ASP A 480 45.20 -13.28 1.40
C ASP A 480 44.13 -14.35 1.41
N HIS A 481 42.91 -13.99 1.02
CA HIS A 481 41.83 -14.97 0.97
C HIS A 481 41.20 -14.98 -0.42
N ALA A 482 40.68 -16.12 -0.85
CA ALA A 482 40.09 -16.25 -2.18
C ALA A 482 38.89 -17.19 -2.21
N ALA A 483 37.92 -16.88 -3.08
CA ALA A 483 36.68 -17.64 -3.19
C ALA A 483 36.85 -18.92 -4.03
N GLU A 484 35.83 -19.77 -3.95
CA GLU A 484 35.81 -21.03 -4.69
C GLU A 484 35.98 -20.80 -6.20
N GLY A 485 36.94 -21.51 -6.80
CA GLY A 485 37.09 -21.52 -8.24
C GLY A 485 37.57 -20.22 -8.90
N THR A 486 38.16 -19.33 -8.11
CA THR A 486 38.78 -18.14 -8.65
C THR A 486 40.23 -18.47 -9.07
N ARG A 487 40.85 -17.59 -9.86
CA ARG A 487 42.25 -17.73 -10.18
C ARG A 487 43.02 -17.92 -8.86
N GLU A 488 43.90 -18.91 -8.80
CA GLU A 488 44.71 -19.14 -7.61
C GLU A 488 45.49 -17.88 -7.26
N GLN A 489 45.42 -17.43 -6.02
CA GLN A 489 46.12 -16.18 -5.69
C GLN A 489 47.12 -16.27 -4.55
N GLU A 490 47.66 -17.46 -4.30
CA GLU A 490 48.80 -17.59 -3.41
C GLU A 490 49.95 -16.77 -3.99
N CYS A 491 50.80 -16.23 -3.13
CA CYS A 491 51.91 -15.39 -3.59
C CYS A 491 52.85 -16.10 -4.58
N TYR A 492 53.00 -17.41 -4.43
CA TYR A 492 53.93 -18.15 -5.28
C TYR A 492 53.31 -18.50 -6.63
N GLN A 493 52.06 -18.08 -6.84
CA GLN A 493 51.33 -18.43 -8.05
C GLN A 493 51.48 -17.38 -9.18
N PHE A 494 52.64 -16.73 -9.23
CA PHE A 494 52.86 -15.64 -10.16
C PHE A 494 54.31 -15.61 -10.63
N GLU A 495 54.68 -14.62 -11.43
CA GLU A 495 56.07 -14.51 -11.85
C GLU A 495 56.83 -13.51 -10.99
N ASN A 496 58.17 -13.61 -11.04
CA ASN A 496 59.01 -12.75 -10.22
C ASN A 496 58.43 -12.69 -8.82
N ILE A 497 58.45 -13.83 -8.17
CA ILE A 497 57.81 -14.01 -6.89
C ILE A 497 58.48 -13.17 -5.81
N GLU A 498 59.78 -12.91 -5.99
CA GLU A 498 60.55 -12.13 -5.03
C GLU A 498 59.88 -10.80 -4.70
N ASP A 499 59.12 -10.28 -5.65
CA ASP A 499 58.37 -9.04 -5.46
C ASP A 499 57.39 -9.15 -4.30
N PHE A 500 56.68 -10.27 -4.21
CA PHE A 500 55.80 -10.51 -3.07
C PHE A 500 56.61 -10.68 -1.79
N ARG A 501 57.74 -11.37 -1.89
CA ARG A 501 58.61 -11.48 -0.73
C ARG A 501 58.88 -10.07 -0.23
N SER A 502 59.16 -9.17 -1.16
CA SER A 502 59.48 -7.80 -0.80
C SER A 502 58.37 -7.11 0.00
N VAL A 503 57.14 -7.21 -0.46
CA VAL A 503 56.02 -6.55 0.22
C VAL A 503 55.74 -7.15 1.59
N ILE A 504 55.71 -8.48 1.67
CA ILE A 504 55.50 -9.14 2.93
C ILE A 504 56.64 -8.82 3.89
N ASN A 505 57.86 -8.82 3.36
CA ASN A 505 59.02 -8.48 4.17
C ASN A 505 58.79 -7.17 4.94
N ALA A 506 58.16 -6.21 4.27
CA ALA A 506 57.94 -4.90 4.88
C ALA A 506 56.95 -5.00 6.02
N ARG A 507 55.99 -5.90 5.90
CA ARG A 507 55.04 -6.16 6.98
C ARG A 507 55.81 -6.67 8.19
N TYR A 508 56.77 -7.54 7.92
CA TYR A 508 57.48 -8.22 8.98
C TYR A 508 58.59 -7.40 9.60
N ARG A 509 58.91 -6.26 9.01
CA ARG A 509 59.86 -5.34 9.63
C ARG A 509 59.10 -4.32 10.44
N LEU A 510 57.87 -4.07 10.03
CA LEU A 510 57.02 -3.10 10.69
C LEU A 510 56.24 -3.70 11.84
N VAL A 511 56.31 -5.02 11.99
CA VAL A 511 55.59 -5.72 13.06
C VAL A 511 55.79 -5.14 14.48
N PRO A 512 57.04 -5.01 14.94
CA PRO A 512 57.18 -4.52 16.31
C PRO A 512 56.52 -3.15 16.51
N TYR A 513 56.64 -2.26 15.52
CA TYR A 513 55.99 -0.95 15.57
C TYR A 513 54.46 -1.11 15.59
N LEU A 514 53.93 -1.82 14.61
CA LEU A 514 52.47 -1.92 14.46
C LEU A 514 51.85 -2.55 15.70
N TYR A 515 52.48 -3.62 16.18
CA TYR A 515 52.04 -4.27 17.41
C TYR A 515 52.09 -3.27 18.55
N SER A 516 53.23 -2.64 18.71
CA SER A 516 53.38 -1.63 19.75
C SER A 516 52.22 -0.64 19.72
N GLU A 517 52.03 0.01 18.57
CA GLU A 517 50.99 1.01 18.40
C GLU A 517 49.61 0.45 18.64
N TYR A 518 49.42 -0.81 18.30
CA TYR A 518 48.17 -1.49 18.61
C TYR A 518 48.02 -1.61 20.14
N MET A 519 48.98 -2.27 20.77
CA MET A 519 48.88 -2.48 22.21
C MET A 519 48.59 -1.16 22.93
N LYS A 520 49.30 -0.12 22.53
CA LYS A 520 49.14 1.16 23.20
C LYS A 520 47.74 1.71 22.98
N ALA A 521 47.18 1.48 21.79
CA ALA A 521 45.88 2.05 21.47
C ALA A 521 44.78 1.34 22.26
N ALA A 522 44.78 0.01 22.17
CA ALA A 522 43.77 -0.79 22.86
C ALA A 522 43.77 -0.53 24.34
N LEU A 523 44.95 -0.54 24.96
CA LEU A 523 45.05 -0.41 26.41
C LEU A 523 44.62 0.97 26.87
N ASN A 524 44.62 1.92 25.94
CA ASN A 524 44.29 3.30 26.24
C ASN A 524 42.95 3.74 25.67
N ASP A 525 42.12 2.76 25.32
CA ASP A 525 40.83 3.01 24.66
C ASP A 525 41.00 4.08 23.58
N ASP A 526 42.06 3.94 22.80
CA ASP A 526 42.43 4.88 21.74
C ASP A 526 42.36 4.25 20.33
N MET A 527 42.65 5.06 19.33
CA MET A 527 42.61 4.64 17.93
C MET A 527 43.97 4.27 17.32
N TYR A 528 43.93 3.25 16.48
CA TYR A 528 45.09 2.77 15.74
C TYR A 528 45.13 3.50 14.40
N PHE A 529 44.01 3.50 13.69
CA PHE A 529 43.87 4.27 12.46
C PHE A 529 43.01 5.50 12.75
N LYS A 530 43.41 6.65 12.22
CA LYS A 530 42.65 7.89 12.38
C LYS A 530 42.53 8.63 11.07
N PRO A 531 41.38 9.22 10.82
CA PRO A 531 41.19 10.14 9.69
C PRO A 531 42.12 11.34 9.90
N LEU A 532 42.56 12.02 8.86
CA LEU A 532 43.46 13.15 9.06
C LEU A 532 42.76 14.22 9.87
N GLY A 533 41.43 14.31 9.70
CA GLY A 533 40.61 15.23 10.47
C GLY A 533 40.79 15.18 11.99
N PHE A 534 41.07 14.00 12.53
CA PHE A 534 41.25 13.81 13.96
C PHE A 534 42.55 14.44 14.46
N VAL A 535 43.59 14.33 13.64
CA VAL A 535 44.93 14.82 13.98
C VAL A 535 45.11 16.30 13.65
N TYR A 536 44.62 16.75 12.50
CA TYR A 536 44.76 18.17 12.15
C TYR A 536 43.39 18.84 12.04
N PRO A 537 42.71 19.04 13.17
CA PRO A 537 41.32 19.49 13.08
C PRO A 537 41.17 20.90 12.52
N ASP A 538 42.27 21.66 12.46
CA ASP A 538 42.25 23.06 11.99
C ASP A 538 42.43 23.19 10.47
N ASP A 539 43.07 22.18 9.87
CA ASP A 539 43.32 22.15 8.44
C ASP A 539 42.03 21.78 7.72
N LYS A 540 41.45 22.74 7.00
CA LYS A 540 40.19 22.49 6.30
C LYS A 540 40.43 21.68 5.02
N MET A 541 41.70 21.51 4.68
CA MET A 541 42.09 20.63 3.59
C MET A 541 42.20 19.20 4.13
N ALA A 542 42.89 19.05 5.25
CA ALA A 542 43.09 17.72 5.82
C ALA A 542 41.80 17.02 6.20
N ILE A 543 40.83 17.75 6.76
CA ILE A 543 39.62 17.09 7.25
C ILE A 543 38.77 16.45 6.16
N ARG A 544 39.08 16.74 4.90
CA ARG A 544 38.27 16.21 3.80
C ARG A 544 38.95 15.05 3.07
N VAL A 545 40.24 14.86 3.33
CA VAL A 545 41.00 13.74 2.76
C VAL A 545 40.46 12.39 3.21
N GLU A 546 40.19 11.50 2.27
CA GLU A 546 39.64 10.20 2.63
C GLU A 546 40.45 9.02 2.13
N ASP A 547 41.59 9.27 1.52
CA ASP A 547 42.35 8.15 0.96
C ASP A 547 43.76 8.08 1.53
N GLN A 548 43.89 8.61 2.74
CA GLN A 548 45.09 8.51 3.55
C GLN A 548 44.66 8.43 4.99
N LEU A 549 45.43 7.71 5.80
CA LEU A 549 45.08 7.51 7.20
C LEU A 549 46.29 7.74 8.09
N MET A 550 46.03 8.23 9.29
CA MET A 550 47.09 8.34 10.28
C MET A 550 47.18 7.00 10.99
N LEU A 551 48.40 6.55 11.26
CA LEU A 551 48.59 5.34 12.06
C LEU A 551 49.37 5.63 13.33
N GLY A 552 48.74 5.37 14.46
CA GLY A 552 49.31 5.68 15.76
C GLY A 552 49.48 7.18 15.94
N ASN A 553 50.66 7.59 16.36
CA ASN A 553 50.98 9.01 16.44
C ASN A 553 52.21 9.32 15.61
N GLU A 554 52.69 8.33 14.85
CA GLU A 554 53.96 8.50 14.18
C GLU A 554 53.85 8.62 12.66
N ILE A 555 52.87 7.95 12.07
CA ILE A 555 52.84 7.86 10.61
C ILE A 555 51.51 8.16 9.92
N MET A 556 51.63 8.40 8.63
CA MET A 556 50.48 8.49 7.77
C MET A 556 50.70 7.48 6.66
N ILE A 557 49.63 6.81 6.24
CA ILE A 557 49.70 5.93 5.10
C ILE A 557 48.86 6.51 3.97
N ALA A 558 49.24 6.14 2.75
CA ALA A 558 48.53 6.57 1.54
C ALA A 558 48.88 5.60 0.41
N PRO A 559 48.15 4.47 0.33
CA PRO A 559 48.50 3.44 -0.64
C PRO A 559 48.01 3.81 -2.04
N VAL A 560 48.62 3.20 -3.05
CA VAL A 560 48.20 3.39 -4.43
C VAL A 560 47.06 2.44 -4.70
N TYR A 561 45.94 2.97 -5.19
CA TYR A 561 44.80 2.10 -5.45
C TYR A 561 44.27 2.21 -6.85
N GLU A 562 45.12 2.58 -7.79
CA GLU A 562 44.69 2.66 -9.19
C GLU A 562 45.54 1.79 -10.11
N GLN A 563 44.89 1.08 -11.02
CA GLN A 563 45.58 0.17 -11.91
C GLN A 563 46.57 0.86 -12.83
N ASN A 564 47.75 0.30 -12.97
CA ASN A 564 48.77 0.87 -13.85
C ASN A 564 49.41 2.16 -13.34
N ALA A 565 49.04 2.61 -12.16
CA ALA A 565 49.61 3.84 -11.64
C ALA A 565 51.04 3.61 -11.19
N ARG A 566 51.81 4.69 -11.10
CA ARG A 566 53.18 4.57 -10.60
C ARG A 566 53.42 5.56 -9.45
N GLY A 567 52.31 6.00 -8.86
CA GLY A 567 52.33 7.02 -7.84
C GLY A 567 50.93 7.54 -7.60
N ARG A 568 50.81 8.58 -6.78
CA ARG A 568 49.50 9.12 -6.44
C ARG A 568 49.65 10.50 -5.80
N TYR A 569 48.54 11.23 -5.75
CA TYR A 569 48.56 12.52 -5.08
C TYR A 569 48.41 12.33 -3.57
N VAL A 570 49.10 13.16 -2.80
CA VAL A 570 48.92 13.19 -1.37
C VAL A 570 48.92 14.65 -0.90
N TYR A 571 48.17 14.91 0.17
CA TYR A 571 48.26 16.17 0.89
C TYR A 571 48.99 15.90 2.20
N LEU A 572 49.98 16.73 2.54
CA LEU A 572 50.64 16.60 3.85
C LEU A 572 50.33 17.79 4.74
N PRO A 573 49.49 17.59 5.76
CA PRO A 573 49.10 18.71 6.64
C PRO A 573 50.28 19.23 7.47
N GLU A 574 51.41 18.53 7.42
CA GLU A 574 52.67 19.01 7.98
C GLU A 574 53.83 18.38 7.22
N GLU A 575 55.04 18.91 7.41
CA GLU A 575 56.25 18.26 6.88
C GLU A 575 56.40 16.85 7.42
N MET A 576 56.63 15.90 6.51
CA MET A 576 56.88 14.51 6.88
C MET A 576 58.04 13.98 6.08
N LYS A 577 58.71 12.95 6.60
CA LYS A 577 59.66 12.24 5.76
C LYS A 577 58.92 11.15 5.00
N PHE A 578 59.22 11.04 3.70
CA PHE A 578 58.56 10.07 2.84
C PHE A 578 59.39 8.80 2.67
N ILE A 579 58.86 7.72 3.24
CA ILE A 579 59.55 6.45 3.32
C ILE A 579 59.02 5.41 2.35
N LYS A 580 59.92 4.75 1.63
CA LYS A 580 59.58 3.60 0.80
C LYS A 580 60.48 2.41 1.14
N PHE A 581 59.85 1.27 1.44
CA PHE A 581 60.55 0.02 1.66
C PHE A 581 60.92 -0.58 0.30
N MET A 582 62.19 -0.51 -0.04
CA MET A 582 62.63 -0.91 -1.36
C MET A 582 62.77 -2.43 -1.50
N PRO A 583 62.67 -2.94 -2.72
CA PRO A 583 62.66 -4.38 -2.98
C PRO A 583 64.03 -5.00 -2.86
N ASP A 584 65.07 -4.18 -2.87
CA ASP A 584 66.43 -4.70 -2.69
C ASP A 584 66.77 -4.86 -1.21
N GLY A 585 65.87 -4.36 -0.36
CA GLY A 585 66.03 -4.50 1.07
C GLY A 585 66.38 -3.19 1.75
N SER A 586 66.58 -2.15 0.96
CA SER A 586 66.91 -0.84 1.52
C SER A 586 65.67 0.01 1.75
N ILE A 587 65.86 1.19 2.31
CA ILE A 587 64.75 2.08 2.64
C ILE A 587 64.97 3.54 2.19
N SER A 588 64.25 3.94 1.16
CA SER A 588 64.39 5.29 0.63
C SER A 588 63.76 6.31 1.57
N GLU A 589 64.40 7.47 1.69
CA GLU A 589 63.92 8.50 2.61
C GLU A 589 64.10 9.89 1.99
N GLU A 590 63.06 10.69 2.07
CA GLU A 590 63.08 12.00 1.44
C GLU A 590 62.21 12.92 2.25
N VAL A 591 62.65 14.15 2.47
CA VAL A 591 61.79 15.08 3.16
C VAL A 591 60.90 15.81 2.17
N LEU A 592 59.67 16.09 2.62
CA LEU A 592 58.66 16.71 1.80
C LEU A 592 57.90 17.72 2.62
N GLU A 593 57.88 18.95 2.15
CA GLU A 593 57.20 20.03 2.84
C GLU A 593 55.69 19.81 2.85
N LYS A 594 55.02 20.43 3.82
CA LYS A 594 53.57 20.43 3.86
C LYS A 594 52.99 20.90 2.51
N GLY A 595 51.80 20.41 2.16
CA GLY A 595 51.16 20.79 0.91
C GLY A 595 50.80 19.61 0.04
N VAL A 596 50.66 19.86 -1.26
CA VAL A 596 50.28 18.83 -2.23
C VAL A 596 51.50 18.27 -2.95
N HIS A 597 51.43 16.99 -3.31
CA HIS A 597 52.55 16.28 -3.87
C HIS A 597 52.08 15.06 -4.64
N TYR A 598 52.73 14.79 -5.77
CA TYR A 598 52.59 13.51 -6.43
C TYR A 598 53.82 12.68 -6.11
N VAL A 599 53.61 11.48 -5.58
CA VAL A 599 54.73 10.61 -5.24
C VAL A 599 54.81 9.39 -6.13
N ASP A 600 56.04 8.99 -6.41
CA ASP A 600 56.33 7.79 -7.18
C ASP A 600 56.41 6.57 -6.26
N VAL A 601 55.57 5.60 -6.54
CA VAL A 601 55.56 4.37 -5.77
C VAL A 601 55.35 3.21 -6.72
N ALA A 602 56.42 2.47 -6.97
CA ALA A 602 56.35 1.33 -7.87
C ALA A 602 55.53 0.20 -7.24
N LEU A 603 55.21 -0.81 -8.05
CA LEU A 603 54.43 -1.95 -7.59
C LEU A 603 55.06 -2.67 -6.41
N ASN A 604 56.38 -2.84 -6.44
CA ASN A 604 57.07 -3.62 -5.41
C ASN A 604 57.74 -2.78 -4.32
N GLU A 605 57.22 -1.59 -4.10
CA GLU A 605 57.73 -0.70 -3.07
C GLU A 605 56.59 -0.39 -2.10
N VAL A 606 56.92 -0.26 -0.81
CA VAL A 606 55.89 0.07 0.18
C VAL A 606 56.13 1.45 0.76
N PRO A 607 55.11 2.30 0.72
CA PRO A 607 55.23 3.69 1.13
C PRO A 607 54.54 4.01 2.46
N LEU A 608 55.12 4.94 3.20
CA LEU A 608 54.50 5.53 4.39
C LEU A 608 55.19 6.83 4.74
N PHE A 609 54.49 7.69 5.47
CA PHE A 609 55.09 8.94 5.88
C PHE A 609 55.35 8.93 7.37
N ILE A 610 56.42 9.58 7.80
CA ILE A 610 56.70 9.78 9.22
C ILE A 610 56.54 11.24 9.61
N ARG A 611 55.68 11.50 10.59
CA ARG A 611 55.35 12.86 10.99
C ARG A 611 56.55 13.64 11.52
N SER A 612 56.52 14.95 11.28
CA SER A 612 57.48 15.89 11.84
C SER A 612 57.75 15.61 13.31
N GLY A 613 59.03 15.55 13.67
CA GLY A 613 59.42 15.39 15.06
C GLY A 613 59.05 14.04 15.64
N LYS A 614 59.08 13.00 14.80
CA LYS A 614 58.69 11.66 15.21
C LYS A 614 59.62 10.62 14.58
N CYS A 615 59.52 9.38 15.06
CA CYS A 615 60.29 8.28 14.48
C CYS A 615 59.68 6.93 14.87
N ILE A 616 59.99 5.91 14.07
CA ILE A 616 59.54 4.53 14.32
C ILE A 616 60.67 3.53 14.13
N PRO A 617 60.65 2.45 14.94
CA PRO A 617 61.60 1.33 14.91
C PRO A 617 61.31 0.36 13.76
N VAL A 618 62.37 -0.13 13.11
CA VAL A 618 62.19 -1.09 12.03
C VAL A 618 63.19 -2.21 12.16
N ALA A 619 62.72 -3.45 11.97
CA ALA A 619 63.56 -4.62 12.16
C ALA A 619 63.98 -5.24 10.85
N GLU A 620 64.92 -6.18 10.90
CA GLU A 620 65.27 -6.94 9.71
C GLU A 620 64.12 -7.86 9.35
N ALA A 621 64.03 -8.23 8.08
CA ALA A 621 63.01 -9.14 7.66
C ALA A 621 63.26 -10.52 8.28
N ALA A 622 62.23 -11.06 8.93
CA ALA A 622 62.26 -12.45 9.39
C ALA A 622 61.05 -13.17 8.79
N GLU A 623 61.10 -14.50 8.72
CA GLU A 623 60.05 -15.27 8.05
C GLU A 623 58.89 -15.66 8.96
N CYS A 624 58.99 -15.33 10.24
CA CYS A 624 57.87 -15.54 11.15
C CYS A 624 58.01 -14.59 12.31
N VAL A 625 56.90 -14.28 12.97
CA VAL A 625 56.89 -13.33 14.08
C VAL A 625 57.89 -13.67 15.18
N LYS A 626 58.04 -14.96 15.49
CA LYS A 626 58.96 -15.39 16.55
C LYS A 626 60.43 -15.04 16.26
N ASP A 627 60.80 -14.99 14.99
CA ASP A 627 62.22 -14.82 14.61
C ASP A 627 62.66 -13.36 14.43
N ILE A 628 61.72 -12.42 14.58
CA ILE A 628 62.09 -11.02 14.43
C ILE A 628 63.04 -10.63 15.56
N ASP A 629 64.26 -10.23 15.19
CA ASP A 629 65.20 -9.70 16.17
C ASP A 629 64.72 -8.33 16.61
N THR A 630 64.36 -8.21 17.88
CA THR A 630 63.78 -6.99 18.41
C THR A 630 64.85 -6.11 19.05
N GLU A 631 66.04 -6.68 19.18
CA GLU A 631 67.15 -6.01 19.84
C GLU A 631 67.71 -4.78 19.11
N ASN A 632 68.30 -5.02 17.95
CA ASN A 632 69.05 -3.98 17.26
C ASN A 632 68.31 -3.41 16.07
N MET A 633 67.11 -2.88 16.34
CA MET A 633 66.28 -2.30 15.30
C MET A 633 66.75 -0.91 14.91
N GLN A 634 66.67 -0.63 13.61
CA GLN A 634 66.98 0.67 13.05
C GLN A 634 65.86 1.67 13.36
N LEU A 635 66.25 2.88 13.78
CA LEU A 635 65.28 3.96 14.01
C LEU A 635 65.20 4.89 12.80
N ILE A 636 63.99 5.02 12.23
CA ILE A 636 63.77 5.84 11.04
C ILE A 636 62.91 7.04 11.40
N GLY A 637 63.22 8.20 10.81
CA GLY A 637 62.47 9.40 11.10
C GLY A 637 63.34 10.59 11.43
N TYR A 638 62.92 11.35 12.45
CA TYR A 638 63.58 12.61 12.78
C TYR A 638 64.58 12.50 13.93
N GLU A 639 65.83 12.90 13.67
CA GLU A 639 66.87 12.96 14.71
C GLU A 639 66.35 13.67 15.96
N GLY A 640 66.75 13.17 17.11
CA GLY A 640 66.38 13.80 18.36
C GLY A 640 64.97 13.48 18.82
N SER A 641 64.24 12.71 18.02
CA SER A 641 62.90 12.30 18.44
C SER A 641 62.97 10.99 19.24
N SER A 642 61.84 10.61 19.82
CA SER A 642 61.82 9.41 20.64
C SER A 642 60.54 8.60 20.43
N TYR A 643 60.69 7.28 20.40
CA TYR A 643 59.55 6.38 20.32
C TYR A 643 59.45 5.50 21.55
N THR A 644 58.29 5.52 22.18
CA THR A 644 58.00 4.62 23.29
C THR A 644 57.50 3.27 22.74
N LEU A 645 58.36 2.26 22.76
CA LEU A 645 58.07 0.94 22.23
C LEU A 645 57.46 -0.02 23.27
N TYR A 646 56.22 -0.44 23.03
CA TYR A 646 55.60 -1.45 23.89
C TYR A 646 55.95 -2.83 23.41
N GLU A 647 56.18 -3.74 24.35
CA GLU A 647 56.30 -5.14 23.98
C GLU A 647 56.17 -6.07 25.18
N ASP A 648 55.63 -7.24 24.93
CA ASP A 648 55.45 -8.30 25.93
C ASP A 648 55.62 -9.65 25.24
N ASP A 649 55.35 -10.75 25.95
CA ASP A 649 55.57 -12.07 25.36
C ASP A 649 54.63 -12.33 24.18
N GLY A 650 53.65 -11.46 24.02
CA GLY A 650 52.69 -11.56 22.94
C GLY A 650 51.85 -12.82 22.97
N ILE A 651 51.63 -13.36 24.16
CA ILE A 651 50.95 -14.65 24.34
C ILE A 651 49.94 -14.64 25.50
N HIS A 652 50.37 -14.10 26.62
CA HIS A 652 49.50 -13.94 27.78
C HIS A 652 49.11 -12.49 27.98
N LYS A 653 48.36 -12.21 29.04
CA LYS A 653 47.77 -10.89 29.23
C LYS A 653 48.45 -10.08 30.35
N ASP A 654 49.77 -10.18 30.40
CA ASP A 654 50.56 -9.40 31.35
C ASP A 654 50.86 -8.01 30.81
N TYR A 655 49.85 -7.14 30.78
CA TYR A 655 49.91 -5.86 30.09
C TYR A 655 50.55 -4.71 30.88
N ASP A 656 50.42 -4.74 32.20
CA ASP A 656 50.80 -3.59 33.03
C ASP A 656 52.19 -3.62 33.66
N LYS A 657 53.20 -4.05 32.93
CA LYS A 657 54.55 -4.07 33.51
C LYS A 657 55.36 -2.88 33.01
N LYS A 658 56.17 -2.30 33.89
CA LYS A 658 57.02 -1.19 33.49
C LYS A 658 58.04 -1.67 32.46
N GLU A 659 58.34 -2.97 32.47
CA GLU A 659 59.22 -3.56 31.46
C GLU A 659 58.60 -3.58 30.06
N ASN A 660 57.27 -3.45 29.99
CA ASN A 660 56.59 -3.52 28.71
C ASN A 660 56.84 -2.28 27.86
N TYR A 661 57.29 -1.21 28.51
CA TYR A 661 57.63 0.03 27.82
C TYR A 661 59.14 0.27 27.86
N ARG A 662 59.63 1.02 26.88
CA ARG A 662 61.05 1.18 26.63
C ARG A 662 61.28 2.30 25.61
N VAL A 663 61.74 3.47 26.06
CA VAL A 663 61.90 4.59 25.14
C VAL A 663 63.13 4.46 24.24
N LEU A 664 62.95 4.77 22.97
CA LEU A 664 64.03 4.74 22.00
C LEU A 664 64.22 6.14 21.45
N THR A 665 65.46 6.57 21.31
CA THR A 665 65.72 7.88 20.74
C THR A 665 66.60 7.70 19.52
N LYS A 666 66.27 8.43 18.46
CA LYS A 666 66.95 8.27 17.19
C LYS A 666 68.40 8.75 17.24
N ASN B 2 46.30 4.35 -49.06
CA ASN B 2 47.07 4.40 -47.83
C ASN B 2 47.95 3.16 -47.66
N ALA B 3 49.08 3.12 -48.35
CA ALA B 3 49.99 1.98 -48.28
C ALA B 3 50.95 2.07 -47.08
N MET B 4 50.49 2.68 -46.00
CA MET B 4 51.19 2.68 -44.71
C MET B 4 50.35 1.88 -43.72
N ILE B 5 49.55 0.98 -44.26
CA ILE B 5 48.58 0.24 -43.49
C ILE B 5 48.46 -1.14 -44.14
N ARG B 6 49.47 -1.96 -43.93
CA ARG B 6 49.47 -3.29 -44.52
C ARG B 6 48.38 -4.13 -43.89
N LYS B 7 47.75 -4.97 -44.71
CA LYS B 7 46.66 -5.80 -44.23
C LYS B 7 47.02 -7.27 -44.38
N TYR B 8 46.86 -8.04 -43.32
CA TYR B 8 47.22 -9.46 -43.34
C TYR B 8 46.01 -10.36 -43.27
N ARG B 9 45.91 -11.29 -44.22
CA ARG B 9 44.72 -12.11 -44.34
C ARG B 9 44.91 -13.51 -43.80
N TYR B 10 43.92 -13.98 -43.05
CA TYR B 10 43.90 -15.33 -42.51
C TYR B 10 42.56 -16.00 -42.78
N GLY B 11 42.61 -17.13 -43.49
CA GLY B 11 41.40 -17.89 -43.80
C GLY B 11 40.49 -17.27 -44.85
N ALA B 12 39.19 -17.45 -44.65
CA ALA B 12 38.19 -16.85 -45.52
C ALA B 12 37.31 -15.95 -44.68
N PRO B 13 37.81 -14.75 -44.38
CA PRO B 13 37.17 -13.76 -43.51
C PRO B 13 35.79 -13.36 -44.00
N PHE B 14 34.84 -13.23 -43.07
CA PHE B 14 33.57 -12.60 -43.41
C PHE B 14 33.85 -11.11 -43.61
N ASP B 15 33.21 -10.50 -44.61
CA ASP B 15 33.44 -9.08 -44.87
C ASP B 15 32.52 -8.23 -44.00
N THR B 16 33.11 -7.53 -43.04
CA THR B 16 32.36 -6.76 -42.06
C THR B 16 31.99 -5.38 -42.61
N GLU B 17 32.76 -4.94 -43.60
CA GLU B 17 32.57 -3.64 -44.23
C GLU B 17 32.91 -2.52 -43.25
N ALA B 18 33.84 -2.82 -42.36
CA ALA B 18 34.31 -1.87 -41.37
C ALA B 18 35.07 -0.74 -42.05
N LEU B 19 36.05 -1.08 -42.86
CA LEU B 19 36.79 -0.09 -43.65
C LEU B 19 36.02 0.38 -44.88
N THR B 20 36.20 1.64 -45.24
CA THR B 20 35.66 2.12 -46.51
C THR B 20 36.78 2.16 -47.53
N GLU B 21 37.98 1.79 -47.12
CA GLU B 21 39.12 1.86 -48.02
C GLU B 21 39.65 0.48 -48.35
N LYS B 22 39.65 0.13 -49.63
CA LYS B 22 40.15 -1.17 -50.04
C LYS B 22 41.67 -1.20 -49.81
N ILE B 23 42.12 -2.15 -49.01
CA ILE B 23 43.55 -2.35 -48.79
C ILE B 23 43.94 -3.74 -49.28
N GLU B 24 44.97 -3.81 -50.11
CA GLU B 24 45.37 -5.09 -50.67
C GLU B 24 45.91 -6.05 -49.61
N THR B 25 45.93 -7.33 -49.95
CA THR B 25 46.39 -8.35 -49.03
C THR B 25 47.91 -8.45 -49.02
N ALA B 26 48.54 -7.92 -47.98
CA ALA B 26 50.00 -8.00 -47.86
C ALA B 26 50.46 -9.44 -48.01
N GLU B 27 51.77 -9.64 -48.11
CA GLU B 27 52.29 -10.97 -48.47
C GLU B 27 53.45 -11.49 -47.63
N GLU B 28 54.06 -10.64 -46.81
CA GLU B 28 55.18 -11.05 -45.98
C GLU B 28 54.74 -11.71 -44.67
N ALA B 29 55.71 -12.14 -43.86
CA ALA B 29 55.41 -12.62 -42.53
C ALA B 29 54.92 -11.46 -41.68
N PHE B 30 54.35 -11.78 -40.53
CA PHE B 30 53.73 -10.75 -39.71
C PHE B 30 54.76 -9.84 -39.02
N PRO B 31 54.54 -8.52 -39.11
CA PRO B 31 55.51 -7.48 -38.73
C PRO B 31 55.91 -7.50 -37.26
N TYR B 32 55.06 -8.02 -36.38
CA TYR B 32 55.36 -8.04 -34.95
C TYR B 32 54.87 -9.32 -34.29
N GLY B 33 55.49 -9.67 -33.17
CA GLY B 33 55.08 -10.81 -32.38
C GLY B 33 55.06 -12.11 -33.18
N GLU B 34 54.18 -13.03 -32.78
CA GLU B 34 54.11 -14.34 -33.42
C GLU B 34 52.68 -14.86 -33.54
N ILE B 35 52.36 -15.40 -34.71
CA ILE B 35 51.03 -15.96 -34.98
C ILE B 35 51.03 -17.48 -34.89
N SER B 36 50.03 -18.03 -34.23
CA SER B 36 49.87 -19.47 -34.12
C SER B 36 48.47 -19.88 -34.59
N GLN B 37 48.35 -21.10 -35.10
CA GLN B 37 47.08 -21.58 -35.63
C GLN B 37 46.70 -22.98 -35.18
N LYS B 38 47.22 -23.43 -34.04
CA LYS B 38 46.98 -24.82 -33.61
C LYS B 38 45.53 -25.14 -33.26
N GLU B 39 44.94 -24.39 -32.34
CA GLU B 39 43.56 -24.65 -31.93
C GLU B 39 42.71 -23.44 -32.23
N GLY B 40 42.89 -22.91 -33.43
CA GLY B 40 42.29 -21.64 -33.79
C GLY B 40 43.36 -20.66 -34.22
N PHE B 41 43.28 -19.43 -33.71
CA PHE B 41 44.20 -18.38 -34.10
C PHE B 41 44.62 -17.57 -32.88
N ALA B 42 45.88 -17.16 -32.86
CA ALA B 42 46.43 -16.47 -31.70
C ALA B 42 47.62 -15.58 -32.09
N PHE B 43 47.51 -14.31 -31.76
CA PHE B 43 48.63 -13.38 -31.89
C PHE B 43 49.22 -13.19 -30.51
N THR B 44 50.54 -13.28 -30.41
CA THR B 44 51.24 -13.23 -29.13
C THR B 44 52.39 -12.24 -29.19
N TYR B 45 52.37 -11.23 -28.33
CA TYR B 45 53.39 -10.19 -28.36
C TYR B 45 53.93 -9.89 -26.96
N ILE B 46 55.25 -9.95 -26.80
CA ILE B 46 55.88 -9.58 -25.54
C ILE B 46 56.12 -8.07 -25.49
N MET B 47 55.51 -7.43 -24.51
CA MET B 47 55.57 -5.98 -24.39
C MET B 47 56.77 -5.51 -23.59
N ASP B 48 57.26 -4.32 -23.90
CA ASP B 48 58.26 -3.66 -23.08
C ASP B 48 57.60 -3.23 -21.77
N GLU B 49 58.42 -3.04 -20.73
CA GLU B 49 57.92 -2.66 -19.41
C GLU B 49 57.10 -1.36 -19.42
N ASP B 50 57.55 -0.38 -20.20
CA ASP B 50 56.91 0.93 -20.20
C ASP B 50 55.79 1.09 -21.26
N ASP B 51 55.59 0.06 -22.09
CA ASP B 51 54.56 0.14 -23.13
C ASP B 51 53.19 0.45 -22.55
N ILE B 52 52.43 1.27 -23.26
CA ILE B 52 51.05 1.55 -22.91
C ILE B 52 50.17 0.93 -23.98
N VAL B 53 48.91 0.64 -23.66
CA VAL B 53 48.00 0.12 -24.67
C VAL B 53 46.68 0.86 -24.67
N TYR B 54 46.39 1.54 -25.77
CA TYR B 54 45.15 2.30 -25.92
C TYR B 54 44.12 1.51 -26.72
N GLY B 55 42.84 1.88 -26.59
CA GLY B 55 41.84 1.42 -27.54
C GLY B 55 40.68 0.61 -26.99
N LEU B 56 40.12 -0.23 -27.86
CA LEU B 56 39.02 -1.11 -27.50
C LEU B 56 37.74 -0.35 -27.25
N GLY B 57 37.74 0.91 -27.65
CA GLY B 57 36.54 1.74 -27.53
C GLY B 57 35.78 1.50 -26.26
N GLU B 58 34.48 1.24 -26.39
CA GLU B 58 33.61 0.91 -25.27
C GLU B 58 33.99 -0.44 -24.67
N SER B 59 34.96 -0.44 -23.78
CA SER B 59 35.32 -1.64 -23.03
C SER B 59 35.57 -1.25 -21.57
N ASN B 60 35.78 -2.25 -20.72
CA ASN B 60 35.84 -2.01 -19.27
C ASN B 60 37.13 -1.36 -18.82
N ARG B 61 37.12 -0.85 -17.59
CA ARG B 61 38.34 -0.31 -16.99
C ARG B 61 38.79 1.00 -17.63
N GLY B 62 40.09 1.22 -17.69
CA GLY B 62 40.63 2.53 -18.03
C GLY B 62 41.21 2.74 -19.43
N ILE B 63 41.84 3.89 -19.62
CA ILE B 63 42.48 4.28 -20.88
C ILE B 63 43.58 3.31 -21.29
N ASN B 64 44.64 3.22 -20.48
CA ASN B 64 45.64 2.18 -20.60
C ASN B 64 45.01 0.82 -20.31
N LYS B 65 44.98 -0.07 -21.30
CA LYS B 65 44.21 -1.31 -21.18
C LYS B 65 44.98 -2.43 -20.52
N ARG B 66 46.29 -2.28 -20.34
CA ARG B 66 47.08 -3.32 -19.69
C ARG B 66 46.51 -3.76 -18.34
N GLY B 67 46.71 -5.04 -18.01
CA GLY B 67 46.41 -5.51 -16.68
C GLY B 67 45.04 -6.12 -16.57
N TYR B 68 44.42 -6.44 -17.70
CA TYR B 68 43.22 -7.25 -17.63
C TYR B 68 42.96 -7.97 -18.94
N CYS B 69 41.76 -8.52 -19.05
CA CYS B 69 41.34 -9.34 -20.17
C CYS B 69 40.06 -8.69 -20.70
N TYR B 70 39.98 -8.50 -22.02
CA TYR B 70 38.79 -7.89 -22.63
C TYR B 70 38.31 -8.80 -23.75
N ILE B 71 37.01 -9.04 -23.78
CA ILE B 71 36.48 -9.91 -24.82
C ILE B 71 35.40 -9.26 -25.68
N SER B 72 35.68 -9.20 -26.98
CA SER B 72 34.70 -8.67 -27.93
C SER B 72 33.60 -9.69 -28.13
N ASN B 73 32.44 -9.35 -27.59
CA ASN B 73 31.32 -10.26 -27.54
C ASN B 73 30.19 -9.42 -27.01
N CYS B 74 29.44 -8.80 -27.92
CA CYS B 74 28.40 -7.87 -27.53
C CYS B 74 27.43 -8.55 -26.58
N THR B 75 27.31 -8.02 -25.36
CA THR B 75 26.49 -8.66 -24.34
C THR B 75 25.63 -7.68 -23.55
N ASP B 76 24.37 -8.05 -23.36
CA ASP B 76 23.46 -7.23 -22.57
C ASP B 76 23.67 -7.47 -21.08
N ASP B 77 24.54 -6.67 -20.47
CA ASP B 77 24.95 -6.86 -19.09
C ASP B 77 24.75 -5.57 -18.29
N PRO B 78 23.69 -5.51 -17.48
CA PRO B 78 23.28 -4.30 -16.76
C PRO B 78 24.14 -4.01 -15.53
N ILE B 79 25.16 -4.82 -15.30
CA ILE B 79 25.99 -4.66 -14.11
C ILE B 79 27.45 -4.42 -14.48
N HIS B 80 27.85 -3.16 -14.50
CA HIS B 80 29.18 -2.80 -14.98
C HIS B 80 30.21 -2.71 -13.88
N THR B 81 30.67 -3.87 -13.41
CA THR B 81 31.69 -3.95 -12.38
C THR B 81 33.05 -4.23 -13.01
N GLU B 82 34.12 -3.97 -12.27
CA GLU B 82 35.47 -4.09 -12.79
C GLU B 82 35.82 -5.48 -13.28
N ASP B 83 35.03 -6.47 -12.90
CA ASP B 83 35.36 -7.85 -13.26
C ASP B 83 34.86 -8.23 -14.65
N LYS B 84 33.87 -7.50 -15.16
CA LYS B 84 33.28 -7.78 -16.49
C LYS B 84 34.28 -7.71 -17.63
N ARG B 85 34.25 -8.72 -18.50
CA ARG B 85 35.18 -8.77 -19.62
C ARG B 85 34.55 -8.31 -20.93
N SER B 86 33.22 -8.27 -20.97
CA SER B 86 32.47 -7.93 -22.17
C SER B 86 31.26 -7.06 -21.85
N LEU B 87 31.12 -5.97 -22.58
CA LEU B 87 29.95 -5.13 -22.47
C LEU B 87 29.17 -5.16 -23.78
N TYR B 88 28.79 -3.98 -24.28
CA TYR B 88 27.89 -3.91 -25.43
C TYR B 88 28.59 -3.85 -26.78
N GLY B 89 29.77 -3.24 -26.84
CA GLY B 89 30.37 -3.00 -28.13
C GLY B 89 31.54 -3.90 -28.42
N ALA B 90 31.89 -4.03 -29.70
CA ALA B 90 33.09 -4.78 -30.09
C ALA B 90 33.92 -3.91 -31.01
N HIS B 91 35.00 -3.36 -30.47
CA HIS B 91 35.79 -2.37 -31.17
C HIS B 91 37.25 -2.83 -31.22
N ASN B 92 37.53 -3.76 -32.11
CA ASN B 92 38.76 -4.51 -32.08
C ASN B 92 39.98 -3.73 -32.53
N PHE B 93 40.12 -2.49 -32.08
CA PHE B 93 41.26 -1.67 -32.46
C PHE B 93 42.04 -1.33 -31.21
N ILE B 94 43.36 -1.57 -31.26
CA ILE B 94 44.23 -1.31 -30.12
C ILE B 94 45.56 -0.78 -30.62
N ILE B 95 46.30 -0.10 -29.76
CA ILE B 95 47.58 0.46 -30.16
C ILE B 95 48.63 0.28 -29.06
N VAL B 96 49.75 -0.35 -29.42
CA VAL B 96 50.85 -0.50 -28.49
C VAL B 96 51.73 0.73 -28.57
N SER B 97 51.82 1.46 -27.46
CA SER B 97 52.54 2.73 -27.43
C SER B 97 53.76 2.64 -26.52
N GLY B 98 54.95 2.55 -27.11
CA GLY B 98 56.19 2.47 -26.35
C GLY B 98 57.38 2.61 -27.26
N LYS B 99 58.52 2.02 -26.88
CA LYS B 99 59.70 2.03 -27.73
C LYS B 99 59.35 1.53 -29.13
N THR B 100 58.53 0.48 -29.19
CA THR B 100 57.97 0.02 -30.46
C THR B 100 56.47 0.33 -30.50
N THR B 101 56.10 1.40 -31.19
CA THR B 101 54.69 1.76 -31.34
C THR B 101 54.14 1.19 -32.64
N PHE B 102 52.93 0.63 -32.59
CA PHE B 102 52.22 0.24 -33.81
C PHE B 102 50.76 0.00 -33.47
N GLY B 103 49.90 -0.08 -34.48
CA GLY B 103 48.47 -0.18 -34.24
C GLY B 103 47.90 -1.39 -34.92
N LEU B 104 46.84 -1.94 -34.34
CA LEU B 104 46.27 -3.19 -34.82
C LEU B 104 44.75 -3.14 -34.93
N PHE B 105 44.21 -3.67 -36.01
CA PHE B 105 42.76 -3.81 -36.08
C PHE B 105 42.41 -5.22 -36.51
N PHE B 106 41.78 -5.96 -35.62
CA PHE B 106 41.37 -7.32 -35.90
C PHE B 106 39.96 -7.26 -36.49
N ASP B 107 39.87 -7.41 -37.80
CA ASP B 107 38.58 -7.42 -38.45
C ASP B 107 38.01 -8.83 -38.35
N TYR B 108 37.33 -9.09 -37.24
CA TYR B 108 36.75 -10.41 -36.97
C TYR B 108 35.46 -10.21 -36.19
N PRO B 109 34.35 -10.74 -36.73
CA PRO B 109 33.04 -10.45 -36.14
C PRO B 109 32.66 -11.40 -35.01
N SER B 110 33.56 -12.28 -34.60
CA SER B 110 33.19 -13.25 -33.58
C SER B 110 33.89 -12.99 -32.22
N LYS B 111 33.65 -13.88 -31.26
CA LYS B 111 34.24 -13.71 -29.95
C LYS B 111 35.75 -13.60 -30.09
N LEU B 112 36.27 -12.43 -29.77
CA LEU B 112 37.70 -12.18 -29.84
C LEU B 112 38.25 -11.80 -28.46
N THR B 113 39.27 -12.52 -28.01
CA THR B 113 39.82 -12.32 -26.69
C THR B 113 41.12 -11.53 -26.67
N PHE B 114 41.10 -10.42 -25.93
CA PHE B 114 42.31 -9.66 -25.70
C PHE B 114 42.85 -9.96 -24.29
N ASP B 115 43.93 -10.73 -24.23
CA ASP B 115 44.59 -10.99 -22.96
C ASP B 115 45.74 -10.03 -22.82
N ILE B 116 45.46 -8.85 -22.27
CA ILE B 116 46.47 -7.82 -22.24
C ILE B 116 47.18 -7.80 -20.89
N GLY B 117 48.19 -8.64 -20.78
CA GLY B 117 48.98 -8.69 -19.57
C GLY B 117 48.17 -9.23 -18.41
N TYR B 118 47.17 -10.05 -18.74
CA TYR B 118 46.33 -10.64 -17.71
C TYR B 118 47.00 -11.90 -17.12
N THR B 119 47.42 -12.81 -17.98
CA THR B 119 48.00 -14.05 -17.53
C THR B 119 49.44 -13.81 -17.11
N ARG B 120 50.26 -13.42 -18.09
CA ARG B 120 51.60 -12.94 -17.81
C ARG B 120 51.61 -11.43 -18.01
N MET B 121 52.28 -10.72 -17.12
CA MET B 121 52.19 -9.26 -17.11
C MET B 121 52.77 -8.64 -18.35
N ASP B 122 53.80 -9.28 -18.91
CA ASP B 122 54.50 -8.74 -20.06
C ASP B 122 53.91 -9.21 -21.38
N THR B 123 52.82 -9.96 -21.30
CA THR B 123 52.31 -10.66 -22.49
C THR B 123 50.98 -10.14 -22.98
N LEU B 124 50.96 -9.71 -24.23
CA LEU B 124 49.73 -9.39 -24.95
C LEU B 124 49.37 -10.56 -25.85
N LYS B 125 48.16 -11.10 -25.69
CA LYS B 125 47.74 -12.24 -26.50
C LYS B 125 46.31 -12.13 -26.98
N VAL B 126 46.16 -12.09 -28.29
CA VAL B 126 44.86 -11.93 -28.92
C VAL B 126 44.51 -13.19 -29.66
N SER B 127 43.46 -13.87 -29.22
CA SER B 127 43.13 -15.18 -29.74
C SER B 127 41.65 -15.30 -30.02
N CYS B 128 41.30 -16.20 -30.92
CA CYS B 128 39.92 -16.51 -31.25
C CYS B 128 39.89 -17.92 -31.81
N GLU B 129 38.68 -18.48 -31.96
CA GLU B 129 38.47 -19.87 -32.36
C GLU B 129 38.82 -20.18 -33.81
N ASN B 130 38.43 -19.30 -34.73
CA ASN B 130 38.62 -19.51 -36.17
C ASN B 130 39.58 -18.54 -36.82
N ALA B 131 40.46 -19.06 -37.66
CA ALA B 131 41.41 -18.23 -38.39
C ALA B 131 40.76 -17.60 -39.63
N ASP B 132 39.61 -16.96 -39.44
CA ASP B 132 38.92 -16.28 -40.53
C ASP B 132 38.87 -14.78 -40.29
N LEU B 133 40.01 -14.12 -40.49
CA LEU B 133 40.11 -12.72 -40.12
C LEU B 133 41.11 -11.91 -40.93
N ASP B 134 40.84 -10.62 -41.05
CA ASP B 134 41.79 -9.67 -41.59
C ASP B 134 42.44 -8.94 -40.42
N ILE B 135 43.74 -8.69 -40.52
CA ILE B 135 44.42 -7.94 -39.50
C ILE B 135 45.14 -6.76 -40.10
N TYR B 136 44.74 -5.56 -39.70
CA TYR B 136 45.38 -4.37 -40.20
C TYR B 136 46.48 -3.90 -39.27
N VAL B 137 47.68 -3.77 -39.83
CA VAL B 137 48.81 -3.21 -39.11
C VAL B 137 49.05 -1.78 -39.56
N ILE B 138 48.81 -0.85 -38.65
CA ILE B 138 48.96 0.57 -38.93
C ILE B 138 50.21 1.10 -38.26
N GLU B 139 51.21 1.38 -39.09
CA GLU B 139 52.48 1.92 -38.63
C GLU B 139 52.35 3.43 -38.44
N GLY B 140 53.29 4.03 -37.75
CA GLY B 140 53.27 5.46 -37.57
C GLY B 140 54.23 5.95 -36.51
N GLU B 141 54.44 7.26 -36.48
CA GLU B 141 55.36 7.90 -35.55
C GLU B 141 54.94 7.75 -34.08
N ASN B 142 53.64 7.97 -33.82
CA ASN B 142 53.09 7.87 -32.47
C ASN B 142 51.63 7.43 -32.50
N ALA B 143 51.08 7.23 -31.31
CA ALA B 143 49.73 6.73 -31.14
C ALA B 143 48.73 7.61 -31.85
N TYR B 144 48.72 8.88 -31.46
CA TYR B 144 47.83 9.86 -32.05
C TYR B 144 47.81 9.72 -33.56
N ASP B 145 48.99 9.69 -34.15
CA ASP B 145 49.11 9.61 -35.59
C ASP B 145 48.49 8.32 -36.10
N ILE B 146 48.84 7.23 -35.44
CA ILE B 146 48.27 5.94 -35.81
C ILE B 146 46.76 5.98 -35.75
N VAL B 147 46.21 6.69 -34.77
CA VAL B 147 44.76 6.80 -34.69
C VAL B 147 44.20 7.60 -35.86
N LYS B 148 44.89 8.67 -36.26
CA LYS B 148 44.42 9.51 -37.35
C LYS B 148 44.39 8.72 -38.66
N GLN B 149 45.41 7.91 -38.88
CA GLN B 149 45.40 7.01 -40.03
C GLN B 149 44.15 6.13 -40.04
N PHE B 150 43.95 5.42 -38.93
CA PHE B 150 42.85 4.48 -38.82
C PHE B 150 41.48 5.14 -39.03
N ARG B 151 41.30 6.31 -38.43
CA ARG B 151 40.06 7.06 -38.59
C ARG B 151 39.77 7.33 -40.07
N ARG B 152 40.82 7.54 -40.86
CA ARG B 152 40.59 7.83 -42.26
C ARG B 152 40.21 6.60 -43.11
N VAL B 153 40.74 5.42 -42.80
CA VAL B 153 40.33 4.26 -43.60
C VAL B 153 38.95 3.70 -43.21
N ILE B 154 38.43 4.10 -42.04
CA ILE B 154 37.11 3.62 -41.62
C ILE B 154 35.96 4.58 -41.99
N GLY B 155 36.31 5.77 -42.49
CA GLY B 155 35.31 6.67 -43.05
C GLY B 155 34.77 7.71 -42.08
N ARG B 156 34.38 8.88 -42.59
CA ARG B 156 33.86 9.96 -41.77
C ARG B 156 32.86 9.49 -40.71
N SER B 157 33.03 10.00 -39.50
CA SER B 157 32.11 9.70 -38.40
C SER B 157 30.75 10.32 -38.61
N TYR B 158 29.71 9.64 -38.14
CA TYR B 158 28.35 10.17 -38.12
C TYR B 158 28.28 11.61 -37.59
N ILE B 159 27.38 12.39 -38.18
CA ILE B 159 27.20 13.77 -37.74
C ILE B 159 25.76 14.10 -37.39
N PRO B 160 25.53 14.45 -36.12
CA PRO B 160 24.20 14.72 -35.59
C PRO B 160 23.71 16.11 -35.91
N PRO B 161 22.40 16.34 -35.83
CA PRO B 161 21.85 17.69 -36.01
C PRO B 161 22.20 18.49 -34.77
N LYS B 162 22.24 19.80 -34.88
CA LYS B 162 22.75 20.61 -33.78
C LYS B 162 21.92 20.44 -32.51
N PHE B 163 20.63 20.14 -32.66
CA PHE B 163 19.73 20.16 -31.53
C PHE B 163 20.10 19.06 -30.55
N ALA B 164 20.84 18.08 -31.05
CA ALA B 164 21.32 17.00 -30.21
C ALA B 164 22.47 17.40 -29.27
N PHE B 165 23.03 18.60 -29.40
CA PHE B 165 24.03 19.04 -28.43
C PHE B 165 23.38 19.81 -27.30
N GLY B 166 22.05 19.76 -27.28
CA GLY B 166 21.32 20.27 -26.14
C GLY B 166 21.29 19.25 -25.02
N PHE B 167 20.50 19.51 -24.01
CA PHE B 167 20.32 18.55 -22.94
C PHE B 167 19.03 17.76 -23.15
N GLY B 168 19.06 16.48 -22.80
CA GLY B 168 17.90 15.61 -22.99
C GLY B 168 17.50 14.91 -21.70
N GLN B 169 16.20 14.65 -21.54
CA GLN B 169 15.66 14.02 -20.34
C GLN B 169 14.93 12.73 -20.72
N SER B 170 15.06 11.71 -19.88
CA SER B 170 14.58 10.38 -20.22
C SER B 170 14.25 9.51 -18.99
N ARG B 171 13.41 8.49 -19.19
CA ARG B 171 13.05 7.57 -18.11
C ARG B 171 12.27 6.35 -18.59
N TYR B 172 12.75 5.16 -18.23
CA TYR B 172 11.97 3.94 -18.42
C TYR B 172 10.76 4.04 -17.49
N GLY B 173 9.76 4.80 -17.93
CA GLY B 173 8.58 5.04 -17.13
C GLY B 173 7.56 5.86 -17.89
N TYR B 174 8.01 6.97 -18.45
CA TYR B 174 7.14 7.88 -19.20
C TYR B 174 6.20 7.11 -20.13
N THR B 175 4.90 7.22 -19.91
CA THR B 175 3.93 6.41 -20.68
C THR B 175 2.82 7.23 -21.35
N THR B 176 2.32 8.24 -20.64
CA THR B 176 1.17 8.97 -21.13
C THR B 176 1.52 10.40 -21.49
N LYS B 177 0.55 11.13 -22.05
CA LYS B 177 0.73 12.53 -22.32
C LYS B 177 1.03 13.33 -21.06
N GLU B 178 0.35 12.99 -19.96
CA GLU B 178 0.51 13.69 -18.69
C GLU B 178 1.96 13.65 -18.24
N ASP B 179 2.51 12.44 -18.20
CA ASP B 179 3.92 12.27 -17.86
C ASP B 179 4.78 13.23 -18.68
N PHE B 180 4.69 13.12 -20.01
CA PHE B 180 5.51 13.94 -20.88
C PHE B 180 5.30 15.45 -20.68
N ARG B 181 4.04 15.87 -20.62
CA ARG B 181 3.74 17.26 -20.30
C ARG B 181 4.38 17.65 -18.98
N ALA B 182 4.34 16.74 -18.00
CA ALA B 182 4.92 17.04 -16.69
C ALA B 182 6.43 17.29 -16.78
N VAL B 183 7.09 16.59 -17.70
CA VAL B 183 8.51 16.80 -17.88
C VAL B 183 8.68 18.15 -18.54
N ALA B 184 7.81 18.41 -19.52
CA ALA B 184 7.81 19.70 -20.20
C ALA B 184 7.72 20.80 -19.17
N LYS B 185 6.59 20.81 -18.48
CA LYS B 185 6.27 21.84 -17.51
C LYS B 185 7.38 21.97 -16.46
N GLY B 186 7.87 20.83 -15.96
CA GLY B 186 8.87 20.79 -14.92
C GLY B 186 10.17 21.49 -15.32
N TYR B 187 10.58 21.29 -16.56
CA TYR B 187 11.77 21.96 -17.05
C TYR B 187 11.49 23.39 -17.49
N ARG B 188 10.49 23.57 -18.34
CA ARG B 188 10.22 24.92 -18.86
C ARG B 188 9.97 25.93 -17.75
N GLU B 189 9.04 25.61 -16.85
CA GLU B 189 8.64 26.52 -15.78
C GLU B 189 9.80 26.98 -14.93
N ASN B 190 10.81 26.14 -14.82
CA ASN B 190 11.96 26.47 -13.99
C ASN B 190 13.12 26.98 -14.82
N HIS B 191 12.86 27.25 -16.09
CA HIS B 191 13.86 27.86 -16.94
C HIS B 191 15.15 27.06 -16.94
N ILE B 192 15.00 25.74 -16.95
CA ILE B 192 16.13 24.83 -17.08
C ILE B 192 16.26 24.46 -18.55
N PRO B 193 17.41 24.77 -19.16
CA PRO B 193 17.63 24.47 -20.58
C PRO B 193 17.35 23.00 -20.92
N ILE B 194 16.71 22.76 -22.05
CA ILE B 194 16.43 21.41 -22.53
C ILE B 194 15.92 21.43 -23.99
N ASP B 195 16.14 20.32 -24.70
CA ASP B 195 15.79 20.22 -26.10
C ASP B 195 15.14 18.91 -26.46
N MET B 196 15.44 17.87 -25.69
CA MET B 196 14.92 16.53 -25.98
C MET B 196 14.23 15.84 -24.78
N ILE B 197 13.25 15.01 -25.10
CA ILE B 197 12.65 14.13 -24.14
C ILE B 197 12.54 12.80 -24.85
N TYR B 198 13.05 11.75 -24.20
CA TYR B 198 13.12 10.47 -24.87
C TYR B 198 11.87 9.70 -24.55
N MET B 199 11.48 8.80 -25.44
CA MET B 199 10.33 7.94 -25.20
C MET B 199 10.78 6.49 -25.08
N ASP B 200 10.62 5.89 -23.91
CA ASP B 200 11.04 4.51 -23.76
C ASP B 200 9.94 3.55 -24.23
N ILE B 201 10.19 2.25 -24.11
CA ILE B 201 9.36 1.26 -24.81
C ILE B 201 7.85 1.40 -24.58
N ASP B 202 7.46 2.25 -23.65
CA ASP B 202 6.05 2.37 -23.28
C ASP B 202 5.18 3.11 -24.31
N TYR B 203 5.77 4.01 -25.09
CA TYR B 203 4.99 4.77 -26.06
C TYR B 203 4.41 3.83 -27.13
N MET B 204 4.94 2.61 -27.22
CA MET B 204 4.53 1.72 -28.30
C MET B 204 3.18 1.10 -28.02
N GLN B 205 2.65 0.39 -28.99
CA GLN B 205 1.46 -0.39 -28.76
C GLN B 205 1.92 -1.78 -28.38
N ASP B 206 1.92 -2.04 -27.08
CA ASP B 206 2.36 -3.33 -26.57
C ASP B 206 3.78 -3.66 -27.04
N PHE B 207 4.66 -2.66 -27.02
CA PHE B 207 6.06 -2.89 -27.35
C PHE B 207 6.26 -3.30 -28.82
N LYS B 208 5.28 -2.98 -29.65
CA LYS B 208 5.41 -3.25 -31.08
C LYS B 208 6.23 -2.14 -31.74
N ASP B 209 7.33 -2.53 -32.37
CA ASP B 209 8.16 -1.59 -33.12
C ASP B 209 7.34 -0.91 -34.18
N PHE B 210 7.50 0.40 -34.29
CA PHE B 210 6.86 1.19 -35.35
C PHE B 210 5.36 1.32 -35.19
N THR B 211 4.89 1.20 -33.94
CA THR B 211 3.52 1.55 -33.60
C THR B 211 3.58 2.62 -32.52
N VAL B 212 2.43 3.19 -32.19
CA VAL B 212 2.33 4.14 -31.08
C VAL B 212 1.04 3.85 -30.31
N ASN B 213 1.07 4.01 -29.00
CA ASN B 213 -0.10 3.65 -28.18
C ASN B 213 -1.34 4.46 -28.58
N GLU B 214 -2.35 3.77 -29.10
CA GLU B 214 -3.56 4.40 -29.65
C GLU B 214 -4.51 5.00 -28.62
N LYS B 215 -4.60 4.39 -27.44
CA LYS B 215 -5.36 4.96 -26.35
C LYS B 215 -4.58 6.11 -25.74
N ASN B 216 -3.30 5.84 -25.45
CA ASN B 216 -2.40 6.86 -24.93
C ASN B 216 -2.26 8.08 -25.84
N PHE B 217 -2.11 7.82 -27.14
CA PHE B 217 -1.83 8.89 -28.09
C PHE B 217 -2.84 8.86 -29.23
N PRO B 218 -4.05 9.38 -28.97
CA PRO B 218 -5.12 9.40 -29.97
C PRO B 218 -4.60 10.05 -31.24
N ASP B 219 -3.98 11.23 -31.09
CA ASP B 219 -3.49 12.02 -32.21
C ASP B 219 -2.03 12.41 -32.00
N PHE B 220 -1.12 11.48 -32.30
CA PHE B 220 0.29 11.63 -32.01
C PHE B 220 0.99 12.75 -32.77
N PRO B 221 0.79 12.82 -34.10
CA PRO B 221 1.45 13.90 -34.86
C PRO B 221 1.21 15.27 -34.23
N GLU B 222 0.03 15.48 -33.67
CA GLU B 222 -0.30 16.74 -33.00
C GLU B 222 0.42 16.93 -31.66
N PHE B 223 0.41 15.89 -30.82
CA PHE B 223 1.16 15.94 -29.56
C PHE B 223 2.65 16.16 -29.82
N VAL B 224 3.18 15.49 -30.85
CA VAL B 224 4.57 15.68 -31.23
C VAL B 224 4.78 17.15 -31.58
N LYS B 225 3.75 17.76 -32.16
CA LYS B 225 3.78 19.17 -32.51
C LYS B 225 3.65 20.02 -31.25
N GLU B 226 2.76 19.63 -30.33
CA GLU B 226 2.64 20.35 -29.05
C GLU B 226 4.00 20.54 -28.41
N MET B 227 4.82 19.51 -28.50
CA MET B 227 6.15 19.54 -27.90
C MET B 227 7.14 20.33 -28.76
N LYS B 228 7.13 20.08 -30.06
CA LYS B 228 8.10 20.71 -30.96
C LYS B 228 7.99 22.23 -30.95
N ASP B 229 6.77 22.75 -30.86
CA ASP B 229 6.59 24.19 -30.73
C ASP B 229 7.33 24.72 -29.52
N GLN B 230 7.46 23.88 -28.50
CA GLN B 230 8.15 24.23 -27.25
C GLN B 230 9.66 23.99 -27.32
N GLU B 231 10.15 23.69 -28.53
CA GLU B 231 11.55 23.30 -28.69
C GLU B 231 11.87 22.07 -27.85
N LEU B 232 10.97 21.11 -27.90
CA LEU B 232 11.21 19.80 -27.31
C LEU B 232 11.05 18.75 -28.38
N ARG B 233 12.11 17.98 -28.63
CA ARG B 233 12.05 16.94 -29.65
C ARG B 233 12.01 15.51 -29.07
N LEU B 234 10.87 14.86 -29.24
CA LEU B 234 10.69 13.50 -28.75
C LEU B 234 11.57 12.52 -29.53
N ILE B 235 12.35 11.72 -28.81
CA ILE B 235 13.24 10.74 -29.42
C ILE B 235 12.86 9.31 -28.99
N PRO B 236 12.05 8.63 -29.79
CA PRO B 236 11.50 7.32 -29.46
C PRO B 236 12.53 6.21 -29.64
N ILE B 237 12.36 5.13 -28.88
CA ILE B 237 13.32 4.03 -28.90
C ILE B 237 12.85 3.04 -29.93
N ILE B 238 13.77 2.26 -30.47
CA ILE B 238 13.42 1.17 -31.36
C ILE B 238 14.16 -0.10 -30.93
N ASP B 239 13.41 -1.19 -30.78
CA ASP B 239 13.97 -2.45 -30.31
C ASP B 239 14.32 -3.42 -31.40
N ALA B 240 15.25 -4.32 -31.13
CA ALA B 240 15.69 -5.28 -32.12
C ALA B 240 14.60 -6.29 -32.39
N GLY B 241 13.88 -6.67 -31.35
CA GLY B 241 12.88 -7.71 -31.51
C GLY B 241 11.61 -7.15 -32.11
N VAL B 242 11.12 -7.83 -33.14
CA VAL B 242 9.82 -7.52 -33.70
C VAL B 242 8.81 -8.49 -33.09
N LYS B 243 7.85 -7.96 -32.34
CA LYS B 243 6.86 -8.80 -31.65
C LYS B 243 6.17 -9.80 -32.57
N VAL B 244 6.03 -11.03 -32.08
CA VAL B 244 5.23 -12.01 -32.80
C VAL B 244 3.75 -11.78 -32.50
N GLU B 245 2.95 -11.61 -33.53
CA GLU B 245 1.53 -11.33 -33.37
C GLU B 245 0.82 -11.23 -34.72
N LYS B 246 -0.28 -11.97 -34.87
CA LYS B 246 -1.07 -11.94 -36.08
C LYS B 246 -1.73 -10.56 -36.25
N GLY B 247 -1.83 -10.10 -37.49
CA GLY B 247 -2.40 -8.79 -37.76
C GLY B 247 -1.37 -7.66 -37.71
N TYR B 248 -0.33 -7.85 -36.90
CA TYR B 248 0.78 -6.90 -36.81
C TYR B 248 1.50 -6.89 -38.14
N GLU B 249 1.43 -5.76 -38.84
CA GLU B 249 1.93 -5.67 -40.20
C GLU B 249 3.41 -5.99 -40.29
N VAL B 250 4.21 -5.40 -39.41
CA VAL B 250 5.64 -5.66 -39.42
C VAL B 250 5.95 -7.14 -39.32
N TYR B 251 5.23 -7.85 -38.46
CA TYR B 251 5.46 -9.30 -38.31
C TYR B 251 5.06 -10.04 -39.59
N GLU B 252 3.85 -9.78 -40.08
CA GLU B 252 3.36 -10.45 -41.28
C GLU B 252 4.34 -10.37 -42.44
N GLU B 253 4.94 -9.20 -42.63
CA GLU B 253 5.82 -8.95 -43.78
C GLU B 253 7.18 -9.65 -43.60
N GLY B 254 7.72 -9.57 -42.38
CA GLY B 254 8.98 -10.21 -42.09
C GLY B 254 8.86 -11.71 -42.35
N VAL B 255 7.74 -12.28 -41.93
CA VAL B 255 7.53 -13.71 -42.13
C VAL B 255 7.28 -14.05 -43.59
N LYS B 256 6.38 -13.29 -44.23
CA LYS B 256 5.99 -13.58 -45.60
C LYS B 256 7.20 -13.50 -46.53
N ASN B 257 8.07 -12.51 -46.29
CA ASN B 257 9.20 -12.26 -47.16
C ASN B 257 10.54 -12.83 -46.68
N ASN B 258 10.48 -13.76 -45.73
CA ASN B 258 11.69 -14.35 -45.17
C ASN B 258 12.71 -13.30 -44.71
N TYR B 259 12.22 -12.27 -44.04
CA TYR B 259 13.10 -11.21 -43.55
C TYR B 259 13.64 -11.48 -42.12
N PHE B 260 13.16 -12.51 -41.44
CA PHE B 260 13.58 -12.81 -40.05
C PHE B 260 14.69 -13.85 -39.96
N CYS B 261 15.46 -13.82 -38.87
CA CYS B 261 16.49 -14.84 -38.68
C CYS B 261 15.80 -16.16 -38.42
N LYS B 262 16.40 -17.25 -38.87
CA LYS B 262 15.72 -18.54 -38.89
C LYS B 262 16.52 -19.67 -38.26
N ARG B 263 15.81 -20.59 -37.63
CA ARG B 263 16.42 -21.79 -37.10
C ARG B 263 17.04 -22.59 -38.23
N GLU B 264 17.88 -23.56 -37.86
CA GLU B 264 18.53 -24.44 -38.83
C GLU B 264 17.52 -25.04 -39.79
N ASP B 265 16.31 -25.31 -39.29
CA ASP B 265 15.29 -26.02 -40.06
C ASP B 265 14.42 -25.13 -40.95
N GLY B 266 14.74 -23.85 -41.03
CA GLY B 266 13.96 -22.94 -41.84
C GLY B 266 12.89 -22.16 -41.10
N SER B 267 12.55 -22.60 -39.89
CA SER B 267 11.53 -21.90 -39.08
C SER B 267 12.02 -20.54 -38.58
N ASP B 268 11.10 -19.60 -38.40
CA ASP B 268 11.46 -18.28 -37.88
C ASP B 268 11.87 -18.36 -36.40
N PHE B 269 13.13 -18.05 -36.10
CA PHE B 269 13.64 -18.18 -34.73
C PHE B 269 12.90 -17.28 -33.74
N VAL B 270 12.51 -17.83 -32.59
CA VAL B 270 11.78 -17.04 -31.61
CA VAL B 270 11.79 -17.03 -31.62
C VAL B 270 12.64 -16.71 -30.40
N ALA B 271 12.66 -15.43 -30.05
CA ALA B 271 13.38 -14.93 -28.89
C ALA B 271 12.42 -14.06 -28.13
N ALA B 272 12.44 -14.18 -26.81
CA ALA B 272 11.56 -13.41 -25.95
C ALA B 272 12.23 -12.14 -25.48
N VAL B 273 11.50 -11.02 -25.54
CA VAL B 273 11.99 -9.75 -25.06
C VAL B 273 10.78 -9.00 -24.49
N TRP B 274 10.91 -7.69 -24.28
CA TRP B 274 9.81 -6.86 -23.79
C TRP B 274 8.42 -7.27 -24.26
N PRO B 275 8.24 -7.42 -25.59
CA PRO B 275 6.90 -7.66 -26.14
C PRO B 275 6.42 -9.09 -25.88
N GLY B 276 7.35 -9.97 -25.52
CA GLY B 276 7.06 -11.39 -25.46
C GLY B 276 7.89 -12.09 -26.52
N ASP B 277 7.32 -13.12 -27.15
CA ASP B 277 7.99 -13.72 -28.29
C ASP B 277 8.16 -12.69 -29.42
N THR B 278 9.34 -12.67 -30.01
CA THR B 278 9.61 -11.80 -31.14
C THR B 278 10.38 -12.57 -32.23
N HIS B 279 10.48 -12.01 -33.41
CA HIS B 279 11.50 -12.48 -34.33
C HIS B 279 12.54 -11.37 -34.48
N PHE B 280 13.76 -11.74 -34.89
CA PHE B 280 14.79 -10.76 -35.19
C PHE B 280 14.90 -10.57 -36.71
N PRO B 281 14.76 -9.31 -37.17
CA PRO B 281 15.01 -8.94 -38.56
C PRO B 281 16.43 -9.35 -38.95
N ASP B 282 16.59 -10.01 -40.09
CA ASP B 282 17.89 -10.51 -40.54
C ASP B 282 18.85 -9.38 -40.98
N MET B 283 19.46 -8.70 -40.01
CA MET B 283 20.23 -7.49 -40.28
C MET B 283 21.41 -7.71 -41.22
N LEU B 284 21.80 -8.97 -41.43
CA LEU B 284 22.92 -9.19 -42.34
C LEU B 284 22.44 -9.41 -43.78
N ASN B 285 21.14 -9.29 -43.98
CA ASN B 285 20.56 -9.41 -45.31
C ASN B 285 20.10 -8.07 -45.85
N PRO B 286 20.74 -7.60 -46.94
CA PRO B 286 20.43 -6.31 -47.57
C PRO B 286 18.94 -6.04 -47.74
N GLU B 287 18.23 -6.90 -48.45
CA GLU B 287 16.78 -6.72 -48.63
C GLU B 287 16.10 -6.55 -47.28
N ALA B 288 16.50 -7.37 -46.31
CA ALA B 288 15.97 -7.29 -44.95
C ALA B 288 16.32 -5.95 -44.30
N ARG B 289 17.59 -5.59 -44.41
CA ARG B 289 18.08 -4.33 -43.86
C ARG B 289 17.32 -3.13 -44.41
N LYS B 290 17.05 -3.13 -45.71
CA LYS B 290 16.32 -2.02 -46.30
C LYS B 290 14.85 -2.04 -45.88
N TRP B 291 14.25 -3.21 -45.84
CA TRP B 291 12.87 -3.30 -45.40
C TRP B 291 12.71 -2.77 -43.96
N PHE B 292 13.68 -3.08 -43.11
CA PHE B 292 13.55 -2.71 -41.70
C PHE B 292 13.78 -1.22 -41.56
N GLY B 293 14.85 -0.73 -42.18
CA GLY B 293 15.15 0.69 -42.19
C GLY B 293 13.96 1.52 -42.65
N ASP B 294 13.39 1.17 -43.79
CA ASP B 294 12.26 1.92 -44.35
C ASP B 294 11.12 2.09 -43.34
N LYS B 295 10.98 1.15 -42.41
CA LYS B 295 9.93 1.20 -41.41
C LYS B 295 9.95 2.48 -40.57
N TYR B 296 11.14 3.04 -40.38
CA TYR B 296 11.28 4.30 -39.65
C TYR B 296 10.41 5.43 -40.21
N ARG B 297 10.11 5.39 -41.51
CA ARG B 297 9.27 6.42 -42.13
C ARG B 297 8.06 6.70 -41.26
N PHE B 298 7.38 5.63 -40.84
CA PHE B 298 6.23 5.72 -39.95
C PHE B 298 6.37 6.86 -38.94
N LEU B 299 7.43 6.82 -38.14
CA LEU B 299 7.64 7.84 -37.12
C LEU B 299 8.12 9.16 -37.72
N ILE B 300 8.92 9.08 -38.78
CA ILE B 300 9.47 10.31 -39.35
C ILE B 300 8.35 11.16 -39.93
N ASP B 301 7.42 10.52 -40.65
CA ASP B 301 6.28 11.22 -41.25
C ASP B 301 5.31 11.78 -40.20
N GLN B 302 5.64 11.58 -38.93
CA GLN B 302 4.83 12.13 -37.85
C GLN B 302 5.52 13.30 -37.18
N GLY B 303 6.75 13.59 -37.60
CA GLY B 303 7.49 14.73 -37.07
C GLY B 303 8.68 14.41 -36.17
N ILE B 304 8.98 13.12 -36.03
CA ILE B 304 10.11 12.66 -35.22
C ILE B 304 11.43 12.92 -35.94
N GLU B 305 12.45 13.38 -35.21
CA GLU B 305 13.71 13.78 -35.84
C GLU B 305 14.94 13.07 -35.29
N GLY B 306 14.72 11.92 -34.66
CA GLY B 306 15.82 11.17 -34.08
C GLY B 306 15.33 9.90 -33.42
N PHE B 307 16.26 9.00 -33.12
CA PHE B 307 15.95 7.68 -32.58
C PHE B 307 17.09 7.10 -31.75
N TRP B 308 16.75 6.09 -30.94
CA TRP B 308 17.77 5.26 -30.31
C TRP B 308 17.41 3.77 -30.47
N ASN B 309 18.41 2.98 -30.86
CA ASN B 309 18.25 1.55 -31.08
C ASN B 309 18.79 0.76 -29.88
N ASP B 310 17.93 -0.06 -29.30
CA ASP B 310 18.20 -0.77 -28.05
C ASP B 310 18.14 -2.29 -28.22
N MET B 311 18.66 -3.01 -27.23
CA MET B 311 18.52 -4.47 -27.15
C MET B 311 19.11 -5.19 -28.35
N ASN B 312 20.08 -4.57 -29.00
CA ASN B 312 20.48 -5.03 -30.33
C ASN B 312 21.79 -5.80 -30.36
N GLU B 313 22.15 -6.39 -29.23
CA GLU B 313 23.28 -7.31 -29.21
C GLU B 313 23.11 -8.50 -30.18
N PRO B 314 21.89 -9.06 -30.30
CA PRO B 314 20.59 -8.75 -29.70
C PRO B 314 20.40 -9.47 -28.37
N ALA B 315 19.65 -8.83 -27.48
CA ALA B 315 19.41 -9.34 -26.17
C ALA B 315 18.30 -10.36 -26.25
N ILE B 316 18.42 -11.44 -25.49
CA ILE B 316 17.40 -12.49 -25.45
C ILE B 316 17.06 -12.88 -24.00
N PHE B 317 15.80 -12.71 -23.60
CA PHE B 317 15.38 -13.08 -22.26
C PHE B 317 15.40 -14.59 -22.12
N TYR B 318 14.94 -15.23 -23.19
CA TYR B 318 14.97 -16.67 -23.31
C TYR B 318 14.43 -17.03 -24.66
N SER B 319 14.82 -18.19 -25.16
CA SER B 319 14.28 -18.68 -26.42
C SER B 319 13.17 -19.66 -26.08
N SER B 320 12.46 -20.11 -27.10
CA SER B 320 11.44 -21.13 -26.90
C SER B 320 12.05 -22.43 -26.36
N GLU B 321 13.24 -22.75 -26.86
CA GLU B 321 13.94 -23.95 -26.47
C GLU B 321 14.38 -23.81 -25.00
N GLY B 322 14.71 -22.58 -24.63
CA GLY B 322 15.20 -22.29 -23.30
C GLY B 322 14.10 -22.31 -22.25
N LEU B 323 12.94 -21.74 -22.60
CA LEU B 323 11.81 -21.78 -21.69
C LEU B 323 11.43 -23.23 -21.40
N ALA B 324 11.19 -24.01 -22.45
CA ALA B 324 10.81 -25.41 -22.28
C ALA B 324 11.79 -26.13 -21.36
N GLU B 325 13.08 -25.97 -21.62
CA GLU B 325 14.12 -26.61 -20.81
C GLU B 325 14.02 -26.16 -19.38
N ALA B 326 13.70 -24.89 -19.17
CA ALA B 326 13.56 -24.35 -17.83
C ALA B 326 12.33 -24.89 -17.11
N LYS B 327 11.19 -24.91 -17.79
CA LYS B 327 9.97 -25.40 -17.17
C LYS B 327 10.11 -26.88 -16.80
N GLU B 328 10.77 -27.63 -17.65
CA GLU B 328 10.99 -29.05 -17.38
C GLU B 328 11.93 -29.23 -16.20
N PHE B 329 12.83 -28.27 -15.98
CA PHE B 329 13.71 -28.38 -14.82
C PHE B 329 12.95 -27.97 -13.58
N ALA B 330 12.15 -26.91 -13.68
CA ALA B 330 11.28 -26.51 -12.60
C ALA B 330 10.44 -27.69 -12.10
N GLY B 331 9.99 -28.52 -13.03
CA GLY B 331 9.21 -29.69 -12.67
C GLY B 331 9.98 -30.66 -11.78
N GLU B 332 11.12 -31.12 -12.27
CA GLU B 332 11.98 -31.98 -11.47
C GLU B 332 12.18 -31.40 -10.08
N PHE B 333 12.49 -30.12 -10.01
CA PHE B 333 12.71 -29.45 -8.73
C PHE B 333 11.46 -29.51 -7.87
N ALA B 334 10.33 -29.15 -8.46
CA ALA B 334 9.06 -29.10 -7.73
C ALA B 334 8.75 -30.41 -7.02
N LYS B 335 8.81 -31.50 -7.77
CA LYS B 335 8.41 -32.79 -7.26
C LYS B 335 9.54 -33.50 -6.50
N ASP B 336 10.70 -32.86 -6.44
CA ASP B 336 11.85 -33.49 -5.78
C ASP B 336 11.67 -33.51 -4.27
N THR B 337 11.46 -34.70 -3.74
CA THR B 337 11.18 -34.86 -2.32
C THR B 337 12.46 -35.15 -1.55
N GLU B 338 13.49 -35.63 -2.24
CA GLU B 338 14.72 -36.07 -1.60
C GLU B 338 15.85 -35.03 -1.55
N GLY B 339 15.60 -33.83 -2.07
CA GLY B 339 16.63 -32.81 -2.07
C GLY B 339 17.72 -33.08 -3.10
N LYS B 340 17.40 -33.95 -4.05
CA LYS B 340 18.29 -34.22 -5.17
C LYS B 340 18.67 -32.92 -5.87
N ILE B 341 17.69 -32.02 -5.98
CA ILE B 341 17.87 -30.79 -6.75
C ILE B 341 17.93 -29.55 -5.87
N HIS B 342 19.15 -29.08 -5.62
CA HIS B 342 19.43 -27.86 -4.86
C HIS B 342 18.69 -26.67 -5.49
N PRO B 343 18.25 -25.71 -4.66
CA PRO B 343 17.69 -24.46 -5.19
C PRO B 343 18.72 -23.67 -6.00
N TRP B 344 19.99 -23.78 -5.63
CA TRP B 344 21.06 -23.13 -6.37
C TRP B 344 21.10 -23.55 -7.83
N ALA B 345 20.83 -24.83 -8.10
CA ALA B 345 20.83 -25.33 -9.47
C ALA B 345 19.62 -24.79 -10.22
N MET B 346 18.50 -24.71 -9.52
CA MET B 346 17.30 -24.12 -10.08
C MET B 346 17.59 -22.70 -10.47
N GLN B 347 18.13 -21.94 -9.52
CA GLN B 347 18.41 -20.54 -9.74
C GLN B 347 19.40 -20.38 -10.88
N ALA B 348 20.39 -21.26 -10.94
CA ALA B 348 21.41 -21.21 -11.97
C ALA B 348 20.81 -21.44 -13.36
N LYS B 349 19.77 -22.25 -13.43
CA LYS B 349 19.11 -22.53 -14.71
C LYS B 349 18.34 -21.31 -15.22
N MET B 350 17.66 -20.60 -14.32
CA MET B 350 16.97 -19.36 -14.65
C MET B 350 17.92 -18.35 -15.26
N LYS B 351 19.12 -18.26 -14.69
CA LYS B 351 20.11 -17.31 -15.15
C LYS B 351 20.68 -17.76 -16.49
N ASP B 352 20.77 -19.07 -16.68
CA ASP B 352 21.42 -19.60 -17.86
C ASP B 352 20.66 -19.27 -19.16
N ILE B 353 19.33 -19.22 -19.07
CA ILE B 353 18.51 -19.07 -20.27
C ILE B 353 18.57 -17.67 -20.85
N VAL B 354 19.09 -16.72 -20.08
CA VAL B 354 19.19 -15.32 -20.51
C VAL B 354 20.49 -15.06 -21.25
N ASN B 355 20.38 -14.56 -22.48
CA ASN B 355 21.56 -14.28 -23.30
C ASN B 355 22.39 -15.55 -23.47
N SER B 356 21.70 -16.67 -23.60
CA SER B 356 22.31 -17.99 -23.63
C SER B 356 23.16 -18.16 -24.88
N PRO B 357 24.47 -18.32 -24.69
CA PRO B 357 25.39 -18.55 -25.81
C PRO B 357 24.82 -19.60 -26.75
N GLU B 358 24.09 -20.55 -26.19
CA GLU B 358 23.49 -21.59 -26.99
C GLU B 358 22.42 -21.04 -27.95
N ASP B 359 21.64 -20.06 -27.52
CA ASP B 359 20.63 -19.52 -28.41
C ASP B 359 21.31 -18.88 -29.61
N TYR B 360 22.39 -18.17 -29.33
CA TYR B 360 23.17 -17.51 -30.38
C TYR B 360 23.75 -18.52 -31.37
N LYS B 361 23.62 -19.81 -31.07
CA LYS B 361 23.99 -20.86 -32.01
C LYS B 361 22.77 -21.38 -32.76
N ARG B 362 21.58 -20.95 -32.34
CA ARG B 362 20.36 -21.53 -32.86
C ARG B 362 19.71 -20.78 -34.04
N PHE B 363 20.25 -19.62 -34.40
CA PHE B 363 19.73 -18.90 -35.56
C PHE B 363 20.79 -18.43 -36.54
N TYR B 364 20.35 -18.23 -37.77
CA TYR B 364 21.23 -18.00 -38.90
C TYR B 364 20.93 -16.70 -39.61
N HIS B 365 21.93 -16.20 -40.30
CA HIS B 365 21.77 -15.06 -41.16
C HIS B 365 21.88 -15.54 -42.62
N ASN B 366 20.99 -15.04 -43.47
CA ASN B 366 21.01 -15.36 -44.91
C ASN B 366 21.74 -14.30 -45.69
N VAL B 367 23.03 -14.49 -45.89
CA VAL B 367 23.84 -13.47 -46.53
C VAL B 367 23.94 -13.72 -48.01
N ASN B 368 22.94 -13.23 -48.75
CA ASN B 368 22.84 -13.44 -50.19
C ASN B 368 23.22 -14.86 -50.57
N GLY B 369 22.42 -15.83 -50.14
CA GLY B 369 22.65 -17.21 -50.51
C GLY B 369 23.09 -18.13 -49.37
N LYS B 370 24.29 -17.91 -48.85
CA LYS B 370 24.85 -18.81 -47.86
C LYS B 370 24.41 -18.42 -46.45
N LYS B 371 23.82 -19.38 -45.74
CA LYS B 371 23.39 -19.16 -44.37
C LYS B 371 24.58 -19.27 -43.42
N ILE B 372 24.68 -18.31 -42.50
CA ILE B 372 25.80 -18.21 -41.57
C ILE B 372 25.27 -18.22 -40.13
N ARG B 373 25.81 -19.11 -39.29
CA ARG B 373 25.32 -19.24 -37.93
C ARG B 373 25.63 -17.95 -37.19
N HIS B 374 24.62 -17.45 -36.46
CA HIS B 374 24.71 -16.10 -35.96
C HIS B 374 25.95 -15.86 -35.11
N ASP B 375 26.27 -16.82 -34.25
CA ASP B 375 27.40 -16.69 -33.35
C ASP B 375 28.69 -16.38 -34.11
N LYS B 376 28.75 -16.83 -35.36
CA LYS B 376 29.91 -16.60 -36.20
C LYS B 376 30.00 -15.14 -36.63
N VAL B 377 28.88 -14.44 -36.61
CA VAL B 377 28.87 -13.01 -36.92
C VAL B 377 28.18 -12.19 -35.83
N HIS B 378 28.33 -12.62 -34.59
CA HIS B 378 27.60 -12.03 -33.47
C HIS B 378 27.78 -10.52 -33.24
N ASN B 379 29.02 -10.04 -33.28
CA ASN B 379 29.28 -8.63 -33.03
C ASN B 379 28.78 -7.69 -34.12
N LEU B 380 28.15 -8.25 -35.16
CA LEU B 380 27.72 -7.43 -36.28
C LEU B 380 26.26 -7.00 -36.18
N PHE B 381 25.50 -7.64 -35.30
CA PHE B 381 24.05 -7.48 -35.38
C PHE B 381 23.66 -6.04 -35.21
N GLY B 382 24.10 -5.46 -34.10
CA GLY B 382 23.73 -4.09 -33.74
C GLY B 382 24.24 -3.07 -34.73
N TYR B 383 25.46 -3.30 -35.22
CA TYR B 383 26.07 -2.48 -36.26
C TYR B 383 25.19 -2.42 -37.52
N ASN B 384 24.75 -3.56 -38.01
CA ASN B 384 23.91 -3.59 -39.20
C ASN B 384 22.45 -3.19 -38.95
N MET B 385 22.03 -3.15 -37.69
CA MET B 385 20.69 -2.64 -37.40
C MET B 385 20.72 -1.14 -37.51
N THR B 386 21.78 -0.53 -36.99
CA THR B 386 21.90 0.91 -37.05
C THR B 386 22.16 1.28 -38.51
N ARG B 387 22.92 0.45 -39.20
CA ARG B 387 23.19 0.67 -40.63
C ARG B 387 21.88 0.65 -41.40
N ALA B 388 20.96 -0.21 -41.01
CA ALA B 388 19.64 -0.25 -41.64
C ALA B 388 18.95 1.09 -41.46
N ALA B 389 18.90 1.57 -40.22
CA ALA B 389 18.25 2.86 -39.96
C ALA B 389 18.92 3.98 -40.75
N GLY B 390 20.25 4.03 -40.72
CA GLY B 390 20.99 5.10 -41.36
C GLY B 390 20.75 5.20 -42.86
N GLU B 391 21.02 4.11 -43.58
CA GLU B 391 20.83 4.09 -45.03
C GLU B 391 19.42 4.48 -45.36
N ALA B 392 18.48 4.09 -44.50
CA ALA B 392 17.08 4.43 -44.69
C ALA B 392 16.86 5.94 -44.64
N PHE B 393 17.47 6.60 -43.65
CA PHE B 393 17.32 8.05 -43.48
C PHE B 393 17.63 8.79 -44.78
N GLU B 394 18.71 8.37 -45.44
CA GLU B 394 19.16 9.04 -46.65
C GLU B 394 18.23 8.80 -47.84
N ARG B 395 17.56 7.65 -47.87
CA ARG B 395 16.55 7.44 -48.90
C ARG B 395 15.31 8.28 -48.59
N ILE B 396 15.00 8.42 -47.30
CA ILE B 396 13.76 9.07 -46.87
C ILE B 396 13.81 10.60 -46.95
N ASP B 397 14.88 11.18 -46.43
CA ASP B 397 15.24 12.58 -46.72
C ASP B 397 16.75 12.80 -46.64
N PRO B 398 17.38 13.00 -47.81
CA PRO B 398 18.83 13.08 -47.95
C PRO B 398 19.41 14.38 -47.42
N GLU B 399 18.62 15.45 -47.36
CA GLU B 399 19.15 16.74 -46.93
C GLU B 399 19.35 16.83 -45.42
N LYS B 400 18.47 16.15 -44.68
CA LYS B 400 18.32 16.40 -43.25
C LYS B 400 19.11 15.43 -42.38
N ARG B 401 19.69 15.95 -41.30
CA ARG B 401 20.40 15.12 -40.32
C ARG B 401 19.44 14.58 -39.29
N PHE B 402 19.57 13.30 -38.98
CA PHE B 402 18.77 12.71 -37.92
C PHE B 402 19.58 12.37 -36.69
N LEU B 403 18.96 12.49 -35.51
CA LEU B 403 19.61 12.00 -34.30
C LEU B 403 19.53 10.47 -34.32
N MET B 404 20.67 9.82 -34.23
CA MET B 404 20.68 8.36 -34.20
C MET B 404 21.79 7.82 -33.31
N PHE B 405 21.40 6.99 -32.35
CA PHE B 405 22.41 6.24 -31.61
C PHE B 405 21.92 4.88 -31.14
N SER B 406 22.87 4.01 -30.83
CA SER B 406 22.60 2.60 -30.61
C SER B 406 23.36 2.13 -29.36
N ARG B 407 22.99 0.98 -28.80
CA ARG B 407 23.73 0.44 -27.66
C ARG B 407 24.89 -0.45 -28.13
N SER B 408 24.54 -1.54 -28.82
CA SER B 408 25.55 -2.41 -29.40
C SER B 408 26.14 -1.77 -30.66
N SER B 409 27.33 -2.20 -31.05
CA SER B 409 28.03 -1.55 -32.14
C SER B 409 29.32 -2.26 -32.47
N TYR B 410 29.80 -2.03 -33.69
CA TYR B 410 31.03 -2.60 -34.17
C TYR B 410 31.65 -1.55 -35.06
N ILE B 411 32.97 -1.48 -35.09
CA ILE B 411 33.60 -0.46 -35.92
C ILE B 411 33.04 -0.47 -37.35
N GLY B 412 32.61 0.70 -37.79
CA GLY B 412 31.89 0.83 -39.05
C GLY B 412 30.49 1.37 -38.82
N MET B 413 29.96 1.13 -37.63
CA MET B 413 28.64 1.64 -37.29
C MET B 413 28.76 3.12 -37.00
N HIS B 414 29.98 3.58 -36.75
CA HIS B 414 30.20 4.97 -36.39
C HIS B 414 29.82 5.85 -37.55
N ARG B 415 29.75 5.29 -38.75
CA ARG B 415 29.41 6.12 -39.91
C ARG B 415 27.92 6.47 -39.92
N TYR B 416 27.13 5.64 -39.24
CA TYR B 416 25.67 5.76 -39.31
C TYR B 416 25.01 6.24 -38.02
N GLY B 417 25.73 6.19 -36.91
CA GLY B 417 25.17 6.65 -35.66
C GLY B 417 26.15 6.69 -34.51
N GLY B 418 25.70 7.22 -33.38
CA GLY B 418 26.49 7.25 -32.17
C GLY B 418 26.10 6.11 -31.26
N ILE B 419 26.63 6.12 -30.03
CA ILE B 419 26.21 5.15 -29.03
C ILE B 419 26.17 5.82 -27.68
N TRP B 420 25.35 5.27 -26.78
CA TRP B 420 25.41 5.61 -25.37
C TRP B 420 25.92 4.38 -24.65
N MET B 421 26.46 4.60 -23.45
CA MET B 421 27.26 3.58 -22.81
C MET B 421 26.41 2.59 -22.04
N GLY B 422 25.10 2.63 -22.30
CA GLY B 422 24.19 1.61 -21.82
C GLY B 422 23.75 1.71 -20.37
N ASP B 423 23.49 0.56 -19.77
CA ASP B 423 22.94 0.47 -18.41
C ASP B 423 24.01 0.65 -17.34
N ASN B 424 24.51 1.87 -17.17
CA ASN B 424 25.37 2.14 -16.02
C ASN B 424 24.57 2.20 -14.72
N LYS B 425 25.19 2.68 -13.65
CA LYS B 425 24.55 2.73 -12.34
C LYS B 425 24.86 4.02 -11.58
N SER B 426 23.92 4.43 -10.74
CA SER B 426 24.12 5.61 -9.92
C SER B 426 25.21 5.33 -8.88
N TRP B 427 26.44 5.21 -9.38
CA TRP B 427 27.63 5.05 -8.56
C TRP B 427 28.58 6.15 -8.94
N TRP B 428 29.29 6.68 -7.96
CA TRP B 428 30.35 7.65 -8.20
C TRP B 428 31.42 7.09 -9.15
N SER B 429 31.72 5.81 -9.01
CA SER B 429 32.71 5.16 -9.88
C SER B 429 32.32 5.15 -11.36
N HIS B 430 31.04 5.27 -11.65
CA HIS B 430 30.63 5.24 -13.04
C HIS B 430 30.84 6.59 -13.74
N ILE B 431 30.98 7.67 -12.97
CA ILE B 431 31.32 8.97 -13.54
C ILE B 431 32.68 8.84 -14.21
N LEU B 432 33.63 8.25 -13.50
CA LEU B 432 34.95 8.01 -14.06
C LEU B 432 34.91 7.03 -15.23
N LEU B 433 34.06 6.02 -15.12
CA LEU B 433 33.98 5.01 -16.17
C LEU B 433 33.52 5.66 -17.49
N ASN B 434 32.55 6.56 -17.39
CA ASN B 434 32.05 7.33 -18.54
C ASN B 434 33.13 8.28 -19.09
N LEU B 435 33.98 8.79 -18.21
CA LEU B 435 35.08 9.66 -18.61
C LEU B 435 36.11 8.87 -19.43
N LYS B 436 36.54 7.75 -18.88
CA LYS B 436 37.61 6.93 -19.49
C LYS B 436 37.25 6.30 -20.82
N MET B 437 35.96 6.11 -21.08
CA MET B 437 35.55 5.46 -22.31
C MET B 437 35.63 6.43 -23.48
N LEU B 438 35.52 7.72 -23.18
CA LEU B 438 35.48 8.75 -24.20
C LEU B 438 36.61 8.69 -25.24
N PRO B 439 37.86 8.76 -24.78
CA PRO B 439 39.00 8.78 -25.69
C PRO B 439 38.98 7.52 -26.54
N SER B 440 38.74 6.39 -25.89
CA SER B 440 38.83 5.12 -26.59
C SER B 440 37.79 5.03 -27.71
N LEU B 441 36.55 5.42 -27.39
CA LEU B 441 35.48 5.43 -28.36
C LEU B 441 35.80 6.40 -29.51
N ASN B 442 36.43 7.52 -29.19
CA ASN B 442 36.89 8.42 -30.24
C ASN B 442 37.89 7.78 -31.22
N MET B 443 38.79 6.96 -30.70
CA MET B 443 39.82 6.35 -31.53
C MET B 443 39.20 5.39 -32.53
N CYS B 444 37.99 4.94 -32.23
CA CYS B 444 37.31 3.97 -33.08
C CYS B 444 36.20 4.61 -33.90
N GLY B 445 36.22 5.93 -34.01
CA GLY B 445 35.27 6.63 -34.86
C GLY B 445 34.01 7.11 -34.16
N PHE B 446 33.75 6.61 -32.96
CA PHE B 446 32.53 6.97 -32.26
C PHE B 446 32.67 8.26 -31.43
N MET B 447 32.23 9.35 -32.01
CA MET B 447 32.36 10.65 -31.37
C MET B 447 31.09 11.06 -30.66
N TYR B 448 29.93 10.81 -31.26
CA TYR B 448 28.70 11.15 -30.57
C TYR B 448 28.37 10.09 -29.51
N THR B 449 28.86 10.31 -28.29
CA THR B 449 28.65 9.37 -27.20
C THR B 449 28.41 10.09 -25.88
N GLY B 450 27.63 9.45 -25.02
CA GLY B 450 27.45 9.87 -23.64
C GLY B 450 27.05 8.68 -22.78
N ALA B 451 26.87 8.94 -21.48
CA ALA B 451 26.38 7.94 -20.54
C ALA B 451 25.11 8.46 -19.86
N ASP B 452 24.30 7.54 -19.32
CA ASP B 452 23.13 7.92 -18.55
C ASP B 452 23.53 8.71 -17.31
N LEU B 453 23.29 10.03 -17.34
CA LEU B 453 23.71 10.94 -16.29
C LEU B 453 22.76 10.75 -15.13
N GLY B 454 23.34 10.69 -13.93
CA GLY B 454 22.58 10.38 -12.74
C GLY B 454 22.69 8.91 -12.41
N GLY B 455 23.08 8.14 -13.43
CA GLY B 455 23.21 6.71 -13.31
C GLY B 455 21.89 6.07 -13.68
N PHE B 456 21.92 5.11 -14.59
CA PHE B 456 20.70 4.43 -15.01
C PHE B 456 20.09 3.61 -13.86
N GLY B 457 20.86 2.65 -13.36
CA GLY B 457 20.37 1.76 -12.32
C GLY B 457 20.49 2.34 -10.92
N ASP B 458 19.65 1.83 -10.02
CA ASP B 458 19.68 2.19 -8.59
C ASP B 458 19.22 3.63 -8.32
N ASP B 459 19.39 4.11 -7.10
CA ASP B 459 18.89 5.42 -6.72
C ASP B 459 20.04 6.42 -6.66
N THR B 460 19.85 7.57 -7.28
CA THR B 460 20.90 8.58 -7.32
C THR B 460 20.69 9.51 -6.14
N THR B 461 21.66 10.39 -5.87
CA THR B 461 21.45 11.47 -4.90
C THR B 461 21.59 12.82 -5.59
N ARG B 462 21.22 13.89 -4.88
CA ARG B 462 21.34 15.23 -5.42
C ARG B 462 22.75 15.56 -5.93
N ASP B 463 23.76 15.34 -5.09
CA ASP B 463 25.15 15.65 -5.46
C ASP B 463 25.67 14.75 -6.58
N LEU B 464 25.32 13.46 -6.56
CA LEU B 464 25.79 12.60 -7.62
C LEU B 464 25.26 13.09 -8.97
N LEU B 465 23.97 13.42 -9.03
CA LEU B 465 23.36 13.84 -10.29
C LEU B 465 24.03 15.07 -10.85
N LEU B 466 24.29 16.05 -9.97
CA LEU B 466 24.98 17.28 -10.37
C LEU B 466 26.41 17.02 -10.85
N ARG B 467 27.19 16.18 -10.17
CA ARG B 467 28.54 15.92 -10.64
C ARG B 467 28.53 15.15 -11.95
N PHE B 468 27.47 14.39 -12.19
CA PHE B 468 27.30 13.69 -13.45
C PHE B 468 27.03 14.72 -14.56
N LEU B 469 26.07 15.62 -14.32
CA LEU B 469 25.74 16.68 -15.30
C LEU B 469 26.97 17.48 -15.69
N ALA B 470 27.86 17.73 -14.73
CA ALA B 470 29.04 18.54 -14.96
C ALA B 470 30.05 17.84 -15.85
N LEU B 471 30.00 16.52 -15.91
CA LEU B 471 30.79 15.82 -16.90
C LEU B 471 30.02 15.91 -18.20
N GLY B 472 28.73 15.59 -18.11
CA GLY B 472 27.81 15.59 -19.25
C GLY B 472 27.82 16.85 -20.10
N VAL B 473 28.09 17.98 -19.45
CA VAL B 473 28.30 19.23 -20.12
C VAL B 473 29.20 19.09 -21.34
N PHE B 474 30.20 18.21 -21.26
CA PHE B 474 31.22 18.12 -22.30
C PHE B 474 31.02 16.96 -23.28
N THR B 475 30.18 15.99 -22.92
CA THR B 475 29.96 14.84 -23.79
C THR B 475 28.81 15.07 -24.77
N PRO B 476 29.08 14.90 -26.07
CA PRO B 476 28.14 15.33 -27.10
C PRO B 476 26.71 14.85 -26.80
N LEU B 477 26.59 13.61 -26.36
CA LEU B 477 25.30 13.15 -25.84
C LEU B 477 25.23 13.48 -24.33
N MET B 478 24.33 14.40 -23.98
CA MET B 478 24.11 14.75 -22.57
C MET B 478 22.67 14.40 -22.20
N ARG B 479 22.50 13.26 -21.54
CA ARG B 479 21.18 12.71 -21.32
C ARG B 479 21.02 12.17 -19.90
N ASP B 480 19.90 12.54 -19.30
CA ASP B 480 19.53 12.08 -17.97
C ASP B 480 18.53 10.93 -18.17
N HIS B 481 18.96 9.71 -17.85
CA HIS B 481 18.10 8.55 -18.01
C HIS B 481 18.11 7.68 -16.74
N ALA B 482 16.99 7.01 -16.45
CA ALA B 482 16.82 6.30 -15.18
C ALA B 482 15.98 5.04 -15.31
N ALA B 483 16.25 4.04 -14.47
CA ALA B 483 15.57 2.75 -14.59
C ALA B 483 14.15 2.79 -14.03
N GLU B 484 13.37 1.75 -14.32
CA GLU B 484 12.00 1.66 -13.83
C GLU B 484 11.98 1.47 -12.32
N GLY B 485 11.32 2.37 -11.62
CA GLY B 485 11.17 2.24 -10.18
C GLY B 485 12.31 2.86 -9.40
N THR B 486 13.26 3.45 -10.11
CA THR B 486 14.34 4.20 -9.44
C THR B 486 13.81 5.52 -8.88
N ARG B 487 14.56 6.11 -7.97
CA ARG B 487 14.21 7.42 -7.45
C ARG B 487 14.13 8.34 -8.66
N GLU B 488 13.23 9.33 -8.60
CA GLU B 488 13.07 10.28 -9.70
C GLU B 488 14.31 11.16 -9.82
N GLN B 489 14.92 11.23 -11.00
CA GLN B 489 16.10 12.06 -11.13
C GLN B 489 16.03 13.20 -12.15
N GLU B 490 14.81 13.57 -12.55
CA GLU B 490 14.61 14.80 -13.30
C GLU B 490 15.13 15.91 -12.40
N CYS B 491 15.85 16.86 -12.99
CA CYS B 491 16.45 17.97 -12.24
C CYS B 491 15.49 18.73 -11.33
N TYR B 492 14.20 18.73 -11.66
CA TYR B 492 13.23 19.48 -10.86
C TYR B 492 12.76 18.74 -9.61
N GLN B 493 13.22 17.49 -9.46
CA GLN B 493 12.84 16.65 -8.34
C GLN B 493 13.81 16.78 -7.17
N PHE B 494 14.48 17.93 -7.07
CA PHE B 494 15.49 18.12 -6.02
C PHE B 494 15.45 19.55 -5.52
N GLU B 495 15.68 19.72 -4.21
CA GLU B 495 15.70 21.05 -3.63
C GLU B 495 16.75 21.94 -4.31
N ASN B 496 16.58 23.25 -4.15
CA ASN B 496 17.49 24.25 -4.72
C ASN B 496 17.77 24.08 -6.22
N ILE B 497 16.69 23.97 -6.97
CA ILE B 497 16.73 23.68 -8.40
C ILE B 497 17.69 24.56 -9.22
N GLU B 498 18.06 25.72 -8.69
CA GLU B 498 18.93 26.67 -9.39
C GLU B 498 20.37 26.19 -9.54
N ASP B 499 20.70 25.09 -8.89
CA ASP B 499 22.03 24.55 -9.09
C ASP B 499 22.06 23.66 -10.32
N PHE B 500 20.90 23.12 -10.69
CA PHE B 500 20.79 22.35 -11.94
C PHE B 500 20.65 23.31 -13.15
N ARG B 501 20.06 24.47 -12.93
CA ARG B 501 19.97 25.50 -13.96
C ARG B 501 21.36 26.12 -14.19
N SER B 502 22.11 26.32 -13.11
CA SER B 502 23.50 26.74 -13.21
C SER B 502 24.33 25.79 -14.06
N VAL B 503 24.29 24.50 -13.74
CA VAL B 503 25.16 23.53 -14.40
C VAL B 503 24.84 23.35 -15.88
N ILE B 504 23.57 23.08 -16.16
CA ILE B 504 23.08 22.94 -17.53
C ILE B 504 23.10 24.26 -18.32
N ASN B 505 23.28 25.40 -17.64
CA ASN B 505 23.55 26.66 -18.34
C ASN B 505 24.94 26.58 -18.95
N ALA B 506 25.87 26.03 -18.20
CA ALA B 506 27.24 25.91 -18.68
C ALA B 506 27.27 25.15 -20.01
N ARG B 507 26.40 24.14 -20.13
CA ARG B 507 26.29 23.37 -21.38
C ARG B 507 25.88 24.26 -22.54
N TYR B 508 24.67 24.81 -22.45
CA TYR B 508 24.16 25.62 -23.52
C TYR B 508 25.09 26.79 -23.82
N ARG B 509 25.84 27.27 -22.83
CA ARG B 509 26.75 28.39 -23.08
C ARG B 509 27.96 27.94 -23.90
N LEU B 510 28.30 26.67 -23.76
CA LEU B 510 29.46 26.08 -24.42
C LEU B 510 29.09 25.42 -25.73
N VAL B 511 27.80 25.31 -25.98
CA VAL B 511 27.34 24.55 -27.13
C VAL B 511 27.94 25.06 -28.43
N PRO B 512 27.98 26.39 -28.63
CA PRO B 512 28.60 26.91 -29.85
C PRO B 512 30.01 26.36 -30.06
N TYR B 513 30.85 26.43 -29.04
CA TYR B 513 32.20 25.90 -29.14
C TYR B 513 32.25 24.36 -29.25
N LEU B 514 31.39 23.67 -28.52
CA LEU B 514 31.47 22.21 -28.50
C LEU B 514 31.03 21.64 -29.84
N TYR B 515 29.93 22.16 -30.35
CA TYR B 515 29.48 21.85 -31.70
C TYR B 515 30.62 22.10 -32.68
N SER B 516 31.27 23.25 -32.56
CA SER B 516 32.37 23.59 -33.45
C SER B 516 33.43 22.51 -33.46
N GLU B 517 33.95 22.18 -32.29
CA GLU B 517 34.95 21.13 -32.20
C GLU B 517 34.50 19.75 -32.75
N TYR B 518 33.26 19.36 -32.50
CA TYR B 518 32.77 18.09 -33.02
C TYR B 518 32.77 18.12 -34.56
N MET B 519 32.22 19.18 -35.15
CA MET B 519 32.19 19.31 -36.62
C MET B 519 33.59 19.28 -37.24
N LYS B 520 34.47 20.14 -36.72
CA LYS B 520 35.86 20.16 -37.15
C LYS B 520 36.45 18.77 -37.05
N ALA B 521 36.18 18.07 -35.93
CA ALA B 521 36.83 16.80 -35.72
C ALA B 521 36.36 15.73 -36.70
N ALA B 522 35.05 15.64 -36.89
CA ALA B 522 34.49 14.62 -37.77
C ALA B 522 34.93 14.81 -39.23
N LEU B 523 34.88 16.05 -39.72
CA LEU B 523 35.18 16.33 -41.13
C LEU B 523 36.67 16.16 -41.42
N ASN B 524 37.47 16.08 -40.37
CA ASN B 524 38.92 15.94 -40.52
C ASN B 524 39.45 14.59 -40.06
N ASP B 525 38.54 13.66 -39.80
CA ASP B 525 38.93 12.36 -39.29
C ASP B 525 39.83 12.50 -38.04
N ASP B 526 39.51 13.48 -37.20
CA ASP B 526 40.26 13.74 -35.97
C ASP B 526 39.40 13.45 -34.72
N MET B 527 40.04 13.45 -33.56
CA MET B 527 39.38 13.09 -32.31
C MET B 527 38.84 14.33 -31.63
N TYR B 528 37.74 14.18 -30.91
CA TYR B 528 37.09 15.26 -30.19
C TYR B 528 37.57 15.28 -28.74
N PHE B 529 37.65 14.10 -28.13
CA PHE B 529 38.39 13.87 -26.88
C PHE B 529 39.71 13.16 -27.15
N LYS B 530 40.75 13.56 -26.46
CA LYS B 530 42.03 12.89 -26.58
C LYS B 530 42.62 12.62 -25.21
N PRO B 531 43.32 11.49 -25.04
CA PRO B 531 44.06 11.28 -23.79
C PRO B 531 45.16 12.32 -23.77
N LEU B 532 45.69 12.65 -22.60
CA LEU B 532 46.72 13.69 -22.55
C LEU B 532 48.00 13.31 -23.30
N GLY B 533 48.21 12.02 -23.49
CA GLY B 533 49.42 11.54 -24.13
C GLY B 533 49.48 11.95 -25.58
N PHE B 534 48.32 12.02 -26.23
CA PHE B 534 48.25 12.36 -27.64
C PHE B 534 48.68 13.81 -27.85
N VAL B 535 48.49 14.63 -26.83
CA VAL B 535 48.82 16.04 -26.97
C VAL B 535 50.21 16.35 -26.43
N TYR B 536 50.61 15.66 -25.37
CA TYR B 536 51.90 15.95 -24.75
C TYR B 536 52.71 14.66 -24.69
N PRO B 537 53.15 14.19 -25.86
CA PRO B 537 53.75 12.87 -26.07
C PRO B 537 55.03 12.65 -25.27
N ASP B 538 55.77 13.71 -25.00
CA ASP B 538 57.09 13.56 -24.40
C ASP B 538 57.13 13.92 -22.91
N ASP B 539 55.95 14.09 -22.33
CA ASP B 539 55.82 14.31 -20.90
C ASP B 539 55.42 13.00 -20.23
N LYS B 540 56.39 12.32 -19.62
CA LYS B 540 56.16 11.01 -19.02
C LYS B 540 55.05 11.04 -17.98
N MET B 541 54.87 12.19 -17.37
CA MET B 541 53.84 12.37 -16.37
C MET B 541 52.45 12.45 -17.03
N ALA B 542 52.37 13.13 -18.17
CA ALA B 542 51.10 13.31 -18.86
C ALA B 542 50.60 12.04 -19.55
N ILE B 543 51.52 11.24 -20.09
CA ILE B 543 51.09 10.03 -20.79
C ILE B 543 50.38 9.05 -19.86
N ARG B 544 50.39 9.32 -18.55
CA ARG B 544 49.76 8.39 -17.62
C ARG B 544 48.56 8.97 -16.87
N VAL B 545 48.25 10.24 -17.11
CA VAL B 545 47.04 10.83 -16.54
C VAL B 545 45.84 10.14 -17.17
N GLU B 546 44.96 9.59 -16.34
CA GLU B 546 43.86 8.81 -16.87
C GLU B 546 42.50 9.40 -16.51
N ASP B 547 42.49 10.46 -15.72
CA ASP B 547 41.22 11.02 -15.29
C ASP B 547 41.05 12.47 -15.70
N GLN B 548 41.81 12.88 -16.71
CA GLN B 548 41.66 14.16 -17.38
C GLN B 548 41.59 13.87 -18.86
N LEU B 549 40.96 14.76 -19.62
CA LEU B 549 40.93 14.63 -21.08
C LEU B 549 41.13 15.97 -21.73
N MET B 550 41.86 15.98 -22.84
CA MET B 550 41.90 17.11 -23.76
C MET B 550 40.69 17.07 -24.68
N LEU B 551 40.13 18.22 -25.01
CA LEU B 551 39.00 18.33 -25.93
C LEU B 551 39.38 19.31 -27.03
N GLY B 552 39.28 18.88 -28.28
CA GLY B 552 39.77 19.67 -29.40
C GLY B 552 41.23 20.08 -29.21
N ASN B 553 41.55 21.34 -29.49
CA ASN B 553 42.91 21.83 -29.27
C ASN B 553 43.00 23.02 -28.34
N GLU B 554 41.95 23.24 -27.54
CA GLU B 554 41.89 24.45 -26.72
C GLU B 554 41.84 24.17 -25.22
N ILE B 555 41.04 23.18 -24.83
CA ILE B 555 40.71 23.01 -23.43
C ILE B 555 41.02 21.62 -22.92
N MET B 556 41.02 21.50 -21.58
CA MET B 556 41.17 20.23 -20.89
C MET B 556 40.06 20.11 -19.86
N ILE B 557 39.51 18.91 -19.68
CA ILE B 557 38.50 18.71 -18.65
C ILE B 557 39.03 17.85 -17.48
N ALA B 558 38.48 18.05 -16.29
CA ALA B 558 38.88 17.26 -15.11
C ALA B 558 37.75 17.25 -14.11
N PRO B 559 36.73 16.40 -14.35
CA PRO B 559 35.51 16.28 -13.55
C PRO B 559 35.76 15.78 -12.14
N VAL B 560 35.00 16.30 -11.19
CA VAL B 560 35.00 15.82 -9.81
C VAL B 560 34.17 14.55 -9.73
N TYR B 561 34.73 13.49 -9.17
CA TYR B 561 34.03 12.22 -9.16
C TYR B 561 34.00 11.49 -7.80
N GLU B 562 34.58 12.09 -6.78
CA GLU B 562 34.50 11.57 -5.42
C GLU B 562 33.36 12.25 -4.65
N GLN B 563 32.52 11.44 -4.02
CA GLN B 563 31.41 11.95 -3.21
C GLN B 563 31.95 12.82 -2.07
N ASN B 564 31.29 13.95 -1.81
CA ASN B 564 31.67 14.85 -0.70
C ASN B 564 32.96 15.65 -0.92
N ALA B 565 33.63 15.43 -2.04
CA ALA B 565 34.85 16.17 -2.35
C ALA B 565 34.51 17.61 -2.76
N ARG B 566 35.40 18.54 -2.48
CA ARG B 566 35.14 19.96 -2.73
C ARG B 566 36.17 20.55 -3.71
N GLY B 567 36.88 19.64 -4.38
CA GLY B 567 38.00 19.99 -5.24
C GLY B 567 38.60 18.67 -5.72
N ARG B 568 39.73 18.72 -6.41
CA ARG B 568 40.41 17.50 -6.85
C ARG B 568 41.83 17.82 -7.31
N TYR B 569 42.68 16.81 -7.37
CA TYR B 569 44.03 17.03 -7.87
C TYR B 569 44.02 16.99 -9.39
N VAL B 570 44.84 17.85 -10.00
CA VAL B 570 45.04 17.84 -11.46
C VAL B 570 46.52 17.94 -11.79
N TYR B 571 46.88 17.49 -12.99
CA TYR B 571 48.23 17.74 -13.47
C TYR B 571 48.19 18.53 -14.78
N LEU B 572 48.90 19.66 -14.80
CA LEU B 572 48.95 20.57 -15.96
C LEU B 572 50.29 20.49 -16.68
N PRO B 573 50.29 19.96 -17.92
CA PRO B 573 51.49 19.74 -18.75
C PRO B 573 52.02 21.04 -19.41
N GLU B 574 51.21 22.09 -19.31
CA GLU B 574 51.62 23.43 -19.71
C GLU B 574 50.75 24.43 -18.96
N GLU B 575 51.19 25.68 -18.89
CA GLU B 575 50.39 26.72 -18.26
C GLU B 575 48.96 26.70 -18.82
N MET B 576 47.98 27.00 -17.98
CA MET B 576 46.58 27.02 -18.41
C MET B 576 45.74 27.96 -17.55
N LYS B 577 44.63 28.43 -18.13
CA LYS B 577 43.64 29.19 -17.37
C LYS B 577 42.57 28.30 -16.73
N PHE B 578 42.67 28.08 -15.42
CA PHE B 578 41.60 27.39 -14.71
C PHE B 578 40.34 28.25 -14.78
N ILE B 579 39.24 27.65 -15.22
CA ILE B 579 38.00 28.38 -15.44
C ILE B 579 36.84 27.71 -14.74
N LYS B 580 35.99 28.49 -14.09
CA LYS B 580 34.78 27.92 -13.50
C LYS B 580 33.53 28.67 -13.90
N PHE B 581 32.57 27.95 -14.49
CA PHE B 581 31.25 28.52 -14.70
C PHE B 581 30.55 28.58 -13.34
N MET B 582 30.39 29.80 -12.85
CA MET B 582 29.91 30.06 -11.50
C MET B 582 28.39 30.06 -11.40
N PRO B 583 27.86 29.71 -10.22
CA PRO B 583 26.42 29.64 -10.03
C PRO B 583 25.74 31.00 -10.12
N ASP B 584 26.52 32.07 -10.20
CA ASP B 584 25.95 33.40 -10.32
C ASP B 584 25.77 33.80 -11.78
N GLY B 585 26.50 33.15 -12.68
CA GLY B 585 26.49 33.50 -14.09
C GLY B 585 27.86 33.97 -14.54
N SER B 586 28.63 34.50 -13.59
CA SER B 586 30.00 34.94 -13.85
C SER B 586 30.87 33.74 -14.20
N ILE B 587 32.06 34.01 -14.70
CA ILE B 587 32.98 32.97 -15.11
C ILE B 587 34.34 33.26 -14.48
N SER B 588 34.64 32.56 -13.39
CA SER B 588 35.89 32.82 -12.67
C SER B 588 37.10 32.35 -13.48
N GLU B 589 38.20 33.06 -13.32
CA GLU B 589 39.37 32.82 -14.16
C GLU B 589 40.61 32.89 -13.30
N GLU B 590 41.60 32.07 -13.61
CA GLU B 590 42.80 31.99 -12.79
C GLU B 590 43.89 31.27 -13.55
N VAL B 591 45.07 31.86 -13.62
CA VAL B 591 46.20 31.21 -14.27
C VAL B 591 46.97 30.27 -13.34
N LEU B 592 47.23 29.05 -13.83
CA LEU B 592 48.02 28.07 -13.09
C LEU B 592 49.15 27.56 -13.97
N GLU B 593 50.35 27.46 -13.42
CA GLU B 593 51.52 27.05 -14.20
C GLU B 593 51.58 25.55 -14.36
N LYS B 594 52.55 25.08 -15.17
CA LYS B 594 52.81 23.65 -15.32
C LYS B 594 53.14 23.00 -13.99
N GLY B 595 52.46 21.89 -13.67
CA GLY B 595 52.70 21.16 -12.42
C GLY B 595 51.45 20.60 -11.76
N VAL B 596 51.62 20.02 -10.57
CA VAL B 596 50.50 19.44 -9.83
C VAL B 596 49.74 20.53 -9.11
N HIS B 597 48.41 20.38 -9.01
CA HIS B 597 47.57 21.36 -8.30
C HIS B 597 46.31 20.77 -7.68
N TYR B 598 45.84 21.39 -6.60
CA TYR B 598 44.50 21.09 -6.08
C TYR B 598 43.59 22.27 -6.38
N VAL B 599 42.46 22.03 -7.04
CA VAL B 599 41.58 23.13 -7.43
C VAL B 599 40.21 22.95 -6.83
N ASP B 600 39.63 24.03 -6.32
CA ASP B 600 38.35 23.91 -5.65
C ASP B 600 37.25 23.98 -6.69
N VAL B 601 36.39 22.97 -6.68
CA VAL B 601 35.25 22.93 -7.56
C VAL B 601 34.05 22.54 -6.73
N ALA B 602 33.19 23.50 -6.42
CA ALA B 602 32.03 23.15 -5.62
C ALA B 602 30.99 22.47 -6.48
N LEU B 603 30.10 21.73 -5.84
CA LEU B 603 29.01 20.99 -6.48
C LEU B 603 28.40 21.72 -7.67
N ASN B 604 28.05 22.98 -7.46
CA ASN B 604 27.30 23.75 -8.43
C ASN B 604 28.19 24.59 -9.34
N GLU B 605 29.46 24.24 -9.41
CA GLU B 605 30.39 24.93 -10.32
C GLU B 605 30.89 23.94 -11.37
N VAL B 606 31.03 24.41 -12.62
CA VAL B 606 31.52 23.58 -13.71
C VAL B 606 32.91 24.06 -14.13
N PRO B 607 33.92 23.19 -14.03
CA PRO B 607 35.33 23.50 -14.28
C PRO B 607 35.83 23.03 -15.64
N LEU B 608 36.99 23.57 -16.03
CA LEU B 608 37.65 23.31 -17.32
C LEU B 608 38.89 24.20 -17.42
N PHE B 609 39.88 23.80 -18.20
CA PHE B 609 41.09 24.59 -18.35
C PHE B 609 41.33 24.98 -19.82
N ILE B 610 41.85 26.19 -20.05
CA ILE B 610 42.21 26.63 -21.41
C ILE B 610 43.72 26.65 -21.63
N ARG B 611 44.16 26.02 -22.71
CA ARG B 611 45.57 25.83 -22.98
C ARG B 611 46.24 27.18 -23.16
N SER B 612 47.52 27.23 -22.83
CA SER B 612 48.34 28.38 -23.22
C SER B 612 48.17 28.66 -24.70
N GLY B 613 47.97 29.92 -25.05
CA GLY B 613 47.93 30.34 -26.44
C GLY B 613 46.60 30.12 -27.15
N LYS B 614 45.53 29.89 -26.39
CA LYS B 614 44.24 29.63 -27.00
C LYS B 614 43.10 30.34 -26.29
N CYS B 615 41.93 30.31 -26.89
CA CYS B 615 40.74 30.86 -26.27
C CYS B 615 39.52 30.14 -26.80
N ILE B 616 38.35 30.43 -26.24
CA ILE B 616 37.10 29.81 -26.71
C ILE B 616 35.91 30.76 -26.59
N PRO B 617 34.95 30.65 -27.51
CA PRO B 617 33.76 31.49 -27.40
C PRO B 617 32.74 30.94 -26.38
N VAL B 618 32.16 31.85 -25.62
CA VAL B 618 31.12 31.50 -24.67
C VAL B 618 29.91 32.40 -24.85
N ALA B 619 28.82 31.82 -25.30
CA ALA B 619 27.54 32.51 -25.38
C ALA B 619 26.90 32.70 -24.01
N GLU B 620 25.85 33.51 -23.99
CA GLU B 620 25.05 33.70 -22.79
C GLU B 620 24.05 32.58 -22.76
N ALA B 621 23.44 32.34 -21.61
CA ALA B 621 22.60 31.16 -21.47
C ALA B 621 21.32 31.27 -22.28
N ALA B 622 20.91 30.18 -22.91
CA ALA B 622 19.59 30.11 -23.52
C ALA B 622 18.95 28.78 -23.11
N GLU B 623 17.63 28.73 -23.15
CA GLU B 623 16.89 27.57 -22.64
C GLU B 623 16.61 26.52 -23.72
N CYS B 624 17.11 26.78 -24.94
CA CYS B 624 17.11 25.80 -26.00
C CYS B 624 18.14 26.20 -27.08
N VAL B 625 18.60 25.21 -27.84
CA VAL B 625 19.65 25.40 -28.84
C VAL B 625 19.33 26.46 -29.90
N LYS B 626 18.09 26.47 -30.40
CA LYS B 626 17.73 27.43 -31.43
C LYS B 626 17.69 28.89 -30.94
N ASP B 627 17.80 29.11 -29.63
CA ASP B 627 17.72 30.46 -29.04
C ASP B 627 19.09 30.99 -28.64
N ILE B 628 20.13 30.21 -28.87
CA ILE B 628 21.47 30.58 -28.44
C ILE B 628 22.02 31.67 -29.32
N ASP B 629 22.68 32.65 -28.72
CA ASP B 629 23.14 33.81 -29.51
C ASP B 629 24.64 33.77 -29.78
N THR B 630 25.01 33.43 -31.00
CA THR B 630 26.41 33.30 -31.34
C THR B 630 26.95 34.54 -32.04
N GLU B 631 26.11 35.55 -32.20
CA GLU B 631 26.53 36.80 -32.84
C GLU B 631 27.69 37.45 -32.09
N ASN B 632 27.46 37.74 -30.83
CA ASN B 632 28.49 38.39 -30.03
C ASN B 632 28.84 37.55 -28.82
N MET B 633 29.82 36.67 -28.97
CA MET B 633 30.24 35.83 -27.87
C MET B 633 31.50 36.33 -27.20
N GLN B 634 31.46 36.34 -25.88
CA GLN B 634 32.62 36.60 -25.06
C GLN B 634 33.70 35.60 -25.45
N LEU B 635 34.93 36.08 -25.57
CA LEU B 635 36.05 35.19 -25.80
C LEU B 635 36.83 35.03 -24.49
N ILE B 636 37.03 33.78 -24.08
CA ILE B 636 37.70 33.46 -22.81
C ILE B 636 39.03 32.76 -23.07
N GLY B 637 40.10 33.25 -22.48
CA GLY B 637 41.38 32.61 -22.74
C GLY B 637 42.52 33.59 -22.69
N TYR B 638 43.51 33.35 -23.55
CA TYR B 638 44.73 34.16 -23.57
C TYR B 638 44.69 35.29 -24.59
N GLU B 639 45.55 36.28 -24.39
CA GLU B 639 45.62 37.44 -25.28
C GLU B 639 46.27 37.12 -26.63
N GLY B 640 45.69 37.66 -27.70
CA GLY B 640 46.20 37.46 -29.03
C GLY B 640 46.23 36.00 -29.46
N SER B 641 45.23 35.24 -29.05
CA SER B 641 45.11 33.87 -29.53
C SER B 641 43.99 33.82 -30.57
N SER B 642 43.93 32.73 -31.32
CA SER B 642 42.95 32.63 -32.38
C SER B 642 42.11 31.36 -32.28
N TYR B 643 40.79 31.52 -32.38
CA TYR B 643 39.87 30.38 -32.51
C TYR B 643 39.04 30.44 -33.80
N THR B 644 39.10 29.37 -34.56
CA THR B 644 38.28 29.23 -35.74
C THR B 644 36.95 28.55 -35.42
N LEU B 645 35.87 29.33 -35.45
CA LEU B 645 34.54 28.82 -35.16
C LEU B 645 33.86 28.19 -36.38
N TYR B 646 33.58 26.89 -36.35
CA TYR B 646 32.75 26.29 -37.39
C TYR B 646 31.29 26.39 -36.97
N GLU B 647 30.44 26.88 -37.87
CA GLU B 647 28.99 26.84 -37.64
C GLU B 647 28.21 26.72 -38.93
N ASP B 648 27.00 26.16 -38.83
CA ASP B 648 26.12 26.00 -39.98
C ASP B 648 24.67 25.95 -39.51
N ASP B 649 23.76 25.58 -40.38
CA ASP B 649 22.35 25.60 -40.03
C ASP B 649 22.00 24.47 -39.06
N GLY B 650 22.99 23.61 -38.79
CA GLY B 650 22.82 22.49 -37.90
C GLY B 650 21.68 21.57 -38.25
N ILE B 651 21.17 21.71 -39.47
CA ILE B 651 20.05 20.88 -39.90
C ILE B 651 20.41 20.04 -41.11
N HIS B 652 20.94 20.68 -42.15
CA HIS B 652 21.22 20.00 -43.41
C HIS B 652 22.65 19.47 -43.44
N LYS B 653 23.08 19.00 -44.61
CA LYS B 653 24.36 18.33 -44.72
C LYS B 653 25.36 19.05 -45.60
N ASP B 654 25.36 20.37 -45.52
CA ASP B 654 26.22 21.19 -46.37
C ASP B 654 27.48 21.64 -45.62
N TYR B 655 28.49 20.78 -45.53
CA TYR B 655 29.63 21.01 -44.63
C TYR B 655 30.86 21.69 -45.24
N ASP B 656 30.99 21.64 -46.55
CA ASP B 656 32.23 22.10 -47.18
C ASP B 656 32.04 23.46 -47.83
N LYS B 657 32.00 24.50 -47.00
CA LYS B 657 31.72 25.85 -47.46
C LYS B 657 32.47 26.87 -46.64
N LYS B 658 33.14 27.81 -47.31
CA LYS B 658 33.90 28.87 -46.65
C LYS B 658 33.07 29.63 -45.61
N GLU B 659 31.76 29.65 -45.81
CA GLU B 659 30.85 30.39 -44.93
C GLU B 659 30.64 29.72 -43.58
N ASN B 660 31.00 28.45 -43.47
CA ASN B 660 30.86 27.73 -42.22
C ASN B 660 31.90 28.14 -41.18
N TYR B 661 33.02 28.70 -41.66
CA TYR B 661 34.12 29.09 -40.78
C TYR B 661 34.22 30.58 -40.56
N ARG B 662 34.54 30.98 -39.34
CA ARG B 662 35.01 32.34 -39.10
C ARG B 662 36.02 32.43 -37.96
N VAL B 663 37.07 33.20 -38.20
CA VAL B 663 38.15 33.38 -37.24
C VAL B 663 37.76 34.43 -36.21
N LEU B 664 37.75 34.03 -34.93
CA LEU B 664 37.54 34.95 -33.83
C LEU B 664 38.89 35.31 -33.25
N THR B 665 39.03 36.53 -32.77
CA THR B 665 40.28 36.92 -32.12
C THR B 665 40.01 37.64 -30.79
N LYS B 666 40.74 37.25 -29.77
CA LYS B 666 40.64 37.89 -28.47
C LYS B 666 41.58 39.08 -28.44
N ASN C 2 -29.17 22.41 43.50
CA ASN C 2 -28.92 21.66 44.72
C ASN C 2 -29.53 20.26 44.64
N ALA C 3 -28.68 19.24 44.70
CA ALA C 3 -29.13 17.85 44.59
C ALA C 3 -30.37 17.58 45.44
N MET C 4 -31.36 16.93 44.85
CA MET C 4 -32.61 16.61 45.55
C MET C 4 -33.43 15.52 44.82
N ILE C 5 -34.09 14.66 45.59
CA ILE C 5 -35.03 13.70 44.99
C ILE C 5 -36.35 13.63 45.76
N ARG C 6 -37.45 13.86 45.05
CA ARG C 6 -38.77 13.67 45.62
C ARG C 6 -39.49 12.59 44.86
N LYS C 7 -40.53 12.04 45.48
CA LYS C 7 -41.33 11.00 44.84
C LYS C 7 -42.82 11.29 44.97
N TYR C 8 -43.50 11.35 43.82
CA TYR C 8 -44.93 11.63 43.75
C TYR C 8 -45.72 10.39 43.37
N ARG C 9 -46.74 10.06 44.15
CA ARG C 9 -47.43 8.79 43.96
C ARG C 9 -48.86 8.94 43.51
N TYR C 10 -49.24 8.15 42.52
CA TYR C 10 -50.60 8.11 42.01
C TYR C 10 -51.11 6.69 42.13
N GLY C 11 -52.36 6.56 42.56
CA GLY C 11 -53.04 5.27 42.62
C GLY C 11 -52.39 4.28 43.57
N ALA C 12 -52.38 3.01 43.16
CA ALA C 12 -51.76 1.95 43.94
C ALA C 12 -50.66 1.28 43.14
N PRO C 13 -49.51 1.95 42.99
CA PRO C 13 -48.47 1.38 42.12
C PRO C 13 -48.11 -0.02 42.57
N PHE C 14 -47.73 -0.86 41.62
CA PHE C 14 -47.26 -2.18 41.94
C PHE C 14 -45.76 -2.10 42.28
N ASP C 15 -45.35 -2.73 43.37
CA ASP C 15 -43.96 -2.63 43.81
C ASP C 15 -42.98 -3.36 42.89
N THR C 16 -42.21 -2.61 42.11
CA THR C 16 -41.31 -3.15 41.10
C THR C 16 -39.92 -3.43 41.65
N GLU C 17 -39.55 -2.72 42.71
CA GLU C 17 -38.32 -2.98 43.45
C GLU C 17 -37.10 -2.48 42.69
N ALA C 18 -37.37 -1.50 41.82
CA ALA C 18 -36.36 -0.84 41.00
C ALA C 18 -35.38 -0.05 41.83
N LEU C 19 -35.89 0.75 42.77
CA LEU C 19 -35.03 1.44 43.72
C LEU C 19 -34.70 0.55 44.91
N THR C 20 -33.49 0.72 45.44
CA THR C 20 -33.10 0.17 46.72
C THR C 20 -33.17 1.24 47.83
N GLU C 21 -33.18 2.51 47.45
CA GLU C 21 -33.31 3.57 48.46
C GLU C 21 -34.77 4.01 48.66
N LYS C 22 -35.16 4.24 49.90
CA LYS C 22 -36.53 4.64 50.23
C LYS C 22 -36.69 6.14 50.03
N ILE C 23 -37.73 6.54 49.32
CA ILE C 23 -38.03 7.97 49.17
C ILE C 23 -39.45 8.19 49.67
N GLU C 24 -39.63 9.21 50.50
CA GLU C 24 -40.94 9.49 51.05
C GLU C 24 -41.82 10.20 50.04
N THR C 25 -43.13 10.01 50.18
CA THR C 25 -44.11 10.54 49.26
C THR C 25 -44.33 12.06 49.35
N ALA C 26 -43.81 12.82 48.40
CA ALA C 26 -44.03 14.28 48.40
C ALA C 26 -45.53 14.63 48.37
N GLU C 27 -45.90 15.78 48.96
CA GLU C 27 -47.31 16.17 49.07
C GLU C 27 -47.63 17.52 48.41
N GLU C 28 -46.61 18.28 48.05
CA GLU C 28 -46.81 19.54 47.32
C GLU C 28 -47.11 19.28 45.83
N ALA C 29 -47.54 20.33 45.12
CA ALA C 29 -47.89 20.25 43.70
C ALA C 29 -46.70 19.72 42.89
N PHE C 30 -46.98 19.06 41.77
CA PHE C 30 -45.92 18.53 40.92
C PHE C 30 -45.07 19.69 40.40
N PRO C 31 -43.74 19.51 40.32
CA PRO C 31 -42.77 20.60 40.08
C PRO C 31 -42.62 21.09 38.64
N TYR C 32 -42.85 20.22 37.66
CA TYR C 32 -42.64 20.56 36.27
C TYR C 32 -43.83 20.08 35.48
N GLY C 33 -44.24 20.85 34.48
CA GLY C 33 -45.31 20.43 33.59
C GLY C 33 -46.65 20.30 34.28
N GLU C 34 -47.56 19.57 33.64
CA GLU C 34 -48.85 19.28 34.22
C GLU C 34 -49.02 17.78 34.25
N ILE C 35 -49.89 17.34 35.14
CA ILE C 35 -50.24 15.95 35.31
C ILE C 35 -51.73 15.86 35.06
N SER C 36 -52.15 15.01 34.14
CA SER C 36 -53.57 14.79 33.94
C SER C 36 -53.93 13.35 34.21
N GLN C 37 -55.09 13.15 34.82
CA GLN C 37 -55.62 11.82 35.05
C GLN C 37 -57.02 11.71 34.46
N LYS C 38 -57.39 12.68 33.62
CA LYS C 38 -58.74 12.72 33.05
C LYS C 38 -59.20 11.32 32.64
N GLU C 39 -58.47 10.69 31.72
CA GLU C 39 -58.63 9.26 31.49
C GLU C 39 -57.23 8.63 31.37
N GLY C 40 -57.01 7.54 32.10
CA GLY C 40 -55.67 7.00 32.20
C GLY C 40 -54.77 8.02 32.88
N PHE C 41 -53.53 8.12 32.42
CA PHE C 41 -52.59 9.03 33.06
C PHE C 41 -51.63 9.67 32.05
N ALA C 42 -51.30 10.95 32.26
CA ALA C 42 -50.44 11.66 31.32
C ALA C 42 -49.66 12.80 31.95
N PHE C 43 -48.36 12.81 31.73
CA PHE C 43 -47.52 13.95 32.03
C PHE C 43 -47.28 14.74 30.74
N THR C 44 -47.30 16.07 30.81
CA THR C 44 -47.07 16.93 29.63
C THR C 44 -46.08 18.02 29.96
N TYR C 45 -45.14 18.30 29.05
CA TYR C 45 -44.13 19.32 29.34
C TYR C 45 -43.63 20.02 28.08
N ILE C 46 -43.64 21.35 28.09
CA ILE C 46 -43.19 22.13 26.94
C ILE C 46 -41.69 22.44 27.03
N MET C 47 -40.93 22.00 26.05
CA MET C 47 -39.48 22.16 26.11
C MET C 47 -38.99 23.46 25.48
N ASP C 48 -37.94 24.00 26.05
CA ASP C 48 -37.20 25.04 25.37
C ASP C 48 -36.59 24.42 24.12
N GLU C 49 -36.58 25.24 23.07
CA GLU C 49 -36.10 24.87 21.75
C GLU C 49 -34.73 24.20 21.78
N ASP C 50 -33.91 24.59 22.75
CA ASP C 50 -32.59 24.00 22.84
C ASP C 50 -32.49 22.84 23.84
N ASP C 51 -33.62 22.44 24.43
CA ASP C 51 -33.64 21.30 25.36
C ASP C 51 -33.17 20.03 24.69
N ILE C 52 -32.19 19.36 25.30
CA ILE C 52 -31.84 18.00 24.92
C ILE C 52 -32.51 17.06 25.91
N VAL C 53 -33.03 15.93 25.44
CA VAL C 53 -33.62 14.92 26.31
C VAL C 53 -32.83 13.61 26.28
N TYR C 54 -32.13 13.32 27.37
CA TYR C 54 -31.40 12.06 27.53
C TYR C 54 -32.21 10.93 28.20
N GLY C 55 -31.71 9.70 28.12
CA GLY C 55 -32.29 8.58 28.86
C GLY C 55 -32.89 7.45 28.02
N LEU C 56 -33.82 6.71 28.63
CA LEU C 56 -34.50 5.60 27.95
C LEU C 56 -33.67 4.33 27.73
N GLY C 57 -32.45 4.35 28.26
CA GLY C 57 -31.57 3.19 28.25
C GLY C 57 -31.57 2.49 26.91
N GLU C 58 -32.02 1.24 26.89
CA GLU C 58 -32.15 0.53 25.61
C GLU C 58 -33.46 0.85 24.88
N SER C 59 -33.33 1.74 23.90
CA SER C 59 -34.45 2.13 23.07
C SER C 59 -33.91 2.69 21.77
N ASN C 60 -34.81 2.88 20.84
CA ASN C 60 -34.46 3.23 19.47
C ASN C 60 -33.79 4.60 19.29
N ARG C 61 -33.12 4.78 18.16
CA ARG C 61 -32.63 6.09 17.75
C ARG C 61 -31.41 6.58 18.56
N GLY C 62 -31.37 7.88 18.87
CA GLY C 62 -30.12 8.49 19.30
C GLY C 62 -30.06 8.94 20.74
N ILE C 63 -28.91 9.47 21.13
CA ILE C 63 -28.63 9.85 22.51
C ILE C 63 -29.65 10.88 22.93
N ASN C 64 -29.77 11.94 22.14
CA ASN C 64 -30.88 12.87 22.29
C ASN C 64 -32.14 12.22 21.75
N LYS C 65 -33.16 12.07 22.60
CA LYS C 65 -34.35 11.33 22.21
C LYS C 65 -35.42 12.18 21.56
N ARG C 66 -35.28 13.51 21.61
CA ARG C 66 -36.32 14.35 21.00
C ARG C 66 -36.50 13.92 19.53
N GLY C 67 -37.76 13.94 19.09
CA GLY C 67 -38.05 13.80 17.67
C GLY C 67 -38.68 12.47 17.28
N TYR C 68 -39.04 11.67 18.29
CA TYR C 68 -39.75 10.44 18.01
C TYR C 68 -40.55 9.93 19.21
N CYS C 69 -41.16 8.76 19.04
CA CYS C 69 -42.05 8.20 20.04
C CYS C 69 -41.52 6.87 20.55
N TYR C 70 -41.39 6.73 21.86
CA TYR C 70 -40.87 5.47 22.39
C TYR C 70 -41.84 4.85 23.36
N ILE C 71 -42.10 3.57 23.18
CA ILE C 71 -43.00 2.85 24.07
C ILE C 71 -42.28 1.76 24.88
N SER C 72 -42.35 1.88 26.20
CA SER C 72 -41.77 0.89 27.10
C SER C 72 -42.70 -0.29 27.17
N ASN C 73 -42.29 -1.36 26.50
CA ASN C 73 -43.14 -2.53 26.35
C ASN C 73 -42.28 -3.61 25.70
N CYS C 74 -41.77 -4.52 26.54
CA CYS C 74 -40.75 -5.48 26.13
C CYS C 74 -41.26 -6.36 25.02
N THR C 75 -40.59 -6.29 23.87
CA THR C 75 -41.10 -6.99 22.69
C THR C 75 -39.98 -7.71 21.98
N ASP C 76 -40.24 -8.95 21.63
CA ASP C 76 -39.30 -9.72 20.84
C ASP C 76 -39.45 -9.32 19.37
N ASP C 77 -38.64 -8.36 18.93
CA ASP C 77 -38.66 -7.89 17.54
C ASP C 77 -37.28 -7.88 16.91
N PRO C 78 -37.08 -8.76 15.92
CA PRO C 78 -35.78 -8.99 15.28
C PRO C 78 -35.41 -7.94 14.21
N ILE C 79 -36.30 -7.00 13.93
CA ILE C 79 -36.03 -5.97 12.90
C ILE C 79 -35.87 -4.57 13.50
N HIS C 80 -34.64 -4.18 13.78
CA HIS C 80 -34.40 -2.92 14.48
C HIS C 80 -34.30 -1.73 13.53
N THR C 81 -35.44 -1.28 13.03
CA THR C 81 -35.43 -0.20 12.06
C THR C 81 -35.86 1.08 12.76
N GLU C 82 -35.67 2.22 12.11
CA GLU C 82 -35.85 3.52 12.76
C GLU C 82 -37.28 3.81 13.16
N ASP C 83 -38.23 3.06 12.62
CA ASP C 83 -39.64 3.25 12.93
C ASP C 83 -40.10 2.55 14.22
N LYS C 84 -39.31 1.60 14.71
CA LYS C 84 -39.77 0.82 15.85
C LYS C 84 -39.87 1.65 17.10
N ARG C 85 -41.00 1.50 17.79
CA ARG C 85 -41.24 2.19 19.07
C ARG C 85 -40.84 1.34 20.31
N SER C 86 -40.84 0.03 20.20
CA SER C 86 -40.53 -0.80 21.35
C SER C 86 -39.47 -1.81 20.97
N LEU C 87 -38.40 -1.86 21.74
CA LEU C 87 -37.44 -2.93 21.57
C LEU C 87 -37.58 -3.89 22.76
N TYR C 88 -36.45 -4.30 23.34
CA TYR C 88 -36.46 -5.34 24.37
C TYR C 88 -36.66 -4.84 25.81
N GLY C 89 -36.12 -3.67 26.13
CA GLY C 89 -36.14 -3.17 27.49
C GLY C 89 -37.17 -2.10 27.80
N ALA C 90 -37.47 -1.95 29.09
CA ALA C 90 -38.33 -0.87 29.57
C ALA C 90 -37.56 -0.06 30.61
N HIS C 91 -36.95 1.04 30.16
CA HIS C 91 -36.11 1.85 31.03
C HIS C 91 -36.61 3.29 31.13
N ASN C 92 -37.54 3.52 32.05
CA ASN C 92 -38.34 4.75 32.11
C ASN C 92 -37.69 5.98 32.80
N PHE C 93 -36.39 6.13 32.65
CA PHE C 93 -35.68 7.28 33.18
C PHE C 93 -35.33 8.26 32.02
N ILE C 94 -35.72 9.52 32.15
CA ILE C 94 -35.32 10.58 31.20
C ILE C 94 -34.83 11.83 31.91
N ILE C 95 -33.92 12.57 31.29
CA ILE C 95 -33.50 13.85 31.83
C ILE C 95 -33.72 14.94 30.79
N VAL C 96 -34.38 16.02 31.20
CA VAL C 96 -34.53 17.19 30.34
C VAL C 96 -33.39 18.14 30.64
N SER C 97 -32.55 18.37 29.64
CA SER C 97 -31.33 19.15 29.83
C SER C 97 -31.32 20.44 29.00
N GLY C 98 -31.25 21.58 29.67
CA GLY C 98 -31.21 22.88 29.02
C GLY C 98 -31.24 23.98 30.06
N LYS C 99 -32.01 25.03 29.78
CA LYS C 99 -32.18 26.11 30.75
C LYS C 99 -32.84 25.57 32.00
N THR C 100 -33.91 24.79 31.81
CA THR C 100 -34.50 24.06 32.89
C THR C 100 -34.14 22.59 32.75
N THR C 101 -33.37 22.09 33.72
CA THR C 101 -32.84 20.72 33.70
C THR C 101 -33.46 19.92 34.84
N PHE C 102 -33.84 18.67 34.57
CA PHE C 102 -34.35 17.79 35.63
C PHE C 102 -34.57 16.38 35.12
N GLY C 103 -34.46 15.40 36.03
CA GLY C 103 -34.69 14.01 35.70
C GLY C 103 -36.03 13.48 36.21
N LEU C 104 -36.59 12.52 35.48
CA LEU C 104 -37.80 11.82 35.92
C LEU C 104 -37.62 10.30 35.81
N PHE C 105 -38.10 9.57 36.81
CA PHE C 105 -38.21 8.13 36.70
C PHE C 105 -39.66 7.71 36.84
N PHE C 106 -40.18 7.02 35.84
CA PHE C 106 -41.56 6.59 35.86
C PHE C 106 -41.58 5.11 36.25
N ASP C 107 -41.75 4.87 37.55
CA ASP C 107 -41.80 3.51 38.09
C ASP C 107 -43.23 2.91 37.89
N TYR C 108 -43.37 2.16 36.81
CA TYR C 108 -44.64 1.62 36.35
C TYR C 108 -44.31 0.43 35.47
N PRO C 109 -45.02 -0.68 35.65
CA PRO C 109 -44.53 -1.94 35.09
C PRO C 109 -45.18 -2.28 33.77
N SER C 110 -46.09 -1.42 33.32
CA SER C 110 -46.90 -1.76 32.17
C SER C 110 -46.53 -0.84 30.99
N LYS C 111 -47.36 -0.84 29.95
CA LYS C 111 -47.10 -0.11 28.70
C LYS C 111 -47.07 1.42 28.86
N LEU C 112 -45.89 2.03 28.67
CA LEU C 112 -45.71 3.45 28.93
C LEU C 112 -45.21 4.18 27.70
N THR C 113 -45.96 5.19 27.28
CA THR C 113 -45.65 5.91 26.05
C THR C 113 -44.95 7.25 26.29
N PHE C 114 -43.72 7.32 25.80
CA PHE C 114 -42.94 8.55 25.77
C PHE C 114 -43.02 9.17 24.36
N ASP C 115 -43.87 10.19 24.19
CA ASP C 115 -43.98 10.99 22.97
C ASP C 115 -43.05 12.18 23.13
N ILE C 116 -41.82 12.06 22.63
CA ILE C 116 -40.82 13.13 22.85
C ILE C 116 -40.65 14.08 21.65
N GLY C 117 -41.69 14.87 21.38
CA GLY C 117 -41.67 15.84 20.29
C GLY C 117 -42.18 15.18 19.03
N TYR C 118 -42.63 13.94 19.15
CA TYR C 118 -43.18 13.26 18.00
C TYR C 118 -44.40 14.00 17.50
N THR C 119 -45.38 14.22 18.37
CA THR C 119 -46.62 14.88 17.96
C THR C 119 -46.51 16.40 17.79
N ARG C 120 -46.05 17.08 18.84
CA ARG C 120 -45.68 18.49 18.73
C ARG C 120 -44.21 18.65 19.09
N MET C 121 -43.44 19.26 18.22
CA MET C 121 -42.00 19.41 18.45
C MET C 121 -41.61 19.88 19.86
N ASP C 122 -42.38 20.82 20.39
CA ASP C 122 -42.02 21.50 21.64
C ASP C 122 -42.54 20.75 22.86
N THR C 123 -43.23 19.65 22.59
CA THR C 123 -44.04 19.01 23.60
C THR C 123 -43.48 17.65 23.95
N LEU C 124 -43.22 17.43 25.23
CA LEU C 124 -42.88 16.12 25.72
C LEU C 124 -44.06 15.56 26.49
N LYS C 125 -44.57 14.41 26.07
CA LYS C 125 -45.70 13.82 26.77
C LYS C 125 -45.51 12.33 27.10
N VAL C 126 -45.78 11.96 28.36
CA VAL C 126 -45.62 10.58 28.85
C VAL C 126 -46.94 10.05 29.40
N SER C 127 -47.46 8.97 28.82
CA SER C 127 -48.79 8.49 29.20
C SER C 127 -48.92 6.96 29.30
N CYS C 128 -49.93 6.53 30.06
CA CYS C 128 -50.25 5.13 30.25
C CYS C 128 -51.72 4.99 30.62
N GLU C 129 -52.19 3.76 30.67
CA GLU C 129 -53.62 3.45 30.80
C GLU C 129 -54.13 3.58 32.22
N ASN C 130 -53.25 3.33 33.19
CA ASN C 130 -53.64 3.37 34.60
C ASN C 130 -52.79 4.33 35.41
N ALA C 131 -53.45 5.21 36.15
CA ALA C 131 -52.76 6.16 37.02
C ALA C 131 -52.27 5.50 38.31
N ASP C 132 -51.52 4.40 38.19
CA ASP C 132 -50.99 3.72 39.36
C ASP C 132 -49.50 3.62 39.24
N LEU C 133 -48.78 4.58 39.83
CA LEU C 133 -47.34 4.65 39.61
C LEU C 133 -46.64 5.68 40.49
N ASP C 134 -45.32 5.56 40.57
CA ASP C 134 -44.50 6.54 41.26
C ASP C 134 -43.69 7.33 40.25
N ILE C 135 -43.54 8.63 40.49
CA ILE C 135 -42.73 9.45 39.62
C ILE C 135 -41.66 10.13 40.45
N TYR C 136 -40.41 9.79 40.19
CA TYR C 136 -39.30 10.40 40.93
C TYR C 136 -38.79 11.61 40.17
N VAL C 137 -38.76 12.76 40.83
CA VAL C 137 -38.20 13.97 40.24
C VAL C 137 -36.83 14.20 40.84
N ILE C 138 -35.80 14.14 40.01
CA ILE C 138 -34.43 14.37 40.48
C ILE C 138 -33.93 15.73 40.04
N GLU C 139 -33.53 16.57 40.99
CA GLU C 139 -32.93 17.85 40.62
C GLU C 139 -31.42 17.86 40.82
N GLY C 140 -30.76 18.79 40.16
CA GLY C 140 -29.31 18.89 40.28
C GLY C 140 -28.76 19.98 39.41
N GLU C 141 -27.47 20.27 39.60
CA GLU C 141 -26.83 21.29 38.78
C GLU C 141 -27.04 21.00 37.30
N ASN C 142 -26.55 19.84 36.84
CA ASN C 142 -26.64 19.47 35.42
C ASN C 142 -27.09 18.03 35.22
N ALA C 143 -27.10 17.60 33.96
CA ALA C 143 -27.61 16.28 33.62
C ALA C 143 -26.80 15.11 34.21
N TYR C 144 -25.48 15.21 34.18
CA TYR C 144 -24.61 14.17 34.71
C TYR C 144 -24.88 14.02 36.20
N ASP C 145 -24.98 15.15 36.88
CA ASP C 145 -25.23 15.13 38.32
C ASP C 145 -26.58 14.49 38.63
N ILE C 146 -27.58 14.73 37.78
CA ILE C 146 -28.88 14.09 37.98
C ILE C 146 -28.81 12.57 37.70
N VAL C 147 -27.87 12.16 36.88
CA VAL C 147 -27.72 10.74 36.58
C VAL C 147 -27.03 10.02 37.75
N LYS C 148 -26.05 10.66 38.36
CA LYS C 148 -25.32 10.07 39.45
C LYS C 148 -26.21 9.92 40.66
N GLN C 149 -27.22 10.78 40.75
CA GLN C 149 -28.23 10.65 41.80
C GLN C 149 -29.15 9.44 41.60
N PHE C 150 -29.64 9.26 40.39
CA PHE C 150 -30.45 8.08 40.06
C PHE C 150 -29.66 6.78 40.30
N ARG C 151 -28.42 6.76 39.80
CA ARG C 151 -27.54 5.61 39.95
C ARG C 151 -27.35 5.19 41.41
N ARG C 152 -27.39 6.16 42.33
CA ARG C 152 -27.22 5.86 43.75
C ARG C 152 -28.47 5.18 44.34
N VAL C 153 -29.66 5.67 43.97
CA VAL C 153 -30.90 5.17 44.57
C VAL C 153 -31.42 3.87 43.96
N ILE C 154 -30.79 3.41 42.88
CA ILE C 154 -31.20 2.14 42.26
C ILE C 154 -30.23 1.01 42.60
N GLY C 155 -29.20 1.30 43.38
CA GLY C 155 -28.31 0.24 43.84
C GLY C 155 -27.15 -0.04 42.89
N ARG C 156 -26.08 -0.57 43.44
CA ARG C 156 -24.86 -0.78 42.70
C ARG C 156 -25.15 -1.67 41.50
N SER C 157 -24.61 -1.30 40.34
CA SER C 157 -24.75 -2.12 39.15
C SER C 157 -24.02 -3.46 39.27
N TYR C 158 -24.55 -4.45 38.54
CA TYR C 158 -23.95 -5.76 38.41
C TYR C 158 -22.45 -5.67 38.06
N ILE C 159 -21.64 -6.54 38.66
CA ILE C 159 -20.22 -6.58 38.35
C ILE C 159 -19.82 -7.97 37.84
N PRO C 160 -19.03 -8.04 36.76
CA PRO C 160 -18.80 -9.35 36.18
C PRO C 160 -17.42 -9.89 36.48
N PRO C 161 -17.24 -11.20 36.33
CA PRO C 161 -15.90 -11.81 36.39
C PRO C 161 -14.98 -11.12 35.40
N LYS C 162 -13.75 -10.86 35.81
CA LYS C 162 -12.79 -10.23 34.93
C LYS C 162 -12.70 -10.94 33.57
N PHE C 163 -12.84 -12.26 33.53
CA PHE C 163 -12.69 -12.98 32.25
C PHE C 163 -13.71 -12.51 31.21
N ALA C 164 -14.83 -11.96 31.67
CA ALA C 164 -15.90 -11.50 30.80
C ALA C 164 -15.54 -10.19 30.07
N PHE C 165 -14.34 -9.68 30.30
CA PHE C 165 -13.86 -8.52 29.56
C PHE C 165 -12.95 -9.01 28.45
N GLY C 166 -12.95 -10.31 28.23
CA GLY C 166 -12.20 -10.87 27.13
C GLY C 166 -13.10 -10.88 25.90
N PHE C 167 -12.68 -11.61 24.88
CA PHE C 167 -13.47 -11.70 23.67
C PHE C 167 -14.29 -12.99 23.67
N GLY C 168 -15.52 -12.90 23.18
CA GLY C 168 -16.42 -14.04 23.14
C GLY C 168 -16.89 -14.38 21.73
N GLN C 169 -16.89 -15.66 21.40
CA GLN C 169 -17.36 -16.11 20.10
C GLN C 169 -18.61 -16.96 20.27
N SER C 170 -19.64 -16.64 19.48
CA SER C 170 -20.95 -17.27 19.57
C SER C 170 -21.55 -17.50 18.18
N ARG C 171 -22.43 -18.49 18.07
CA ARG C 171 -23.26 -18.65 16.88
C ARG C 171 -24.49 -19.51 17.15
N TYR C 172 -25.66 -19.06 16.69
CA TYR C 172 -26.84 -19.92 16.72
C TYR C 172 -26.62 -21.01 15.69
N GLY C 173 -26.23 -22.19 16.18
CA GLY C 173 -25.88 -23.27 15.29
C GLY C 173 -24.92 -24.27 15.89
N TYR C 174 -23.89 -23.80 16.62
CA TYR C 174 -22.93 -24.70 17.29
C TYR C 174 -23.70 -25.74 18.09
N THR C 175 -23.30 -27.00 17.97
CA THR C 175 -24.13 -28.10 18.42
C THR C 175 -23.36 -29.26 19.04
N THR C 176 -22.31 -29.71 18.37
CA THR C 176 -21.54 -30.85 18.84
C THR C 176 -20.22 -30.41 19.42
N LYS C 177 -19.48 -31.38 19.94
CA LYS C 177 -18.15 -31.13 20.50
C LYS C 177 -17.18 -30.69 19.42
N GLU C 178 -17.35 -31.23 18.22
CA GLU C 178 -16.47 -30.87 17.11
C GLU C 178 -16.74 -29.43 16.68
N ASP C 179 -18.01 -29.02 16.74
CA ASP C 179 -18.36 -27.64 16.44
C ASP C 179 -17.51 -26.71 17.30
N PHE C 180 -17.55 -26.95 18.61
CA PHE C 180 -16.86 -26.07 19.57
C PHE C 180 -15.35 -26.21 19.47
N ARG C 181 -14.88 -27.42 19.19
CA ARG C 181 -13.45 -27.63 19.08
C ARG C 181 -12.89 -26.82 17.91
N ALA C 182 -13.61 -26.84 16.79
CA ALA C 182 -13.21 -26.10 15.60
C ALA C 182 -13.15 -24.61 15.89
N VAL C 183 -14.07 -24.12 16.71
CA VAL C 183 -14.05 -22.73 17.12
C VAL C 183 -12.82 -22.49 17.99
N ALA C 184 -12.55 -23.39 18.93
CA ALA C 184 -11.34 -23.25 19.72
C ALA C 184 -10.11 -23.27 18.82
N LYS C 185 -10.09 -24.22 17.90
CA LYS C 185 -8.97 -24.40 16.99
C LYS C 185 -8.73 -23.13 16.19
N GLY C 186 -9.82 -22.61 15.64
CA GLY C 186 -9.77 -21.49 14.73
C GLY C 186 -9.13 -20.28 15.34
N TYR C 187 -9.33 -20.11 16.65
CA TYR C 187 -8.74 -18.98 17.36
C TYR C 187 -7.34 -19.25 17.90
N ARG C 188 -7.20 -20.30 18.70
CA ARG C 188 -5.92 -20.53 19.36
C ARG C 188 -4.80 -20.77 18.35
N GLU C 189 -5.08 -21.54 17.32
CA GLU C 189 -4.07 -21.88 16.30
C GLU C 189 -3.66 -20.70 15.43
N ASN C 190 -4.53 -19.68 15.36
CA ASN C 190 -4.23 -18.45 14.65
C ASN C 190 -3.85 -17.32 15.60
N HIS C 191 -3.61 -17.68 16.86
CA HIS C 191 -3.18 -16.74 17.90
C HIS C 191 -4.07 -15.51 18.09
N ILE C 192 -5.36 -15.69 17.84
CA ILE C 192 -6.32 -14.62 18.05
C ILE C 192 -6.87 -14.79 19.45
N PRO C 193 -6.73 -13.76 20.28
CA PRO C 193 -7.17 -13.83 21.67
C PRO C 193 -8.67 -14.15 21.77
N ILE C 194 -9.04 -14.81 22.85
CA ILE C 194 -10.42 -15.18 23.13
C ILE C 194 -10.50 -15.80 24.51
N ASP C 195 -11.62 -15.58 25.18
CA ASP C 195 -11.81 -16.11 26.52
C ASP C 195 -13.07 -16.94 26.69
N MET C 196 -14.06 -16.73 25.82
CA MET C 196 -15.34 -17.41 25.94
C MET C 196 -15.90 -17.92 24.61
N ILE C 197 -16.58 -19.06 24.68
CA ILE C 197 -17.34 -19.60 23.56
C ILE C 197 -18.75 -19.84 24.05
N TYR C 198 -19.75 -19.19 23.44
CA TYR C 198 -21.13 -19.30 23.93
C TYR C 198 -21.84 -20.51 23.37
N MET C 199 -22.75 -21.07 24.15
CA MET C 199 -23.54 -22.22 23.72
C MET C 199 -24.98 -21.79 23.55
N ASP C 200 -25.49 -21.98 22.34
CA ASP C 200 -26.85 -21.62 22.01
C ASP C 200 -27.75 -22.83 22.20
N ILE C 201 -29.04 -22.67 21.93
CA ILE C 201 -30.05 -23.62 22.38
C ILE C 201 -29.82 -25.08 21.96
N ASP C 202 -29.02 -25.28 20.92
CA ASP C 202 -28.79 -26.64 20.43
C ASP C 202 -28.13 -27.58 21.44
N TYR C 203 -27.58 -27.04 22.54
CA TYR C 203 -26.80 -27.85 23.48
C TYR C 203 -27.72 -28.59 24.44
N MET C 204 -28.96 -28.15 24.54
CA MET C 204 -29.93 -28.79 25.40
C MET C 204 -30.39 -30.12 24.81
N GLN C 205 -31.03 -30.94 25.63
CA GLN C 205 -31.76 -32.08 25.11
C GLN C 205 -33.13 -31.57 24.72
N ASP C 206 -33.47 -31.64 23.44
CA ASP C 206 -34.79 -31.22 22.97
C ASP C 206 -35.17 -29.81 23.46
N PHE C 207 -34.19 -28.92 23.55
CA PHE C 207 -34.45 -27.55 23.99
C PHE C 207 -35.03 -27.48 25.40
N LYS C 208 -34.66 -28.43 26.26
CA LYS C 208 -35.16 -28.47 27.63
C LYS C 208 -34.26 -27.69 28.57
N ASP C 209 -34.83 -26.69 29.22
CA ASP C 209 -34.07 -25.89 30.19
C ASP C 209 -33.40 -26.80 31.21
N PHE C 210 -32.12 -26.55 31.47
CA PHE C 210 -31.38 -27.28 32.49
C PHE C 210 -31.19 -28.76 32.14
N THR C 211 -31.06 -29.06 30.86
CA THR C 211 -30.51 -30.36 30.48
C THR C 211 -29.31 -30.13 29.61
N VAL C 212 -28.60 -31.20 29.28
CA VAL C 212 -27.51 -31.17 28.33
C VAL C 212 -27.70 -32.34 27.39
N ASN C 213 -27.68 -32.13 26.07
CA ASN C 213 -27.82 -33.25 25.14
C ASN C 213 -26.81 -34.37 25.44
N GLU C 214 -27.34 -35.48 25.95
CA GLU C 214 -26.50 -36.56 26.45
C GLU C 214 -25.81 -37.35 25.34
N LYS C 215 -26.44 -37.40 24.18
CA LYS C 215 -25.84 -38.03 23.01
C LYS C 215 -24.58 -37.27 22.56
N ASN C 216 -24.66 -35.94 22.56
CA ASN C 216 -23.54 -35.13 22.11
C ASN C 216 -22.51 -34.86 23.19
N PHE C 217 -22.98 -34.69 24.42
CA PHE C 217 -22.11 -34.52 25.58
C PHE C 217 -22.30 -35.60 26.64
N PRO C 218 -21.79 -36.80 26.37
CA PRO C 218 -21.91 -37.95 27.29
C PRO C 218 -21.20 -37.68 28.61
N ASP C 219 -20.18 -36.82 28.59
CA ASP C 219 -19.50 -36.42 29.81
C ASP C 219 -19.26 -34.91 29.81
N PHE C 220 -20.35 -34.16 29.77
CA PHE C 220 -20.29 -32.70 29.70
C PHE C 220 -19.24 -32.10 30.65
N PRO C 221 -19.27 -32.47 31.95
CA PRO C 221 -18.33 -31.91 32.91
C PRO C 221 -16.87 -32.04 32.49
N GLU C 222 -16.53 -33.12 31.79
CA GLU C 222 -15.15 -33.24 31.35
C GLU C 222 -14.84 -32.38 30.13
N PHE C 223 -15.84 -32.12 29.30
CA PHE C 223 -15.66 -31.31 28.10
C PHE C 223 -15.54 -29.83 28.47
N VAL C 224 -16.33 -29.41 29.46
CA VAL C 224 -16.20 -28.08 30.03
C VAL C 224 -14.79 -27.86 30.54
N LYS C 225 -14.23 -28.91 31.13
CA LYS C 225 -12.86 -28.84 31.63
C LYS C 225 -11.86 -28.87 30.48
N GLU C 226 -12.17 -29.62 29.43
CA GLU C 226 -11.32 -29.63 28.23
C GLU C 226 -11.21 -28.21 27.67
N MET C 227 -12.35 -27.54 27.60
CA MET C 227 -12.40 -26.13 27.20
C MET C 227 -11.70 -25.21 28.22
N LYS C 228 -11.99 -25.38 29.50
CA LYS C 228 -11.47 -24.45 30.50
C LYS C 228 -9.94 -24.52 30.55
N ASP C 229 -9.39 -25.71 30.35
CA ASP C 229 -7.94 -25.84 30.39
C ASP C 229 -7.27 -24.97 29.34
N GLN C 230 -7.95 -24.73 28.21
CA GLN C 230 -7.44 -23.88 27.15
C GLN C 230 -7.75 -22.41 27.44
N GLU C 231 -8.30 -22.16 28.61
CA GLU C 231 -8.76 -20.84 28.98
C GLU C 231 -9.91 -20.43 28.10
N LEU C 232 -10.85 -21.35 27.92
CA LEU C 232 -12.07 -21.04 27.21
C LEU C 232 -13.25 -21.46 28.09
N ARG C 233 -14.03 -20.49 28.51
CA ARG C 233 -15.18 -20.76 29.36
C ARG C 233 -16.47 -20.84 28.55
N LEU C 234 -17.18 -21.95 28.68
CA LEU C 234 -18.40 -22.18 27.92
C LEU C 234 -19.57 -21.46 28.57
N ILE C 235 -20.26 -20.60 27.82
CA ILE C 235 -21.36 -19.83 28.40
C ILE C 235 -22.72 -20.21 27.83
N PRO C 236 -23.41 -21.12 28.51
CA PRO C 236 -24.71 -21.67 28.10
C PRO C 236 -25.83 -20.65 28.15
N ILE C 237 -26.80 -20.81 27.26
CA ILE C 237 -28.00 -19.98 27.24
C ILE C 237 -29.10 -20.70 28.00
N ILE C 238 -30.05 -19.92 28.50
CA ILE C 238 -31.20 -20.47 29.21
C ILE C 238 -32.46 -19.70 28.78
N ASP C 239 -33.53 -20.42 28.45
CA ASP C 239 -34.75 -19.81 27.94
C ASP C 239 -35.80 -19.68 29.00
N ALA C 240 -36.79 -18.83 28.77
CA ALA C 240 -37.85 -18.63 29.76
C ALA C 240 -38.87 -19.76 29.77
N GLY C 241 -39.08 -20.41 28.62
CA GLY C 241 -40.07 -21.48 28.54
C GLY C 241 -39.51 -22.82 28.97
N VAL C 242 -40.27 -23.54 29.79
CA VAL C 242 -39.91 -24.90 30.20
C VAL C 242 -40.73 -25.90 29.42
N LYS C 243 -40.06 -26.78 28.68
CA LYS C 243 -40.79 -27.71 27.80
C LYS C 243 -41.88 -28.47 28.53
N VAL C 244 -43.05 -28.56 27.92
CA VAL C 244 -44.08 -29.45 28.44
C VAL C 244 -43.81 -30.89 27.97
N GLU C 245 -43.35 -31.72 28.90
CA GLU C 245 -42.98 -33.10 28.62
C GLU C 245 -43.07 -33.94 29.88
N LYS C 246 -43.96 -34.93 29.88
CA LYS C 246 -44.05 -35.85 31.01
C LYS C 246 -42.70 -36.52 31.26
N GLY C 247 -42.35 -36.67 32.54
CA GLY C 247 -41.10 -37.30 32.92
C GLY C 247 -40.00 -36.27 33.08
N TYR C 248 -40.14 -35.16 32.37
CA TYR C 248 -39.15 -34.11 32.43
C TYR C 248 -39.30 -33.43 33.79
N GLU C 249 -38.24 -33.51 34.58
CA GLU C 249 -38.28 -33.17 36.00
C GLU C 249 -38.73 -31.73 36.23
N VAL C 250 -38.08 -30.79 35.52
CA VAL C 250 -38.35 -29.37 35.73
C VAL C 250 -39.81 -29.04 35.45
N TYR C 251 -40.40 -29.72 34.48
CA TYR C 251 -41.83 -29.61 34.17
C TYR C 251 -42.64 -30.16 35.34
N GLU C 252 -42.30 -31.37 35.75
CA GLU C 252 -43.02 -32.08 36.81
C GLU C 252 -43.10 -31.27 38.08
N GLU C 253 -41.94 -30.80 38.54
CA GLU C 253 -41.87 -29.98 39.75
C GLU C 253 -42.70 -28.72 39.60
N GLY C 254 -42.60 -28.09 38.43
CA GLY C 254 -43.35 -26.88 38.16
C GLY C 254 -44.85 -27.09 38.28
N VAL C 255 -45.35 -28.16 37.67
CA VAL C 255 -46.78 -28.44 37.69
C VAL C 255 -47.27 -28.75 39.09
N LYS C 256 -46.52 -29.58 39.80
CA LYS C 256 -46.92 -30.07 41.11
C LYS C 256 -46.99 -28.95 42.15
N ASN C 257 -46.00 -28.05 42.14
CA ASN C 257 -45.95 -26.97 43.13
C ASN C 257 -46.54 -25.65 42.68
N ASN C 258 -47.23 -25.65 41.54
CA ASN C 258 -47.78 -24.42 40.98
C ASN C 258 -46.74 -23.30 40.83
N TYR C 259 -45.60 -23.64 40.24
CA TYR C 259 -44.59 -22.63 39.94
C TYR C 259 -44.81 -21.94 38.58
N PHE C 260 -45.84 -22.34 37.84
CA PHE C 260 -46.05 -21.79 36.50
C PHE C 260 -47.18 -20.78 36.45
N CYS C 261 -47.08 -19.83 35.51
CA CYS C 261 -48.14 -18.87 35.26
C CYS C 261 -49.33 -19.66 34.77
N LYS C 262 -50.53 -19.28 35.22
CA LYS C 262 -51.73 -20.06 34.97
C LYS C 262 -52.80 -19.23 34.24
N ARG C 263 -53.70 -19.91 33.53
CA ARG C 263 -54.82 -19.24 32.87
C ARG C 263 -55.80 -18.71 33.91
N GLU C 264 -56.93 -18.21 33.44
CA GLU C 264 -57.93 -17.65 34.35
C GLU C 264 -58.63 -18.76 35.14
N ASP C 265 -58.49 -19.99 34.67
CA ASP C 265 -59.21 -21.12 35.25
C ASP C 265 -58.35 -21.99 36.15
N GLY C 266 -57.06 -21.69 36.27
CA GLY C 266 -56.17 -22.50 37.07
C GLY C 266 -55.20 -23.38 36.31
N SER C 267 -55.56 -23.77 35.09
CA SER C 267 -54.66 -24.59 34.28
C SER C 267 -53.37 -23.84 33.96
N ASP C 268 -52.30 -24.57 33.66
CA ASP C 268 -51.04 -23.91 33.33
C ASP C 268 -51.03 -23.43 31.87
N PHE C 269 -50.80 -22.13 31.68
CA PHE C 269 -50.79 -21.53 30.35
C PHE C 269 -49.69 -22.11 29.49
N VAL C 270 -50.05 -22.54 28.28
CA VAL C 270 -49.04 -23.02 27.33
C VAL C 270 -48.72 -21.99 26.25
N ALA C 271 -47.42 -21.72 26.12
CA ALA C 271 -46.91 -20.88 25.07
C ALA C 271 -45.90 -21.73 24.31
N ALA C 272 -45.98 -21.69 22.99
CA ALA C 272 -45.05 -22.42 22.14
C ALA C 272 -43.78 -21.61 21.95
N VAL C 273 -42.62 -22.24 22.11
CA VAL C 273 -41.37 -21.59 21.83
C VAL C 273 -40.44 -22.62 21.21
N TRP C 274 -39.14 -22.52 21.45
CA TRP C 274 -38.21 -23.47 20.85
C TRP C 274 -38.61 -24.95 20.94
N PRO C 275 -38.97 -25.42 22.15
CA PRO C 275 -39.34 -26.81 22.40
C PRO C 275 -40.77 -27.16 21.99
N GLY C 276 -41.48 -26.25 21.32
CA GLY C 276 -42.89 -26.50 21.08
C GLY C 276 -43.65 -26.00 22.29
N ASP C 277 -44.55 -26.82 22.84
CA ASP C 277 -45.33 -26.43 24.01
C ASP C 277 -44.47 -26.24 25.27
N THR C 278 -44.54 -25.07 25.89
CA THR C 278 -43.85 -24.83 27.16
C THR C 278 -44.74 -24.12 28.17
N HIS C 279 -44.31 -24.10 29.43
CA HIS C 279 -44.93 -23.27 30.48
C HIS C 279 -43.95 -22.21 30.94
N PHE C 280 -44.45 -21.09 31.45
CA PHE C 280 -43.56 -20.06 31.99
C PHE C 280 -43.50 -20.10 33.51
N PRO C 281 -42.28 -20.16 34.05
CA PRO C 281 -42.17 -19.99 35.50
C PRO C 281 -42.75 -18.63 35.90
N ASP C 282 -43.52 -18.62 36.98
CA ASP C 282 -44.12 -17.41 37.54
C ASP C 282 -43.03 -16.56 38.19
N MET C 283 -42.30 -15.83 37.35
CA MET C 283 -41.15 -15.07 37.76
C MET C 283 -41.42 -14.10 38.90
N LEU C 284 -42.67 -13.71 39.07
CA LEU C 284 -43.00 -12.70 40.07
C LEU C 284 -43.37 -13.32 41.41
N ASN C 285 -43.46 -14.66 41.42
CA ASN C 285 -43.71 -15.43 42.63
C ASN C 285 -42.40 -15.80 43.31
N PRO C 286 -42.24 -15.40 44.57
CA PRO C 286 -40.95 -15.57 45.26
C PRO C 286 -40.53 -17.05 45.36
N GLU C 287 -41.47 -17.95 45.59
CA GLU C 287 -41.11 -19.37 45.67
C GLU C 287 -40.68 -19.90 44.30
N ALA C 288 -41.52 -19.68 43.28
CA ALA C 288 -41.16 -20.08 41.93
C ALA C 288 -39.77 -19.56 41.61
N ARG C 289 -39.52 -18.32 41.98
CA ARG C 289 -38.27 -17.66 41.65
C ARG C 289 -37.06 -18.36 42.27
N LYS C 290 -37.15 -18.71 43.55
CA LYS C 290 -36.08 -19.47 44.22
C LYS C 290 -35.93 -20.86 43.61
N TRP C 291 -37.06 -21.48 43.26
CA TRP C 291 -37.02 -22.77 42.60
C TRP C 291 -36.30 -22.68 41.25
N PHE C 292 -36.67 -21.69 40.45
CA PHE C 292 -36.13 -21.60 39.09
C PHE C 292 -34.64 -21.27 39.12
N GLY C 293 -34.26 -20.29 39.93
CA GLY C 293 -32.87 -19.93 40.05
C GLY C 293 -32.01 -21.08 40.54
N ASP C 294 -32.56 -21.89 41.44
CA ASP C 294 -31.77 -22.97 42.02
C ASP C 294 -31.35 -23.94 40.91
N LYS C 295 -32.15 -24.02 39.87
CA LYS C 295 -31.85 -24.95 38.79
C LYS C 295 -30.52 -24.66 38.09
N TYR C 296 -30.05 -23.42 38.14
CA TYR C 296 -28.74 -23.08 37.57
C TYR C 296 -27.61 -23.91 38.18
N ARG C 297 -27.86 -24.46 39.38
CA ARG C 297 -26.89 -25.31 40.03
C ARG C 297 -26.51 -26.50 39.15
N PHE C 298 -27.50 -27.02 38.42
CA PHE C 298 -27.27 -28.13 37.49
C PHE C 298 -26.05 -27.90 36.61
N LEU C 299 -25.86 -26.65 36.19
CA LEU C 299 -24.78 -26.30 35.26
C LEU C 299 -23.54 -25.81 35.98
N ILE C 300 -23.74 -25.00 37.01
CA ILE C 300 -22.60 -24.49 37.77
C ILE C 300 -21.86 -25.67 38.37
N ASP C 301 -22.61 -26.64 38.87
CA ASP C 301 -21.98 -27.80 39.47
C ASP C 301 -21.08 -28.49 38.47
N GLN C 302 -21.40 -28.36 37.19
CA GLN C 302 -20.59 -28.98 36.15
C GLN C 302 -19.41 -28.11 35.70
N GLY C 303 -19.26 -26.93 36.32
CA GLY C 303 -18.08 -26.11 36.08
C GLY C 303 -18.31 -24.88 35.23
N ILE C 304 -19.57 -24.57 34.94
CA ILE C 304 -19.93 -23.40 34.15
C ILE C 304 -19.85 -22.12 35.00
N GLU C 305 -19.44 -21.01 34.39
CA GLU C 305 -19.22 -19.79 35.17
C GLU C 305 -20.00 -18.60 34.65
N GLY C 306 -20.99 -18.84 33.79
CA GLY C 306 -21.73 -17.75 33.18
C GLY C 306 -22.89 -18.23 32.35
N PHE C 307 -23.94 -17.41 32.29
CA PHE C 307 -25.13 -17.74 31.55
C PHE C 307 -25.63 -16.52 30.81
N TRP C 308 -26.50 -16.73 29.83
CA TRP C 308 -27.26 -15.63 29.25
C TRP C 308 -28.72 -16.03 29.09
N ASN C 309 -29.62 -15.13 29.43
CA ASN C 309 -31.05 -15.46 29.52
C ASN C 309 -31.78 -14.84 28.36
N ASP C 310 -32.59 -15.63 27.67
CA ASP C 310 -33.14 -15.20 26.40
C ASP C 310 -34.65 -15.41 26.34
N MET C 311 -35.30 -14.80 25.34
CA MET C 311 -36.71 -15.05 25.07
C MET C 311 -37.56 -14.68 26.27
N ASN C 312 -37.00 -13.87 27.16
CA ASN C 312 -37.65 -13.59 28.45
C ASN C 312 -38.47 -12.30 28.48
N GLU C 313 -39.13 -12.00 27.37
CA GLU C 313 -40.05 -10.89 27.29
C GLU C 313 -41.33 -11.14 28.08
N PRO C 314 -41.83 -12.39 28.10
CA PRO C 314 -41.35 -13.59 27.41
C PRO C 314 -41.83 -13.59 25.96
N ALA C 315 -41.01 -14.13 25.06
CA ALA C 315 -41.43 -14.28 23.67
C ALA C 315 -42.41 -15.45 23.55
N ILE C 316 -43.36 -15.33 22.63
CA ILE C 316 -44.38 -16.37 22.43
C ILE C 316 -44.61 -16.59 20.93
N PHE C 317 -44.30 -17.79 20.46
CA PHE C 317 -44.52 -18.10 19.05
C PHE C 317 -46.02 -18.19 18.82
N TYR C 318 -46.72 -18.76 19.81
CA TYR C 318 -48.17 -18.86 19.73
C TYR C 318 -48.69 -19.64 20.92
N SER C 319 -49.92 -19.35 21.30
CA SER C 319 -50.56 -20.03 22.41
C SER C 319 -51.50 -21.07 21.81
N SER C 320 -51.95 -22.02 22.62
CA SER C 320 -52.93 -23.02 22.16
C SER C 320 -54.20 -22.37 21.64
N GLU C 321 -54.57 -21.23 22.23
CA GLU C 321 -55.78 -20.51 21.80
C GLU C 321 -55.57 -19.85 20.43
N GLY C 322 -54.42 -19.19 20.28
CA GLY C 322 -54.10 -18.53 19.03
C GLY C 322 -53.90 -19.53 17.91
N LEU C 323 -53.36 -20.70 18.26
CA LEU C 323 -53.08 -21.74 17.28
C LEU C 323 -54.37 -22.30 16.71
N ALA C 324 -55.33 -22.53 17.59
CA ALA C 324 -56.63 -23.03 17.16
C ALA C 324 -57.40 -22.01 16.30
N GLU C 325 -57.31 -20.74 16.66
CA GLU C 325 -57.97 -19.67 15.91
C GLU C 325 -57.39 -19.63 14.50
N ALA C 326 -56.07 -19.76 14.42
CA ALA C 326 -55.37 -19.74 13.16
C ALA C 326 -55.68 -20.95 12.30
N LYS C 327 -55.78 -22.14 12.89
CA LYS C 327 -56.06 -23.30 12.07
C LYS C 327 -57.48 -23.23 11.56
N GLU C 328 -58.37 -22.64 12.35
CA GLU C 328 -59.75 -22.47 11.91
C GLU C 328 -59.86 -21.51 10.73
N PHE C 329 -59.15 -20.40 10.82
CA PHE C 329 -59.13 -19.43 9.72
C PHE C 329 -58.61 -20.12 8.47
N ALA C 330 -57.47 -20.79 8.58
CA ALA C 330 -56.90 -21.58 7.50
C ALA C 330 -57.94 -22.50 6.86
N GLY C 331 -58.73 -23.16 7.70
CA GLY C 331 -59.77 -24.02 7.22
C GLY C 331 -60.67 -23.29 6.25
N GLU C 332 -61.04 -22.07 6.60
CA GLU C 332 -61.94 -21.29 5.77
C GLU C 332 -61.25 -20.81 4.51
N PHE C 333 -60.01 -20.38 4.67
CA PHE C 333 -59.21 -19.95 3.54
C PHE C 333 -59.14 -21.05 2.49
N ALA C 334 -58.84 -22.27 2.93
CA ALA C 334 -58.69 -23.40 2.01
C ALA C 334 -59.96 -23.77 1.22
N LYS C 335 -61.15 -23.55 1.81
CA LYS C 335 -62.38 -23.97 1.14
C LYS C 335 -63.05 -22.83 0.37
N ASP C 336 -62.49 -21.64 0.50
CA ASP C 336 -63.00 -20.46 -0.18
C ASP C 336 -62.82 -20.55 -1.70
N THR C 337 -63.94 -20.48 -2.42
CA THR C 337 -63.93 -20.52 -3.87
C THR C 337 -64.16 -19.14 -4.48
N GLU C 338 -64.97 -18.33 -3.78
CA GLU C 338 -65.41 -17.05 -4.28
C GLU C 338 -64.43 -15.94 -3.94
N GLY C 339 -63.33 -16.30 -3.28
CA GLY C 339 -62.32 -15.30 -2.98
C GLY C 339 -62.79 -14.29 -1.95
N LYS C 340 -63.63 -14.73 -1.02
CA LYS C 340 -64.03 -13.88 0.10
C LYS C 340 -62.83 -13.69 1.03
N ILE C 341 -62.03 -14.73 1.20
CA ILE C 341 -60.84 -14.65 2.06
C ILE C 341 -59.56 -14.55 1.22
N HIS C 342 -58.89 -13.41 1.34
CA HIS C 342 -57.71 -13.08 0.56
C HIS C 342 -56.43 -13.50 1.28
N PRO C 343 -55.41 -13.95 0.52
CA PRO C 343 -54.14 -14.34 1.13
C PRO C 343 -53.57 -13.29 2.09
N TRP C 344 -53.86 -12.02 1.86
CA TRP C 344 -53.47 -10.92 2.74
C TRP C 344 -53.84 -11.23 4.19
N ALA C 345 -55.13 -11.44 4.43
CA ALA C 345 -55.69 -11.63 5.75
C ALA C 345 -55.28 -12.96 6.40
N MET C 346 -54.94 -13.94 5.58
CA MET C 346 -54.41 -15.20 6.08
C MET C 346 -53.00 -14.92 6.58
N GLN C 347 -52.23 -14.22 5.75
CA GLN C 347 -50.87 -13.85 6.13
C GLN C 347 -50.83 -13.03 7.40
N ALA C 348 -51.87 -12.23 7.61
CA ALA C 348 -51.89 -11.31 8.74
C ALA C 348 -52.33 -12.00 10.03
N LYS C 349 -53.08 -13.09 9.90
CA LYS C 349 -53.45 -13.88 11.07
C LYS C 349 -52.29 -14.72 11.57
N MET C 350 -51.58 -15.34 10.64
CA MET C 350 -50.37 -16.09 10.99
C MET C 350 -49.37 -15.20 11.71
N LYS C 351 -49.35 -13.93 11.34
CA LYS C 351 -48.42 -12.98 11.92
C LYS C 351 -48.92 -12.50 13.28
N ASP C 352 -50.24 -12.35 13.39
CA ASP C 352 -50.84 -11.84 14.61
C ASP C 352 -50.64 -12.74 15.84
N ILE C 353 -50.50 -14.04 15.64
CA ILE C 353 -50.40 -14.95 16.79
C ILE C 353 -49.04 -14.93 17.47
N VAL C 354 -48.07 -14.22 16.87
CA VAL C 354 -46.73 -14.09 17.45
C VAL C 354 -46.64 -12.85 18.38
N ASN C 355 -46.34 -13.08 19.65
CA ASN C 355 -46.24 -12.00 20.62
C ASN C 355 -47.59 -11.29 20.73
N SER C 356 -48.66 -12.08 20.67
CA SER C 356 -50.01 -11.53 20.73
C SER C 356 -50.29 -10.81 22.03
N PRO C 357 -50.78 -9.57 21.91
CA PRO C 357 -51.32 -8.85 23.07
C PRO C 357 -52.42 -9.65 23.76
N GLU C 358 -53.21 -10.43 23.01
CA GLU C 358 -54.30 -11.21 23.61
C GLU C 358 -53.76 -12.34 24.49
N ASP C 359 -52.61 -12.87 24.10
CA ASP C 359 -51.96 -13.91 24.88
C ASP C 359 -51.40 -13.35 26.20
N TYR C 360 -51.03 -12.07 26.21
CA TYR C 360 -50.46 -11.46 27.40
C TYR C 360 -51.54 -11.10 28.42
N LYS C 361 -52.80 -11.28 28.01
CA LYS C 361 -53.94 -11.14 28.89
C LYS C 361 -54.50 -12.50 29.28
N ARG C 362 -53.80 -13.57 28.89
CA ARG C 362 -54.35 -14.91 29.09
C ARG C 362 -53.78 -15.61 30.31
N PHE C 363 -52.70 -15.07 30.86
CA PHE C 363 -52.12 -15.69 32.05
C PHE C 363 -51.83 -14.71 33.17
N TYR C 364 -51.61 -15.29 34.35
CA TYR C 364 -51.53 -14.53 35.59
C TYR C 364 -50.29 -14.82 36.42
N HIS C 365 -49.89 -13.80 37.18
CA HIS C 365 -48.84 -13.94 38.19
C HIS C 365 -49.44 -14.03 39.59
N ASN C 366 -48.94 -14.98 40.35
CA ASN C 366 -49.31 -15.14 41.75
C ASN C 366 -48.28 -14.47 42.65
N VAL C 367 -48.60 -13.28 43.15
CA VAL C 367 -47.63 -12.49 43.89
C VAL C 367 -48.02 -12.50 45.36
N ASN C 368 -47.33 -13.33 46.13
CA ASN C 368 -47.66 -13.57 47.53
C ASN C 368 -49.14 -13.85 47.72
N GLY C 369 -49.74 -14.65 46.85
CA GLY C 369 -51.13 -15.01 46.99
C GLY C 369 -52.13 -14.17 46.22
N LYS C 370 -51.68 -13.02 45.73
CA LYS C 370 -52.56 -12.19 44.92
C LYS C 370 -52.32 -12.44 43.44
N LYS C 371 -53.40 -12.67 42.70
CA LYS C 371 -53.28 -12.93 41.28
C LYS C 371 -53.42 -11.65 40.44
N ILE C 372 -52.38 -11.32 39.70
CA ILE C 372 -52.42 -10.15 38.81
C ILE C 372 -52.14 -10.53 37.36
N ARG C 373 -52.99 -10.06 36.44
CA ARG C 373 -52.87 -10.39 35.02
C ARG C 373 -51.52 -9.94 34.45
N HIS C 374 -50.94 -10.79 33.61
CA HIS C 374 -49.56 -10.57 33.17
C HIS C 374 -49.32 -9.25 32.44
N ASP C 375 -50.29 -8.79 31.67
CA ASP C 375 -50.06 -7.56 30.91
C ASP C 375 -49.85 -6.37 31.85
N LYS C 376 -50.49 -6.42 33.02
CA LYS C 376 -50.33 -5.37 34.02
C LYS C 376 -48.90 -5.30 34.57
N VAL C 377 -48.14 -6.37 34.39
CA VAL C 377 -46.75 -6.39 34.88
C VAL C 377 -45.77 -6.87 33.82
N HIS C 378 -46.20 -6.80 32.56
CA HIS C 378 -45.45 -7.36 31.44
C HIS C 378 -43.94 -7.07 31.47
N ASN C 379 -43.57 -5.84 31.78
CA ASN C 379 -42.17 -5.45 31.69
C ASN C 379 -41.25 -5.95 32.82
N LEU C 380 -41.83 -6.63 33.80
CA LEU C 380 -41.06 -7.09 34.95
C LEU C 380 -40.56 -8.53 34.80
N PHE C 381 -41.01 -9.21 33.76
CA PHE C 381 -40.72 -10.64 33.60
C PHE C 381 -39.23 -10.94 33.43
N GLY C 382 -38.63 -10.40 32.39
CA GLY C 382 -37.23 -10.68 32.14
C GLY C 382 -36.37 -10.31 33.34
N TYR C 383 -36.63 -9.12 33.88
CA TYR C 383 -35.93 -8.58 35.04
C TYR C 383 -36.00 -9.57 36.19
N ASN C 384 -37.19 -10.08 36.45
CA ASN C 384 -37.35 -11.02 37.54
C ASN C 384 -36.74 -12.40 37.28
N MET C 385 -36.63 -12.81 36.02
CA MET C 385 -35.97 -14.08 35.71
C MET C 385 -34.47 -13.93 35.95
N THR C 386 -33.94 -12.73 35.76
CA THR C 386 -32.50 -12.53 35.90
C THR C 386 -32.16 -12.33 37.37
N ARG C 387 -33.16 -11.85 38.09
CA ARG C 387 -33.08 -11.70 39.54
C ARG C 387 -33.08 -13.09 40.16
N ALA C 388 -33.89 -13.98 39.61
CA ALA C 388 -33.91 -15.35 40.08
C ALA C 388 -32.51 -15.96 39.97
N ALA C 389 -31.89 -15.87 38.79
CA ALA C 389 -30.53 -16.40 38.70
C ALA C 389 -29.60 -15.70 39.68
N GLY C 390 -29.71 -14.39 39.74
CA GLY C 390 -28.80 -13.57 40.51
C GLY C 390 -28.84 -13.90 41.99
N GLU C 391 -30.05 -13.93 42.54
CA GLU C 391 -30.24 -14.32 43.93
C GLU C 391 -29.67 -15.72 44.15
N ALA C 392 -30.06 -16.65 43.29
CA ALA C 392 -29.57 -18.00 43.43
C ALA C 392 -28.05 -18.06 43.49
N PHE C 393 -27.35 -17.35 42.59
CA PHE C 393 -25.88 -17.37 42.63
C PHE C 393 -25.34 -16.98 44.01
N GLU C 394 -26.03 -16.06 44.68
CA GLU C 394 -25.55 -15.53 45.93
C GLU C 394 -25.59 -16.57 47.05
N ARG C 395 -26.68 -17.35 47.07
CA ARG C 395 -26.81 -18.46 48.01
C ARG C 395 -25.74 -19.51 47.76
N ILE C 396 -25.58 -19.90 46.50
CA ILE C 396 -24.62 -20.92 46.12
C ILE C 396 -23.16 -20.56 46.45
N ASP C 397 -22.80 -19.29 46.28
CA ASP C 397 -21.46 -18.80 46.63
C ASP C 397 -21.42 -17.27 46.58
N PRO C 398 -21.64 -16.62 47.73
CA PRO C 398 -21.89 -15.18 47.76
C PRO C 398 -20.63 -14.37 47.49
N GLU C 399 -19.49 -15.05 47.38
CA GLU C 399 -18.21 -14.38 47.19
C GLU C 399 -17.68 -14.44 45.77
N LYS C 400 -18.46 -15.03 44.86
CA LYS C 400 -17.97 -15.31 43.51
C LYS C 400 -18.78 -14.62 42.44
N ARG C 401 -18.08 -14.00 41.50
CA ARG C 401 -18.74 -13.34 40.38
C ARG C 401 -19.07 -14.30 39.23
N PHE C 402 -20.34 -14.32 38.83
CA PHE C 402 -20.78 -15.07 37.66
C PHE C 402 -21.08 -14.13 36.52
N LEU C 403 -20.65 -14.50 35.32
CA LEU C 403 -21.05 -13.78 34.14
C LEU C 403 -22.53 -14.03 33.88
N MET C 404 -23.28 -12.96 33.66
CA MET C 404 -24.71 -13.10 33.50
C MET C 404 -25.23 -11.88 32.78
N PHE C 405 -26.02 -12.11 31.73
CA PHE C 405 -26.73 -11.06 31.05
C PHE C 405 -28.04 -11.55 30.46
N SER C 406 -28.95 -10.62 30.27
CA SER C 406 -30.30 -10.93 29.83
C SER C 406 -30.70 -10.08 28.60
N ARG C 407 -31.75 -10.51 27.92
CA ARG C 407 -32.23 -9.76 26.76
C ARG C 407 -33.23 -8.70 27.19
N SER C 408 -34.38 -9.14 27.71
CA SER C 408 -35.41 -8.21 28.17
C SER C 408 -35.02 -7.68 29.55
N SER C 409 -35.37 -6.43 29.86
CA SER C 409 -35.11 -5.97 31.23
C SER C 409 -35.89 -4.75 31.68
N TYR C 410 -35.59 -4.31 32.90
CA TYR C 410 -36.28 -3.22 33.53
C TYR C 410 -35.37 -2.68 34.62
N ILE C 411 -35.47 -1.39 34.94
CA ILE C 411 -34.52 -0.79 35.89
C ILE C 411 -34.60 -1.54 37.24
N GLY C 412 -33.44 -1.87 37.81
CA GLY C 412 -33.41 -2.79 38.93
C GLY C 412 -32.78 -4.12 38.54
N MET C 413 -33.12 -4.65 37.37
CA MET C 413 -32.43 -5.85 36.91
C MET C 413 -30.94 -5.57 36.80
N HIS C 414 -30.57 -4.30 36.79
CA HIS C 414 -29.19 -3.88 36.60
C HIS C 414 -28.25 -4.34 37.70
N ARG C 415 -28.82 -4.59 38.88
CA ARG C 415 -28.03 -5.11 39.99
C ARG C 415 -27.63 -6.58 39.75
N TYR C 416 -28.32 -7.27 38.85
CA TYR C 416 -28.19 -8.73 38.73
C TYR C 416 -27.43 -9.28 37.49
N GLY C 417 -27.28 -8.46 36.45
CA GLY C 417 -26.61 -8.88 35.23
C GLY C 417 -26.67 -7.77 34.18
N GLY C 418 -25.85 -7.88 33.14
CA GLY C 418 -25.93 -6.95 32.02
C GLY C 418 -27.03 -7.29 31.03
N ILE C 419 -27.01 -6.62 29.89
CA ILE C 419 -27.88 -7.02 28.78
C ILE C 419 -27.02 -7.02 27.54
N TRP C 420 -27.43 -7.78 26.54
CA TRP C 420 -26.85 -7.61 25.23
C TRP C 420 -28.00 -7.07 24.39
N MET C 421 -27.68 -6.22 23.42
CA MET C 421 -28.69 -5.45 22.69
C MET C 421 -29.58 -6.23 21.71
N GLY C 422 -29.55 -7.55 21.79
CA GLY C 422 -30.54 -8.36 21.10
C GLY C 422 -30.21 -8.70 19.66
N ASP C 423 -31.26 -8.91 18.88
CA ASP C 423 -31.13 -9.35 17.49
C ASP C 423 -30.93 -8.15 16.55
N ASN C 424 -29.69 -7.69 16.42
CA ASN C 424 -29.37 -6.66 15.45
C ASN C 424 -29.09 -7.29 14.05
N LYS C 425 -28.54 -6.51 13.12
CA LYS C 425 -28.29 -7.00 11.77
C LYS C 425 -26.92 -6.60 11.27
N SER C 426 -26.43 -7.30 10.25
CA SER C 426 -25.15 -6.92 9.61
C SER C 426 -25.34 -5.67 8.74
N TRP C 427 -25.78 -4.58 9.38
CA TRP C 427 -25.93 -3.29 8.74
C TRP C 427 -24.89 -2.35 9.32
N TRP C 428 -24.30 -1.53 8.46
CA TRP C 428 -23.40 -0.50 8.91
C TRP C 428 -24.08 0.43 9.90
N SER C 429 -25.38 0.67 9.73
CA SER C 429 -26.08 1.61 10.62
C SER C 429 -26.25 1.06 12.04
N HIS C 430 -25.99 -0.23 12.20
CA HIS C 430 -26.12 -0.81 13.53
C HIS C 430 -24.84 -0.65 14.34
N ILE C 431 -23.75 -0.29 13.67
CA ILE C 431 -22.55 0.10 14.38
C ILE C 431 -22.85 1.37 15.17
N LEU C 432 -23.55 2.29 14.51
CA LEU C 432 -23.93 3.55 15.15
C LEU C 432 -25.05 3.33 16.18
N LEU C 433 -25.95 2.39 15.92
CA LEU C 433 -27.01 2.12 16.90
C LEU C 433 -26.44 1.50 18.17
N ASN C 434 -25.56 0.53 18.01
CA ASN C 434 -24.83 -0.01 19.15
C ASN C 434 -24.15 1.12 19.93
N LEU C 435 -23.51 2.05 19.23
CA LEU C 435 -22.74 3.11 19.89
CA LEU C 435 -22.74 3.11 19.90
C LEU C 435 -23.65 4.04 20.71
N LYS C 436 -24.76 4.44 20.12
CA LYS C 436 -25.66 5.41 20.75
C LYS C 436 -26.36 4.87 21.97
N MET C 437 -26.57 3.56 22.00
CA MET C 437 -27.30 2.98 23.10
C MET C 437 -26.45 2.96 24.37
N LEU C 438 -25.13 2.79 24.23
CA LEU C 438 -24.22 2.66 25.36
C LEU C 438 -24.41 3.69 26.51
N PRO C 439 -24.25 5.00 26.22
CA PRO C 439 -24.36 5.94 27.34
C PRO C 439 -25.74 5.90 28.01
N SER C 440 -26.80 5.78 27.22
CA SER C 440 -28.13 5.76 27.79
C SER C 440 -28.28 4.59 28.73
N LEU C 441 -27.66 3.46 28.36
CA LEU C 441 -27.74 2.29 29.24
C LEU C 441 -27.02 2.53 30.56
N ASN C 442 -25.91 3.26 30.48
CA ASN C 442 -25.13 3.62 31.64
C ASN C 442 -25.94 4.48 32.60
N MET C 443 -26.78 5.37 32.04
CA MET C 443 -27.61 6.23 32.89
C MET C 443 -28.58 5.41 33.68
N CYS C 444 -28.93 4.24 33.17
CA CYS C 444 -29.95 3.45 33.84
C CYS C 444 -29.38 2.28 34.64
N GLY C 445 -28.06 2.25 34.78
CA GLY C 445 -27.38 1.27 35.60
C GLY C 445 -26.77 0.10 34.86
N PHE C 446 -27.14 -0.04 33.60
CA PHE C 446 -26.65 -1.17 32.83
C PHE C 446 -25.28 -0.85 32.21
N MET C 447 -24.21 -1.28 32.87
CA MET C 447 -22.87 -0.99 32.38
C MET C 447 -22.25 -2.14 31.60
N TYR C 448 -22.49 -3.39 32.04
CA TYR C 448 -21.99 -4.53 31.29
C TYR C 448 -22.91 -4.75 30.12
N THR C 449 -22.51 -4.23 28.97
CA THR C 449 -23.39 -4.29 27.82
C THR C 449 -22.59 -4.26 26.53
N GLY C 450 -23.23 -4.73 25.47
CA GLY C 450 -22.62 -4.85 24.16
C GLY C 450 -23.67 -5.25 23.14
N ALA C 451 -23.29 -5.34 21.87
CA ALA C 451 -24.19 -5.80 20.80
C ALA C 451 -23.56 -6.97 20.05
N ASP C 452 -24.37 -7.73 19.34
CA ASP C 452 -23.77 -8.79 18.50
C ASP C 452 -22.89 -8.19 17.41
N LEU C 453 -21.58 -8.38 17.55
CA LEU C 453 -20.59 -7.81 16.66
C LEU C 453 -20.62 -8.47 15.27
N GLY C 454 -20.78 -7.64 14.24
CA GLY C 454 -20.92 -8.10 12.87
C GLY C 454 -22.39 -8.23 12.52
N GLY C 455 -23.25 -8.00 13.50
CA GLY C 455 -24.68 -8.10 13.27
C GLY C 455 -25.15 -9.54 13.32
N PHE C 456 -26.27 -9.74 13.99
CA PHE C 456 -26.84 -11.06 14.20
C PHE C 456 -27.47 -11.58 12.91
N GLY C 457 -28.55 -10.93 12.48
CA GLY C 457 -29.21 -11.29 11.24
C GLY C 457 -28.49 -10.86 9.97
N ASP C 458 -28.85 -11.50 8.85
CA ASP C 458 -28.34 -11.17 7.52
C ASP C 458 -26.82 -11.41 7.36
N ASP C 459 -26.29 -11.16 6.17
CA ASP C 459 -24.90 -11.54 5.88
C ASP C 459 -23.92 -10.37 6.03
N THR C 460 -22.83 -10.59 6.75
CA THR C 460 -21.86 -9.53 6.99
C THR C 460 -20.71 -9.62 6.01
N THR C 461 -19.87 -8.59 5.97
CA THR C 461 -18.65 -8.63 5.17
C THR C 461 -17.37 -8.48 6.00
N ARG C 462 -16.23 -8.77 5.40
CA ARG C 462 -14.97 -8.71 6.11
C ARG C 462 -14.78 -7.33 6.73
N ASP C 463 -15.11 -6.30 5.98
CA ASP C 463 -14.95 -4.94 6.50
C ASP C 463 -16.02 -4.57 7.55
N LEU C 464 -17.27 -4.98 7.34
CA LEU C 464 -18.30 -4.63 8.33
C LEU C 464 -17.90 -5.21 9.69
N LEU C 465 -17.41 -6.45 9.68
CA LEU C 465 -17.04 -7.12 10.92
C LEU C 465 -15.83 -6.46 11.59
N LEU C 466 -14.79 -6.18 10.81
CA LEU C 466 -13.61 -5.54 11.38
C LEU C 466 -13.94 -4.17 12.00
N ARG C 467 -14.88 -3.41 11.41
CA ARG C 467 -15.28 -2.14 12.03
C ARG C 467 -16.17 -2.38 13.25
N PHE C 468 -17.00 -3.42 13.18
CA PHE C 468 -17.87 -3.75 14.32
C PHE C 468 -17.02 -4.11 15.54
N LEU C 469 -15.89 -4.76 15.29
CA LEU C 469 -15.00 -5.21 16.35
C LEU C 469 -14.17 -4.08 16.94
N ALA C 470 -13.83 -3.10 16.11
CA ALA C 470 -13.08 -1.95 16.58
C ALA C 470 -13.93 -1.08 17.52
N LEU C 471 -15.25 -1.21 17.42
CA LEU C 471 -16.11 -0.59 18.43
C LEU C 471 -16.10 -1.50 19.65
N GLY C 472 -16.39 -2.78 19.39
CA GLY C 472 -16.40 -3.80 20.42
C GLY C 472 -15.21 -3.74 21.37
N VAL C 473 -14.04 -3.37 20.85
CA VAL C 473 -12.86 -3.21 21.68
C VAL C 473 -13.21 -2.49 22.99
N PHE C 474 -14.14 -1.54 22.91
CA PHE C 474 -14.46 -0.67 24.06
C PHE C 474 -15.71 -1.04 24.87
N THR C 475 -16.56 -1.90 24.33
CA THR C 475 -17.73 -2.30 25.11
C THR C 475 -17.40 -3.47 26.03
N PRO C 476 -17.89 -3.42 27.28
CA PRO C 476 -17.57 -4.48 28.26
C PRO C 476 -17.92 -5.87 27.71
N LEU C 477 -19.14 -6.07 27.26
CA LEU C 477 -19.49 -7.28 26.50
C LEU C 477 -19.00 -7.18 25.04
N MET C 478 -17.96 -7.95 24.70
CA MET C 478 -17.43 -8.00 23.33
C MET C 478 -17.55 -9.41 22.76
N ARG C 479 -18.67 -9.68 22.09
CA ARG C 479 -18.81 -10.97 21.44
C ARG C 479 -19.37 -10.88 20.04
N ASP C 480 -18.81 -11.72 19.17
CA ASP C 480 -19.30 -11.94 17.84
C ASP C 480 -20.41 -12.98 17.91
N HIS C 481 -21.60 -12.62 17.45
CA HIS C 481 -22.70 -13.57 17.43
C HIS C 481 -23.47 -13.49 16.11
N ALA C 482 -23.96 -14.63 15.62
CA ALA C 482 -24.64 -14.68 14.31
C ALA C 482 -25.85 -15.61 14.31
N ALA C 483 -26.86 -15.26 13.52
CA ALA C 483 -28.07 -16.07 13.41
C ALA C 483 -27.84 -17.27 12.49
N GLU C 484 -28.76 -18.22 12.55
CA GLU C 484 -28.62 -19.44 11.77
C GLU C 484 -28.79 -19.15 10.29
N GLY C 485 -28.02 -19.86 9.47
CA GLY C 485 -28.15 -19.75 8.02
C GLY C 485 -27.35 -18.60 7.43
N THR C 486 -26.81 -17.74 8.29
CA THR C 486 -26.05 -16.58 7.83
C THR C 486 -24.63 -16.96 7.46
N ARG C 487 -24.00 -16.14 6.61
CA ARG C 487 -22.57 -16.29 6.32
C ARG C 487 -21.82 -16.43 7.64
N GLU C 488 -20.89 -17.39 7.71
CA GLU C 488 -20.09 -17.57 8.90
C GLU C 488 -19.29 -16.30 9.25
N GLN C 489 -19.37 -15.91 10.53
CA GLN C 489 -18.80 -14.65 11.01
C GLN C 489 -17.58 -14.79 11.90
N GLU C 490 -17.13 -16.01 12.16
CA GLU C 490 -15.95 -16.18 13.00
C GLU C 490 -14.80 -15.43 12.36
N CYS C 491 -13.86 -14.96 13.17
CA CYS C 491 -12.73 -14.20 12.63
C CYS C 491 -11.80 -15.00 11.70
N TYR C 492 -11.81 -16.32 11.79
CA TYR C 492 -10.91 -17.11 10.96
C TYR C 492 -11.54 -17.45 9.61
N GLN C 493 -12.77 -16.99 9.39
CA GLN C 493 -13.52 -17.27 8.17
C GLN C 493 -13.31 -16.22 7.05
N PHE C 494 -12.27 -15.41 7.18
CA PHE C 494 -12.01 -14.33 6.24
C PHE C 494 -10.53 -14.29 5.87
N GLU C 495 -10.20 -13.58 4.79
CA GLU C 495 -8.82 -13.49 4.34
C GLU C 495 -8.02 -12.51 5.20
N ASN C 496 -6.69 -12.59 5.08
CA ASN C 496 -5.80 -11.78 5.89
C ASN C 496 -6.27 -11.74 7.34
N ILE C 497 -6.18 -12.90 7.99
CA ILE C 497 -6.71 -13.06 9.33
C ILE C 497 -5.95 -12.20 10.33
N GLU C 498 -4.71 -11.86 9.99
CA GLU C 498 -3.88 -11.04 10.86
C GLU C 498 -4.55 -9.74 11.28
N ASP C 499 -5.30 -9.12 10.37
CA ASP C 499 -6.04 -7.90 10.69
C ASP C 499 -7.03 -8.13 11.83
N PHE C 500 -7.62 -9.32 11.85
CA PHE C 500 -8.50 -9.68 12.95
C PHE C 500 -7.73 -9.92 14.24
N ARG C 501 -6.55 -10.52 14.14
CA ARG C 501 -5.73 -10.68 15.34
C ARG C 501 -5.38 -9.29 15.85
N SER C 502 -5.02 -8.39 14.94
CA SER C 502 -4.55 -7.08 15.36
C SER C 502 -5.63 -6.23 16.04
N VAL C 503 -6.88 -6.37 15.61
CA VAL C 503 -7.97 -5.61 16.24
C VAL C 503 -8.29 -6.18 17.61
N ILE C 504 -8.40 -7.50 17.68
CA ILE C 504 -8.72 -8.16 18.94
C ILE C 504 -7.57 -7.92 19.91
N ASN C 505 -6.34 -8.04 19.41
CA ASN C 505 -5.16 -7.76 20.20
C ASN C 505 -5.30 -6.44 20.95
N ALA C 506 -5.88 -5.44 20.29
CA ALA C 506 -6.05 -4.13 20.92
C ALA C 506 -6.98 -4.23 22.13
N ARG C 507 -7.97 -5.12 22.07
CA ARG C 507 -8.85 -5.35 23.20
C ARG C 507 -8.06 -5.79 24.42
N TYR C 508 -7.19 -6.78 24.19
CA TYR C 508 -6.46 -7.38 25.29
C TYR C 508 -5.34 -6.47 25.83
N ARG C 509 -4.85 -5.55 25.01
CA ARG C 509 -3.84 -4.59 25.49
C ARG C 509 -4.52 -3.56 26.40
N LEU C 510 -5.82 -3.37 26.21
CA LEU C 510 -6.54 -2.31 26.88
C LEU C 510 -7.33 -2.84 28.05
N VAL C 511 -7.35 -4.17 28.20
CA VAL C 511 -8.19 -4.80 29.22
C VAL C 511 -7.94 -4.31 30.68
N PRO C 512 -6.67 -4.28 31.14
CA PRO C 512 -6.45 -3.73 32.48
C PRO C 512 -7.11 -2.36 32.65
N TYR C 513 -6.86 -1.46 31.70
CA TYR C 513 -7.43 -0.13 31.80
C TYR C 513 -8.96 -0.19 31.75
N LEU C 514 -9.50 -0.89 30.76
CA LEU C 514 -10.94 -0.93 30.54
C LEU C 514 -11.61 -1.52 31.78
N TYR C 515 -11.06 -2.63 32.26
CA TYR C 515 -11.52 -3.27 33.49
C TYR C 515 -11.41 -2.30 34.66
N SER C 516 -10.28 -1.64 34.76
CA SER C 516 -10.09 -0.66 35.82
C SER C 516 -11.20 0.40 35.80
N GLU C 517 -11.46 0.99 34.62
CA GLU C 517 -12.46 2.04 34.53
C GLU C 517 -13.87 1.53 34.86
N TYR C 518 -14.16 0.31 34.45
CA TYR C 518 -15.47 -0.28 34.77
C TYR C 518 -15.62 -0.45 36.29
N MET C 519 -14.59 -0.98 36.92
CA MET C 519 -14.67 -1.22 38.37
C MET C 519 -14.82 0.10 39.14
N LYS C 520 -13.97 1.08 38.86
CA LYS C 520 -14.08 2.36 39.55
C LYS C 520 -15.48 2.94 39.31
N ALA C 521 -16.06 2.61 38.16
CA ALA C 521 -17.30 3.24 37.75
C ALA C 521 -18.49 2.62 38.48
N ALA C 522 -18.54 1.30 38.44
CA ALA C 522 -19.60 0.56 39.13
C ALA C 522 -19.52 0.74 40.66
N LEU C 523 -18.31 0.67 41.22
CA LEU C 523 -18.15 0.76 42.68
C LEU C 523 -18.53 2.15 43.18
N ASN C 524 -18.65 3.09 42.25
CA ASN C 524 -18.90 4.48 42.57
C ASN C 524 -20.22 4.99 42.01
N ASP C 525 -21.05 4.06 41.56
CA ASP C 525 -22.33 4.46 40.99
C ASP C 525 -22.14 5.52 39.90
N ASP C 526 -21.00 5.44 39.20
CA ASP C 526 -20.68 6.37 38.11
C ASP C 526 -20.81 5.69 36.73
N MET C 527 -20.70 6.49 35.66
CA MET C 527 -20.82 5.96 34.30
C MET C 527 -19.48 5.56 33.67
N TYR C 528 -19.52 4.49 32.87
CA TYR C 528 -18.38 3.98 32.11
C TYR C 528 -18.30 4.74 30.75
N PHE C 529 -19.43 4.83 30.04
CA PHE C 529 -19.52 5.61 28.80
C PHE C 529 -20.34 6.85 29.10
N LYS C 530 -19.88 7.98 28.58
CA LYS C 530 -20.60 9.25 28.75
C LYS C 530 -20.79 9.99 27.43
N PRO C 531 -21.95 10.62 27.27
CA PRO C 531 -22.13 11.56 26.17
C PRO C 531 -21.05 12.64 26.28
N LEU C 532 -20.65 13.27 25.17
CA LEU C 532 -19.68 14.35 25.26
C LEU C 532 -20.24 15.51 26.10
N GLY C 533 -21.57 15.66 26.10
CA GLY C 533 -22.24 16.71 26.87
C GLY C 533 -22.09 16.66 28.39
N PHE C 534 -21.92 15.46 28.93
CA PHE C 534 -21.74 15.31 30.37
C PHE C 534 -20.37 15.80 30.82
N VAL C 535 -19.35 15.59 29.99
CA VAL C 535 -17.98 16.00 30.32
C VAL C 535 -17.65 17.45 29.91
N TYR C 536 -18.27 17.95 28.84
CA TYR C 536 -18.05 19.33 28.39
C TYR C 536 -19.37 20.07 28.16
N PRO C 537 -20.17 20.24 29.21
CA PRO C 537 -21.55 20.74 29.21
C PRO C 537 -21.68 22.23 28.89
N ASP C 538 -20.56 22.94 28.77
CA ASP C 538 -20.61 24.34 28.33
C ASP C 538 -20.24 24.57 26.85
N ASP C 539 -19.79 23.51 26.20
CA ASP C 539 -19.38 23.56 24.80
C ASP C 539 -20.55 23.13 23.96
N LYS C 540 -21.16 24.09 23.29
CA LYS C 540 -22.38 23.86 22.53
C LYS C 540 -22.16 22.96 21.32
N MET C 541 -20.89 22.78 20.97
CA MET C 541 -20.51 21.86 19.91
C MET C 541 -20.44 20.45 20.47
N ALA C 542 -19.79 20.31 21.62
CA ALA C 542 -19.67 19.01 22.28
C ALA C 542 -21.04 18.41 22.64
N ILE C 543 -21.96 19.23 23.17
CA ILE C 543 -23.21 18.67 23.68
C ILE C 543 -24.12 18.04 22.64
N ARG C 544 -23.82 18.25 21.36
CA ARG C 544 -24.66 17.74 20.29
C ARG C 544 -24.07 16.50 19.61
N VAL C 545 -22.77 16.27 19.81
CA VAL C 545 -22.06 15.12 19.24
C VAL C 545 -22.67 13.78 19.69
N GLU C 546 -23.02 12.93 18.72
CA GLU C 546 -23.72 11.69 19.05
C GLU C 546 -23.07 10.45 18.48
N ASP C 547 -21.86 10.59 17.97
CA ASP C 547 -21.17 9.45 17.37
C ASP C 547 -19.76 9.41 17.89
N GLN C 548 -19.58 10.01 19.07
CA GLN C 548 -18.36 9.92 19.85
C GLN C 548 -18.79 9.69 21.30
N LEU C 549 -17.93 9.04 22.08
CA LEU C 549 -18.23 8.85 23.50
C LEU C 549 -16.98 9.04 24.34
N MET C 550 -17.20 9.55 25.55
CA MET C 550 -16.15 9.64 26.56
C MET C 550 -16.15 8.33 27.32
N LEU C 551 -14.95 7.81 27.59
CA LEU C 551 -14.83 6.60 28.38
C LEU C 551 -13.93 6.87 29.56
N GLY C 552 -14.42 6.54 30.75
CA GLY C 552 -13.72 6.84 32.00
C GLY C 552 -13.49 8.34 32.12
N ASN C 553 -12.27 8.72 32.44
CA ASN C 553 -11.93 10.13 32.52
C ASN C 553 -10.68 10.40 31.74
N GLU C 554 -10.28 9.43 30.93
CA GLU C 554 -8.98 9.51 30.29
C GLU C 554 -9.12 9.62 28.78
N ILE C 555 -10.18 9.03 28.24
CA ILE C 555 -10.25 8.83 26.80
C ILE C 555 -11.59 9.15 26.12
N MET C 556 -11.49 9.32 24.81
CA MET C 556 -12.64 9.45 23.93
C MET C 556 -12.53 8.44 22.80
N ILE C 557 -13.66 7.83 22.46
CA ILE C 557 -13.71 6.95 21.30
C ILE C 557 -14.61 7.55 20.22
N ALA C 558 -14.23 7.32 18.97
CA ALA C 558 -15.00 7.78 17.81
C ALA C 558 -14.82 6.74 16.71
N PRO C 559 -15.72 5.75 16.64
CA PRO C 559 -15.50 4.64 15.72
C PRO C 559 -15.89 5.01 14.27
N VAL C 560 -15.15 4.48 13.32
CA VAL C 560 -15.56 4.53 11.92
C VAL C 560 -16.77 3.63 11.72
N TYR C 561 -17.86 4.17 11.18
CA TYR C 561 -19.05 3.36 10.93
C TYR C 561 -19.64 3.51 9.54
N GLU C 562 -18.80 3.93 8.59
CA GLU C 562 -19.27 4.12 7.21
C GLU C 562 -18.50 3.19 6.29
N GLN C 563 -19.23 2.48 5.42
CA GLN C 563 -18.62 1.53 4.52
C GLN C 563 -17.65 2.20 3.56
N ASN C 564 -16.49 1.60 3.38
CA ASN C 564 -15.50 2.16 2.47
C ASN C 564 -14.75 3.40 2.95
N ALA C 565 -15.08 3.90 4.14
CA ALA C 565 -14.36 5.07 4.66
C ALA C 565 -12.93 4.74 5.12
N ARG C 566 -12.00 5.66 4.89
CA ARG C 566 -10.62 5.48 5.31
C ARG C 566 -10.29 6.37 6.52
N GLY C 567 -11.34 6.99 7.05
CA GLY C 567 -11.22 7.96 8.11
C GLY C 567 -12.58 8.48 8.51
N ARG C 568 -12.61 9.52 9.34
CA ARG C 568 -13.89 10.10 9.74
C ARG C 568 -13.63 11.44 10.39
N TYR C 569 -14.70 12.24 10.47
CA TYR C 569 -14.64 13.55 11.07
C TYR C 569 -14.82 13.35 12.56
N VAL C 570 -14.14 14.18 13.36
CA VAL C 570 -14.35 14.22 14.79
C VAL C 570 -14.33 15.65 15.31
N TYR C 571 -14.96 15.86 16.45
CA TYR C 571 -14.82 17.09 17.19
C TYR C 571 -14.13 16.82 18.53
N LEU C 572 -13.00 17.49 18.81
CA LEU C 572 -12.37 17.36 20.14
C LEU C 572 -12.59 18.64 20.98
N PRO C 573 -13.34 18.54 22.10
CA PRO C 573 -13.58 19.71 22.95
C PRO C 573 -12.37 20.13 23.78
N GLU C 574 -11.24 19.44 23.63
CA GLU C 574 -9.99 19.85 24.27
C GLU C 574 -8.82 19.17 23.57
N GLU C 575 -7.62 19.71 23.75
CA GLU C 575 -6.43 19.10 23.18
C GLU C 575 -6.30 17.62 23.61
N MET C 576 -6.12 16.72 22.65
CA MET C 576 -5.98 15.29 22.91
C MET C 576 -4.89 14.64 22.05
N LYS C 577 -4.32 13.55 22.55
CA LYS C 577 -3.44 12.74 21.71
C LYS C 577 -4.26 11.72 20.91
N PHE C 578 -4.15 11.77 19.59
CA PHE C 578 -4.78 10.81 18.70
C PHE C 578 -3.91 9.56 18.65
N ILE C 579 -4.44 8.49 19.23
CA ILE C 579 -3.77 7.20 19.33
C ILE C 579 -4.37 6.16 18.40
N LYS C 580 -3.49 5.39 17.75
CA LYS C 580 -3.93 4.22 16.98
C LYS C 580 -3.12 2.98 17.33
N PHE C 581 -3.82 1.88 17.59
CA PHE C 581 -3.16 0.60 17.69
C PHE C 581 -2.89 0.09 16.28
N MET C 582 -1.60 0.00 15.94
CA MET C 582 -1.20 -0.44 14.62
C MET C 582 -1.05 -1.96 14.50
N PRO C 583 -1.31 -2.51 13.30
CA PRO C 583 -1.24 -3.94 12.99
C PRO C 583 0.08 -4.54 13.40
N ASP C 584 1.16 -3.81 13.16
CA ASP C 584 2.50 -4.30 13.48
C ASP C 584 2.80 -4.27 14.98
N GLY C 585 1.79 -3.94 15.79
CA GLY C 585 1.97 -3.92 17.23
C GLY C 585 2.44 -2.59 17.80
N SER C 586 2.73 -1.63 16.94
CA SER C 586 3.13 -0.32 17.43
C SER C 586 1.93 0.58 17.75
N ILE C 587 2.20 1.76 18.27
CA ILE C 587 1.13 2.67 18.63
C ILE C 587 1.42 4.07 18.08
N SER C 588 0.71 4.43 17.02
CA SER C 588 0.74 5.78 16.51
C SER C 588 0.16 6.73 17.55
N GLU C 589 0.83 7.85 17.74
CA GLU C 589 0.49 8.83 18.75
C GLU C 589 0.66 10.19 18.12
N GLU C 590 -0.30 11.07 18.31
CA GLU C 590 -0.22 12.39 17.70
C GLU C 590 -1.14 13.39 18.41
N VAL C 591 -0.57 14.51 18.84
CA VAL C 591 -1.35 15.57 19.47
C VAL C 591 -2.23 16.30 18.46
N LEU C 592 -3.48 16.51 18.80
CA LEU C 592 -4.38 17.30 17.97
C LEU C 592 -5.14 18.29 18.85
N GLU C 593 -5.09 19.56 18.48
CA GLU C 593 -5.75 20.61 19.28
C GLU C 593 -7.28 20.56 19.19
N LYS C 594 -7.93 21.31 20.07
CA LYS C 594 -9.39 21.38 20.10
C LYS C 594 -9.91 21.81 18.76
N GLY C 595 -11.11 21.31 18.42
CA GLY C 595 -11.76 21.70 17.18
C GLY C 595 -12.02 20.54 16.25
N VAL C 596 -12.53 20.84 15.06
CA VAL C 596 -12.92 19.79 14.14
C VAL C 596 -11.71 19.20 13.41
N HIS C 597 -11.75 17.90 13.15
CA HIS C 597 -10.67 17.23 12.44
C HIS C 597 -11.19 16.11 11.57
N TYR C 598 -10.40 15.74 10.56
CA TYR C 598 -10.63 14.50 9.86
C TYR C 598 -9.49 13.56 10.15
N VAL C 599 -9.78 12.40 10.69
CA VAL C 599 -8.72 11.48 11.05
C VAL C 599 -8.73 10.24 10.16
N ASP C 600 -7.53 9.85 9.74
CA ASP C 600 -7.37 8.63 8.97
C ASP C 600 -7.32 7.45 9.95
N VAL C 601 -8.01 6.39 9.58
CA VAL C 601 -8.16 5.20 10.39
C VAL C 601 -8.44 4.04 9.48
N ALA C 602 -7.40 3.27 9.16
CA ALA C 602 -7.57 2.13 8.29
C ALA C 602 -8.45 1.08 8.91
N LEU C 603 -8.86 0.11 8.10
CA LEU C 603 -9.70 -1.01 8.55
C LEU C 603 -9.06 -1.76 9.70
N ASN C 604 -7.76 -2.01 9.62
CA ASN C 604 -7.06 -2.79 10.65
C ASN C 604 -6.37 -1.96 11.76
N GLU C 605 -6.88 -0.75 12.00
CA GLU C 605 -6.30 0.16 13.00
C GLU C 605 -7.36 0.49 14.02
N VAL C 606 -6.99 0.52 15.30
CA VAL C 606 -7.95 0.88 16.33
C VAL C 606 -7.64 2.23 16.97
N PRO C 607 -8.58 3.19 16.81
CA PRO C 607 -8.38 4.60 17.11
C PRO C 607 -8.93 4.97 18.48
N LEU C 608 -8.23 5.86 19.17
CA LEU C 608 -8.74 6.44 20.42
C LEU C 608 -8.04 7.74 20.71
N PHE C 609 -8.67 8.57 21.54
CA PHE C 609 -8.08 9.84 21.93
C PHE C 609 -7.90 9.91 23.44
N ILE C 610 -6.67 10.22 23.87
CA ILE C 610 -6.36 10.45 25.28
C ILE C 610 -6.48 11.95 25.58
N ARG C 611 -7.22 12.29 26.63
CA ARG C 611 -7.46 13.70 26.98
C ARG C 611 -6.24 14.43 27.54
N SER C 612 -6.21 15.74 27.34
CA SER C 612 -5.12 16.57 27.84
C SER C 612 -4.87 16.29 29.32
N GLY C 613 -3.62 15.98 29.66
CA GLY C 613 -3.25 15.79 31.05
C GLY C 613 -3.57 14.41 31.60
N LYS C 614 -3.96 13.50 30.72
CA LYS C 614 -4.27 12.14 31.13
C LYS C 614 -3.38 11.10 30.46
N CYS C 615 -3.34 9.91 31.06
CA CYS C 615 -2.67 8.78 30.45
C CYS C 615 -3.39 7.49 30.81
N ILE C 616 -3.01 6.40 30.14
CA ILE C 616 -3.55 5.09 30.44
C ILE C 616 -2.49 4.00 30.31
N PRO C 617 -2.68 2.89 31.02
CA PRO C 617 -1.78 1.74 30.91
C PRO C 617 -2.15 0.88 29.70
N VAL C 618 -1.15 0.36 29.01
CA VAL C 618 -1.38 -0.56 27.90
C VAL C 618 -0.47 -1.76 28.00
N ALA C 619 -1.06 -2.93 28.22
CA ALA C 619 -0.28 -4.17 28.32
C ALA C 619 0.17 -4.63 26.94
N GLU C 620 1.18 -5.50 26.91
CA GLU C 620 1.50 -6.22 25.70
C GLU C 620 0.34 -7.17 25.46
N ALA C 621 0.20 -7.63 24.22
CA ALA C 621 -0.96 -8.45 23.88
C ALA C 621 -0.84 -9.87 24.43
N ALA C 622 -1.97 -10.40 24.90
CA ALA C 622 -2.01 -11.80 25.30
C ALA C 622 -3.35 -12.44 24.89
N GLU C 623 -3.36 -13.76 24.73
CA GLU C 623 -4.46 -14.50 24.11
C GLU C 623 -5.56 -14.98 25.08
N CYS C 624 -5.48 -14.54 26.33
CA CYS C 624 -6.52 -14.76 27.31
C CYS C 624 -6.29 -13.80 28.45
N VAL C 625 -7.36 -13.45 29.16
CA VAL C 625 -7.25 -12.49 30.25
C VAL C 625 -6.16 -12.89 31.27
N LYS C 626 -6.24 -14.11 31.80
CA LYS C 626 -5.31 -14.58 32.83
C LYS C 626 -3.85 -14.30 32.49
N ASP C 627 -3.48 -14.45 31.22
CA ASP C 627 -2.08 -14.31 30.80
C ASP C 627 -1.62 -12.87 30.58
N ILE C 628 -2.49 -11.90 30.82
CA ILE C 628 -2.10 -10.51 30.65
C ILE C 628 -1.15 -10.09 31.77
N ASP C 629 0.06 -9.69 31.38
CA ASP C 629 1.04 -9.16 32.34
C ASP C 629 0.73 -7.72 32.65
N THR C 630 0.06 -7.47 33.78
CA THR C 630 -0.27 -6.10 34.16
C THR C 630 0.82 -5.54 35.05
N GLU C 631 1.94 -6.27 35.08
CA GLU C 631 3.14 -5.84 35.77
C GLU C 631 3.95 -4.91 34.87
N ASN C 632 4.24 -3.72 35.36
CA ASN C 632 5.04 -2.75 34.60
C ASN C 632 4.49 -2.49 33.19
N MET C 633 3.28 -1.98 33.12
CA MET C 633 2.67 -1.68 31.83
C MET C 633 3.22 -0.39 31.21
N GLN C 634 3.23 -0.36 29.89
CA GLN C 634 3.56 0.87 29.16
C GLN C 634 2.50 1.92 29.45
N LEU C 635 2.93 3.16 29.61
CA LEU C 635 2.00 4.26 29.86
C LEU C 635 1.91 5.18 28.65
N ILE C 636 0.69 5.32 28.12
CA ILE C 636 0.41 6.07 26.90
C ILE C 636 -0.40 7.31 27.24
N GLY C 637 -0.02 8.45 26.68
CA GLY C 637 -0.76 9.67 26.97
C GLY C 637 0.19 10.83 27.25
N TYR C 638 -0.21 11.74 28.14
CA TYR C 638 0.61 12.92 28.44
C TYR C 638 1.67 12.68 29.52
N GLU C 639 2.88 13.15 29.25
CA GLU C 639 3.94 13.04 30.25
C GLU C 639 3.58 13.90 31.46
N GLY C 640 3.98 13.44 32.64
CA GLY C 640 3.76 14.18 33.87
C GLY C 640 2.42 13.92 34.53
N SER C 641 1.56 13.13 33.89
CA SER C 641 0.25 12.84 34.47
C SER C 641 0.25 11.46 35.10
N SER C 642 -0.79 11.16 35.87
CA SER C 642 -0.86 9.88 36.55
C SER C 642 -2.24 9.22 36.48
N TYR C 643 -2.22 7.89 36.45
CA TYR C 643 -3.45 7.10 36.39
C TYR C 643 -3.58 6.25 37.63
N THR C 644 -4.81 6.10 38.10
CA THR C 644 -5.08 5.23 39.23
C THR C 644 -5.69 3.90 38.79
N LEU C 645 -4.83 2.91 38.63
CA LEU C 645 -5.21 1.56 38.23
C LEU C 645 -5.95 0.77 39.32
N TYR C 646 -7.23 0.48 39.10
CA TYR C 646 -7.90 -0.48 39.98
C TYR C 646 -7.63 -1.88 39.50
N GLU C 647 -7.23 -2.78 40.40
CA GLU C 647 -6.94 -4.17 40.04
C GLU C 647 -7.18 -5.10 41.22
N ASP C 648 -8.08 -6.09 41.06
CA ASP C 648 -8.28 -7.14 42.05
C ASP C 648 -7.99 -8.52 41.44
N ASP C 649 -8.44 -9.59 42.09
CA ASP C 649 -8.19 -10.92 41.56
C ASP C 649 -9.17 -11.26 40.44
N GLY C 650 -10.20 -10.44 40.30
CA GLY C 650 -11.13 -10.55 39.19
C GLY C 650 -12.16 -11.65 39.33
N ILE C 651 -12.18 -12.31 40.48
CA ILE C 651 -13.01 -13.49 40.69
C ILE C 651 -14.03 -13.34 41.82
N HIS C 652 -13.60 -12.73 42.92
CA HIS C 652 -14.44 -12.58 44.10
C HIS C 652 -14.91 -11.16 44.24
N LYS C 653 -15.47 -10.84 45.40
CA LYS C 653 -16.14 -9.56 45.60
C LYS C 653 -15.48 -8.76 46.72
N ASP C 654 -14.16 -8.84 46.77
CA ASP C 654 -13.42 -8.08 47.75
C ASP C 654 -13.00 -6.73 47.18
N TYR C 655 -13.96 -5.82 47.10
CA TYR C 655 -13.77 -4.54 46.41
C TYR C 655 -12.98 -3.50 47.19
N ASP C 656 -13.16 -3.48 48.51
CA ASP C 656 -12.74 -2.34 49.35
C ASP C 656 -11.32 -2.39 49.91
N LYS C 657 -10.44 -3.17 49.30
CA LYS C 657 -9.04 -3.20 49.72
C LYS C 657 -8.22 -2.09 49.05
N LYS C 658 -7.51 -1.32 49.86
CA LYS C 658 -6.64 -0.26 49.35
C LYS C 658 -5.54 -0.84 48.47
N GLU C 659 -5.24 -2.12 48.67
CA GLU C 659 -4.28 -2.82 47.83
C GLU C 659 -4.83 -3.09 46.43
N ASN C 660 -6.09 -2.73 46.20
CA ASN C 660 -6.69 -2.83 44.87
C ASN C 660 -6.27 -1.66 43.98
N TYR C 661 -5.85 -0.56 44.61
CA TYR C 661 -5.53 0.68 43.90
C TYR C 661 -4.02 0.94 43.88
N ARG C 662 -3.49 1.28 42.70
CA ARG C 662 -2.12 1.78 42.64
C ARG C 662 -1.95 2.88 41.58
N VAL C 663 -1.28 3.95 41.96
CA VAL C 663 -1.16 5.11 41.09
C VAL C 663 0.10 5.01 40.23
N LEU C 664 -0.10 5.08 38.92
CA LEU C 664 1.01 5.07 37.97
C LEU C 664 1.26 6.50 37.51
N THR C 665 2.51 6.82 37.19
CA THR C 665 2.79 8.13 36.63
C THR C 665 3.66 8.00 35.38
N LYS C 666 3.32 8.75 34.34
CA LYS C 666 3.99 8.60 33.05
C LYS C 666 5.29 9.40 32.99
N SER D 1 -16.93 4.23 -36.14
CA SER D 1 -16.64 3.51 -34.91
C SER D 1 -16.31 4.44 -33.74
N ASN D 2 -16.34 3.89 -32.52
CA ASN D 2 -15.77 4.55 -31.36
C ASN D 2 -14.68 3.63 -30.84
N ALA D 3 -13.43 3.87 -31.20
CA ALA D 3 -12.34 3.02 -30.71
C ALA D 3 -12.30 3.08 -29.19
N MET D 4 -13.23 3.82 -28.61
CA MET D 4 -13.37 3.93 -27.17
C MET D 4 -14.34 2.87 -26.64
N ILE D 5 -15.17 2.33 -27.52
CA ILE D 5 -16.19 1.37 -27.13
C ILE D 5 -16.18 0.12 -27.99
N ARG D 6 -15.81 -1.02 -27.41
CA ARG D 6 -15.91 -2.27 -28.13
C ARG D 6 -17.07 -3.09 -27.57
N LYS D 7 -17.60 -3.99 -28.37
CA LYS D 7 -18.73 -4.77 -27.92
C LYS D 7 -18.37 -6.24 -27.98
N TYR D 8 -18.48 -6.92 -26.85
CA TYR D 8 -18.17 -8.34 -26.84
C TYR D 8 -19.43 -9.19 -26.74
N ARG D 9 -19.65 -9.99 -27.77
CA ARG D 9 -20.88 -10.75 -27.89
C ARG D 9 -20.69 -12.15 -27.35
N TYR D 10 -21.64 -12.59 -26.55
CA TYR D 10 -21.59 -13.93 -25.98
C TYR D 10 -22.90 -14.63 -26.26
N GLY D 11 -22.84 -15.63 -27.13
CA GLY D 11 -24.00 -16.41 -27.51
C GLY D 11 -24.98 -15.66 -28.40
N ALA D 12 -26.25 -15.78 -28.08
CA ALA D 12 -27.32 -15.21 -28.89
C ALA D 12 -28.19 -14.31 -28.03
N PRO D 13 -27.65 -13.12 -27.70
CA PRO D 13 -28.30 -12.15 -26.82
C PRO D 13 -29.62 -11.65 -27.39
N PHE D 14 -30.66 -11.63 -26.56
CA PHE D 14 -31.90 -10.91 -26.87
C PHE D 14 -31.62 -9.41 -27.00
N ASP D 15 -32.29 -8.74 -27.93
CA ASP D 15 -32.00 -7.34 -28.20
C ASP D 15 -32.82 -6.45 -27.30
N THR D 16 -32.13 -5.71 -26.43
CA THR D 16 -32.80 -4.90 -25.42
C THR D 16 -33.09 -3.50 -25.94
N GLU D 17 -32.37 -3.10 -26.99
CA GLU D 17 -32.50 -1.76 -27.58
C GLU D 17 -32.07 -0.68 -26.57
N ALA D 18 -31.20 -1.08 -25.66
CA ALA D 18 -30.65 -0.16 -24.67
C ALA D 18 -29.85 0.92 -25.36
N LEU D 19 -28.92 0.53 -26.23
CA LEU D 19 -28.11 1.49 -26.99
C LEU D 19 -28.81 1.94 -28.28
N THR D 20 -28.62 3.19 -28.66
CA THR D 20 -29.16 3.69 -29.91
C THR D 20 -28.07 3.71 -30.98
N GLU D 21 -26.81 3.78 -30.57
CA GLU D 21 -25.73 3.75 -31.55
C GLU D 21 -25.26 2.32 -31.74
N LYS D 22 -25.20 1.88 -32.98
CA LYS D 22 -24.75 0.53 -33.28
C LYS D 22 -23.23 0.43 -33.20
N ILE D 23 -22.75 -0.59 -32.50
CA ILE D 23 -21.32 -0.87 -32.42
C ILE D 23 -21.06 -2.25 -32.98
N GLU D 24 -20.07 -2.37 -33.85
CA GLU D 24 -19.70 -3.65 -34.42
C GLU D 24 -19.27 -4.61 -33.31
N THR D 25 -19.32 -5.92 -33.58
CA THR D 25 -18.86 -6.91 -32.63
C THR D 25 -17.34 -7.04 -32.66
N ALA D 26 -16.67 -6.71 -31.58
CA ALA D 26 -15.22 -6.87 -31.55
C ALA D 26 -14.83 -8.34 -31.77
N GLU D 27 -13.58 -8.58 -32.14
CA GLU D 27 -13.11 -9.92 -32.47
C GLU D 27 -11.93 -10.36 -31.63
N GLU D 28 -11.38 -9.44 -30.83
CA GLU D 28 -10.18 -9.73 -30.06
C GLU D 28 -10.52 -10.33 -28.69
N ALA D 29 -9.49 -10.76 -27.95
CA ALA D 29 -9.68 -11.25 -26.59
C ALA D 29 -10.28 -10.15 -25.71
N PHE D 30 -11.13 -10.54 -24.76
CA PHE D 30 -11.71 -9.60 -23.81
C PHE D 30 -10.59 -8.94 -23.01
N PRO D 31 -10.63 -7.60 -22.90
CA PRO D 31 -9.51 -6.74 -22.49
C PRO D 31 -9.08 -6.84 -21.03
N TYR D 32 -10.02 -7.03 -20.11
CA TYR D 32 -9.71 -7.08 -18.68
C TYR D 32 -10.24 -8.30 -17.97
N GLY D 33 -9.50 -8.79 -16.98
CA GLY D 33 -9.96 -9.88 -16.13
C GLY D 33 -10.11 -11.16 -16.94
N GLU D 34 -10.97 -12.07 -16.45
CA GLU D 34 -11.17 -13.37 -17.07
C GLU D 34 -12.64 -13.67 -17.27
N ILE D 35 -12.98 -14.23 -18.42
CA ILE D 35 -14.32 -14.71 -18.68
C ILE D 35 -14.36 -16.24 -18.54
N SER D 36 -15.44 -16.76 -17.98
CA SER D 36 -15.64 -18.19 -17.89
C SER D 36 -17.10 -18.55 -18.16
N GLN D 37 -17.32 -19.72 -18.76
CA GLN D 37 -18.67 -20.16 -19.09
C GLN D 37 -19.06 -21.51 -18.50
N LYS D 38 -18.35 -21.96 -17.47
CA LYS D 38 -18.64 -23.24 -16.82
C LYS D 38 -20.07 -23.32 -16.27
N GLU D 39 -20.40 -22.48 -15.30
CA GLU D 39 -21.78 -22.41 -14.83
C GLU D 39 -22.40 -21.16 -15.39
N GLY D 40 -22.95 -21.25 -16.60
CA GLY D 40 -23.45 -20.07 -17.27
C GLY D 40 -22.30 -19.15 -17.62
N PHE D 41 -22.29 -17.95 -17.04
CA PHE D 41 -21.34 -16.93 -17.44
C PHE D 41 -20.80 -16.15 -16.25
N ALA D 42 -19.49 -15.94 -16.24
CA ALA D 42 -18.89 -15.19 -15.15
C ALA D 42 -17.73 -14.31 -15.61
N PHE D 43 -17.81 -13.03 -15.27
CA PHE D 43 -16.68 -12.13 -15.42
C PHE D 43 -15.98 -11.95 -14.08
N THR D 44 -14.66 -12.08 -14.05
CA THR D 44 -13.89 -12.02 -12.81
C THR D 44 -12.67 -11.11 -12.91
N TYR D 45 -12.60 -10.11 -12.02
CA TYR D 45 -11.55 -9.11 -12.06
C TYR D 45 -10.96 -8.84 -10.66
N ILE D 46 -9.64 -8.95 -10.53
CA ILE D 46 -8.93 -8.59 -9.29
C ILE D 46 -8.67 -7.08 -9.21
N MET D 47 -9.42 -6.41 -8.35
CA MET D 47 -9.26 -4.98 -8.14
C MET D 47 -8.00 -4.60 -7.37
N ASP D 48 -7.44 -3.44 -7.71
CA ASP D 48 -6.39 -2.84 -6.91
C ASP D 48 -7.00 -2.30 -5.63
N GLU D 49 -6.20 -2.24 -4.58
CA GLU D 49 -6.65 -1.78 -3.27
C GLU D 49 -7.34 -0.41 -3.31
N ASP D 50 -6.82 0.51 -4.13
CA ASP D 50 -7.34 1.88 -4.16
C ASP D 50 -8.50 2.08 -5.14
N ASP D 51 -8.83 1.04 -5.91
CA ASP D 51 -9.94 1.14 -6.87
C ASP D 51 -11.26 1.52 -6.22
N ILE D 52 -11.96 2.44 -6.88
CA ILE D 52 -13.33 2.75 -6.55
C ILE D 52 -14.18 2.18 -7.67
N VAL D 53 -15.40 1.76 -7.34
CA VAL D 53 -16.30 1.24 -8.35
C VAL D 53 -17.58 2.07 -8.32
N TYR D 54 -17.91 2.75 -9.42
CA TYR D 54 -19.16 3.51 -9.52
C TYR D 54 -20.17 2.77 -10.40
N GLY D 55 -21.43 3.16 -10.30
CA GLY D 55 -22.43 2.69 -11.23
C GLY D 55 -23.62 2.03 -10.59
N LEU D 56 -24.33 1.22 -11.37
CA LEU D 56 -25.45 0.40 -10.91
C LEU D 56 -26.71 1.23 -10.65
N GLY D 57 -26.64 2.49 -11.03
CA GLY D 57 -27.81 3.36 -11.02
C GLY D 57 -28.62 3.22 -9.75
N GLU D 58 -29.89 2.83 -9.91
CA GLU D 58 -30.77 2.64 -8.77
C GLU D 58 -30.52 1.29 -8.10
N SER D 59 -29.46 1.24 -7.31
CA SER D 59 -29.16 0.08 -6.52
C SER D 59 -28.87 0.53 -5.09
N ASN D 60 -28.69 -0.44 -4.22
CA ASN D 60 -28.61 -0.18 -2.80
C ASN D 60 -27.26 0.33 -2.34
N ARG D 61 -27.23 0.78 -1.09
CA ARG D 61 -26.01 1.29 -0.47
C ARG D 61 -25.50 2.57 -1.09
N GLY D 62 -24.19 2.67 -1.27
CA GLY D 62 -23.54 3.95 -1.58
C GLY D 62 -23.00 4.16 -2.98
N ILE D 63 -22.30 5.28 -3.14
CA ILE D 63 -21.70 5.67 -4.40
C ILE D 63 -20.57 4.72 -4.81
N ASN D 64 -19.60 4.51 -3.93
CA ASN D 64 -18.60 3.50 -4.17
C ASN D 64 -19.24 2.15 -3.85
N LYS D 65 -19.37 1.29 -4.85
CA LYS D 65 -20.13 0.04 -4.70
C LYS D 65 -19.35 -1.10 -4.05
N ARG D 66 -18.04 -0.93 -3.89
CA ARG D 66 -17.26 -1.97 -3.26
C ARG D 66 -17.87 -2.38 -1.93
N GLY D 67 -17.75 -3.68 -1.61
CA GLY D 67 -18.10 -4.17 -0.29
C GLY D 67 -19.52 -4.66 -0.17
N TYR D 68 -20.18 -4.96 -1.28
CA TYR D 68 -21.40 -5.72 -1.17
C TYR D 68 -21.73 -6.44 -2.48
N CYS D 69 -22.98 -6.90 -2.58
CA CYS D 69 -23.44 -7.74 -3.67
C CYS D 69 -24.75 -7.14 -4.18
N TYR D 70 -24.87 -6.98 -5.49
CA TYR D 70 -26.05 -6.35 -6.08
C TYR D 70 -26.56 -7.20 -7.23
N ILE D 71 -27.86 -7.45 -7.23
CA ILE D 71 -28.48 -8.31 -8.21
C ILE D 71 -29.47 -7.55 -9.09
N SER D 72 -29.18 -7.47 -10.37
CA SER D 72 -30.14 -6.88 -11.30
C SER D 72 -31.25 -7.89 -11.55
N ASN D 73 -32.40 -7.55 -10.96
CA ASN D 73 -33.57 -8.38 -10.95
C ASN D 73 -34.70 -7.55 -10.37
N CYS D 74 -35.42 -6.83 -11.21
CA CYS D 74 -36.42 -5.89 -10.72
C CYS D 74 -37.37 -6.58 -9.77
N THR D 75 -37.46 -6.11 -8.53
CA THR D 75 -38.46 -6.69 -7.62
C THR D 75 -39.23 -5.68 -6.76
N ASP D 76 -40.50 -6.01 -6.52
CA ASP D 76 -41.40 -5.18 -5.70
C ASP D 76 -41.13 -5.39 -4.21
N ASP D 77 -40.28 -4.55 -3.62
CA ASP D 77 -39.85 -4.76 -2.24
C ASP D 77 -39.89 -3.48 -1.44
N PRO D 78 -40.94 -3.31 -0.63
CA PRO D 78 -41.23 -2.05 0.08
C PRO D 78 -40.31 -1.77 1.29
N ILE D 79 -39.23 -2.53 1.44
CA ILE D 79 -38.39 -2.44 2.63
C ILE D 79 -36.91 -2.32 2.24
N HIS D 80 -36.41 -1.10 2.19
CA HIS D 80 -35.08 -0.88 1.61
C HIS D 80 -34.01 -0.82 2.68
N THR D 81 -33.70 -1.98 3.23
CA THR D 81 -32.66 -2.08 4.23
C THR D 81 -31.34 -2.45 3.55
N GLU D 82 -30.25 -2.27 4.28
CA GLU D 82 -28.90 -2.47 3.74
C GLU D 82 -28.64 -3.86 3.19
N ASP D 83 -29.41 -4.84 3.65
CA ASP D 83 -29.12 -6.22 3.29
C ASP D 83 -29.65 -6.55 1.91
N LYS D 84 -30.67 -5.81 1.46
CA LYS D 84 -31.33 -6.05 0.17
C LYS D 84 -30.38 -5.91 -1.02
N ARG D 85 -30.42 -6.89 -1.92
CA ARG D 85 -29.55 -6.91 -3.09
C ARG D 85 -30.25 -6.54 -4.40
N SER D 86 -31.58 -6.37 -4.35
CA SER D 86 -32.35 -6.08 -5.54
C SER D 86 -33.48 -5.15 -5.17
N LEU D 87 -33.59 -4.05 -5.91
CA LEU D 87 -34.73 -3.15 -5.78
C LEU D 87 -35.51 -3.18 -7.08
N TYR D 88 -35.96 -2.02 -7.54
CA TYR D 88 -36.86 -1.98 -8.69
C TYR D 88 -36.17 -1.94 -10.05
N GLY D 89 -34.97 -1.37 -10.12
CA GLY D 89 -34.34 -1.15 -11.40
C GLY D 89 -33.18 -2.08 -11.70
N ALA D 90 -32.82 -2.15 -12.99
CA ALA D 90 -31.73 -2.99 -13.45
C ALA D 90 -30.84 -2.17 -14.38
N HIS D 91 -29.80 -1.59 -13.81
CA HIS D 91 -28.94 -0.66 -14.51
C HIS D 91 -27.52 -1.18 -14.51
N ASN D 92 -27.22 -2.02 -15.50
CA ASN D 92 -25.98 -2.81 -15.53
C ASN D 92 -24.73 -2.09 -15.99
N PHE D 93 -24.51 -0.87 -15.50
CA PHE D 93 -23.35 -0.10 -15.93
C PHE D 93 -22.47 0.16 -14.70
N ILE D 94 -21.23 -0.30 -14.75
CA ILE D 94 -20.31 -0.06 -13.65
C ILE D 94 -19.00 0.47 -14.22
N ILE D 95 -18.24 1.17 -13.39
CA ILE D 95 -16.94 1.71 -13.80
C ILE D 95 -15.87 1.50 -12.73
N VAL D 96 -14.83 0.74 -13.08
CA VAL D 96 -13.68 0.62 -12.21
C VAL D 96 -12.79 1.86 -12.36
N SER D 97 -12.53 2.53 -11.26
CA SER D 97 -11.73 3.75 -11.25
C SER D 97 -10.52 3.61 -10.33
N GLY D 98 -9.33 3.74 -10.89
CA GLY D 98 -8.10 3.61 -10.12
C GLY D 98 -6.94 3.63 -11.09
N LYS D 99 -5.77 3.15 -10.65
CA LYS D 99 -4.63 3.04 -11.55
C LYS D 99 -5.11 2.57 -12.92
N THR D 100 -5.76 1.41 -12.95
CA THR D 100 -6.47 0.96 -14.14
C THR D 100 -7.94 1.39 -14.08
N THR D 101 -8.48 1.89 -15.19
CA THR D 101 -9.83 2.43 -15.21
C THR D 101 -10.54 1.99 -16.49
N PHE D 102 -11.82 1.67 -16.39
CA PHE D 102 -12.61 1.33 -17.57
C PHE D 102 -14.07 1.21 -17.14
N GLY D 103 -14.98 1.11 -18.11
CA GLY D 103 -16.40 1.04 -17.81
C GLY D 103 -16.93 -0.17 -18.53
N LEU D 104 -17.94 -0.81 -17.96
CA LEU D 104 -18.52 -2.00 -18.56
C LEU D 104 -20.02 -1.83 -18.56
N PHE D 105 -20.69 -2.26 -19.63
CA PHE D 105 -22.14 -2.32 -19.60
C PHE D 105 -22.56 -3.72 -19.98
N PHE D 106 -23.30 -4.37 -19.10
CA PHE D 106 -23.71 -5.75 -19.36
C PHE D 106 -25.11 -5.70 -19.92
N ASP D 107 -25.19 -5.76 -21.24
CA ASP D 107 -26.48 -5.74 -21.91
C ASP D 107 -27.02 -7.17 -21.86
N TYR D 108 -27.80 -7.43 -20.82
CA TYR D 108 -28.39 -8.73 -20.53
C TYR D 108 -29.67 -8.43 -19.75
N PRO D 109 -30.81 -9.01 -20.14
CA PRO D 109 -32.10 -8.60 -19.59
C PRO D 109 -32.61 -9.45 -18.43
N SER D 110 -31.78 -10.35 -17.93
CA SER D 110 -32.21 -11.28 -16.88
C SER D 110 -31.39 -11.12 -15.58
N LYS D 111 -31.65 -11.98 -14.60
CA LYS D 111 -30.99 -11.91 -13.29
C LYS D 111 -29.47 -11.85 -13.40
N LEU D 112 -28.89 -10.72 -13.04
CA LEU D 112 -27.45 -10.53 -13.16
C LEU D 112 -26.82 -10.13 -11.81
N THR D 113 -25.84 -10.91 -11.38
CA THR D 113 -25.27 -10.73 -10.04
C THR D 113 -23.94 -9.98 -10.04
N PHE D 114 -23.92 -8.84 -9.36
CA PHE D 114 -22.67 -8.09 -9.16
C PHE D 114 -22.11 -8.36 -7.76
N ASP D 115 -21.10 -9.19 -7.69
CA ASP D 115 -20.44 -9.50 -6.43
C ASP D 115 -19.21 -8.63 -6.39
N ILE D 116 -19.34 -7.46 -5.78
CA ILE D 116 -18.28 -6.47 -5.82
C ILE D 116 -17.52 -6.44 -4.50
N GLY D 117 -16.56 -7.35 -4.37
CA GLY D 117 -15.72 -7.42 -3.19
C GLY D 117 -16.39 -8.10 -2.03
N TYR D 118 -17.62 -8.59 -2.23
CA TYR D 118 -18.39 -9.24 -1.16
C TYR D 118 -17.78 -10.56 -0.69
N THR D 119 -17.67 -11.52 -1.59
CA THR D 119 -17.05 -12.79 -1.25
C THR D 119 -15.58 -12.59 -0.88
N ARG D 120 -14.85 -11.84 -1.70
CA ARG D 120 -13.48 -11.45 -1.37
C ARG D 120 -13.28 -9.98 -1.69
N MET D 121 -12.57 -9.27 -0.82
CA MET D 121 -12.49 -7.82 -0.92
C MET D 121 -11.84 -7.35 -2.21
N ASP D 122 -10.81 -8.08 -2.65
CA ASP D 122 -10.07 -7.66 -3.83
C ASP D 122 -10.70 -8.13 -5.14
N THR D 123 -11.91 -8.69 -5.08
CA THR D 123 -12.45 -9.41 -6.25
C THR D 123 -13.79 -8.89 -6.74
N LEU D 124 -13.84 -8.52 -8.01
CA LEU D 124 -15.08 -8.20 -8.70
C LEU D 124 -15.50 -9.39 -9.53
N LYS D 125 -16.74 -9.80 -9.37
CA LYS D 125 -17.27 -10.95 -10.11
C LYS D 125 -18.70 -10.73 -10.53
N VAL D 126 -18.94 -10.76 -11.83
CA VAL D 126 -20.31 -10.61 -12.30
C VAL D 126 -20.66 -11.80 -13.17
N SER D 127 -21.83 -12.38 -12.87
CA SER D 127 -22.17 -13.68 -13.38
C SER D 127 -23.67 -13.80 -13.57
N CYS D 128 -24.07 -14.73 -14.43
CA CYS D 128 -25.48 -14.97 -14.68
C CYS D 128 -25.66 -16.39 -15.22
N GLU D 129 -26.91 -16.80 -15.38
CA GLU D 129 -27.23 -18.17 -15.75
C GLU D 129 -26.85 -18.52 -17.18
N ASN D 130 -27.08 -17.59 -18.10
CA ASN D 130 -26.90 -17.83 -19.52
C ASN D 130 -25.87 -16.95 -20.20
N ALA D 131 -24.95 -17.57 -20.92
CA ALA D 131 -23.93 -16.87 -21.69
C ALA D 131 -24.53 -16.24 -22.95
N ASP D 132 -25.63 -15.51 -22.81
CA ASP D 132 -26.27 -14.85 -23.93
C ASP D 132 -26.38 -13.34 -23.70
N LEU D 133 -25.28 -12.63 -23.91
CA LEU D 133 -25.25 -11.22 -23.59
C LEU D 133 -24.19 -10.46 -24.39
N ASP D 134 -24.41 -9.15 -24.54
CA ASP D 134 -23.42 -8.22 -25.07
C ASP D 134 -22.75 -7.51 -23.87
N ILE D 135 -21.43 -7.43 -23.90
CA ILE D 135 -20.71 -6.63 -22.92
C ILE D 135 -19.95 -5.52 -23.61
N TYR D 136 -20.25 -4.27 -23.25
CA TYR D 136 -19.56 -3.13 -23.82
C TYR D 136 -18.45 -2.63 -22.92
N VAL D 137 -17.24 -2.55 -23.45
CA VAL D 137 -16.10 -2.05 -22.70
C VAL D 137 -15.84 -0.61 -23.13
N ILE D 138 -15.81 0.31 -22.17
CA ILE D 138 -15.64 1.72 -22.50
C ILE D 138 -14.37 2.27 -21.89
N GLU D 139 -13.38 2.49 -22.73
CA GLU D 139 -12.11 3.09 -22.33
C GLU D 139 -12.28 4.59 -22.08
N GLY D 140 -11.29 5.19 -21.42
CA GLY D 140 -11.31 6.62 -21.21
C GLY D 140 -10.22 7.05 -20.25
N GLU D 141 -9.83 8.32 -20.30
CA GLU D 141 -8.81 8.83 -19.39
C GLU D 141 -9.25 8.76 -17.93
N ASN D 142 -10.51 9.08 -17.65
CA ASN D 142 -11.07 8.97 -16.31
C ASN D 142 -12.55 8.62 -16.26
N ALA D 143 -13.04 8.35 -15.07
CA ALA D 143 -14.38 7.81 -14.90
C ALA D 143 -15.41 8.71 -15.54
N TYR D 144 -15.31 10.00 -15.26
CA TYR D 144 -16.20 10.99 -15.84
C TYR D 144 -16.20 10.86 -17.37
N ASP D 145 -15.00 10.85 -17.93
CA ASP D 145 -14.78 10.61 -19.35
C ASP D 145 -15.63 9.43 -19.81
N ILE D 146 -15.49 8.33 -19.08
CA ILE D 146 -16.14 7.09 -19.43
C ILE D 146 -17.66 7.24 -19.37
N VAL D 147 -18.16 7.96 -18.39
CA VAL D 147 -19.61 8.13 -18.28
C VAL D 147 -20.14 8.90 -19.46
N LYS D 148 -19.42 9.95 -19.85
CA LYS D 148 -19.89 10.80 -20.93
C LYS D 148 -19.96 10.00 -22.24
N GLN D 149 -18.98 9.12 -22.47
CA GLN D 149 -19.01 8.29 -23.66
C GLN D 149 -20.22 7.38 -23.68
N PHE D 150 -20.53 6.78 -22.53
CA PHE D 150 -21.65 5.86 -22.43
C PHE D 150 -22.96 6.64 -22.61
N ARG D 151 -23.02 7.85 -22.07
CA ARG D 151 -24.24 8.64 -22.17
C ARG D 151 -24.50 8.95 -23.65
N ARG D 152 -23.43 9.03 -24.44
CA ARG D 152 -23.54 9.23 -25.88
CA ARG D 152 -23.57 9.25 -25.87
C ARG D 152 -24.28 8.09 -26.57
N VAL D 153 -23.78 6.86 -26.37
CA VAL D 153 -24.29 5.72 -27.13
C VAL D 153 -25.68 5.17 -26.74
N ILE D 154 -26.20 5.63 -25.59
CA ILE D 154 -27.55 5.22 -25.15
C ILE D 154 -28.63 6.22 -25.52
N GLY D 155 -28.23 7.36 -26.07
CA GLY D 155 -29.19 8.33 -26.56
C GLY D 155 -29.60 9.33 -25.51
N ARG D 156 -30.08 10.48 -25.95
CA ARG D 156 -30.49 11.57 -25.11
C ARG D 156 -31.50 11.14 -24.06
N SER D 157 -31.29 11.56 -22.81
CA SER D 157 -32.27 11.34 -21.75
C SER D 157 -33.59 12.05 -22.02
N TYR D 158 -34.66 11.46 -21.51
CA TYR D 158 -35.99 12.07 -21.49
C TYR D 158 -35.96 13.49 -20.93
N ILE D 159 -36.86 14.33 -21.43
CA ILE D 159 -36.97 15.72 -20.97
C ILE D 159 -38.40 16.06 -20.60
N PRO D 160 -38.63 16.41 -19.32
CA PRO D 160 -39.96 16.74 -18.79
C PRO D 160 -40.43 18.15 -19.15
N PRO D 161 -41.75 18.38 -19.09
CA PRO D 161 -42.28 19.74 -19.26
C PRO D 161 -41.76 20.56 -18.07
N LYS D 162 -41.62 21.87 -18.20
CA LYS D 162 -40.96 22.66 -17.16
C LYS D 162 -41.73 22.57 -15.85
N PHE D 163 -43.05 22.40 -15.93
CA PHE D 163 -43.88 22.50 -14.74
C PHE D 163 -43.55 21.37 -13.76
N ALA D 164 -42.89 20.35 -14.28
CA ALA D 164 -42.54 19.20 -13.48
C ALA D 164 -41.33 19.50 -12.57
N PHE D 165 -40.72 20.66 -12.73
CA PHE D 165 -39.71 21.09 -11.78
C PHE D 165 -40.33 21.91 -10.66
N GLY D 166 -41.65 21.87 -10.56
CA GLY D 166 -42.30 22.46 -9.42
C GLY D 166 -42.30 21.40 -8.34
N PHE D 167 -43.05 21.64 -7.29
CA PHE D 167 -43.21 20.69 -6.20
C PHE D 167 -44.55 19.98 -6.32
N GLY D 168 -44.59 18.71 -5.90
CA GLY D 168 -45.77 17.90 -6.09
C GLY D 168 -46.21 17.20 -4.81
N GLN D 169 -47.52 17.08 -4.62
CA GLN D 169 -48.09 16.47 -3.44
C GLN D 169 -48.88 15.20 -3.81
N SER D 170 -48.64 14.13 -3.08
CA SER D 170 -49.24 12.84 -3.38
C SER D 170 -49.53 12.02 -2.12
N ARG D 171 -50.62 11.27 -2.16
CA ARG D 171 -50.92 10.32 -1.10
C ARG D 171 -51.74 9.13 -1.61
N TYR D 172 -51.21 7.93 -1.41
CA TYR D 172 -52.03 6.73 -1.57
C TYR D 172 -53.26 6.88 -0.70
N GLY D 173 -54.37 7.22 -1.32
CA GLY D 173 -55.62 7.31 -0.60
C GLY D 173 -56.53 8.46 -0.98
N TYR D 174 -55.98 9.50 -1.60
CA TYR D 174 -56.85 10.61 -2.06
C TYR D 174 -57.88 9.98 -2.99
N THR D 175 -59.17 10.20 -2.75
CA THR D 175 -60.20 9.47 -3.50
C THR D 175 -61.25 10.36 -4.16
N THR D 176 -61.67 11.40 -3.45
CA THR D 176 -62.77 12.23 -3.93
C THR D 176 -62.32 13.63 -4.31
N LYS D 177 -63.23 14.38 -4.93
CA LYS D 177 -62.96 15.77 -5.24
C LYS D 177 -62.63 16.57 -3.98
N GLU D 178 -63.35 16.30 -2.90
CA GLU D 178 -63.12 16.97 -1.63
C GLU D 178 -61.67 16.79 -1.21
N ASP D 179 -61.18 15.56 -1.28
CA ASP D 179 -59.79 15.27 -0.92
C ASP D 179 -58.81 16.17 -1.68
N PHE D 180 -58.93 16.19 -3.00
CA PHE D 180 -58.02 16.97 -3.80
C PHE D 180 -58.20 18.46 -3.51
N ARG D 181 -59.44 18.88 -3.36
CA ARG D 181 -59.73 20.29 -3.07
C ARG D 181 -59.04 20.72 -1.78
N ALA D 182 -59.05 19.84 -0.78
CA ALA D 182 -58.44 20.15 0.52
C ALA D 182 -56.94 20.30 0.38
N VAL D 183 -56.35 19.52 -0.52
CA VAL D 183 -54.92 19.65 -0.79
C VAL D 183 -54.68 20.99 -1.46
N ALA D 184 -55.48 21.26 -2.47
CA ALA D 184 -55.42 22.51 -3.17
C ALA D 184 -55.50 23.65 -2.17
N LYS D 185 -56.64 23.75 -1.50
CA LYS D 185 -56.84 24.82 -0.51
C LYS D 185 -55.69 24.91 0.50
N GLY D 186 -55.29 23.76 1.03
CA GLY D 186 -54.25 23.70 2.04
C GLY D 186 -52.91 24.27 1.62
N TYR D 187 -52.57 24.15 0.34
CA TYR D 187 -51.33 24.72 -0.16
C TYR D 187 -51.45 26.18 -0.54
N ARG D 188 -52.46 26.49 -1.35
CA ARG D 188 -52.62 27.82 -1.93
C ARG D 188 -53.00 28.83 -0.85
N GLU D 189 -53.96 28.44 0.00
CA GLU D 189 -54.35 29.29 1.12
C GLU D 189 -53.14 29.69 1.93
N ASN D 190 -52.19 28.77 2.06
CA ASN D 190 -51.04 29.01 2.91
C ASN D 190 -49.84 29.52 2.13
N HIS D 191 -50.08 29.80 0.85
CA HIS D 191 -49.08 30.39 -0.05
C HIS D 191 -47.84 29.54 -0.13
N ILE D 192 -48.01 28.23 0.05
CA ILE D 192 -46.93 27.31 -0.19
C ILE D 192 -46.94 26.96 -1.68
N PRO D 193 -45.79 27.11 -2.35
CA PRO D 193 -45.74 26.83 -3.78
C PRO D 193 -46.04 25.37 -4.06
N ILE D 194 -46.47 25.11 -5.29
CA ILE D 194 -46.88 23.78 -5.73
C ILE D 194 -47.35 23.84 -7.19
N ASP D 195 -47.20 22.73 -7.89
CA ASP D 195 -47.61 22.67 -9.30
C ASP D 195 -48.42 21.43 -9.64
N MET D 196 -48.25 20.36 -8.85
CA MET D 196 -48.85 19.06 -9.17
C MET D 196 -49.53 18.43 -7.97
N ILE D 197 -50.64 17.75 -8.22
CA ILE D 197 -51.21 16.83 -7.24
C ILE D 197 -51.35 15.45 -7.90
N TYR D 198 -50.77 14.42 -7.29
CA TYR D 198 -50.78 13.11 -7.91
C TYR D 198 -52.02 12.32 -7.55
N MET D 199 -52.42 11.45 -8.46
CA MET D 199 -53.58 10.62 -8.21
C MET D 199 -53.16 9.18 -8.06
N ASP D 200 -53.61 8.56 -6.97
CA ASP D 200 -53.32 7.16 -6.76
C ASP D 200 -54.53 6.32 -7.14
N ILE D 201 -54.35 5.00 -7.09
CA ILE D 201 -55.24 4.08 -7.78
C ILE D 201 -56.71 4.25 -7.42
N ASP D 202 -57.00 4.96 -6.35
CA ASP D 202 -58.40 5.17 -5.95
C ASP D 202 -59.19 6.02 -6.96
N TYR D 203 -58.50 6.65 -7.91
CA TYR D 203 -59.18 7.52 -8.88
C TYR D 203 -59.82 6.72 -10.00
N MET D 204 -59.44 5.46 -10.14
CA MET D 204 -59.99 4.63 -11.19
C MET D 204 -61.33 4.06 -10.80
N GLN D 205 -61.96 3.38 -11.75
CA GLN D 205 -63.12 2.58 -11.48
C GLN D 205 -62.63 1.18 -11.13
N ASP D 206 -62.77 0.81 -9.87
CA ASP D 206 -62.39 -0.53 -9.41
C ASP D 206 -60.98 -0.89 -9.86
N PHE D 207 -60.09 0.10 -9.85
CA PHE D 207 -58.69 -0.09 -10.21
C PHE D 207 -58.52 -0.56 -11.64
N LYS D 208 -59.50 -0.22 -12.48
CA LYS D 208 -59.39 -0.53 -13.89
C LYS D 208 -58.59 0.55 -14.60
N ASP D 209 -57.45 0.14 -15.17
CA ASP D 209 -56.64 1.01 -15.99
C ASP D 209 -57.47 1.73 -17.04
N PHE D 210 -57.18 3.02 -17.24
CA PHE D 210 -57.80 3.82 -18.28
C PHE D 210 -59.31 3.94 -18.08
N THR D 211 -59.72 4.05 -16.82
CA THR D 211 -61.09 4.42 -16.47
C THR D 211 -61.02 5.45 -15.35
N VAL D 212 -62.12 6.12 -15.06
CA VAL D 212 -62.17 6.94 -13.87
C VAL D 212 -63.40 6.63 -13.05
N ASN D 213 -63.31 6.83 -11.74
CA ASN D 213 -64.44 6.54 -10.89
C ASN D 213 -65.61 7.42 -11.29
N GLU D 214 -66.62 6.78 -11.87
CA GLU D 214 -67.82 7.44 -12.33
C GLU D 214 -68.46 8.22 -11.20
N LYS D 215 -68.63 7.55 -10.07
CA LYS D 215 -69.31 8.13 -8.91
C LYS D 215 -68.60 9.37 -8.36
N ASN D 216 -67.29 9.27 -8.15
CA ASN D 216 -66.49 10.39 -7.65
C ASN D 216 -66.22 11.46 -8.72
N PHE D 217 -66.14 11.03 -9.98
CA PHE D 217 -65.82 11.95 -11.08
C PHE D 217 -66.78 11.85 -12.28
N PRO D 218 -68.02 12.31 -12.11
CA PRO D 218 -69.00 12.33 -13.21
C PRO D 218 -68.73 13.47 -14.19
N ASP D 219 -67.60 14.16 -13.99
CA ASP D 219 -67.32 15.40 -14.70
C ASP D 219 -65.82 15.60 -14.87
N PHE D 220 -65.10 14.51 -15.10
CA PHE D 220 -63.64 14.57 -14.99
C PHE D 220 -63.00 15.77 -15.70
N PRO D 221 -63.29 15.97 -17.00
CA PRO D 221 -62.62 17.06 -17.69
C PRO D 221 -62.84 18.41 -16.99
N GLU D 222 -64.02 18.61 -16.40
CA GLU D 222 -64.29 19.87 -15.69
C GLU D 222 -63.39 20.03 -14.48
N PHE D 223 -63.28 18.97 -13.68
CA PHE D 223 -62.51 19.02 -12.45
C PHE D 223 -61.02 19.15 -12.75
N VAL D 224 -60.57 18.45 -13.78
CA VAL D 224 -59.19 18.61 -14.24
C VAL D 224 -58.84 20.07 -14.53
N LYS D 225 -59.78 20.81 -15.16
CA LYS D 225 -59.53 22.22 -15.46
C LYS D 225 -59.64 23.09 -14.20
N GLU D 226 -60.54 22.70 -13.30
CA GLU D 226 -60.63 23.35 -12.00
C GLU D 226 -59.24 23.42 -11.35
N MET D 227 -58.50 22.32 -11.39
CA MET D 227 -57.15 22.30 -10.83
C MET D 227 -56.13 23.06 -11.68
N LYS D 228 -56.19 22.89 -12.99
CA LYS D 228 -55.25 23.54 -13.89
C LYS D 228 -55.38 25.05 -13.86
N ASP D 229 -56.63 25.54 -13.79
CA ASP D 229 -56.89 26.96 -13.64
C ASP D 229 -56.17 27.52 -12.43
N GLN D 230 -55.83 26.62 -11.49
CA GLN D 230 -55.10 26.98 -10.28
C GLN D 230 -53.62 26.62 -10.40
N GLU D 231 -53.19 26.32 -11.61
CA GLU D 231 -51.81 25.89 -11.84
C GLU D 231 -51.48 24.62 -11.05
N LEU D 232 -52.50 23.79 -10.84
CA LEU D 232 -52.36 22.48 -10.23
C LEU D 232 -52.71 21.41 -11.26
N ARG D 233 -51.69 20.70 -11.74
CA ARG D 233 -51.89 19.67 -12.76
C ARG D 233 -51.94 18.28 -12.14
N LEU D 234 -53.03 17.57 -12.37
CA LEU D 234 -53.22 16.22 -11.80
C LEU D 234 -52.38 15.17 -12.51
N ILE D 235 -51.71 14.30 -11.77
CA ILE D 235 -50.88 13.27 -12.43
C ILE D 235 -51.31 11.86 -12.04
N PRO D 236 -52.12 11.21 -12.90
CA PRO D 236 -52.68 9.88 -12.66
C PRO D 236 -51.67 8.75 -12.79
N ILE D 237 -51.87 7.73 -11.96
CA ILE D 237 -51.04 6.55 -11.97
C ILE D 237 -51.63 5.52 -12.95
N ILE D 238 -50.74 4.76 -13.57
CA ILE D 238 -51.16 3.65 -14.42
C ILE D 238 -50.43 2.36 -14.02
N ASP D 239 -51.18 1.28 -13.78
CA ASP D 239 -50.59 0.00 -13.37
C ASP D 239 -50.34 -1.00 -14.51
N ALA D 240 -49.36 -1.87 -14.32
CA ALA D 240 -49.03 -2.88 -15.32
C ALA D 240 -50.18 -3.84 -15.56
N GLY D 241 -51.00 -4.07 -14.55
CA GLY D 241 -52.00 -5.12 -14.66
C GLY D 241 -53.36 -4.67 -15.12
N VAL D 242 -53.93 -5.38 -16.09
CA VAL D 242 -55.30 -5.12 -16.52
C VAL D 242 -56.32 -6.07 -15.88
N LYS D 243 -57.28 -5.52 -15.16
CA LYS D 243 -58.33 -6.30 -14.50
C LYS D 243 -59.01 -7.28 -15.45
N VAL D 244 -59.10 -8.55 -15.03
CA VAL D 244 -60.02 -9.46 -15.70
C VAL D 244 -61.45 -9.11 -15.30
N GLU D 245 -62.28 -8.69 -16.26
CA GLU D 245 -63.68 -8.36 -16.01
C GLU D 245 -64.44 -8.31 -17.34
N LYS D 246 -65.57 -9.01 -17.44
CA LYS D 246 -66.33 -9.01 -18.69
C LYS D 246 -66.95 -7.63 -18.94
N GLY D 247 -66.78 -7.13 -20.16
CA GLY D 247 -67.33 -5.83 -20.53
C GLY D 247 -66.28 -4.74 -20.49
N TYR D 248 -65.34 -4.87 -19.57
CA TYR D 248 -64.23 -3.91 -19.46
C TYR D 248 -63.45 -4.01 -20.76
N GLU D 249 -63.55 -2.94 -21.55
CA GLU D 249 -63.05 -2.95 -22.91
C GLU D 249 -61.56 -3.25 -23.04
N VAL D 250 -60.74 -2.70 -22.16
CA VAL D 250 -59.30 -2.95 -22.25
C VAL D 250 -59.05 -4.44 -22.14
N TYR D 251 -59.82 -5.06 -21.27
CA TYR D 251 -59.73 -6.50 -21.06
C TYR D 251 -60.18 -7.23 -22.32
N GLU D 252 -61.42 -6.96 -22.73
CA GLU D 252 -62.01 -7.66 -23.85
C GLU D 252 -61.07 -7.62 -25.05
N GLU D 253 -60.51 -6.44 -25.33
CA GLU D 253 -59.67 -6.30 -26.53
C GLU D 253 -58.32 -7.01 -26.39
N GLY D 254 -57.82 -7.09 -25.16
CA GLY D 254 -56.52 -7.68 -24.93
C GLY D 254 -56.63 -9.17 -25.14
N VAL D 255 -57.78 -9.69 -24.73
CA VAL D 255 -58.06 -11.10 -24.88
C VAL D 255 -58.29 -11.41 -26.34
N LYS D 256 -59.21 -10.67 -26.95
CA LYS D 256 -59.64 -10.94 -28.33
C LYS D 256 -58.49 -10.80 -29.33
N ASN D 257 -57.56 -9.88 -29.08
CA ASN D 257 -56.43 -9.69 -29.99
C ASN D 257 -55.14 -10.35 -29.53
N ASN D 258 -55.22 -11.10 -28.43
CA ASN D 258 -54.04 -11.78 -27.91
C ASN D 258 -52.91 -10.82 -27.56
N TYR D 259 -53.24 -9.76 -26.82
CA TYR D 259 -52.22 -8.76 -26.43
C TYR D 259 -51.67 -8.99 -25.02
N PHE D 260 -52.14 -10.05 -24.35
CA PHE D 260 -51.72 -10.35 -22.98
C PHE D 260 -50.61 -11.40 -22.97
N CYS D 261 -49.86 -11.47 -21.87
CA CYS D 261 -48.83 -12.50 -21.76
C CYS D 261 -49.52 -13.81 -21.52
N LYS D 262 -49.00 -14.86 -22.15
CA LYS D 262 -49.70 -16.14 -22.14
C LYS D 262 -48.90 -17.23 -21.43
N ARG D 263 -49.61 -18.18 -20.82
CA ARG D 263 -48.96 -19.37 -20.29
C ARG D 263 -48.44 -20.16 -21.46
N GLU D 264 -47.68 -21.20 -21.16
CA GLU D 264 -47.12 -22.07 -22.19
C GLU D 264 -48.21 -22.63 -23.10
N ASP D 265 -49.40 -22.84 -22.55
CA ASP D 265 -50.48 -23.43 -23.32
C ASP D 265 -51.31 -22.39 -24.06
N GLY D 266 -50.84 -21.15 -24.07
CA GLY D 266 -51.54 -20.09 -24.77
C GLY D 266 -52.75 -19.51 -24.06
N SER D 267 -53.04 -20.01 -22.86
CA SER D 267 -54.07 -19.37 -22.03
C SER D 267 -53.55 -18.02 -21.52
N ASP D 268 -54.45 -17.13 -21.12
CA ASP D 268 -54.03 -15.81 -20.70
C ASP D 268 -53.59 -15.82 -19.23
N PHE D 269 -52.30 -15.63 -18.98
CA PHE D 269 -51.77 -15.74 -17.62
C PHE D 269 -52.47 -14.81 -16.64
N VAL D 270 -52.76 -15.33 -15.45
CA VAL D 270 -53.47 -14.54 -14.44
C VAL D 270 -52.59 -14.18 -13.27
N ALA D 271 -52.51 -12.89 -12.99
CA ALA D 271 -51.80 -12.42 -11.82
C ALA D 271 -52.75 -11.53 -11.05
N ALA D 272 -52.78 -11.70 -9.74
CA ALA D 272 -53.60 -10.84 -8.91
C ALA D 272 -52.79 -9.61 -8.53
N VAL D 273 -53.43 -8.44 -8.64
CA VAL D 273 -52.90 -7.21 -8.08
C VAL D 273 -54.07 -6.41 -7.49
N TRP D 274 -53.95 -5.09 -7.43
CA TRP D 274 -55.02 -4.27 -6.85
C TRP D 274 -56.43 -4.69 -7.29
N PRO D 275 -56.66 -4.87 -8.59
CA PRO D 275 -58.03 -5.16 -9.01
C PRO D 275 -58.42 -6.59 -8.71
N GLY D 276 -57.55 -7.35 -8.04
CA GLY D 276 -57.71 -8.78 -7.97
C GLY D 276 -57.02 -9.41 -9.17
N ASP D 277 -57.68 -10.39 -9.82
CA ASP D 277 -57.17 -11.03 -11.03
C ASP D 277 -57.02 -10.05 -12.20
N THR D 278 -55.83 -10.02 -12.81
CA THR D 278 -55.56 -9.19 -13.96
C THR D 278 -54.75 -9.96 -14.99
N HIS D 279 -54.67 -9.42 -16.20
CA HIS D 279 -53.71 -9.89 -17.20
C HIS D 279 -52.63 -8.82 -17.41
N PHE D 280 -51.43 -9.25 -17.78
CA PHE D 280 -50.37 -8.31 -18.14
C PHE D 280 -50.27 -8.14 -19.67
N PRO D 281 -50.39 -6.90 -20.16
CA PRO D 281 -50.11 -6.62 -21.57
C PRO D 281 -48.70 -7.08 -21.95
N ASP D 282 -48.57 -7.71 -23.11
CA ASP D 282 -47.29 -8.25 -23.54
C ASP D 282 -46.41 -7.11 -24.04
N MET D 283 -45.73 -6.46 -23.10
CA MET D 283 -44.93 -5.27 -23.38
C MET D 283 -43.80 -5.52 -24.36
N LEU D 284 -43.48 -6.77 -24.65
CA LEU D 284 -42.39 -7.01 -25.58
C LEU D 284 -42.95 -7.23 -26.99
N ASN D 285 -44.26 -7.20 -27.11
CA ASN D 285 -44.90 -7.30 -28.41
C ASN D 285 -45.25 -5.92 -28.98
N PRO D 286 -44.58 -5.54 -30.07
CA PRO D 286 -44.74 -4.23 -30.73
C PRO D 286 -46.18 -3.84 -30.90
N GLU D 287 -46.99 -4.75 -31.40
CA GLU D 287 -48.41 -4.44 -31.61
C GLU D 287 -49.17 -4.26 -30.29
N ALA D 288 -48.82 -5.05 -29.28
CA ALA D 288 -49.44 -4.89 -27.97
C ALA D 288 -48.97 -3.60 -27.31
N ARG D 289 -47.70 -3.28 -27.48
CA ARG D 289 -47.14 -2.02 -27.00
C ARG D 289 -47.95 -0.83 -27.53
N LYS D 290 -48.18 -0.81 -28.84
CA LYS D 290 -48.87 0.32 -29.46
C LYS D 290 -50.30 0.41 -28.93
N TRP D 291 -50.94 -0.75 -28.85
CA TRP D 291 -52.30 -0.83 -28.35
C TRP D 291 -52.42 -0.23 -26.95
N PHE D 292 -51.47 -0.58 -26.08
CA PHE D 292 -51.49 -0.18 -24.67
C PHE D 292 -51.23 1.32 -24.54
N GLY D 293 -50.14 1.77 -25.15
CA GLY D 293 -49.80 3.18 -25.18
C GLY D 293 -50.95 4.07 -25.63
N ASP D 294 -51.68 3.65 -26.67
CA ASP D 294 -52.78 4.48 -27.22
C ASP D 294 -53.87 4.71 -26.18
N LYS D 295 -54.02 3.76 -25.25
CA LYS D 295 -55.05 3.90 -24.23
C LYS D 295 -54.87 5.19 -23.44
N TYR D 296 -53.63 5.63 -23.29
CA TYR D 296 -53.36 6.90 -22.60
C TYR D 296 -54.15 8.11 -23.17
N ARG D 297 -54.52 8.03 -24.45
CA ARG D 297 -55.23 9.15 -25.10
C ARG D 297 -56.47 9.47 -24.28
N PHE D 298 -57.07 8.43 -23.72
CA PHE D 298 -58.27 8.56 -22.91
C PHE D 298 -58.12 9.62 -21.83
N LEU D 299 -56.95 9.70 -21.20
CA LEU D 299 -56.73 10.69 -20.14
C LEU D 299 -56.22 12.00 -20.71
N ILE D 300 -55.30 11.88 -21.67
CA ILE D 300 -54.77 13.04 -22.35
C ILE D 300 -55.94 13.89 -22.87
N ASP D 301 -56.93 13.22 -23.47
CA ASP D 301 -58.11 13.89 -24.02
C ASP D 301 -58.92 14.62 -22.98
N GLN D 302 -58.63 14.35 -21.72
CA GLN D 302 -59.42 15.01 -20.67
C GLN D 302 -58.60 16.10 -20.00
N GLY D 303 -57.41 16.35 -20.54
CA GLY D 303 -56.57 17.44 -20.06
C GLY D 303 -55.35 17.01 -19.24
N ILE D 304 -55.20 15.73 -18.98
CA ILE D 304 -54.06 15.25 -18.21
C ILE D 304 -52.76 15.52 -18.95
N GLU D 305 -51.72 15.96 -18.25
CA GLU D 305 -50.44 16.26 -18.91
C GLU D 305 -49.24 15.46 -18.42
N GLY D 306 -49.49 14.39 -17.67
CA GLY D 306 -48.42 13.57 -17.14
C GLY D 306 -48.92 12.30 -16.49
N PHE D 307 -48.05 11.30 -16.40
CA PHE D 307 -48.41 9.99 -15.83
C PHE D 307 -47.28 9.38 -15.03
N TRP D 308 -47.67 8.56 -14.06
CA TRP D 308 -46.71 7.67 -13.42
C TRP D 308 -47.10 6.21 -13.55
N ASN D 309 -46.12 5.41 -13.94
CA ASN D 309 -46.34 3.99 -14.19
C ASN D 309 -45.84 3.18 -13.02
N ASP D 310 -46.69 2.30 -12.49
CA ASP D 310 -46.39 1.54 -11.28
C ASP D 310 -46.60 0.02 -11.40
N MET D 311 -46.13 -0.70 -10.37
CA MET D 311 -46.27 -2.15 -10.25
C MET D 311 -45.72 -2.88 -11.47
N ASN D 312 -44.82 -2.24 -12.21
CA ASN D 312 -44.41 -2.77 -13.51
C ASN D 312 -43.12 -3.60 -13.52
N GLU D 313 -42.81 -4.28 -12.42
CA GLU D 313 -41.67 -5.20 -12.41
C GLU D 313 -41.82 -6.43 -13.36
N PRO D 314 -43.04 -6.95 -13.56
CA PRO D 314 -44.33 -6.58 -12.96
C PRO D 314 -44.53 -7.26 -11.59
N ALA D 315 -45.13 -6.55 -10.64
CA ALA D 315 -45.46 -7.10 -9.34
C ALA D 315 -46.60 -8.12 -9.38
N ILE D 316 -46.54 -9.17 -8.56
CA ILE D 316 -47.61 -10.16 -8.52
C ILE D 316 -47.95 -10.50 -7.08
N PHE D 317 -49.20 -10.25 -6.66
CA PHE D 317 -49.59 -10.55 -5.29
C PHE D 317 -49.65 -12.05 -5.17
N TYR D 318 -50.18 -12.70 -6.20
CA TYR D 318 -50.09 -14.15 -6.33
C TYR D 318 -50.66 -14.55 -7.69
N SER D 319 -50.33 -15.74 -8.17
CA SER D 319 -50.90 -16.26 -9.42
C SER D 319 -52.01 -17.25 -9.07
N SER D 320 -52.72 -17.76 -10.07
CA SER D 320 -53.79 -18.71 -9.78
C SER D 320 -53.17 -20.04 -9.35
N GLU D 321 -51.96 -20.31 -9.81
CA GLU D 321 -51.27 -21.54 -9.43
C GLU D 321 -50.91 -21.39 -7.96
N GLY D 322 -50.34 -20.24 -7.64
CA GLY D 322 -49.93 -19.92 -6.28
C GLY D 322 -51.07 -20.02 -5.29
N LEU D 323 -52.20 -19.40 -5.61
CA LEU D 323 -53.35 -19.40 -4.72
C LEU D 323 -53.81 -20.83 -4.43
N ALA D 324 -54.01 -21.62 -5.48
CA ALA D 324 -54.37 -23.02 -5.30
C ALA D 324 -53.44 -23.69 -4.31
N GLU D 325 -52.15 -23.60 -4.56
CA GLU D 325 -51.13 -24.21 -3.71
C GLU D 325 -51.22 -23.71 -2.27
N ALA D 326 -51.42 -22.41 -2.10
CA ALA D 326 -51.57 -21.87 -0.75
C ALA D 326 -52.81 -22.45 -0.10
N LYS D 327 -53.95 -22.43 -0.80
CA LYS D 327 -55.20 -22.91 -0.21
C LYS D 327 -55.10 -24.39 0.18
N GLU D 328 -54.38 -25.16 -0.62
CA GLU D 328 -54.18 -26.57 -0.31
C GLU D 328 -53.29 -26.74 0.90
N PHE D 329 -52.23 -25.94 1.01
CA PHE D 329 -51.35 -26.07 2.16
C PHE D 329 -52.12 -25.67 3.41
N ALA D 330 -52.89 -24.59 3.29
CA ALA D 330 -53.74 -24.12 4.37
C ALA D 330 -54.74 -25.17 4.82
N GLY D 331 -55.08 -26.09 3.92
CA GLY D 331 -55.97 -27.18 4.25
C GLY D 331 -55.26 -28.17 5.14
N GLU D 332 -54.07 -28.61 4.72
CA GLU D 332 -53.30 -29.53 5.53
C GLU D 332 -53.15 -28.95 6.93
N PHE D 333 -52.70 -27.70 7.00
CA PHE D 333 -52.41 -27.06 8.28
C PHE D 333 -53.64 -27.10 9.17
N ALA D 334 -54.78 -26.73 8.60
CA ALA D 334 -56.01 -26.62 9.36
C ALA D 334 -56.43 -27.96 9.97
N LYS D 335 -56.22 -29.04 9.23
CA LYS D 335 -56.65 -30.35 9.68
C LYS D 335 -55.53 -31.10 10.40
N ASP D 336 -54.32 -30.55 10.39
CA ASP D 336 -53.22 -31.24 11.03
C ASP D 336 -53.47 -31.39 12.52
N THR D 337 -53.58 -32.64 12.97
CA THR D 337 -53.89 -32.92 14.36
C THR D 337 -52.62 -33.15 15.18
N GLU D 338 -51.50 -33.36 14.49
CA GLU D 338 -50.30 -33.84 15.17
C GLU D 338 -49.12 -32.87 15.16
N GLY D 339 -49.36 -31.62 14.77
CA GLY D 339 -48.30 -30.65 14.73
C GLY D 339 -47.14 -31.03 13.83
N LYS D 340 -47.46 -31.56 12.65
CA LYS D 340 -46.46 -31.82 11.63
C LYS D 340 -46.30 -30.57 10.76
N ILE D 341 -47.33 -29.72 10.77
CA ILE D 341 -47.29 -28.48 10.00
C ILE D 341 -47.17 -27.29 10.93
N HIS D 342 -45.95 -26.81 11.06
CA HIS D 342 -45.57 -25.64 11.84
C HIS D 342 -46.26 -24.40 11.25
N PRO D 343 -46.78 -23.50 12.11
CA PRO D 343 -47.28 -22.20 11.64
C PRO D 343 -46.24 -21.41 10.84
N TRP D 344 -44.97 -21.58 11.21
CA TRP D 344 -43.84 -20.98 10.49
C TRP D 344 -43.84 -21.41 9.02
N ALA D 345 -44.34 -22.60 8.75
CA ALA D 345 -44.37 -23.14 7.40
C ALA D 345 -45.51 -22.49 6.66
N MET D 346 -46.64 -22.42 7.33
CA MET D 346 -47.84 -21.77 6.81
C MET D 346 -47.48 -20.36 6.40
N GLN D 347 -46.89 -19.63 7.34
CA GLN D 347 -46.49 -18.24 7.17
C GLN D 347 -45.48 -18.09 6.04
N ALA D 348 -44.53 -19.03 5.97
CA ALA D 348 -43.58 -19.06 4.85
C ALA D 348 -44.32 -19.21 3.52
N LYS D 349 -45.28 -20.13 3.46
CA LYS D 349 -45.99 -20.33 2.19
C LYS D 349 -46.64 -19.04 1.68
N MET D 350 -47.31 -18.34 2.57
CA MET D 350 -48.07 -17.15 2.24
C MET D 350 -47.18 -16.04 1.70
N LYS D 351 -45.93 -16.02 2.15
CA LYS D 351 -44.97 -15.05 1.68
C LYS D 351 -44.43 -15.49 0.33
N ASP D 352 -44.25 -16.81 0.19
CA ASP D 352 -43.66 -17.39 -1.01
C ASP D 352 -44.46 -17.11 -2.29
N ILE D 353 -45.79 -17.05 -2.19
CA ILE D 353 -46.62 -16.79 -3.36
C ILE D 353 -46.56 -15.35 -3.88
N VAL D 354 -45.81 -14.48 -3.19
CA VAL D 354 -45.66 -13.07 -3.61
C VAL D 354 -44.38 -12.87 -4.40
N ASN D 355 -44.50 -12.25 -5.58
CA ASN D 355 -43.35 -12.03 -6.47
C ASN D 355 -42.54 -13.30 -6.63
N SER D 356 -43.25 -14.39 -6.88
CA SER D 356 -42.64 -15.71 -6.85
C SER D 356 -41.83 -15.99 -8.11
N PRO D 357 -40.55 -16.33 -7.94
CA PRO D 357 -39.71 -16.61 -9.11
C PRO D 357 -40.34 -17.67 -10.00
N GLU D 358 -41.18 -18.50 -9.41
CA GLU D 358 -41.82 -19.55 -10.18
C GLU D 358 -42.95 -18.99 -11.02
N ASP D 359 -43.63 -17.96 -10.52
CA ASP D 359 -44.62 -17.26 -11.34
C ASP D 359 -43.97 -16.58 -12.55
N TYR D 360 -42.80 -15.98 -12.32
CA TYR D 360 -42.10 -15.32 -13.43
C TYR D 360 -41.64 -16.31 -14.51
N LYS D 361 -41.80 -17.60 -14.25
CA LYS D 361 -41.41 -18.64 -15.19
C LYS D 361 -42.63 -19.26 -15.84
N ARG D 362 -43.80 -18.80 -15.41
CA ARG D 362 -45.09 -19.32 -15.88
C ARG D 362 -45.75 -18.55 -17.04
N PHE D 363 -45.17 -17.45 -17.50
CA PHE D 363 -45.73 -16.81 -18.69
C PHE D 363 -44.67 -16.39 -19.71
N TYR D 364 -45.12 -16.05 -20.92
CA TYR D 364 -44.25 -15.80 -22.06
C TYR D 364 -44.59 -14.50 -22.76
N HIS D 365 -43.58 -13.95 -23.43
CA HIS D 365 -43.79 -12.83 -24.33
C HIS D 365 -43.79 -13.30 -25.77
N ASN D 366 -44.69 -12.71 -26.56
CA ASN D 366 -44.75 -12.98 -28.00
C ASN D 366 -43.96 -11.95 -28.80
N VAL D 367 -42.76 -12.31 -29.22
CA VAL D 367 -41.88 -11.38 -29.90
C VAL D 367 -41.73 -11.76 -31.36
N ASN D 368 -42.62 -11.22 -32.21
CA ASN D 368 -42.59 -11.49 -33.64
C ASN D 368 -42.86 -12.95 -33.96
N GLY D 369 -43.75 -13.57 -33.19
CA GLY D 369 -44.04 -14.98 -33.34
C GLY D 369 -43.22 -15.88 -32.42
N LYS D 370 -42.10 -15.38 -31.94
CA LYS D 370 -41.20 -16.15 -31.07
C LYS D 370 -41.60 -16.10 -29.59
N LYS D 371 -41.94 -17.25 -29.03
CA LYS D 371 -42.32 -17.33 -27.63
C LYS D 371 -41.06 -17.28 -26.76
N ILE D 372 -41.07 -16.42 -25.76
CA ILE D 372 -39.97 -16.39 -24.82
C ILE D 372 -40.48 -16.23 -23.38
N ARG D 373 -39.92 -17.08 -22.52
CA ARG D 373 -40.32 -17.15 -21.11
C ARG D 373 -39.92 -15.88 -20.36
N HIS D 374 -40.90 -15.33 -19.67
CA HIS D 374 -40.71 -14.01 -19.08
C HIS D 374 -39.42 -13.84 -18.28
N ASP D 375 -39.08 -14.81 -17.45
CA ASP D 375 -37.88 -14.69 -16.61
C ASP D 375 -36.61 -14.38 -17.41
N LYS D 376 -36.58 -14.81 -18.67
CA LYS D 376 -35.42 -14.56 -19.53
C LYS D 376 -35.31 -13.08 -19.96
N VAL D 377 -36.42 -12.36 -19.86
CA VAL D 377 -36.41 -10.95 -20.21
C VAL D 377 -37.07 -10.11 -19.11
N HIS D 378 -36.90 -10.58 -17.86
CA HIS D 378 -37.63 -10.02 -16.72
C HIS D 378 -37.43 -8.51 -16.52
N ASN D 379 -36.20 -8.06 -16.74
CA ASN D 379 -35.86 -6.68 -16.44
C ASN D 379 -36.32 -5.68 -17.51
N LEU D 380 -36.92 -6.20 -18.57
CA LEU D 380 -37.33 -5.35 -19.67
C LEU D 380 -38.78 -4.92 -19.52
N PHE D 381 -39.51 -5.53 -18.62
CA PHE D 381 -40.96 -5.31 -18.64
C PHE D 381 -41.32 -3.85 -18.42
N GLY D 382 -40.87 -3.28 -17.31
CA GLY D 382 -41.26 -1.94 -16.94
C GLY D 382 -40.73 -0.90 -17.91
N TYR D 383 -39.56 -1.22 -18.46
CA TYR D 383 -38.90 -0.42 -19.45
C TYR D 383 -39.76 -0.29 -20.70
N ASN D 384 -40.24 -1.41 -21.21
CA ASN D 384 -41.11 -1.39 -22.38
C ASN D 384 -42.50 -0.90 -22.07
N MET D 385 -42.92 -0.97 -20.81
CA MET D 385 -44.20 -0.36 -20.47
C MET D 385 -44.13 1.16 -20.60
N THR D 386 -43.01 1.73 -20.18
CA THR D 386 -42.89 3.18 -20.23
C THR D 386 -42.70 3.58 -21.69
N ARG D 387 -41.92 2.78 -22.41
CA ARG D 387 -41.68 2.99 -23.83
C ARG D 387 -42.98 3.00 -24.61
N ALA D 388 -43.90 2.11 -24.26
CA ALA D 388 -45.21 2.08 -24.92
C ALA D 388 -45.87 3.43 -24.77
N ALA D 389 -45.81 3.95 -23.54
CA ALA D 389 -46.49 5.19 -23.25
C ALA D 389 -45.80 6.37 -23.96
N GLY D 390 -44.48 6.38 -23.92
CA GLY D 390 -43.69 7.44 -24.56
C GLY D 390 -43.92 7.55 -26.05
N GLU D 391 -43.84 6.43 -26.74
CA GLU D 391 -44.05 6.37 -28.19
C GLU D 391 -45.46 6.77 -28.56
N ALA D 392 -46.41 6.43 -27.71
CA ALA D 392 -47.78 6.88 -27.91
C ALA D 392 -47.89 8.41 -27.79
N PHE D 393 -47.18 8.99 -26.83
CA PHE D 393 -47.19 10.44 -26.70
C PHE D 393 -46.79 11.14 -28.02
N GLU D 394 -45.69 10.68 -28.63
CA GLU D 394 -45.25 11.25 -29.90
C GLU D 394 -46.29 11.15 -31.01
N ARG D 395 -47.06 10.06 -31.02
CA ARG D 395 -48.12 9.88 -32.01
C ARG D 395 -49.30 10.77 -31.68
N ILE D 396 -49.61 10.87 -30.40
CA ILE D 396 -50.79 11.61 -29.96
C ILE D 396 -50.65 13.13 -30.07
N ASP D 397 -49.45 13.64 -29.82
CA ASP D 397 -49.18 15.07 -29.93
C ASP D 397 -47.68 15.35 -29.87
N PRO D 398 -47.03 15.32 -31.04
CA PRO D 398 -45.57 15.25 -31.10
C PRO D 398 -44.89 16.53 -30.62
N GLU D 399 -45.59 17.65 -30.60
CA GLU D 399 -44.97 18.92 -30.20
C GLU D 399 -44.76 19.03 -28.69
N LYS D 400 -45.49 18.22 -27.94
CA LYS D 400 -45.67 18.41 -26.51
C LYS D 400 -44.82 17.46 -25.66
N ARG D 401 -44.22 18.01 -24.62
CA ARG D 401 -43.53 17.22 -23.60
C ARG D 401 -44.57 16.72 -22.60
N PHE D 402 -44.47 15.47 -22.15
CA PHE D 402 -45.35 14.99 -21.07
C PHE D 402 -44.55 14.59 -19.83
N LEU D 403 -45.13 14.79 -18.64
CA LEU D 403 -44.52 14.24 -17.44
C LEU D 403 -44.76 12.73 -17.45
N MET D 404 -43.68 11.99 -17.42
CA MET D 404 -43.77 10.54 -17.40
C MET D 404 -42.64 9.99 -16.54
N PHE D 405 -42.98 9.09 -15.61
CA PHE D 405 -41.91 8.40 -14.90
C PHE D 405 -42.38 7.08 -14.34
N SER D 406 -41.42 6.22 -14.03
CA SER D 406 -41.70 4.80 -13.87
C SER D 406 -41.06 4.24 -12.61
N ARG D 407 -41.61 3.14 -12.08
CA ARG D 407 -40.97 2.54 -10.92
C ARG D 407 -39.82 1.62 -11.37
N SER D 408 -40.15 0.63 -12.18
CA SER D 408 -39.17 -0.33 -12.67
C SER D 408 -38.55 0.20 -13.96
N SER D 409 -37.28 -0.10 -14.21
CA SER D 409 -36.61 0.46 -15.36
C SER D 409 -35.40 -0.35 -15.76
N TYR D 410 -34.93 -0.12 -16.99
CA TYR D 410 -33.75 -0.77 -17.52
C TYR D 410 -33.10 0.25 -18.42
N ILE D 411 -31.78 0.21 -18.55
CA ILE D 411 -31.12 1.21 -19.35
C ILE D 411 -31.70 1.24 -20.77
N GLY D 412 -32.06 2.43 -21.23
CA GLY D 412 -32.83 2.54 -22.45
C GLY D 412 -34.15 3.21 -22.15
N MET D 413 -34.72 2.93 -20.98
CA MET D 413 -35.99 3.53 -20.61
C MET D 413 -35.74 4.99 -20.33
N HIS D 414 -34.47 5.35 -20.19
CA HIS D 414 -34.15 6.70 -19.74
C HIS D 414 -34.47 7.64 -20.89
N ARG D 415 -34.58 7.11 -22.10
CA ARG D 415 -34.97 7.97 -23.23
C ARG D 415 -36.45 8.39 -23.18
N TYR D 416 -37.27 7.63 -22.46
CA TYR D 416 -38.73 7.83 -22.52
C TYR D 416 -39.40 8.34 -21.23
N GLY D 417 -38.76 8.17 -20.09
CA GLY D 417 -39.34 8.63 -18.84
C GLY D 417 -38.33 8.68 -17.72
N GLY D 418 -38.70 9.36 -16.62
CA GLY D 418 -37.87 9.35 -15.42
C GLY D 418 -38.21 8.17 -14.54
N ILE D 419 -37.60 8.08 -13.36
CA ILE D 419 -38.04 7.12 -12.34
C ILE D 419 -38.08 7.82 -10.99
N TRP D 420 -38.96 7.34 -10.12
CA TRP D 420 -38.87 7.64 -8.70
C TRP D 420 -38.39 6.41 -7.96
N MET D 421 -37.80 6.60 -6.79
CA MET D 421 -37.06 5.51 -6.17
C MET D 421 -37.95 4.57 -5.37
N GLY D 422 -39.26 4.63 -5.62
CA GLY D 422 -40.17 3.64 -5.08
C GLY D 422 -40.50 3.80 -3.62
N ASP D 423 -40.73 2.67 -2.94
CA ASP D 423 -41.23 2.69 -1.56
C ASP D 423 -40.14 2.77 -0.50
N ASN D 424 -39.63 3.97 -0.27
CA ASN D 424 -38.77 4.18 0.87
C ASN D 424 -39.60 4.30 2.15
N LYS D 425 -38.94 4.63 3.26
CA LYS D 425 -39.66 4.80 4.52
C LYS D 425 -39.28 6.10 5.23
N SER D 426 -40.13 6.55 6.15
CA SER D 426 -39.80 7.73 6.94
C SER D 426 -38.62 7.42 7.88
N TRP D 427 -37.43 7.24 7.30
CA TRP D 427 -36.23 7.01 8.08
C TRP D 427 -35.20 8.04 7.66
N TRP D 428 -34.41 8.50 8.62
CA TRP D 428 -33.37 9.46 8.34
C TRP D 428 -32.34 8.87 7.40
N SER D 429 -32.06 7.58 7.56
CA SER D 429 -31.08 6.94 6.71
C SER D 429 -31.51 6.99 5.24
N HIS D 430 -32.80 7.14 4.99
CA HIS D 430 -33.28 7.12 3.60
C HIS D 430 -33.02 8.45 2.88
N ILE D 431 -32.85 9.53 3.64
CA ILE D 431 -32.39 10.78 3.08
C ILE D 431 -31.03 10.55 2.44
N LEU D 432 -30.14 9.85 3.15
CA LEU D 432 -28.81 9.60 2.62
C LEU D 432 -28.88 8.69 1.39
N LEU D 433 -29.80 7.73 1.44
CA LEU D 433 -29.97 6.77 0.36
C LEU D 433 -30.43 7.48 -0.91
N ASN D 434 -31.38 8.38 -0.75
CA ASN D 434 -31.84 9.22 -1.86
C ASN D 434 -30.64 9.96 -2.46
N LEU D 435 -29.84 10.58 -1.60
CA LEU D 435 -28.69 11.36 -2.01
C LEU D 435 -27.73 10.52 -2.83
N LYS D 436 -27.41 9.32 -2.34
CA LYS D 436 -26.40 8.49 -2.98
C LYS D 436 -26.81 7.92 -4.34
N MET D 437 -28.11 7.74 -4.53
CA MET D 437 -28.61 7.16 -5.79
C MET D 437 -28.51 8.14 -6.96
N LEU D 438 -28.61 9.44 -6.68
CA LEU D 438 -28.64 10.44 -7.73
C LEU D 438 -27.48 10.31 -8.73
N PRO D 439 -26.24 10.42 -8.24
CA PRO D 439 -25.07 10.36 -9.12
C PRO D 439 -25.13 9.11 -9.98
N SER D 440 -25.39 7.97 -9.35
CA SER D 440 -25.35 6.71 -10.07
C SER D 440 -26.43 6.63 -11.14
N LEU D 441 -27.62 7.12 -10.82
CA LEU D 441 -28.68 7.15 -11.77
C LEU D 441 -28.30 8.05 -12.98
N ASN D 442 -27.60 9.16 -12.71
CA ASN D 442 -27.17 10.07 -13.77
C ASN D 442 -26.22 9.42 -14.77
N MET D 443 -25.34 8.55 -14.28
CA MET D 443 -24.38 7.89 -15.15
C MET D 443 -25.10 6.94 -16.07
N CYS D 444 -26.35 6.62 -15.72
CA CYS D 444 -27.09 5.61 -16.48
C CYS D 444 -28.19 6.26 -17.29
N GLY D 445 -28.16 7.58 -17.38
CA GLY D 445 -29.06 8.30 -18.24
C GLY D 445 -30.36 8.74 -17.59
N PHE D 446 -30.62 8.29 -16.37
CA PHE D 446 -31.84 8.73 -15.66
C PHE D 446 -31.58 9.97 -14.83
N MET D 447 -31.91 11.12 -15.41
CA MET D 447 -31.66 12.38 -14.73
C MET D 447 -32.93 12.89 -14.05
N TYR D 448 -34.10 12.57 -14.60
CA TYR D 448 -35.33 12.97 -13.93
C TYR D 448 -35.72 11.93 -12.89
N THR D 449 -35.29 12.15 -11.65
CA THR D 449 -35.53 11.22 -10.55
C THR D 449 -35.67 11.98 -9.24
N GLY D 450 -36.25 11.30 -8.26
CA GLY D 450 -36.40 11.80 -6.90
C GLY D 450 -36.91 10.67 -6.00
N ALA D 451 -37.09 10.98 -4.71
CA ALA D 451 -37.59 10.02 -3.73
C ALA D 451 -38.93 10.48 -3.19
N ASP D 452 -39.65 9.58 -2.52
CA ASP D 452 -40.86 9.99 -1.81
C ASP D 452 -40.44 10.81 -0.60
N LEU D 453 -40.56 12.12 -0.73
CA LEU D 453 -40.04 13.02 0.28
C LEU D 453 -40.85 12.92 1.55
N GLY D 454 -40.13 12.76 2.66
CA GLY D 454 -40.75 12.54 3.94
C GLY D 454 -40.83 11.06 4.24
N GLY D 455 -40.58 10.24 3.22
CA GLY D 455 -40.71 8.79 3.36
C GLY D 455 -42.11 8.28 3.07
N PHE D 456 -42.20 7.27 2.20
CA PHE D 456 -43.47 6.62 1.87
C PHE D 456 -44.02 5.76 3.01
N GLY D 457 -43.25 4.75 3.43
CA GLY D 457 -43.67 3.90 4.51
C GLY D 457 -43.57 4.59 5.86
N ASP D 458 -44.35 4.10 6.83
CA ASP D 458 -44.27 4.51 8.24
C ASP D 458 -44.51 6.00 8.48
N ASP D 459 -44.50 6.42 9.74
CA ASP D 459 -44.88 7.80 10.07
C ASP D 459 -43.67 8.72 10.20
N THR D 460 -43.74 9.83 9.47
CA THR D 460 -42.70 10.83 9.49
C THR D 460 -42.92 11.76 10.65
N THR D 461 -41.96 12.64 10.88
CA THR D 461 -42.10 13.72 11.85
C THR D 461 -41.76 15.03 11.17
N ARG D 462 -42.23 16.13 11.76
CA ARG D 462 -41.97 17.45 11.24
C ARG D 462 -40.52 17.63 10.77
N ASP D 463 -39.57 17.36 11.65
CA ASP D 463 -38.16 17.59 11.31
C ASP D 463 -37.66 16.69 10.16
N LEU D 464 -38.04 15.42 10.17
CA LEU D 464 -37.66 14.53 9.10
C LEU D 464 -38.15 15.06 7.75
N LEU D 465 -39.42 15.43 7.65
CA LEU D 465 -39.98 15.96 6.40
C LEU D 465 -39.22 17.20 5.89
N LEU D 466 -39.00 18.17 6.78
CA LEU D 466 -38.29 19.38 6.42
C LEU D 466 -36.89 19.07 5.88
N ARG D 467 -36.18 18.13 6.51
CA ARG D 467 -34.83 17.78 6.05
C ARG D 467 -34.90 17.11 4.69
N PHE D 468 -35.95 16.31 4.46
CA PHE D 468 -36.13 15.59 3.21
C PHE D 468 -36.36 16.63 2.14
N LEU D 469 -37.30 17.54 2.42
CA LEU D 469 -37.64 18.57 1.45
C LEU D 469 -36.41 19.34 1.02
N ALA D 470 -35.53 19.66 1.98
CA ALA D 470 -34.36 20.48 1.69
C ALA D 470 -33.39 19.74 0.80
N LEU D 471 -33.52 18.42 0.74
CA LEU D 471 -32.80 17.66 -0.28
C LEU D 471 -33.64 17.66 -1.55
N GLY D 472 -34.95 17.48 -1.41
CA GLY D 472 -35.85 17.51 -2.55
C GLY D 472 -35.67 18.77 -3.41
N VAL D 473 -35.44 19.89 -2.74
CA VAL D 473 -35.07 21.14 -3.38
C VAL D 473 -34.23 20.91 -4.63
N PHE D 474 -33.26 20.03 -4.54
CA PHE D 474 -32.31 19.88 -5.62
C PHE D 474 -32.60 18.76 -6.62
N THR D 475 -33.60 17.94 -6.33
CA THR D 475 -33.84 16.77 -7.18
C THR D 475 -34.96 17.04 -8.16
N PRO D 476 -34.70 16.78 -9.45
CA PRO D 476 -35.62 17.19 -10.51
C PRO D 476 -37.06 16.78 -10.21
N LEU D 477 -37.24 15.54 -9.76
CA LEU D 477 -38.52 15.10 -9.23
C LEU D 477 -38.54 15.48 -7.74
N MET D 478 -39.56 16.22 -7.31
CA MET D 478 -39.62 16.68 -5.93
C MET D 478 -41.06 16.57 -5.44
N ARG D 479 -41.43 15.40 -4.95
CA ARG D 479 -42.79 15.23 -4.47
C ARG D 479 -42.84 14.50 -3.16
N ASP D 480 -43.91 14.79 -2.45
CA ASP D 480 -44.12 14.26 -1.13
C ASP D 480 -45.23 13.27 -1.30
N HIS D 481 -44.90 12.01 -1.06
CA HIS D 481 -45.83 10.90 -1.22
C HIS D 481 -45.81 10.09 0.09
N ALA D 482 -46.98 9.57 0.50
CA ALA D 482 -47.10 8.80 1.75
C ALA D 482 -48.01 7.59 1.57
N ALA D 483 -47.70 6.50 2.27
CA ALA D 483 -48.50 5.29 2.17
C ALA D 483 -49.84 5.46 2.89
N GLU D 484 -50.72 4.48 2.76
CA GLU D 484 -52.04 4.59 3.35
C GLU D 484 -51.99 4.28 4.86
N GLY D 485 -52.92 4.88 5.61
CA GLY D 485 -52.94 4.70 7.05
C GLY D 485 -51.77 5.39 7.75
N THR D 486 -50.86 5.96 6.97
CA THR D 486 -49.72 6.65 7.55
C THR D 486 -50.10 8.06 8.01
N ARG D 487 -49.47 8.53 9.07
CA ARG D 487 -49.62 9.92 9.51
C ARG D 487 -49.57 10.86 8.30
N GLU D 488 -50.48 11.82 8.26
CA GLU D 488 -50.53 12.77 7.15
C GLU D 488 -49.24 13.59 6.97
N GLN D 489 -48.71 13.58 5.74
CA GLN D 489 -47.43 14.24 5.43
C GLN D 489 -47.54 15.57 4.66
N GLU D 490 -48.77 16.03 4.40
CA GLU D 490 -48.98 17.32 3.73
C GLU D 490 -48.30 18.42 4.54
N CYS D 491 -47.72 19.40 3.86
CA CYS D 491 -46.97 20.44 4.55
C CYS D 491 -47.84 21.26 5.50
N TYR D 492 -49.16 21.17 5.33
CA TYR D 492 -50.10 21.94 6.14
C TYR D 492 -50.61 21.21 7.40
N GLN D 493 -50.14 19.98 7.62
CA GLN D 493 -50.55 19.16 8.77
C GLN D 493 -49.53 19.26 9.87
N PHE D 494 -48.88 20.42 10.00
CA PHE D 494 -47.81 20.60 10.99
C PHE D 494 -47.85 22.01 11.57
N GLU D 495 -46.94 22.28 12.49
CA GLU D 495 -46.94 23.57 13.16
C GLU D 495 -45.94 24.45 12.46
N ASN D 496 -46.16 25.77 12.57
CA ASN D 496 -45.27 26.76 11.99
C ASN D 496 -45.00 26.46 10.51
N ILE D 497 -46.10 26.36 9.78
CA ILE D 497 -46.14 26.06 8.35
C ILE D 497 -45.19 26.94 7.54
N GLU D 498 -44.92 28.13 8.07
CA GLU D 498 -43.97 29.05 7.47
C GLU D 498 -42.59 28.44 7.19
N ASP D 499 -42.12 27.54 8.06
CA ASP D 499 -40.84 26.86 7.81
C ASP D 499 -40.90 26.00 6.54
N PHE D 500 -42.08 25.50 6.21
CA PHE D 500 -42.25 24.71 5.00
C PHE D 500 -42.28 25.65 3.80
N ARG D 501 -43.07 26.70 3.91
CA ARG D 501 -43.16 27.72 2.87
C ARG D 501 -41.76 28.18 2.47
N SER D 502 -40.93 28.45 3.47
CA SER D 502 -39.58 28.92 3.26
C SER D 502 -38.69 27.91 2.50
N VAL D 503 -38.83 26.63 2.81
CA VAL D 503 -38.04 25.60 2.16
C VAL D 503 -38.49 25.38 0.73
N ILE D 504 -39.81 25.25 0.54
CA ILE D 504 -40.35 25.09 -0.80
C ILE D 504 -40.00 26.33 -1.65
N ASN D 505 -40.13 27.52 -1.06
CA ASN D 505 -39.77 28.75 -1.75
C ASN D 505 -38.38 28.64 -2.32
N ALA D 506 -37.47 28.04 -1.56
CA ALA D 506 -36.11 27.87 -2.03
C ALA D 506 -36.05 27.08 -3.37
N ARG D 507 -36.91 26.09 -3.52
CA ARG D 507 -37.01 25.32 -4.75
C ARG D 507 -37.37 26.24 -5.93
N TYR D 508 -38.50 26.91 -5.78
CA TYR D 508 -38.97 27.83 -6.79
C TYR D 508 -37.97 28.91 -7.17
N ARG D 509 -37.34 29.53 -6.19
CA ARG D 509 -36.31 30.52 -6.46
C ARG D 509 -35.18 29.93 -7.29
N LEU D 510 -34.93 28.63 -7.09
CA LEU D 510 -33.83 27.93 -7.78
C LEU D 510 -34.27 27.23 -9.08
N VAL D 511 -35.57 27.25 -9.36
CA VAL D 511 -36.03 26.52 -10.54
C VAL D 511 -35.34 26.97 -11.82
N PRO D 512 -35.26 28.29 -12.06
CA PRO D 512 -34.64 28.74 -13.30
C PRO D 512 -33.24 28.16 -13.45
N TYR D 513 -32.46 28.13 -12.37
CA TYR D 513 -31.11 27.56 -12.44
C TYR D 513 -31.08 26.03 -12.58
N LEU D 514 -31.98 25.34 -11.86
CA LEU D 514 -32.01 23.89 -11.89
C LEU D 514 -32.45 23.38 -13.25
N TYR D 515 -33.60 23.85 -13.72
CA TYR D 515 -34.04 23.59 -15.09
C TYR D 515 -32.94 23.89 -16.11
N SER D 516 -32.34 25.07 -16.01
CA SER D 516 -31.27 25.42 -16.93
C SER D 516 -30.23 24.31 -16.94
N GLU D 517 -29.80 23.90 -15.76
CA GLU D 517 -28.76 22.89 -15.66
C GLU D 517 -29.23 21.53 -16.15
N TYR D 518 -30.49 21.20 -15.94
CA TYR D 518 -31.04 19.97 -16.48
C TYR D 518 -30.93 19.95 -18.01
N MET D 519 -31.43 21.00 -18.63
CA MET D 519 -31.47 21.08 -20.09
C MET D 519 -30.05 21.01 -20.65
N LYS D 520 -29.14 21.79 -20.10
CA LYS D 520 -27.79 21.76 -20.64
C LYS D 520 -27.18 20.35 -20.55
N ALA D 521 -27.36 19.69 -19.42
CA ALA D 521 -26.87 18.32 -19.25
C ALA D 521 -27.55 17.34 -20.23
N ALA D 522 -28.87 17.39 -20.31
CA ALA D 522 -29.59 16.44 -21.16
C ALA D 522 -29.20 16.64 -22.63
N LEU D 523 -29.29 17.87 -23.13
CA LEU D 523 -28.98 18.13 -24.52
C LEU D 523 -27.53 17.89 -24.85
N ASN D 524 -26.68 17.76 -23.84
CA ASN D 524 -25.25 17.56 -24.09
C ASN D 524 -24.75 16.22 -23.57
N ASP D 525 -25.68 15.29 -23.31
CA ASP D 525 -25.32 13.98 -22.79
C ASP D 525 -24.37 14.07 -21.59
N ASP D 526 -24.65 14.97 -20.65
CA ASP D 526 -23.82 15.22 -19.48
C ASP D 526 -24.64 15.01 -18.20
N MET D 527 -23.95 14.97 -17.06
CA MET D 527 -24.58 14.65 -15.80
C MET D 527 -25.11 15.89 -15.12
N TYR D 528 -26.28 15.74 -14.51
CA TYR D 528 -26.86 16.80 -13.69
C TYR D 528 -26.26 16.77 -12.26
N PHE D 529 -26.13 15.58 -11.66
CA PHE D 529 -25.46 15.42 -10.37
C PHE D 529 -24.15 14.67 -10.61
N LYS D 530 -23.11 15.00 -9.87
CA LYS D 530 -21.81 14.34 -10.03
C LYS D 530 -21.17 14.01 -8.69
N PRO D 531 -20.49 12.88 -8.61
CA PRO D 531 -19.68 12.67 -7.40
C PRO D 531 -18.49 13.61 -7.44
N LEU D 532 -18.03 14.07 -6.28
CA LEU D 532 -16.91 15.00 -6.19
C LEU D 532 -15.67 14.55 -6.97
N GLY D 533 -15.47 13.24 -7.06
CA GLY D 533 -14.33 12.68 -7.77
C GLY D 533 -14.34 12.98 -9.27
N PHE D 534 -15.54 13.16 -9.81
CA PHE D 534 -15.68 13.52 -11.22
C PHE D 534 -15.21 14.97 -11.46
N VAL D 535 -15.36 15.80 -10.42
CA VAL D 535 -14.95 17.19 -10.51
C VAL D 535 -13.54 17.41 -9.98
N TYR D 536 -13.11 16.61 -8.99
CA TYR D 536 -11.75 16.79 -8.48
C TYR D 536 -10.97 15.48 -8.42
N PRO D 537 -10.63 14.93 -9.59
CA PRO D 537 -9.97 13.63 -9.76
C PRO D 537 -8.68 13.52 -8.98
N ASP D 538 -7.92 14.61 -8.90
CA ASP D 538 -6.59 14.55 -8.32
C ASP D 538 -6.59 14.79 -6.82
N ASP D 539 -7.78 15.02 -6.26
CA ASP D 539 -7.92 15.24 -4.82
C ASP D 539 -8.33 13.95 -4.10
N LYS D 540 -7.35 13.28 -3.48
CA LYS D 540 -7.59 11.96 -2.91
C LYS D 540 -8.61 11.94 -1.77
N MET D 541 -8.81 13.10 -1.13
CA MET D 541 -9.87 13.23 -0.15
C MET D 541 -11.21 13.38 -0.86
N ALA D 542 -11.25 14.27 -1.83
CA ALA D 542 -12.46 14.55 -2.59
C ALA D 542 -13.13 13.31 -3.21
N ILE D 543 -12.33 12.40 -3.77
CA ILE D 543 -12.90 11.21 -4.42
C ILE D 543 -13.62 10.25 -3.46
N ARG D 544 -13.35 10.36 -2.16
CA ARG D 544 -13.97 9.44 -1.19
C ARG D 544 -15.21 10.00 -0.53
N VAL D 545 -15.56 11.25 -0.83
CA VAL D 545 -16.72 11.87 -0.20
C VAL D 545 -18.00 11.29 -0.78
N GLU D 546 -18.95 10.95 0.07
CA GLU D 546 -20.15 10.28 -0.43
C GLU D 546 -21.46 10.87 0.03
N ASP D 547 -21.40 11.94 0.79
CA ASP D 547 -22.62 12.57 1.25
C ASP D 547 -22.64 14.03 0.83
N GLN D 548 -21.94 14.31 -0.27
CA GLN D 548 -22.01 15.61 -0.95
C GLN D 548 -22.05 15.34 -2.45
N LEU D 549 -22.74 16.19 -3.20
CA LEU D 549 -22.82 16.08 -4.66
C LEU D 549 -22.51 17.42 -5.35
N MET D 550 -21.81 17.37 -6.48
CA MET D 550 -21.68 18.54 -7.34
C MET D 550 -22.91 18.57 -8.23
N LEU D 551 -23.44 19.75 -8.50
CA LEU D 551 -24.55 19.89 -9.44
C LEU D 551 -24.25 20.94 -10.50
N GLY D 552 -24.41 20.57 -11.77
CA GLY D 552 -24.04 21.41 -12.88
C GLY D 552 -22.55 21.66 -12.77
N ASN D 553 -22.12 22.88 -13.05
CA ASN D 553 -20.71 23.20 -12.86
C ASN D 553 -20.54 24.38 -11.92
N GLU D 554 -21.57 24.64 -11.13
CA GLU D 554 -21.60 25.84 -10.30
C GLU D 554 -21.61 25.54 -8.79
N ILE D 555 -22.36 24.51 -8.40
CA ILE D 555 -22.62 24.32 -6.99
C ILE D 555 -22.29 22.92 -6.46
N MET D 556 -22.34 22.82 -5.13
CA MET D 556 -22.22 21.57 -4.44
C MET D 556 -23.30 21.59 -3.39
N ILE D 557 -23.96 20.45 -3.23
CA ILE D 557 -24.93 20.31 -2.17
C ILE D 557 -24.41 19.38 -1.08
N ALA D 558 -24.86 19.62 0.14
CA ALA D 558 -24.52 18.78 1.28
C ALA D 558 -25.66 18.84 2.28
N PRO D 559 -26.69 18.01 2.07
CA PRO D 559 -27.87 18.09 2.93
C PRO D 559 -27.60 17.46 4.31
N VAL D 560 -28.34 17.95 5.30
CA VAL D 560 -28.29 17.43 6.67
C VAL D 560 -29.25 16.26 6.82
N TYR D 561 -28.75 15.15 7.36
CA TYR D 561 -29.53 13.91 7.35
C TYR D 561 -29.43 13.11 8.67
N GLU D 562 -29.04 13.80 9.75
CA GLU D 562 -29.07 13.25 11.11
C GLU D 562 -30.13 13.97 11.93
N GLN D 563 -30.98 13.22 12.62
CA GLN D 563 -32.02 13.84 13.40
C GLN D 563 -31.43 14.69 14.53
N ASN D 564 -32.08 15.83 14.81
CA ASN D 564 -31.65 16.75 15.86
C ASN D 564 -30.34 17.51 15.56
N ALA D 565 -29.75 17.23 14.40
CA ALA D 565 -28.52 17.92 13.98
C ALA D 565 -28.80 19.38 13.71
N ARG D 566 -27.83 20.24 13.98
CA ARG D 566 -27.98 21.66 13.64
C ARG D 566 -26.92 22.08 12.63
N GLY D 567 -26.43 21.13 11.85
CA GLY D 567 -25.34 21.38 10.91
C GLY D 567 -24.66 20.10 10.53
N ARG D 568 -23.52 20.18 9.85
CA ARG D 568 -22.80 18.96 9.52
C ARG D 568 -21.38 19.20 9.07
N TYR D 569 -20.59 18.13 9.04
CA TYR D 569 -19.24 18.20 8.49
C TYR D 569 -19.27 18.20 6.96
N VAL D 570 -18.48 19.09 6.35
CA VAL D 570 -18.27 19.07 4.90
C VAL D 570 -16.78 19.17 4.56
N TYR D 571 -16.42 18.73 3.37
CA TYR D 571 -15.06 18.93 2.86
C TYR D 571 -15.12 19.68 1.54
N LEU D 572 -14.50 20.85 1.47
CA LEU D 572 -14.48 21.64 0.22
C LEU D 572 -13.14 21.52 -0.49
N PRO D 573 -13.16 20.95 -1.70
CA PRO D 573 -11.98 20.69 -2.56
C PRO D 573 -11.41 21.97 -3.17
N GLU D 574 -12.15 23.07 -3.01
CA GLU D 574 -11.64 24.40 -3.36
C GLU D 574 -12.46 25.45 -2.59
N GLU D 575 -11.96 26.69 -2.56
CA GLU D 575 -12.72 27.78 -1.97
C GLU D 575 -14.12 27.82 -2.55
N MET D 576 -15.13 27.91 -1.68
CA MET D 576 -16.51 28.05 -2.13
C MET D 576 -17.22 29.06 -1.28
N LYS D 577 -18.30 29.63 -1.81
CA LYS D 577 -19.15 30.52 -1.04
C LYS D 577 -20.27 29.71 -0.42
N PHE D 578 -20.25 29.56 0.90
CA PHE D 578 -21.32 28.89 1.64
C PHE D 578 -22.57 29.76 1.67
N ILE D 579 -23.66 29.21 1.14
CA ILE D 579 -24.87 29.95 0.88
C ILE D 579 -26.05 29.32 1.61
N LYS D 580 -26.87 30.13 2.25
CA LYS D 580 -28.06 29.60 2.90
C LYS D 580 -29.29 30.45 2.60
N PHE D 581 -30.36 29.77 2.17
CA PHE D 581 -31.68 30.40 2.08
C PHE D 581 -32.28 30.48 3.46
N MET D 582 -32.64 31.69 3.88
CA MET D 582 -33.17 31.90 5.22
C MET D 582 -34.70 32.05 5.22
N PRO D 583 -35.33 31.82 6.38
CA PRO D 583 -36.79 31.75 6.48
C PRO D 583 -37.45 33.10 6.28
N ASP D 584 -36.63 34.13 6.11
CA ASP D 584 -37.15 35.48 5.90
C ASP D 584 -36.89 35.99 4.47
N GLY D 585 -36.44 35.12 3.59
CA GLY D 585 -36.21 35.51 2.21
C GLY D 585 -34.76 35.85 1.92
N SER D 586 -34.03 36.23 2.95
CA SER D 586 -32.63 36.58 2.77
C SER D 586 -31.79 35.35 2.47
N ILE D 587 -30.66 35.58 1.84
CA ILE D 587 -29.71 34.54 1.50
C ILE D 587 -28.41 34.91 2.17
N SER D 588 -27.89 34.06 3.06
CA SER D 588 -26.64 34.41 3.71
C SER D 588 -25.47 33.86 2.89
N GLU D 589 -24.34 34.55 2.98
CA GLU D 589 -23.15 34.16 2.23
C GLU D 589 -21.94 34.20 3.15
N GLU D 590 -21.04 33.23 2.97
CA GLU D 590 -19.79 33.23 3.69
C GLU D 590 -18.76 32.49 2.84
N VAL D 591 -17.60 33.08 2.68
CA VAL D 591 -16.50 32.42 1.99
C VAL D 591 -15.78 31.43 2.91
N LEU D 592 -15.80 30.15 2.54
CA LEU D 592 -15.09 29.13 3.27
C LEU D 592 -13.97 28.62 2.39
N GLU D 593 -12.77 28.48 2.96
CA GLU D 593 -11.63 28.05 2.18
C GLU D 593 -11.60 26.54 1.96
N LYS D 594 -10.68 26.09 1.11
CA LYS D 594 -10.49 24.66 0.87
C LYS D 594 -10.16 23.94 2.19
N GLY D 595 -10.70 22.73 2.36
CA GLY D 595 -10.43 21.91 3.53
C GLY D 595 -11.67 21.51 4.33
N VAL D 596 -11.46 21.01 5.54
CA VAL D 596 -12.55 20.54 6.39
C VAL D 596 -13.28 21.67 7.10
N HIS D 597 -14.60 21.59 7.16
CA HIS D 597 -15.38 22.58 7.88
C HIS D 597 -16.58 21.94 8.51
N TYR D 598 -17.02 22.52 9.62
CA TYR D 598 -18.35 22.24 10.16
C TYR D 598 -19.24 23.44 9.86
N VAL D 599 -20.45 23.19 9.39
CA VAL D 599 -21.34 24.29 9.04
C VAL D 599 -22.66 24.21 9.78
N ASP D 600 -23.20 25.36 10.15
CA ASP D 600 -24.46 25.41 10.86
C ASP D 600 -25.57 25.48 9.84
N VAL D 601 -26.60 24.67 10.03
CA VAL D 601 -27.68 24.64 9.08
C VAL D 601 -28.95 24.35 9.86
N ALA D 602 -29.72 25.40 10.14
CA ALA D 602 -30.93 25.17 10.93
C ALA D 602 -31.93 24.36 10.12
N LEU D 603 -33.03 23.99 10.75
CA LEU D 603 -33.98 23.08 10.13
C LEU D 603 -34.77 23.73 9.02
N ASN D 604 -34.93 25.05 9.11
CA ASN D 604 -35.73 25.78 8.14
C ASN D 604 -34.83 26.63 7.25
N GLU D 605 -33.58 26.19 7.11
CA GLU D 605 -32.60 26.83 6.24
C GLU D 605 -32.20 25.79 5.18
N VAL D 606 -32.02 26.23 3.95
CA VAL D 606 -31.59 25.33 2.88
C VAL D 606 -30.20 25.73 2.38
N PRO D 607 -29.24 24.80 2.42
CA PRO D 607 -27.85 25.13 2.11
C PRO D 607 -27.39 24.76 0.69
N LEU D 608 -26.29 25.37 0.28
CA LEU D 608 -25.57 25.00 -0.93
C LEU D 608 -24.25 25.75 -0.95
N PHE D 609 -23.28 25.24 -1.71
CA PHE D 609 -22.01 25.94 -1.87
C PHE D 609 -21.87 26.40 -3.33
N ILE D 610 -21.53 27.67 -3.53
CA ILE D 610 -21.24 28.15 -4.87
C ILE D 610 -19.74 28.17 -5.07
N ARG D 611 -19.32 27.68 -6.22
CA ARG D 611 -17.91 27.44 -6.48
C ARG D 611 -17.12 28.67 -6.88
N SER D 612 -15.85 28.71 -6.49
CA SER D 612 -14.93 29.77 -6.90
C SER D 612 -15.05 30.03 -8.38
N GLY D 613 -15.17 31.30 -8.74
CA GLY D 613 -15.26 31.71 -10.14
C GLY D 613 -16.57 31.34 -10.82
N LYS D 614 -17.61 31.07 -10.03
CA LYS D 614 -18.93 30.79 -10.58
C LYS D 614 -19.98 31.63 -9.89
N CYS D 615 -21.19 31.58 -10.44
CA CYS D 615 -22.31 32.28 -9.85
C CYS D 615 -23.59 31.64 -10.39
N ILE D 616 -24.71 31.92 -9.72
CA ILE D 616 -25.98 31.34 -10.17
C ILE D 616 -27.11 32.35 -10.12
N PRO D 617 -28.11 32.17 -10.98
CA PRO D 617 -29.33 32.99 -10.96
C PRO D 617 -30.22 32.56 -9.83
N VAL D 618 -30.80 33.52 -9.13
CA VAL D 618 -31.84 33.22 -8.17
C VAL D 618 -33.05 34.12 -8.39
N ALA D 619 -34.21 33.52 -8.60
CA ALA D 619 -35.43 34.30 -8.75
C ALA D 619 -36.03 34.65 -7.41
N GLU D 620 -36.88 35.66 -7.41
CA GLU D 620 -37.74 35.91 -6.26
C GLU D 620 -38.74 34.77 -6.26
N ALA D 621 -39.15 34.36 -5.07
CA ALA D 621 -40.08 33.25 -4.91
C ALA D 621 -41.43 33.55 -5.57
N ALA D 622 -42.08 32.50 -6.06
CA ALA D 622 -43.39 32.58 -6.68
C ALA D 622 -44.14 31.31 -6.34
N GLU D 623 -45.47 31.33 -6.43
CA GLU D 623 -46.27 30.20 -5.95
C GLU D 623 -46.43 29.08 -6.98
N CYS D 624 -46.02 29.33 -8.22
CA CYS D 624 -46.00 28.26 -9.22
C CYS D 624 -44.94 28.50 -10.27
N VAL D 625 -44.68 27.48 -11.07
CA VAL D 625 -43.63 27.55 -12.06
C VAL D 625 -43.93 28.66 -13.08
N LYS D 626 -45.19 28.73 -13.50
CA LYS D 626 -45.65 29.74 -14.45
C LYS D 626 -45.31 31.17 -14.05
N ASP D 627 -45.31 31.46 -12.75
CA ASP D 627 -45.21 32.85 -12.31
C ASP D 627 -43.81 33.30 -11.90
N ILE D 628 -42.84 32.40 -11.99
CA ILE D 628 -41.45 32.79 -11.74
C ILE D 628 -41.00 33.89 -12.72
N ASP D 629 -40.75 35.09 -12.20
CA ASP D 629 -40.22 36.16 -13.04
C ASP D 629 -38.73 35.94 -13.24
N THR D 630 -38.35 35.48 -14.43
CA THR D 630 -36.94 35.28 -14.70
C THR D 630 -36.28 36.49 -15.39
N GLU D 631 -37.03 37.58 -15.51
CA GLU D 631 -36.52 38.78 -16.17
C GLU D 631 -35.31 39.39 -15.44
N ASN D 632 -35.49 39.68 -14.16
CA ASN D 632 -34.47 40.40 -13.40
C ASN D 632 -34.04 39.64 -12.16
N MET D 633 -33.48 38.45 -12.36
CA MET D 633 -33.05 37.62 -11.26
C MET D 633 -31.75 38.12 -10.64
N GLN D 634 -31.62 37.93 -9.33
CA GLN D 634 -30.39 38.23 -8.63
C GLN D 634 -29.32 37.21 -9.01
N LEU D 635 -28.07 37.64 -9.04
CA LEU D 635 -26.94 36.73 -9.23
C LEU D 635 -26.17 36.58 -7.91
N ILE D 636 -25.96 35.34 -7.49
CA ILE D 636 -25.26 35.04 -6.25
C ILE D 636 -23.96 34.36 -6.58
N GLY D 637 -22.87 34.80 -5.97
CA GLY D 637 -21.63 34.10 -6.21
C GLY D 637 -20.43 35.00 -6.31
N TYR D 638 -19.48 34.60 -7.14
CA TYR D 638 -18.21 35.29 -7.26
C TYR D 638 -18.21 36.44 -8.25
N GLU D 639 -17.69 37.57 -7.81
CA GLU D 639 -17.65 38.75 -8.65
C GLU D 639 -16.86 38.50 -9.93
N GLY D 640 -17.44 38.92 -11.06
CA GLY D 640 -16.74 38.88 -12.33
C GLY D 640 -16.93 37.61 -13.13
N SER D 641 -17.75 36.71 -12.62
CA SER D 641 -17.95 35.43 -13.29
C SER D 641 -19.27 35.47 -14.04
N SER D 642 -19.50 34.47 -14.88
CA SER D 642 -20.70 34.46 -15.69
C SER D 642 -21.44 33.13 -15.66
N TYR D 643 -22.75 33.20 -15.87
CA TYR D 643 -23.56 32.01 -16.02
C TYR D 643 -24.34 32.03 -17.33
N THR D 644 -24.34 30.90 -18.03
CA THR D 644 -25.14 30.80 -19.23
C THR D 644 -26.48 30.14 -18.89
N LEU D 645 -27.53 30.95 -18.87
CA LEU D 645 -28.85 30.45 -18.54
C LEU D 645 -29.55 29.89 -19.75
N TYR D 646 -29.97 28.63 -19.67
CA TYR D 646 -30.89 28.07 -20.67
C TYR D 646 -32.34 28.25 -20.22
N GLU D 647 -33.18 28.81 -21.09
CA GLU D 647 -34.62 28.82 -20.85
C GLU D 647 -35.37 28.76 -22.17
N ASP D 648 -36.52 28.11 -22.14
CA ASP D 648 -37.39 28.01 -23.30
C ASP D 648 -38.83 28.09 -22.83
N ASP D 649 -39.79 27.77 -23.70
CA ASP D 649 -41.19 27.90 -23.29
C ASP D 649 -41.58 26.80 -22.30
N GLY D 650 -40.69 25.84 -22.11
CA GLY D 650 -40.91 24.74 -21.18
C GLY D 650 -42.07 23.81 -21.49
N ILE D 651 -42.56 23.83 -22.73
CA ILE D 651 -43.75 23.08 -23.06
C ILE D 651 -43.54 22.20 -24.30
N HIS D 652 -42.95 22.77 -25.34
CA HIS D 652 -42.76 22.05 -26.59
C HIS D 652 -41.31 21.60 -26.69
N LYS D 653 -40.87 21.27 -27.90
CA LYS D 653 -39.58 20.60 -28.08
C LYS D 653 -38.60 21.33 -28.99
N ASP D 654 -38.57 22.65 -28.92
CA ASP D 654 -37.62 23.39 -29.72
C ASP D 654 -36.36 23.74 -28.93
N TYR D 655 -35.40 22.83 -28.94
CA TYR D 655 -34.22 22.93 -28.07
C TYR D 655 -33.01 23.64 -28.70
N ASP D 656 -32.95 23.66 -30.03
CA ASP D 656 -31.77 24.14 -30.74
C ASP D 656 -31.93 25.56 -31.27
N LYS D 657 -31.93 26.53 -30.38
CA LYS D 657 -32.15 27.91 -30.79
C LYS D 657 -31.25 28.80 -29.98
N LYS D 658 -30.50 29.68 -30.66
CA LYS D 658 -29.66 30.64 -29.96
C LYS D 658 -30.47 31.42 -28.92
N GLU D 659 -31.79 31.47 -29.12
CA GLU D 659 -32.71 32.20 -28.24
C GLU D 659 -32.78 31.58 -26.84
N ASN D 660 -32.51 30.29 -26.74
CA ASN D 660 -32.61 29.61 -25.46
C ASN D 660 -31.46 29.93 -24.53
N TYR D 661 -30.47 30.69 -25.00
CA TYR D 661 -29.30 30.94 -24.18
C TYR D 661 -29.12 32.42 -23.88
N ARG D 662 -28.91 32.76 -22.61
CA ARG D 662 -28.56 34.14 -22.22
C ARG D 662 -27.37 34.07 -21.29
N VAL D 663 -26.31 34.80 -21.62
CA VAL D 663 -25.17 34.89 -20.73
C VAL D 663 -25.36 36.00 -19.72
N LEU D 664 -25.35 35.62 -18.43
CA LEU D 664 -25.49 36.56 -17.33
C LEU D 664 -24.14 36.78 -16.66
N THR D 665 -23.85 38.03 -16.37
CA THR D 665 -22.56 38.36 -15.84
C THR D 665 -22.76 39.03 -14.48
N LYS D 666 -22.09 38.52 -13.45
CA LYS D 666 -22.21 39.10 -12.12
C LYS D 666 -21.34 40.34 -12.01
#